data_6T66
#
_entry.id   6T66
#
_cell.length_a   118.978
_cell.length_b   123.292
_cell.length_c   263.493
_cell.angle_alpha   90.000
_cell.angle_beta   90.000
_cell.angle_gamma   90.000
#
_symmetry.space_group_name_H-M   'P 21 21 21'
#
loop_
_entity.id
_entity.type
_entity.pdbx_description
1 polymer 'Replicative DNA helicase'
2 non-polymer "GUANOSINE-5'-DIPHOSPHATE"
3 non-polymer 'MAGNESIUM ION'
4 non-polymer 'TETRAFLUOROALUMINATE ION'
#
_entity_poly.entity_id   1
_entity_poly.type   'polypeptide(L)'
_entity_poly.pdbx_seq_one_letter_code
;MADPRTDNRNRKIPDAQVDAIKVPPHSLEAEQSVIGGLLLDNERWDTVSEHVMTQDFYSRPHRLIFDGVKSILEAGKPLD
LITLSEYLEQREQLEDVGGFAYLADLAKNTPSAANINAYAEIVAERALVRNLIGVANEIADAGYDPQGRNAEDLLDLAES
KVFAIAEARTSENEGPKNVDSILERTLERIELLYKTPQDGVTGVNTGFTDLNKKTAGLQGSDLIIVAARPSMGKTTFAMN
LCENAAMEQDKPVLIFSLEMPAEQIMMRMLASLSRVDQTKIRTGQLDDEDWARISSTMGILMEKKNMYIDDSSGLTPTEV
RSRARRIAREHGGLSLIMVDYLQLMRVPALTDNRTLEIAEISRSLKALAKELNVPVVALSQLNRSLEQRADKRPVNSDLR
ESGSIEQDADLIMFIYRDEVYHPDSPLKGTAEIIIGKQRNGPIGSVRLTFQGHYSRFDNYAGPAFDDEHHHHHH
;
_entity_poly.pdbx_strand_id   A,B,C,D,E,F
#
# COMPACT_ATOMS: atom_id res chain seq x y z
N LYS A 22 -46.44 -18.59 12.03
CA LYS A 22 -45.54 -19.48 12.77
C LYS A 22 -44.59 -18.71 13.70
N VAL A 23 -44.47 -19.17 14.95
CA VAL A 23 -43.64 -18.56 16.00
C VAL A 23 -42.16 -19.03 15.90
N PRO A 24 -41.17 -18.09 15.85
CA PRO A 24 -39.76 -18.52 15.77
C PRO A 24 -39.28 -19.28 17.00
N PRO A 25 -38.36 -20.27 16.86
CA PRO A 25 -37.92 -21.03 18.05
C PRO A 25 -37.09 -20.21 19.04
N HIS A 26 -37.72 -19.88 20.18
CA HIS A 26 -37.13 -19.09 21.25
C HIS A 26 -37.80 -19.39 22.60
N SER A 27 -37.09 -19.12 23.70
CA SER A 27 -37.61 -19.31 25.05
C SER A 27 -37.23 -18.10 25.90
N LEU A 28 -38.24 -17.26 26.19
CA LEU A 28 -38.10 -16.02 26.98
C LEU A 28 -37.68 -16.29 28.42
N GLU A 29 -38.19 -17.40 29.01
CA GLU A 29 -37.88 -17.82 30.38
C GLU A 29 -36.42 -18.28 30.47
N ALA A 30 -35.91 -18.96 29.41
CA ALA A 30 -34.53 -19.46 29.32
C ALA A 30 -33.55 -18.31 29.19
N GLU A 31 -33.93 -17.24 28.44
CA GLU A 31 -33.11 -16.04 28.25
C GLU A 31 -33.04 -15.25 29.56
N GLN A 32 -34.16 -15.21 30.31
CA GLN A 32 -34.28 -14.54 31.61
C GLN A 32 -33.49 -15.28 32.69
N SER A 33 -33.45 -16.63 32.61
CA SER A 33 -32.75 -17.48 33.58
C SER A 33 -31.23 -17.37 33.53
N VAL A 34 -30.66 -17.12 32.33
CA VAL A 34 -29.21 -16.97 32.12
C VAL A 34 -28.73 -15.67 32.80
N ILE A 35 -29.38 -14.53 32.50
CA ILE A 35 -29.03 -13.22 33.05
C ILE A 35 -29.41 -13.11 34.54
N GLY A 36 -30.62 -13.54 34.88
CA GLY A 36 -31.19 -13.52 36.23
C GLY A 36 -30.37 -14.22 37.30
N GLY A 37 -29.75 -15.35 36.92
CA GLY A 37 -28.91 -16.15 37.81
C GLY A 37 -27.45 -15.74 37.80
N LEU A 38 -27.04 -14.93 36.80
CA LEU A 38 -25.66 -14.45 36.65
C LEU A 38 -25.44 -13.14 37.41
N LEU A 39 -26.52 -12.40 37.71
CA LEU A 39 -26.48 -11.13 38.46
C LEU A 39 -26.08 -11.41 39.91
N LEU A 40 -26.60 -12.52 40.48
CA LEU A 40 -26.32 -12.94 41.85
C LEU A 40 -24.95 -13.62 41.98
N ASP A 41 -24.61 -14.50 41.02
CA ASP A 41 -23.31 -15.20 41.00
C ASP A 41 -22.52 -14.83 39.75
N ASN A 42 -21.47 -14.01 39.95
CA ASN A 42 -20.59 -13.50 38.90
C ASN A 42 -19.58 -14.56 38.44
N GLU A 43 -19.19 -15.47 39.37
CA GLU A 43 -18.22 -16.55 39.18
C GLU A 43 -18.59 -17.56 38.07
N ARG A 44 -19.89 -17.70 37.76
CA ARG A 44 -20.38 -18.63 36.75
C ARG A 44 -20.12 -18.19 35.30
N TRP A 45 -19.82 -16.88 35.07
CA TRP A 45 -19.55 -16.30 33.75
C TRP A 45 -18.47 -17.04 32.94
N ASP A 46 -17.48 -17.66 33.62
CA ASP A 46 -16.37 -18.41 33.02
C ASP A 46 -16.84 -19.55 32.11
N THR A 47 -17.90 -20.28 32.53
CA THR A 47 -18.48 -21.42 31.79
C THR A 47 -19.74 -21.05 30.98
N VAL A 48 -20.43 -19.96 31.37
CA VAL A 48 -21.66 -19.50 30.69
C VAL A 48 -21.31 -18.84 29.34
N SER A 49 -20.25 -17.99 29.31
CA SER A 49 -19.78 -17.29 28.10
C SER A 49 -19.28 -18.25 27.01
N GLU A 50 -18.89 -19.47 27.41
CA GLU A 50 -18.40 -20.55 26.55
C GLU A 50 -19.52 -21.09 25.64
N HIS A 51 -20.77 -21.12 26.14
CA HIS A 51 -21.95 -21.65 25.43
C HIS A 51 -22.69 -20.62 24.57
N VAL A 52 -22.99 -19.42 25.13
CA VAL A 52 -23.76 -18.37 24.43
C VAL A 52 -23.03 -17.03 24.32
N MET A 53 -23.50 -16.20 23.37
CA MET A 53 -23.04 -14.84 23.09
C MET A 53 -24.25 -13.90 22.90
N THR A 54 -24.01 -12.62 22.55
CA THR A 54 -25.04 -11.59 22.35
C THR A 54 -26.01 -11.95 21.19
N GLN A 55 -25.48 -12.56 20.11
CA GLN A 55 -26.22 -12.98 18.92
C GLN A 55 -27.29 -14.05 19.19
N ASP A 56 -27.04 -14.94 20.19
CA ASP A 56 -27.93 -16.04 20.55
C ASP A 56 -29.27 -15.60 21.15
N PHE A 57 -29.33 -14.39 21.74
CA PHE A 57 -30.56 -13.85 22.34
C PHE A 57 -31.56 -13.38 21.27
N TYR A 58 -32.83 -13.79 21.43
CA TYR A 58 -33.93 -13.50 20.50
C TYR A 58 -34.34 -12.01 20.48
N SER A 59 -35.03 -11.54 21.54
CA SER A 59 -35.54 -10.18 21.65
C SER A 59 -34.44 -9.12 21.80
N ARG A 60 -34.72 -7.90 21.29
CA ARG A 60 -33.83 -6.74 21.34
C ARG A 60 -33.50 -6.28 22.78
N PRO A 61 -34.46 -6.17 23.76
CA PRO A 61 -34.07 -5.76 25.12
C PRO A 61 -33.13 -6.74 25.80
N HIS A 62 -33.30 -8.05 25.55
CA HIS A 62 -32.45 -9.11 26.10
C HIS A 62 -31.02 -9.04 25.54
N ARG A 63 -30.88 -8.65 24.25
CA ARG A 63 -29.59 -8.48 23.57
C ARG A 63 -28.81 -7.29 24.13
N LEU A 64 -29.52 -6.17 24.43
CA LEU A 64 -28.94 -4.94 24.98
C LEU A 64 -28.41 -5.14 26.40
N ILE A 65 -29.16 -5.91 27.23
CA ILE A 65 -28.81 -6.23 28.62
C ILE A 65 -27.56 -7.11 28.68
N PHE A 66 -27.52 -8.19 27.86
CA PHE A 66 -26.40 -9.12 27.80
C PHE A 66 -25.11 -8.46 27.27
N ASP A 67 -25.26 -7.46 26.37
CA ASP A 67 -24.14 -6.70 25.78
C ASP A 67 -23.36 -5.92 26.86
N GLY A 68 -24.06 -5.54 27.92
CA GLY A 68 -23.49 -4.85 29.08
C GLY A 68 -22.80 -5.83 30.00
N VAL A 69 -23.42 -7.01 30.21
CA VAL A 69 -22.94 -8.12 31.04
C VAL A 69 -21.58 -8.60 30.51
N LYS A 70 -21.48 -8.78 29.18
CA LYS A 70 -20.29 -9.22 28.45
C LYS A 70 -19.11 -8.26 28.62
N SER A 71 -19.39 -6.94 28.74
CA SER A 71 -18.38 -5.88 28.90
C SER A 71 -17.90 -5.69 30.34
N ILE A 72 -18.84 -5.69 31.31
CA ILE A 72 -18.55 -5.49 32.74
C ILE A 72 -17.76 -6.68 33.33
N LEU A 73 -18.27 -7.90 33.15
CA LEU A 73 -17.66 -9.13 33.68
C LEU A 73 -16.32 -9.49 33.04
N GLU A 74 -16.05 -9.04 31.79
CA GLU A 74 -14.79 -9.30 31.08
C GLU A 74 -13.63 -8.55 31.72
N ALA A 75 -13.87 -7.30 32.20
CA ALA A 75 -12.88 -6.46 32.88
C ALA A 75 -12.59 -6.97 34.30
N GLY A 76 -13.55 -7.68 34.87
CA GLY A 76 -13.47 -8.23 36.22
C GLY A 76 -14.24 -7.42 37.25
N LYS A 77 -14.92 -6.35 36.78
CA LYS A 77 -15.72 -5.44 37.60
C LYS A 77 -16.97 -6.14 38.16
N PRO A 78 -17.38 -5.87 39.43
CA PRO A 78 -18.56 -6.56 39.97
C PRO A 78 -19.86 -6.20 39.26
N LEU A 79 -20.67 -7.22 38.94
CA LEU A 79 -21.94 -7.06 38.25
C LEU A 79 -23.12 -7.21 39.22
N ASP A 80 -23.99 -6.20 39.24
CA ASP A 80 -25.19 -6.15 40.09
C ASP A 80 -26.33 -5.37 39.40
N LEU A 81 -27.38 -5.00 40.15
CA LEU A 81 -28.54 -4.30 39.62
C LEU A 81 -28.28 -2.85 39.22
N ILE A 82 -27.46 -2.10 39.98
CA ILE A 82 -27.16 -0.70 39.69
C ILE A 82 -25.98 -0.55 38.70
N THR A 83 -24.91 -1.38 38.83
CA THR A 83 -23.74 -1.33 37.92
C THR A 83 -24.14 -1.56 36.45
N LEU A 84 -25.13 -2.44 36.22
CA LEU A 84 -25.67 -2.76 34.90
C LEU A 84 -26.63 -1.66 34.45
N SER A 85 -27.39 -1.06 35.40
CA SER A 85 -28.35 0.03 35.16
C SER A 85 -27.63 1.30 34.65
N GLU A 86 -26.46 1.62 35.24
CA GLU A 86 -25.66 2.79 34.87
C GLU A 86 -25.03 2.67 33.48
N TYR A 87 -24.73 1.43 33.04
CA TYR A 87 -24.18 1.14 31.73
C TYR A 87 -25.24 1.44 30.66
N LEU A 88 -26.52 1.12 30.97
CA LEU A 88 -27.67 1.34 30.09
C LEU A 88 -28.15 2.80 30.12
N GLU A 89 -28.15 3.43 31.32
CA GLU A 89 -28.59 4.82 31.54
C GLU A 89 -27.72 5.83 30.77
N GLN A 90 -26.40 5.60 30.70
CA GLN A 90 -25.44 6.45 29.98
C GLN A 90 -25.66 6.36 28.47
N ARG A 91 -25.96 5.15 27.97
CA ARG A 91 -26.22 4.88 26.55
C ARG A 91 -27.70 5.08 26.18
N GLU A 92 -28.53 5.49 27.17
CA GLU A 92 -29.98 5.76 27.08
C GLU A 92 -30.77 4.55 26.55
N GLN A 93 -30.37 3.35 26.99
CA GLN A 93 -30.95 2.06 26.63
C GLN A 93 -31.81 1.52 27.80
N LEU A 94 -31.68 2.13 29.00
CA LEU A 94 -32.40 1.75 30.22
C LEU A 94 -33.92 1.90 30.07
N GLU A 95 -34.37 3.03 29.52
CA GLU A 95 -35.79 3.29 29.29
C GLU A 95 -36.32 2.49 28.09
N ASP A 96 -35.40 1.97 27.25
CA ASP A 96 -35.69 1.18 26.06
C ASP A 96 -35.86 -0.33 26.37
N VAL A 97 -35.06 -0.85 27.34
CA VAL A 97 -35.12 -2.27 27.74
C VAL A 97 -36.38 -2.58 28.59
N GLY A 98 -36.89 -1.58 29.28
CA GLY A 98 -38.08 -1.67 30.13
C GLY A 98 -37.90 -1.13 31.53
N GLY A 99 -37.13 -0.05 31.65
CA GLY A 99 -36.83 0.62 32.91
C GLY A 99 -36.01 -0.22 33.87
N PHE A 100 -35.99 0.17 35.16
CA PHE A 100 -35.28 -0.57 36.21
C PHE A 100 -36.12 -1.75 36.67
N ALA A 101 -37.46 -1.67 36.50
CA ALA A 101 -38.45 -2.70 36.85
C ALA A 101 -38.19 -4.04 36.18
N TYR A 102 -37.65 -4.02 34.93
CA TYR A 102 -37.30 -5.21 34.16
C TYR A 102 -36.07 -5.88 34.78
N LEU A 103 -35.08 -5.07 35.21
CA LEU A 103 -33.85 -5.52 35.86
C LEU A 103 -34.13 -6.03 37.28
N ALA A 104 -35.07 -5.37 37.98
CA ALA A 104 -35.49 -5.71 39.35
C ALA A 104 -36.21 -7.06 39.40
N ASP A 105 -37.13 -7.31 38.45
CA ASP A 105 -37.90 -8.55 38.35
C ASP A 105 -37.02 -9.70 37.87
N LEU A 106 -35.92 -9.39 37.17
CA LEU A 106 -34.95 -10.36 36.64
C LEU A 106 -34.13 -10.98 37.78
N ALA A 107 -33.70 -10.16 38.77
CA ALA A 107 -32.94 -10.58 39.94
C ALA A 107 -33.83 -11.38 40.90
N LYS A 108 -35.13 -11.00 40.99
CA LYS A 108 -36.17 -11.65 41.80
C LYS A 108 -36.43 -13.06 41.28
N ASN A 109 -36.59 -13.21 39.95
CA ASN A 109 -36.82 -14.48 39.27
C ASN A 109 -35.55 -15.34 39.29
N THR A 110 -35.74 -16.68 39.22
CA THR A 110 -34.72 -17.76 39.22
C THR A 110 -33.57 -17.48 40.25
N PRO A 111 -33.79 -17.77 41.55
CA PRO A 111 -32.70 -17.56 42.53
C PRO A 111 -31.73 -18.75 42.61
N SER A 112 -31.87 -19.73 41.67
CA SER A 112 -31.07 -20.94 41.55
C SER A 112 -29.68 -20.67 40.96
N ALA A 113 -28.70 -21.48 41.37
CA ALA A 113 -27.31 -21.41 40.93
C ALA A 113 -26.85 -22.78 40.37
N ALA A 114 -25.63 -22.84 39.78
CA ALA A 114 -24.96 -24.01 39.18
C ALA A 114 -25.65 -24.56 37.91
N ASN A 115 -26.98 -24.46 37.81
CA ASN A 115 -27.78 -24.92 36.67
C ASN A 115 -27.86 -23.86 35.56
N ILE A 116 -27.08 -22.75 35.69
CA ILE A 116 -27.01 -21.65 34.73
C ILE A 116 -26.34 -22.11 33.43
N ASN A 117 -25.39 -23.07 33.54
CA ASN A 117 -24.67 -23.68 32.41
C ASN A 117 -25.64 -24.48 31.55
N ALA A 118 -26.66 -25.10 32.20
CA ALA A 118 -27.71 -25.87 31.54
C ALA A 118 -28.71 -24.91 30.87
N TYR A 119 -28.93 -23.72 31.46
CA TYR A 119 -29.82 -22.69 30.91
C TYR A 119 -29.20 -22.06 29.67
N ALA A 120 -27.86 -21.96 29.61
CA ALA A 120 -27.11 -21.41 28.49
C ALA A 120 -27.16 -22.33 27.27
N GLU A 121 -27.22 -23.66 27.52
CA GLU A 121 -27.29 -24.69 26.47
C GLU A 121 -28.62 -24.65 25.72
N ILE A 122 -29.74 -24.41 26.43
CA ILE A 122 -31.08 -24.36 25.83
C ILE A 122 -31.32 -23.02 25.08
N VAL A 123 -30.54 -21.96 25.39
CA VAL A 123 -30.62 -20.66 24.71
C VAL A 123 -29.92 -20.82 23.35
N ALA A 124 -28.77 -21.54 23.34
CA ALA A 124 -27.99 -21.84 22.13
C ALA A 124 -28.74 -22.83 21.23
N GLU A 125 -29.56 -23.71 21.84
CA GLU A 125 -30.39 -24.72 21.17
C GLU A 125 -31.45 -24.04 20.29
N ARG A 126 -32.21 -23.07 20.88
CA ARG A 126 -33.27 -22.31 20.18
C ARG A 126 -32.68 -21.40 19.11
N ALA A 127 -31.50 -20.82 19.37
CA ALA A 127 -30.79 -19.92 18.46
C ALA A 127 -30.23 -20.64 17.23
N LEU A 128 -29.72 -21.88 17.41
CA LEU A 128 -29.16 -22.69 16.32
C LEU A 128 -30.24 -23.11 15.32
N VAL A 129 -31.44 -23.47 15.83
CA VAL A 129 -32.60 -23.86 15.02
C VAL A 129 -33.12 -22.62 14.26
N ARG A 130 -33.11 -21.46 14.92
CA ARG A 130 -33.53 -20.17 14.37
C ARG A 130 -32.60 -19.75 13.22
N ASN A 131 -31.28 -20.04 13.34
CA ASN A 131 -30.28 -19.77 12.31
C ASN A 131 -30.43 -20.73 11.14
N LEU A 132 -30.83 -21.99 11.43
CA LEU A 132 -31.07 -23.04 10.44
C LEU A 132 -32.28 -22.71 9.56
N ILE A 133 -33.36 -22.15 10.16
CA ILE A 133 -34.58 -21.74 9.46
C ILE A 133 -34.27 -20.52 8.58
N GLY A 134 -33.43 -19.60 9.08
CA GLY A 134 -32.97 -18.41 8.38
C GLY A 134 -32.18 -18.75 7.13
N VAL A 135 -31.48 -19.90 7.14
CA VAL A 135 -30.71 -20.44 6.02
C VAL A 135 -31.67 -21.21 5.09
N ALA A 136 -32.63 -21.96 5.67
CA ALA A 136 -33.65 -22.73 4.92
C ALA A 136 -34.54 -21.79 4.09
N ASN A 137 -34.90 -20.62 4.65
CA ASN A 137 -35.71 -19.60 3.98
C ASN A 137 -34.88 -18.89 2.92
N GLU A 138 -33.55 -18.73 3.16
CA GLU A 138 -32.61 -18.10 2.24
C GLU A 138 -32.48 -18.92 0.96
N ILE A 139 -32.47 -20.28 1.08
CA ILE A 139 -32.40 -21.23 -0.04
C ILE A 139 -33.71 -21.20 -0.83
N ALA A 140 -34.86 -21.25 -0.13
CA ALA A 140 -36.21 -21.23 -0.71
C ALA A 140 -36.48 -19.96 -1.51
N ASP A 141 -36.13 -18.77 -0.95
CA ASP A 141 -36.30 -17.48 -1.62
C ASP A 141 -35.38 -17.33 -2.84
N ALA A 142 -34.17 -17.93 -2.77
CA ALA A 142 -33.19 -17.92 -3.86
C ALA A 142 -33.62 -18.88 -4.98
N GLY A 143 -34.41 -19.89 -4.62
CA GLY A 143 -34.93 -20.88 -5.55
C GLY A 143 -35.98 -20.31 -6.49
N TYR A 144 -36.97 -19.61 -5.91
CA TYR A 144 -38.06 -18.96 -6.66
C TYR A 144 -37.55 -17.72 -7.40
N ASP A 145 -36.58 -17.00 -6.81
CA ASP A 145 -35.95 -15.80 -7.38
C ASP A 145 -34.45 -16.09 -7.63
N PRO A 146 -34.09 -16.71 -8.79
CA PRO A 146 -32.67 -17.03 -9.03
C PRO A 146 -31.81 -15.83 -9.39
N GLN A 147 -32.29 -14.98 -10.33
CA GLN A 147 -31.62 -13.77 -10.82
C GLN A 147 -30.21 -14.08 -11.37
N GLY A 148 -30.17 -14.95 -12.38
CA GLY A 148 -28.94 -15.38 -13.04
C GLY A 148 -28.36 -16.68 -12.53
N ARG A 149 -28.68 -17.04 -11.27
CA ARG A 149 -28.19 -18.25 -10.61
C ARG A 149 -28.75 -19.52 -11.23
N ASN A 150 -27.85 -20.41 -11.70
CA ASN A 150 -28.20 -21.70 -12.31
C ASN A 150 -28.36 -22.78 -11.23
N ALA A 151 -28.78 -24.01 -11.63
CA ALA A 151 -28.97 -25.13 -10.70
C ALA A 151 -27.66 -25.53 -10.00
N GLU A 152 -26.54 -25.45 -10.72
CA GLU A 152 -25.20 -25.76 -10.20
C GLU A 152 -24.78 -24.68 -9.21
N ASP A 153 -25.08 -23.39 -9.52
CA ASP A 153 -24.77 -22.23 -8.70
C ASP A 153 -25.60 -22.22 -7.41
N LEU A 154 -26.90 -22.58 -7.52
CA LEU A 154 -27.83 -22.64 -6.38
C LEU A 154 -27.51 -23.80 -5.43
N LEU A 155 -26.94 -24.90 -5.96
CA LEU A 155 -26.56 -26.08 -5.18
C LEU A 155 -25.37 -25.76 -4.27
N ASP A 156 -24.38 -25.01 -4.80
CA ASP A 156 -23.18 -24.59 -4.07
C ASP A 156 -23.51 -23.57 -2.98
N LEU A 157 -24.44 -22.64 -3.28
CA LEU A 157 -24.91 -21.61 -2.36
C LEU A 157 -25.68 -22.21 -1.18
N ALA A 158 -26.46 -23.28 -1.44
CA ALA A 158 -27.26 -23.98 -0.42
C ALA A 158 -26.39 -24.78 0.53
N GLU A 159 -25.40 -25.52 0.01
CA GLU A 159 -24.50 -26.36 0.82
C GLU A 159 -23.50 -25.54 1.64
N SER A 160 -22.96 -24.45 1.07
CA SER A 160 -21.99 -23.57 1.75
C SER A 160 -22.62 -22.88 2.97
N LYS A 161 -23.90 -22.48 2.86
CA LYS A 161 -24.65 -21.82 3.94
C LYS A 161 -25.02 -22.81 5.05
N VAL A 162 -25.31 -24.08 4.68
CA VAL A 162 -25.65 -25.16 5.61
C VAL A 162 -24.40 -25.57 6.41
N PHE A 163 -23.24 -25.66 5.74
CA PHE A 163 -21.95 -26.00 6.36
C PHE A 163 -21.47 -24.98 7.40
N ALA A 164 -21.89 -23.71 7.23
CA ALA A 164 -21.54 -22.60 8.13
C ALA A 164 -22.13 -22.79 9.53
N ILE A 165 -23.32 -23.42 9.63
CA ILE A 165 -23.99 -23.71 10.90
C ILE A 165 -23.30 -24.91 11.57
N ALA A 166 -22.90 -25.91 10.76
CA ALA A 166 -22.19 -27.12 11.21
C ALA A 166 -20.77 -26.79 11.68
N GLU A 167 -20.14 -25.76 11.08
CA GLU A 167 -18.80 -25.29 11.41
C GLU A 167 -18.82 -24.51 12.73
N ALA A 168 -19.84 -23.66 12.93
CA ALA A 168 -20.04 -22.86 14.15
C ALA A 168 -20.39 -23.73 15.36
N ARG A 169 -21.07 -24.87 15.11
CA ARG A 169 -21.47 -25.85 16.11
C ARG A 169 -20.23 -26.60 16.68
N THR A 170 -19.10 -26.60 15.95
CA THR A 170 -17.88 -27.29 16.39
C THR A 170 -16.83 -26.35 17.02
N SER A 171 -16.83 -25.05 16.66
CA SER A 171 -15.91 -24.04 17.21
C SER A 171 -16.11 -23.83 18.72
N GLU A 172 -17.33 -24.07 19.23
CA GLU A 172 -17.71 -23.95 20.63
C GLU A 172 -17.08 -25.09 21.44
N ASN A 173 -17.22 -25.03 22.78
CA ASN A 173 -16.74 -26.01 23.77
C ASN A 173 -15.33 -26.60 23.50
N GLU A 174 -14.41 -25.84 22.89
CA GLU A 174 -13.08 -26.35 22.61
C GLU A 174 -12.09 -26.11 23.78
N GLY A 175 -11.55 -24.90 23.93
CA GLY A 175 -10.70 -24.39 25.02
C GLY A 175 -9.59 -25.22 25.66
N PRO A 176 -9.17 -24.82 26.89
CA PRO A 176 -8.06 -25.54 27.57
C PRO A 176 -8.39 -26.96 28.01
N LYS A 177 -7.35 -27.79 28.17
CA LYS A 177 -7.46 -29.18 28.57
C LYS A 177 -6.66 -29.51 29.83
N ASN A 178 -7.29 -30.22 30.78
CA ASN A 178 -6.66 -30.67 32.02
C ASN A 178 -5.87 -31.94 31.70
N VAL A 179 -4.83 -32.25 32.50
CA VAL A 179 -3.95 -33.43 32.33
C VAL A 179 -4.72 -34.76 32.27
N ASP A 180 -5.87 -34.86 32.97
CA ASP A 180 -6.73 -36.05 33.00
C ASP A 180 -7.17 -36.48 31.61
N SER A 181 -7.66 -35.52 30.78
CA SER A 181 -8.12 -35.75 29.41
C SER A 181 -6.96 -36.03 28.45
N ILE A 182 -5.80 -35.38 28.67
CA ILE A 182 -4.61 -35.53 27.83
C ILE A 182 -3.91 -36.87 28.05
N LEU A 183 -3.60 -37.22 29.32
CA LEU A 183 -2.93 -38.48 29.69
C LEU A 183 -3.64 -39.71 29.16
N GLU A 184 -4.99 -39.75 29.30
CA GLU A 184 -5.86 -40.83 28.85
C GLU A 184 -5.76 -41.00 27.32
N ARG A 185 -5.71 -39.87 26.58
CA ARG A 185 -5.60 -39.83 25.13
C ARG A 185 -4.21 -40.23 24.66
N THR A 186 -3.16 -39.79 25.40
CA THR A 186 -1.76 -40.06 25.10
C THR A 186 -1.41 -41.54 25.35
N LEU A 187 -1.81 -42.07 26.52
CA LEU A 187 -1.54 -43.46 26.91
C LEU A 187 -2.23 -44.48 26.02
N GLU A 188 -3.43 -44.15 25.51
CA GLU A 188 -4.20 -45.00 24.61
C GLU A 188 -3.49 -45.13 23.27
N ARG A 189 -2.81 -44.05 22.81
CA ARG A 189 -2.06 -44.01 21.56
C ARG A 189 -0.84 -44.95 21.64
N ILE A 190 -0.06 -44.87 22.74
CA ILE A 190 1.13 -45.68 22.97
C ILE A 190 0.76 -47.17 23.11
N GLU A 191 -0.34 -47.45 23.85
CA GLU A 191 -0.86 -48.80 24.11
C GLU A 191 -1.25 -49.51 22.81
N LEU A 192 -2.02 -48.82 21.92
CA LEU A 192 -2.48 -49.36 20.64
C LEU A 192 -1.31 -49.60 19.69
N LEU A 193 -0.29 -48.73 19.74
CA LEU A 193 0.91 -48.83 18.89
C LEU A 193 1.78 -50.01 19.30
N TYR A 194 1.95 -50.24 20.62
CA TYR A 194 2.76 -51.33 21.18
C TYR A 194 2.09 -52.70 20.93
N LYS A 195 0.74 -52.73 20.95
CA LYS A 195 -0.11 -53.90 20.76
C LYS A 195 -0.02 -54.46 19.33
N THR A 196 -0.19 -53.59 18.32
CA THR A 196 -0.20 -53.94 16.90
C THR A 196 1.21 -54.13 16.31
N PRO A 197 1.43 -55.10 15.38
CA PRO A 197 2.77 -55.22 14.76
C PRO A 197 2.97 -54.11 13.72
N GLN A 198 3.63 -53.03 14.17
CA GLN A 198 3.87 -51.77 13.47
C GLN A 198 4.46 -51.93 12.07
N ASP A 199 5.72 -52.41 12.01
CA ASP A 199 6.53 -52.57 10.78
C ASP A 199 6.73 -51.21 10.04
N GLY A 200 6.64 -50.11 10.82
CA GLY A 200 6.76 -48.73 10.37
C GLY A 200 5.43 -48.14 9.94
N VAL A 201 4.78 -48.83 8.98
CA VAL A 201 3.55 -48.40 8.30
C VAL A 201 2.34 -48.41 9.23
N THR A 202 1.64 -47.26 9.31
CA THR A 202 0.41 -47.08 10.09
C THR A 202 -0.56 -46.16 9.33
N GLY A 203 -1.63 -46.76 8.81
CA GLY A 203 -2.65 -46.06 8.05
C GLY A 203 -2.57 -46.34 6.56
N VAL A 204 -2.00 -45.39 5.79
CA VAL A 204 -1.84 -45.51 4.33
C VAL A 204 -0.35 -45.61 3.98
N ASN A 205 0.01 -46.64 3.21
CA ASN A 205 1.39 -46.89 2.77
C ASN A 205 1.81 -45.90 1.67
N THR A 206 2.92 -45.18 1.90
CA THR A 206 3.46 -44.19 0.97
C THR A 206 4.13 -44.85 -0.23
N GLY A 207 4.76 -46.01 0.01
CA GLY A 207 5.48 -46.78 -0.99
C GLY A 207 6.98 -46.69 -0.85
N PHE A 208 7.46 -45.73 -0.04
CA PHE A 208 8.89 -45.48 0.22
C PHE A 208 9.23 -45.87 1.65
N THR A 209 10.14 -46.85 1.81
CA THR A 209 10.59 -47.39 3.10
C THR A 209 11.30 -46.34 3.97
N ASP A 210 12.15 -45.49 3.35
CA ASP A 210 12.89 -44.43 4.04
C ASP A 210 11.95 -43.32 4.55
N LEU A 211 10.88 -43.05 3.79
CA LEU A 211 9.87 -42.03 4.13
C LEU A 211 8.95 -42.52 5.24
N ASN A 212 8.49 -43.80 5.15
CA ASN A 212 7.60 -44.45 6.12
C ASN A 212 8.15 -44.47 7.55
N LYS A 213 9.48 -44.42 7.71
CA LYS A 213 10.15 -44.42 9.02
C LYS A 213 9.89 -43.12 9.79
N LYS A 214 9.87 -41.98 9.08
CA LYS A 214 9.64 -40.65 9.66
C LYS A 214 8.15 -40.26 9.65
N THR A 215 7.46 -40.48 8.50
CA THR A 215 6.06 -40.15 8.28
C THR A 215 5.10 -41.01 9.12
N ALA A 216 5.47 -42.31 9.32
CA ALA A 216 4.69 -43.34 10.02
C ALA A 216 3.34 -43.57 9.31
N GLY A 217 3.40 -43.56 7.98
CA GLY A 217 2.26 -43.74 7.10
C GLY A 217 1.38 -42.50 7.00
N LEU A 218 0.60 -42.38 5.91
CA LEU A 218 -0.30 -41.25 5.71
C LEU A 218 -1.54 -41.46 6.59
N GLN A 219 -1.50 -40.85 7.80
CA GLN A 219 -2.53 -40.94 8.83
C GLN A 219 -3.91 -40.48 8.34
N GLY A 220 -4.96 -41.11 8.86
CA GLY A 220 -6.34 -40.78 8.52
C GLY A 220 -6.81 -39.48 9.14
N SER A 221 -7.78 -38.82 8.49
CA SER A 221 -8.45 -37.55 8.88
C SER A 221 -7.53 -36.30 8.99
N ASP A 222 -6.20 -36.43 8.78
CA ASP A 222 -5.31 -35.27 8.88
C ASP A 222 -4.94 -34.69 7.50
N LEU A 223 -4.72 -33.37 7.43
CA LEU A 223 -4.40 -32.63 6.20
C LEU A 223 -2.90 -32.63 5.88
N ILE A 224 -2.55 -33.07 4.65
CA ILE A 224 -1.17 -33.15 4.16
C ILE A 224 -0.96 -32.21 2.97
N ILE A 225 0.05 -31.34 3.04
CA ILE A 225 0.38 -30.41 1.96
C ILE A 225 1.76 -30.70 1.40
N VAL A 226 1.83 -30.97 0.09
CA VAL A 226 3.07 -31.24 -0.64
C VAL A 226 3.34 -29.99 -1.48
N ALA A 227 4.31 -29.17 -1.04
CA ALA A 227 4.65 -27.92 -1.69
C ALA A 227 6.06 -27.89 -2.26
N ALA A 228 6.21 -27.31 -3.48
CA ALA A 228 7.48 -27.18 -4.18
C ALA A 228 7.43 -26.06 -5.23
N ARG A 229 8.62 -25.62 -5.70
CA ARG A 229 8.82 -24.59 -6.73
C ARG A 229 8.29 -25.15 -8.08
N PRO A 230 7.75 -24.32 -9.02
CA PRO A 230 7.26 -24.88 -10.31
C PRO A 230 8.25 -25.77 -11.05
N SER A 231 7.72 -26.87 -11.64
CA SER A 231 8.45 -27.91 -12.39
C SER A 231 9.44 -28.71 -11.54
N MET A 232 9.22 -28.77 -10.20
CA MET A 232 10.06 -29.54 -9.28
C MET A 232 9.60 -30.99 -9.22
N GLY A 233 8.30 -31.20 -9.38
CA GLY A 233 7.69 -32.52 -9.36
C GLY A 233 6.61 -32.66 -8.31
N LYS A 234 5.72 -31.64 -8.20
CA LYS A 234 4.60 -31.64 -7.26
C LYS A 234 3.59 -32.73 -7.68
N THR A 235 3.12 -32.66 -8.94
CA THR A 235 2.18 -33.60 -9.56
C THR A 235 2.85 -34.98 -9.67
N THR A 236 4.17 -35.01 -9.98
CA THR A 236 4.98 -36.22 -10.12
C THR A 236 5.04 -37.00 -8.80
N PHE A 237 5.42 -36.35 -7.69
CA PHE A 237 5.52 -36.99 -6.37
C PHE A 237 4.15 -37.38 -5.81
N ALA A 238 3.12 -36.53 -6.02
CA ALA A 238 1.75 -36.80 -5.57
C ALA A 238 1.18 -38.03 -6.26
N MET A 239 1.44 -38.18 -7.58
CA MET A 239 1.02 -39.35 -8.35
C MET A 239 1.79 -40.59 -7.92
N ASN A 240 3.10 -40.42 -7.60
CA ASN A 240 3.97 -41.50 -7.12
C ASN A 240 3.48 -42.10 -5.79
N LEU A 241 2.74 -41.29 -4.99
CA LEU A 241 2.11 -41.71 -3.74
C LEU A 241 0.83 -42.48 -4.08
N CYS A 242 0.09 -41.98 -5.09
CA CYS A 242 -1.17 -42.56 -5.59
C CYS A 242 -0.98 -43.88 -6.34
N GLU A 243 0.25 -44.14 -6.88
CA GLU A 243 0.57 -45.40 -7.58
C GLU A 243 0.46 -46.52 -6.55
N ASN A 244 1.18 -46.36 -5.42
CA ASN A 244 1.23 -47.30 -4.30
C ASN A 244 -0.05 -47.30 -3.46
N ALA A 245 -0.77 -46.15 -3.39
CA ALA A 245 -2.03 -46.03 -2.64
C ALA A 245 -3.16 -46.84 -3.28
N ALA A 246 -3.17 -46.95 -4.62
CA ALA A 246 -4.16 -47.73 -5.37
C ALA A 246 -3.84 -49.23 -5.33
N MET A 247 -2.53 -49.57 -5.24
CA MET A 247 -2.04 -50.96 -5.20
C MET A 247 -2.17 -51.57 -3.80
N GLU A 248 -1.63 -50.88 -2.77
CA GLU A 248 -1.63 -51.36 -1.38
C GLU A 248 -3.02 -51.33 -0.74
N GLN A 249 -3.65 -50.14 -0.68
CA GLN A 249 -4.97 -49.98 -0.07
C GLN A 249 -6.10 -50.52 -0.94
N ASP A 250 -7.03 -51.26 -0.30
CA ASP A 250 -8.20 -51.88 -0.91
C ASP A 250 -9.26 -50.85 -1.32
N LYS A 251 -9.45 -49.80 -0.50
CA LYS A 251 -10.43 -48.73 -0.73
C LYS A 251 -9.96 -47.77 -1.85
N PRO A 252 -10.89 -47.24 -2.70
CA PRO A 252 -10.47 -46.38 -3.82
C PRO A 252 -9.83 -45.04 -3.44
N VAL A 253 -9.02 -44.49 -4.38
CA VAL A 253 -8.31 -43.21 -4.29
C VAL A 253 -8.92 -42.18 -5.25
N LEU A 254 -9.23 -40.97 -4.73
CA LEU A 254 -9.83 -39.89 -5.50
C LEU A 254 -8.80 -38.79 -5.80
N ILE A 255 -8.69 -38.38 -7.07
CA ILE A 255 -7.74 -37.36 -7.53
C ILE A 255 -8.48 -36.24 -8.28
N PHE A 256 -8.26 -34.98 -7.87
CA PHE A 256 -8.85 -33.80 -8.51
C PHE A 256 -7.78 -33.10 -9.35
N SER A 257 -7.75 -33.40 -10.66
CA SER A 257 -6.78 -32.82 -11.59
C SER A 257 -7.29 -31.48 -12.15
N LEU A 258 -6.77 -30.37 -11.61
CA LEU A 258 -7.16 -29.02 -11.98
C LEU A 258 -6.30 -28.42 -13.10
N GLU A 259 -4.97 -28.57 -13.00
CA GLU A 259 -4.01 -28.03 -13.96
C GLU A 259 -4.00 -28.79 -15.29
N MET A 260 -3.67 -30.10 -15.25
CA MET A 260 -3.59 -30.96 -16.44
C MET A 260 -4.81 -31.90 -16.56
N PRO A 261 -5.16 -32.41 -17.78
CA PRO A 261 -6.33 -33.29 -17.89
C PRO A 261 -6.08 -34.72 -17.42
N ALA A 262 -7.15 -35.54 -17.39
CA ALA A 262 -7.12 -36.95 -16.98
C ALA A 262 -6.22 -37.82 -17.88
N GLU A 263 -6.09 -37.45 -19.17
CA GLU A 263 -5.29 -38.16 -20.17
C GLU A 263 -3.79 -38.02 -19.90
N GLN A 264 -3.33 -36.78 -19.58
CA GLN A 264 -1.93 -36.46 -19.26
C GLN A 264 -1.47 -37.16 -17.98
N ILE A 265 -2.37 -37.30 -16.99
CA ILE A 265 -2.14 -37.98 -15.71
C ILE A 265 -1.89 -39.48 -15.97
N MET A 266 -2.70 -40.07 -16.87
CA MET A 266 -2.62 -41.49 -17.26
C MET A 266 -1.32 -41.84 -17.97
N MET A 267 -0.79 -40.94 -18.81
CA MET A 267 0.48 -41.13 -19.53
C MET A 267 1.65 -41.14 -18.55
N ARG A 268 1.57 -40.31 -17.49
CA ARG A 268 2.57 -40.22 -16.42
C ARG A 268 2.45 -41.46 -15.52
N MET A 269 1.22 -42.00 -15.37
CA MET A 269 0.92 -43.19 -14.58
C MET A 269 1.49 -44.45 -15.24
N LEU A 270 1.29 -44.59 -16.57
CA LEU A 270 1.78 -45.71 -17.37
C LEU A 270 3.31 -45.75 -17.37
N ALA A 271 3.94 -44.56 -17.44
CA ALA A 271 5.39 -44.40 -17.43
C ALA A 271 6.01 -44.81 -16.09
N SER A 272 5.35 -44.45 -14.96
CA SER A 272 5.79 -44.74 -13.60
C SER A 272 5.77 -46.22 -13.24
N LEU A 273 4.74 -46.96 -13.71
CA LEU A 273 4.59 -48.38 -13.41
C LEU A 273 5.29 -49.31 -14.39
N SER A 274 5.20 -49.03 -15.71
CA SER A 274 5.85 -49.84 -16.75
C SER A 274 7.35 -49.58 -16.79
N ARG A 275 7.78 -48.39 -16.30
CA ARG A 275 9.16 -47.90 -16.22
C ARG A 275 9.78 -47.76 -17.63
N VAL A 276 9.07 -47.00 -18.48
CA VAL A 276 9.42 -46.61 -19.85
C VAL A 276 9.20 -45.10 -19.96
N ASP A 277 10.22 -44.37 -20.44
CA ASP A 277 10.26 -42.91 -20.55
C ASP A 277 9.00 -42.28 -21.17
N GLN A 278 8.55 -41.14 -20.59
CA GLN A 278 7.38 -40.38 -21.00
C GLN A 278 7.45 -39.94 -22.46
N THR A 279 8.66 -39.60 -22.94
CA THR A 279 8.94 -39.17 -24.31
C THR A 279 8.58 -40.25 -25.34
N LYS A 280 8.70 -41.55 -24.99
CA LYS A 280 8.32 -42.67 -25.84
C LYS A 280 6.80 -42.77 -25.98
N ILE A 281 6.06 -42.47 -24.88
CA ILE A 281 4.61 -42.53 -24.79
C ILE A 281 3.93 -41.40 -25.60
N ARG A 282 4.33 -40.13 -25.39
CA ARG A 282 3.76 -38.98 -26.10
C ARG A 282 4.07 -38.96 -27.61
N THR A 283 5.14 -39.68 -28.04
CA THR A 283 5.49 -39.80 -29.45
C THR A 283 4.85 -41.07 -30.03
N GLY A 284 4.66 -42.08 -29.17
CA GLY A 284 4.04 -43.35 -29.53
C GLY A 284 5.00 -44.43 -29.98
N GLN A 285 6.27 -44.05 -30.24
CA GLN A 285 7.31 -44.98 -30.68
C GLN A 285 7.93 -45.74 -29.51
N LEU A 286 7.69 -47.07 -29.48
CA LEU A 286 8.21 -48.00 -28.48
C LEU A 286 8.18 -49.43 -28.99
N ASP A 287 9.27 -50.19 -28.78
CA ASP A 287 9.41 -51.57 -29.24
C ASP A 287 8.54 -52.58 -28.48
N ASP A 288 8.54 -53.84 -28.95
CA ASP A 288 7.80 -54.97 -28.38
C ASP A 288 8.18 -55.23 -26.93
N GLU A 289 9.46 -55.00 -26.57
CA GLU A 289 10.02 -55.14 -25.22
C GLU A 289 9.41 -54.08 -24.29
N ASP A 290 9.22 -52.85 -24.81
CA ASP A 290 8.63 -51.72 -24.08
C ASP A 290 7.11 -51.90 -23.92
N TRP A 291 6.45 -52.50 -24.93
CA TRP A 291 5.01 -52.77 -24.95
C TRP A 291 4.59 -53.85 -23.95
N ALA A 292 5.49 -54.81 -23.67
CA ALA A 292 5.28 -55.91 -22.72
C ALA A 292 5.14 -55.39 -21.29
N ARG A 293 5.91 -54.33 -20.95
CA ARG A 293 5.89 -53.67 -19.64
C ARG A 293 4.61 -52.83 -19.49
N ILE A 294 4.14 -52.24 -20.61
CA ILE A 294 2.91 -51.44 -20.70
C ILE A 294 1.70 -52.37 -20.48
N SER A 295 1.73 -53.57 -21.11
CA SER A 295 0.70 -54.61 -21.05
C SER A 295 0.49 -55.11 -19.61
N SER A 296 1.59 -55.31 -18.86
CA SER A 296 1.58 -55.78 -17.47
C SER A 296 0.96 -54.77 -16.52
N THR A 297 1.13 -53.46 -16.80
CA THR A 297 0.61 -52.34 -16.01
C THR A 297 -0.93 -52.31 -16.03
N MET A 298 -1.53 -52.36 -17.23
CA MET A 298 -2.99 -52.35 -17.45
C MET A 298 -3.73 -53.44 -16.71
N GLY A 299 -3.15 -54.64 -16.66
CA GLY A 299 -3.70 -55.81 -15.99
C GLY A 299 -3.97 -55.61 -14.51
N ILE A 300 -2.97 -55.10 -13.78
CA ILE A 300 -3.05 -54.84 -12.33
C ILE A 300 -3.97 -53.65 -12.04
N LEU A 301 -4.01 -52.66 -12.95
CA LEU A 301 -4.83 -51.45 -12.86
C LEU A 301 -6.33 -51.75 -12.89
N MET A 302 -6.76 -52.67 -13.77
CA MET A 302 -8.16 -53.04 -13.93
C MET A 302 -8.64 -54.15 -12.98
N GLU A 303 -7.71 -54.71 -12.17
CA GLU A 303 -8.03 -55.73 -11.17
C GLU A 303 -8.65 -55.10 -9.93
N LYS A 304 -8.16 -53.92 -9.52
CA LYS A 304 -8.65 -53.19 -8.35
C LYS A 304 -9.56 -52.01 -8.72
N LYS A 305 -9.19 -51.23 -9.77
CA LYS A 305 -9.91 -50.05 -10.28
C LYS A 305 -10.15 -48.98 -9.19
N ASN A 306 -9.13 -48.75 -8.36
CA ASN A 306 -9.16 -47.79 -7.26
C ASN A 306 -8.99 -46.32 -7.69
N MET A 307 -8.32 -46.08 -8.83
CA MET A 307 -8.06 -44.73 -9.35
C MET A 307 -9.30 -44.04 -9.93
N TYR A 308 -9.50 -42.76 -9.54
CA TYR A 308 -10.58 -41.89 -10.00
C TYR A 308 -10.04 -40.47 -10.20
N ILE A 309 -10.12 -39.93 -11.43
CA ILE A 309 -9.60 -38.60 -11.78
C ILE A 309 -10.72 -37.64 -12.18
N ASP A 310 -10.69 -36.42 -11.61
CA ASP A 310 -11.64 -35.34 -11.85
C ASP A 310 -10.96 -34.21 -12.62
N ASP A 311 -11.15 -34.19 -13.95
CA ASP A 311 -10.54 -33.18 -14.83
C ASP A 311 -11.43 -31.92 -14.94
N SER A 312 -11.49 -31.15 -13.83
CA SER A 312 -12.26 -29.90 -13.72
C SER A 312 -11.30 -28.73 -13.48
N SER A 313 -11.45 -27.64 -14.26
CA SER A 313 -10.59 -26.46 -14.21
C SER A 313 -10.69 -25.64 -12.91
N GLY A 314 -11.90 -25.23 -12.53
CA GLY A 314 -12.14 -24.41 -11.35
C GLY A 314 -13.18 -24.97 -10.40
N LEU A 315 -12.73 -25.81 -9.45
CA LEU A 315 -13.59 -26.46 -8.45
C LEU A 315 -13.82 -25.57 -7.23
N THR A 316 -15.02 -25.68 -6.63
CA THR A 316 -15.41 -24.92 -5.43
C THR A 316 -15.32 -25.85 -4.20
N PRO A 317 -15.06 -25.34 -2.96
CA PRO A 317 -15.00 -26.24 -1.78
C PRO A 317 -16.24 -27.09 -1.54
N THR A 318 -17.40 -26.62 -2.06
CA THR A 318 -18.69 -27.31 -1.98
C THR A 318 -18.71 -28.48 -2.99
N GLU A 319 -18.18 -28.25 -4.22
CA GLU A 319 -18.09 -29.25 -5.29
C GLU A 319 -17.16 -30.41 -4.96
N VAL A 320 -16.08 -30.13 -4.19
CA VAL A 320 -15.10 -31.13 -3.75
C VAL A 320 -15.77 -32.08 -2.73
N ARG A 321 -16.54 -31.52 -1.78
CA ARG A 321 -17.27 -32.26 -0.73
C ARG A 321 -18.34 -33.19 -1.31
N SER A 322 -19.16 -32.68 -2.25
CA SER A 322 -20.24 -33.42 -2.91
C SER A 322 -19.72 -34.61 -3.72
N ARG A 323 -18.62 -34.41 -4.46
CA ARG A 323 -17.99 -35.44 -5.30
C ARG A 323 -17.23 -36.49 -4.48
N ALA A 324 -16.70 -36.09 -3.30
CA ALA A 324 -15.99 -36.99 -2.40
C ALA A 324 -16.96 -37.93 -1.69
N ARG A 325 -18.15 -37.40 -1.30
CA ARG A 325 -19.22 -38.14 -0.63
C ARG A 325 -19.83 -39.19 -1.57
N ARG A 326 -19.91 -38.87 -2.89
CA ARG A 326 -20.46 -39.73 -3.94
C ARG A 326 -19.68 -41.04 -4.10
N ILE A 327 -18.35 -40.95 -4.29
CA ILE A 327 -17.46 -42.11 -4.47
C ILE A 327 -17.37 -42.93 -3.17
N ALA A 328 -17.40 -42.25 -2.00
CA ALA A 328 -17.36 -42.89 -0.68
C ALA A 328 -18.62 -43.71 -0.41
N ARG A 329 -19.78 -43.21 -0.85
CA ARG A 329 -21.06 -43.89 -0.68
C ARG A 329 -21.23 -45.03 -1.69
N GLU A 330 -20.71 -44.85 -2.92
CA GLU A 330 -20.80 -45.82 -4.01
C GLU A 330 -19.84 -47.00 -3.85
N HIS A 331 -18.58 -46.75 -3.43
CA HIS A 331 -17.55 -47.78 -3.33
C HIS A 331 -17.11 -48.09 -1.88
N GLY A 332 -18.09 -48.21 -0.98
CA GLY A 332 -17.87 -48.53 0.43
C GLY A 332 -17.27 -47.42 1.27
N GLY A 333 -16.23 -46.78 0.76
CA GLY A 333 -15.52 -45.69 1.40
C GLY A 333 -14.19 -45.40 0.73
N LEU A 334 -13.72 -44.15 0.82
CA LEU A 334 -12.45 -43.72 0.22
C LEU A 334 -11.25 -44.09 1.10
N SER A 335 -10.03 -43.91 0.57
CA SER A 335 -8.78 -44.20 1.28
C SER A 335 -7.84 -43.00 1.28
N LEU A 336 -7.76 -42.25 0.17
CA LEU A 336 -6.92 -41.06 0.02
C LEU A 336 -7.50 -40.11 -1.04
N ILE A 337 -7.58 -38.81 -0.70
CA ILE A 337 -8.06 -37.75 -1.59
C ILE A 337 -6.86 -36.86 -1.96
N MET A 338 -6.68 -36.58 -3.26
CA MET A 338 -5.57 -35.77 -3.75
C MET A 338 -6.07 -34.61 -4.62
N VAL A 339 -5.44 -33.43 -4.46
CA VAL A 339 -5.76 -32.19 -5.20
C VAL A 339 -4.50 -31.76 -5.96
N ASP A 340 -4.62 -31.60 -7.31
CA ASP A 340 -3.51 -31.19 -8.19
C ASP A 340 -3.01 -29.77 -7.92
N TYR A 341 -3.90 -28.87 -7.49
CA TYR A 341 -3.56 -27.47 -7.21
C TYR A 341 -4.54 -26.83 -6.24
N LEU A 342 -4.03 -26.32 -5.12
CA LEU A 342 -4.83 -25.65 -4.08
C LEU A 342 -5.21 -24.24 -4.55
N GLN A 343 -4.27 -23.56 -5.24
CA GLN A 343 -4.45 -22.20 -5.78
C GLN A 343 -5.46 -22.14 -6.94
N LEU A 344 -5.57 -23.22 -7.74
CA LEU A 344 -6.52 -23.30 -8.86
C LEU A 344 -7.97 -23.45 -8.40
N MET A 345 -8.19 -23.87 -7.14
CA MET A 345 -9.50 -23.99 -6.51
C MET A 345 -10.01 -22.60 -6.18
N ARG A 346 -11.32 -22.37 -6.29
CA ARG A 346 -11.93 -21.06 -6.05
C ARG A 346 -13.19 -21.10 -5.18
N VAL A 347 -13.42 -20.03 -4.39
CA VAL A 347 -14.61 -19.91 -3.55
C VAL A 347 -15.47 -18.72 -4.07
N PRO A 348 -16.79 -18.92 -4.34
CA PRO A 348 -17.61 -17.83 -4.90
C PRO A 348 -17.84 -16.64 -3.98
N ALA A 349 -17.85 -16.85 -2.65
CA ALA A 349 -18.08 -15.80 -1.66
C ALA A 349 -16.86 -14.89 -1.48
N LEU A 350 -15.66 -15.47 -1.31
CA LEU A 350 -14.42 -14.71 -1.10
C LEU A 350 -13.58 -14.63 -2.38
N THR A 351 -14.21 -14.27 -3.50
CA THR A 351 -13.54 -14.14 -4.82
C THR A 351 -12.65 -12.89 -4.85
N ASP A 352 -13.11 -11.78 -4.23
CA ASP A 352 -12.40 -10.51 -4.16
C ASP A 352 -11.14 -10.59 -3.30
N ASN A 353 -11.25 -11.12 -2.07
CA ASN A 353 -10.11 -11.26 -1.15
C ASN A 353 -9.43 -12.61 -1.36
N ARG A 354 -8.22 -12.58 -1.94
CA ARG A 354 -7.41 -13.77 -2.23
C ARG A 354 -6.86 -14.45 -0.98
N THR A 355 -6.46 -13.66 0.05
CA THR A 355 -5.92 -14.18 1.32
C THR A 355 -6.97 -15.01 2.06
N LEU A 356 -8.25 -14.56 2.05
CA LEU A 356 -9.38 -15.24 2.68
C LEU A 356 -9.87 -16.42 1.84
N GLU A 357 -9.64 -16.38 0.50
CA GLU A 357 -10.00 -17.43 -0.45
C GLU A 357 -9.17 -18.69 -0.14
N ILE A 358 -7.83 -18.55 -0.03
CA ILE A 358 -6.88 -19.63 0.27
C ILE A 358 -7.09 -20.14 1.72
N ALA A 359 -7.35 -19.22 2.67
CA ALA A 359 -7.60 -19.53 4.08
C ALA A 359 -8.83 -20.43 4.27
N GLU A 360 -9.93 -20.13 3.54
CA GLU A 360 -11.17 -20.92 3.61
C GLU A 360 -11.05 -22.26 2.88
N ILE A 361 -10.33 -22.29 1.74
CA ILE A 361 -10.07 -23.51 0.95
C ILE A 361 -9.27 -24.51 1.79
N SER A 362 -8.23 -24.04 2.48
CA SER A 362 -7.37 -24.84 3.37
C SER A 362 -8.17 -25.35 4.58
N ARG A 363 -9.09 -24.52 5.10
CA ARG A 363 -9.96 -24.83 6.23
C ARG A 363 -11.04 -25.86 5.84
N SER A 364 -11.51 -25.79 4.58
CA SER A 364 -12.52 -26.70 4.02
C SER A 364 -11.93 -28.09 3.75
N LEU A 365 -10.67 -28.15 3.27
CA LEU A 365 -9.97 -29.40 2.96
C LEU A 365 -9.61 -30.20 4.21
N LYS A 366 -9.31 -29.52 5.34
CA LYS A 366 -9.00 -30.15 6.62
C LYS A 366 -10.29 -30.74 7.23
N ALA A 367 -11.42 -29.99 7.10
CA ALA A 367 -12.74 -30.40 7.58
C ALA A 367 -13.31 -31.55 6.75
N LEU A 368 -12.90 -31.65 5.46
CA LEU A 368 -13.29 -32.74 4.54
C LEU A 368 -12.55 -34.02 4.95
N ALA A 369 -11.26 -33.89 5.35
CA ALA A 369 -10.42 -35.00 5.80
C ALA A 369 -11.02 -35.66 7.04
N LYS A 370 -11.45 -34.85 8.04
CA LYS A 370 -12.06 -35.31 9.28
C LYS A 370 -13.44 -35.93 9.06
N GLU A 371 -14.21 -35.38 8.09
CA GLU A 371 -15.57 -35.83 7.72
C GLU A 371 -15.56 -37.27 7.18
N LEU A 372 -14.52 -37.63 6.41
CA LEU A 372 -14.38 -38.94 5.78
C LEU A 372 -13.30 -39.83 6.44
N ASN A 373 -12.54 -39.28 7.41
CA ASN A 373 -11.45 -39.93 8.15
C ASN A 373 -10.37 -40.50 7.22
N VAL A 374 -10.02 -39.73 6.16
CA VAL A 374 -9.03 -40.13 5.16
C VAL A 374 -7.99 -39.03 4.90
N PRO A 375 -6.69 -39.41 4.69
CA PRO A 375 -5.66 -38.38 4.42
C PRO A 375 -5.90 -37.59 3.13
N VAL A 376 -5.85 -36.25 3.23
CA VAL A 376 -6.04 -35.35 2.08
C VAL A 376 -4.69 -34.76 1.69
N VAL A 377 -4.22 -35.08 0.47
CA VAL A 377 -2.94 -34.63 -0.09
C VAL A 377 -3.18 -33.44 -1.04
N ALA A 378 -2.95 -32.23 -0.55
CA ALA A 378 -3.12 -31.00 -1.34
C ALA A 378 -1.79 -30.50 -1.88
N LEU A 379 -1.78 -30.06 -3.13
CA LEU A 379 -0.57 -29.52 -3.75
C LEU A 379 -0.63 -28.00 -3.80
N SER A 380 0.38 -27.33 -3.22
CA SER A 380 0.47 -25.88 -3.17
C SER A 380 1.83 -25.41 -3.69
N GLN A 381 1.89 -24.16 -4.19
CA GLN A 381 3.14 -23.59 -4.71
C GLN A 381 3.71 -22.54 -3.78
N LEU A 382 5.05 -22.51 -3.67
CA LEU A 382 5.78 -21.56 -2.84
C LEU A 382 6.03 -20.26 -3.61
N ASN A 383 6.16 -19.13 -2.87
CA ASN A 383 6.43 -17.82 -3.45
C ASN A 383 7.88 -17.73 -3.94
N ARG A 384 8.15 -16.82 -4.90
CA ARG A 384 9.47 -16.59 -5.51
C ARG A 384 10.57 -16.11 -4.53
N SER A 385 10.20 -15.88 -3.25
CA SER A 385 11.08 -15.43 -2.16
C SER A 385 12.31 -16.32 -1.94
N LEU A 386 12.15 -17.65 -2.11
CA LEU A 386 13.24 -18.62 -1.92
C LEU A 386 14.33 -18.53 -3.00
N GLU A 387 13.96 -18.12 -4.24
CA GLU A 387 14.88 -17.96 -5.37
C GLU A 387 15.80 -16.76 -5.16
N GLN A 388 15.27 -15.69 -4.53
CA GLN A 388 15.98 -14.45 -4.21
C GLN A 388 16.86 -14.64 -2.97
N ARG A 389 16.44 -15.55 -2.07
CA ARG A 389 17.07 -15.90 -0.79
C ARG A 389 18.48 -16.53 -0.91
N ALA A 390 18.86 -17.02 -2.12
CA ALA A 390 20.13 -17.68 -2.48
C ALA A 390 20.28 -19.11 -1.94
N ASP A 391 19.73 -19.40 -0.74
CA ASP A 391 19.75 -20.73 -0.11
C ASP A 391 18.92 -21.72 -0.94
N LYS A 392 17.76 -21.27 -1.45
CA LYS A 392 16.81 -21.98 -2.32
C LYS A 392 16.23 -23.29 -1.72
N ARG A 393 16.54 -23.58 -0.43
CA ARG A 393 16.02 -24.75 0.28
C ARG A 393 14.64 -24.34 0.83
N PRO A 394 13.52 -24.95 0.34
CA PRO A 394 12.18 -24.50 0.77
C PRO A 394 11.89 -24.48 2.27
N VAL A 395 11.38 -23.34 2.75
CA VAL A 395 10.99 -23.08 4.14
C VAL A 395 9.47 -22.79 4.14
N ASN A 396 8.80 -23.01 5.29
CA ASN A 396 7.37 -22.80 5.50
C ASN A 396 6.91 -21.34 5.25
N SER A 397 7.81 -20.37 5.50
CA SER A 397 7.57 -18.92 5.32
C SER A 397 7.22 -18.52 3.88
N ASP A 398 7.75 -19.25 2.88
CA ASP A 398 7.50 -19.01 1.46
C ASP A 398 6.07 -19.42 1.04
N LEU A 399 5.45 -20.33 1.82
CA LEU A 399 4.10 -20.83 1.59
C LEU A 399 3.02 -19.98 2.28
N ARG A 400 3.40 -19.26 3.36
CA ARG A 400 2.51 -18.38 4.14
C ARG A 400 2.06 -17.14 3.33
N GLU A 401 2.86 -16.74 2.32
CA GLU A 401 2.60 -15.61 1.41
C GLU A 401 1.37 -15.86 0.51
N SER A 402 1.08 -17.15 0.22
CA SER A 402 -0.06 -17.60 -0.58
C SER A 402 -1.38 -17.44 0.22
N GLY A 403 -1.33 -17.78 1.52
CA GLY A 403 -2.46 -17.69 2.44
C GLY A 403 -2.22 -18.44 3.75
N SER A 404 -3.31 -18.74 4.47
CA SER A 404 -3.28 -19.47 5.74
C SER A 404 -3.32 -20.97 5.47
N ILE A 405 -2.14 -21.60 5.37
CA ILE A 405 -1.99 -23.03 5.07
C ILE A 405 -1.38 -23.79 6.27
N GLU A 406 -0.26 -23.27 6.82
CA GLU A 406 0.48 -23.86 7.96
C GLU A 406 -0.37 -24.11 9.21
N GLN A 407 -1.32 -23.21 9.50
CA GLN A 407 -2.21 -23.29 10.66
C GLN A 407 -3.18 -24.48 10.59
N ASP A 408 -3.71 -24.76 9.38
CA ASP A 408 -4.67 -25.83 9.12
C ASP A 408 -4.01 -27.20 8.89
N ALA A 409 -2.82 -27.21 8.25
CA ALA A 409 -2.06 -28.41 7.91
C ALA A 409 -1.52 -29.19 9.10
N ASP A 410 -1.45 -30.53 8.96
CA ASP A 410 -0.95 -31.46 9.97
C ASP A 410 0.42 -32.03 9.58
N LEU A 411 0.71 -32.05 8.26
CA LEU A 411 1.97 -32.55 7.71
C LEU A 411 2.34 -31.82 6.41
N ILE A 412 3.50 -31.13 6.40
CA ILE A 412 3.99 -30.41 5.23
C ILE A 412 5.35 -30.96 4.81
N MET A 413 5.46 -31.40 3.53
CA MET A 413 6.68 -31.94 2.95
C MET A 413 7.04 -31.23 1.65
N PHE A 414 8.29 -30.74 1.55
CA PHE A 414 8.78 -30.01 0.39
C PHE A 414 9.72 -30.82 -0.50
N ILE A 415 9.61 -30.64 -1.82
CA ILE A 415 10.46 -31.33 -2.81
C ILE A 415 11.58 -30.37 -3.22
N TYR A 416 12.84 -30.79 -3.00
CA TYR A 416 14.02 -29.98 -3.34
C TYR A 416 15.09 -30.83 -4.02
N ARG A 417 15.32 -30.54 -5.30
CA ARG A 417 16.29 -31.18 -6.17
C ARG A 417 17.40 -30.15 -6.45
N ASP A 418 18.62 -30.45 -6.04
CA ASP A 418 19.77 -29.56 -6.21
C ASP A 418 20.21 -29.45 -7.68
N GLU A 419 19.88 -30.45 -8.52
CA GLU A 419 20.21 -30.49 -9.94
C GLU A 419 19.46 -29.43 -10.78
N VAL A 420 18.37 -28.85 -10.23
CA VAL A 420 17.56 -27.82 -10.88
C VAL A 420 18.33 -26.48 -10.82
N TYR A 421 18.81 -26.10 -9.62
CA TYR A 421 19.55 -24.86 -9.39
C TYR A 421 21.01 -24.93 -9.85
N HIS A 422 21.66 -26.09 -9.67
CA HIS A 422 23.06 -26.30 -10.05
C HIS A 422 23.19 -27.43 -11.07
N PRO A 423 23.93 -27.25 -12.19
CA PRO A 423 24.01 -28.32 -13.21
C PRO A 423 24.69 -29.62 -12.75
N ASP A 424 25.93 -29.54 -12.25
CA ASP A 424 26.69 -30.70 -11.78
C ASP A 424 26.68 -30.82 -10.24
N SER A 425 25.49 -30.58 -9.65
CA SER A 425 25.25 -30.64 -8.21
C SER A 425 25.50 -32.05 -7.64
N PRO A 426 25.97 -32.17 -6.37
CA PRO A 426 26.18 -33.52 -5.80
C PRO A 426 24.87 -34.29 -5.65
N LEU A 427 24.92 -35.61 -5.91
CA LEU A 427 23.78 -36.54 -5.90
C LEU A 427 22.75 -36.12 -6.95
N LYS A 428 23.21 -36.00 -8.21
CA LYS A 428 22.42 -35.63 -9.38
C LYS A 428 21.47 -36.79 -9.70
N GLY A 429 20.19 -36.47 -9.82
CA GLY A 429 19.14 -37.46 -10.06
C GLY A 429 18.54 -37.98 -8.77
N THR A 430 18.86 -37.31 -7.65
CA THR A 430 18.37 -37.66 -6.32
C THR A 430 17.79 -36.40 -5.65
N ALA A 431 16.48 -36.45 -5.35
CA ALA A 431 15.75 -35.36 -4.70
C ALA A 431 15.59 -35.65 -3.20
N GLU A 432 15.52 -34.60 -2.38
CA GLU A 432 15.33 -34.75 -0.94
C GLU A 432 14.01 -34.14 -0.46
N ILE A 433 13.12 -35.01 0.05
CA ILE A 433 11.80 -34.62 0.56
C ILE A 433 11.98 -34.10 1.99
N ILE A 434 12.15 -32.78 2.12
CA ILE A 434 12.37 -32.11 3.40
C ILE A 434 11.02 -31.86 4.10
N ILE A 435 10.79 -32.53 5.24
CA ILE A 435 9.56 -32.40 6.03
C ILE A 435 9.66 -31.12 6.86
N GLY A 436 8.91 -30.11 6.46
CA GLY A 436 8.87 -28.80 7.11
C GLY A 436 7.98 -28.74 8.34
N LYS A 437 6.90 -29.56 8.35
CA LYS A 437 5.94 -29.61 9.46
C LYS A 437 5.38 -31.02 9.64
N GLN A 438 5.19 -31.42 10.92
CA GLN A 438 4.59 -32.70 11.33
C GLN A 438 4.07 -32.57 12.75
N ARG A 439 2.73 -32.53 12.88
CA ARG A 439 2.03 -32.40 14.16
C ARG A 439 2.04 -33.74 14.92
N ASN A 440 1.88 -34.86 14.20
CA ASN A 440 1.86 -36.20 14.76
C ASN A 440 3.24 -36.69 15.20
N GLY A 441 4.22 -36.66 14.28
CA GLY A 441 5.58 -37.11 14.54
C GLY A 441 6.67 -36.06 14.41
N PRO A 442 7.93 -36.48 14.12
CA PRO A 442 9.03 -35.50 14.03
C PRO A 442 9.25 -34.95 12.61
N ILE A 443 10.18 -33.98 12.49
CA ILE A 443 10.55 -33.35 11.22
C ILE A 443 11.99 -33.70 10.80
N GLY A 444 12.20 -33.83 9.49
CA GLY A 444 13.51 -34.17 8.94
C GLY A 444 13.62 -34.02 7.43
N SER A 445 14.41 -34.91 6.80
CA SER A 445 14.64 -34.95 5.35
C SER A 445 14.92 -36.38 4.89
N VAL A 446 14.25 -36.82 3.80
CA VAL A 446 14.38 -38.16 3.23
C VAL A 446 14.83 -38.07 1.75
N ARG A 447 15.99 -38.69 1.42
CA ARG A 447 16.51 -38.70 0.05
C ARG A 447 15.94 -39.87 -0.75
N LEU A 448 15.35 -39.54 -1.91
CA LEU A 448 14.74 -40.52 -2.82
C LEU A 448 15.25 -40.27 -4.25
N THR A 449 15.68 -41.34 -4.93
CA THR A 449 16.19 -41.25 -6.31
C THR A 449 15.05 -40.92 -7.27
N PHE A 450 15.20 -39.81 -8.01
CA PHE A 450 14.22 -39.34 -8.96
C PHE A 450 14.62 -39.70 -10.38
N GLN A 451 13.74 -40.43 -11.08
CA GLN A 451 13.95 -40.84 -12.46
C GLN A 451 13.00 -40.02 -13.34
N GLY A 452 13.55 -38.92 -13.87
CA GLY A 452 12.84 -37.95 -14.70
C GLY A 452 12.17 -38.52 -15.93
N HIS A 453 12.83 -39.49 -16.59
CA HIS A 453 12.36 -40.15 -17.81
C HIS A 453 10.99 -40.80 -17.62
N TYR A 454 10.88 -41.72 -16.64
CA TYR A 454 9.65 -42.46 -16.34
C TYR A 454 8.76 -41.76 -15.30
N SER A 455 9.19 -40.58 -14.80
CA SER A 455 8.51 -39.77 -13.77
C SER A 455 8.24 -40.61 -12.51
N ARG A 456 9.31 -41.24 -12.01
CA ARG A 456 9.31 -42.12 -10.85
C ARG A 456 10.16 -41.63 -9.70
N PHE A 457 9.69 -41.86 -8.47
CA PHE A 457 10.38 -41.56 -7.23
C PHE A 457 10.62 -42.89 -6.54
N ASP A 458 11.88 -43.32 -6.47
CA ASP A 458 12.27 -44.60 -5.86
C ASP A 458 13.18 -44.40 -4.66
N ASN A 459 13.34 -45.44 -3.82
CA ASN A 459 14.17 -45.40 -2.63
C ASN A 459 15.66 -45.38 -2.95
N TYR A 460 16.36 -44.33 -2.48
CA TYR A 460 17.80 -44.15 -2.71
C TYR A 460 18.62 -45.11 -1.83
N ALA A 461 19.66 -45.73 -2.42
CA ALA A 461 20.56 -46.67 -1.74
C ALA A 461 22.00 -46.19 -1.80
N LYS B 22 -46.37 -18.32 -4.57
CA LYS B 22 -45.13 -18.49 -5.34
C LYS B 22 -45.25 -19.61 -6.36
N VAL B 23 -44.82 -19.35 -7.62
CA VAL B 23 -44.87 -20.31 -8.73
C VAL B 23 -43.63 -21.25 -8.72
N PRO B 24 -43.82 -22.60 -8.75
CA PRO B 24 -42.67 -23.50 -8.71
C PRO B 24 -41.76 -23.38 -9.94
N PRO B 25 -40.42 -23.57 -9.80
CA PRO B 25 -39.54 -23.44 -10.97
C PRO B 25 -39.72 -24.53 -12.02
N HIS B 26 -40.34 -24.15 -13.15
CA HIS B 26 -40.64 -25.02 -14.28
C HIS B 26 -40.75 -24.20 -15.57
N SER B 27 -40.56 -24.87 -16.71
CA SER B 27 -40.68 -24.26 -18.03
C SER B 27 -41.45 -25.20 -18.95
N LEU B 28 -42.72 -24.84 -19.24
CA LEU B 28 -43.64 -25.59 -20.08
C LEU B 28 -43.16 -25.68 -21.53
N GLU B 29 -42.53 -24.60 -22.03
CA GLU B 29 -41.99 -24.53 -23.40
C GLU B 29 -40.78 -25.47 -23.54
N ALA B 30 -39.95 -25.56 -22.47
CA ALA B 30 -38.76 -26.42 -22.42
C ALA B 30 -39.15 -27.90 -22.39
N GLU B 31 -40.24 -28.23 -21.68
CA GLU B 31 -40.78 -29.59 -21.57
C GLU B 31 -41.37 -30.02 -22.92
N GLN B 32 -42.02 -29.08 -23.62
CA GLN B 32 -42.62 -29.26 -24.94
C GLN B 32 -41.56 -29.42 -26.02
N SER B 33 -40.43 -28.70 -25.88
CA SER B 33 -39.32 -28.73 -26.85
C SER B 33 -38.55 -30.05 -26.87
N VAL B 34 -38.44 -30.74 -25.72
CA VAL B 34 -37.75 -32.03 -25.58
C VAL B 34 -38.52 -33.11 -26.34
N ILE B 35 -39.84 -33.24 -26.07
CA ILE B 35 -40.71 -34.23 -26.70
C ILE B 35 -40.99 -33.88 -28.17
N GLY B 36 -41.33 -32.62 -28.44
CA GLY B 36 -41.65 -32.09 -29.76
C GLY B 36 -40.59 -32.29 -30.82
N GLY B 37 -39.32 -32.18 -30.42
CA GLY B 37 -38.17 -32.37 -31.31
C GLY B 37 -37.68 -33.80 -31.39
N LEU B 38 -38.12 -34.66 -30.45
CA LEU B 38 -37.74 -36.08 -30.39
C LEU B 38 -38.68 -36.95 -31.22
N LEU B 39 -39.91 -36.46 -31.49
CA LEU B 39 -40.90 -37.15 -32.31
C LEU B 39 -40.44 -37.23 -33.76
N LEU B 40 -39.82 -36.14 -34.25
CA LEU B 40 -39.29 -36.04 -35.62
C LEU B 40 -37.95 -36.78 -35.78
N ASP B 41 -37.04 -36.63 -34.79
CA ASP B 41 -35.74 -37.30 -34.80
C ASP B 41 -35.60 -38.25 -33.60
N ASN B 42 -35.69 -39.56 -33.88
CA ASN B 42 -35.61 -40.63 -32.90
C ASN B 42 -34.17 -40.90 -32.45
N GLU B 43 -33.20 -40.65 -33.34
CA GLU B 43 -31.76 -40.85 -33.13
C GLU B 43 -31.15 -40.05 -31.97
N ARG B 44 -31.78 -38.91 -31.60
CA ARG B 44 -31.29 -38.05 -30.53
C ARG B 44 -31.54 -38.62 -29.11
N TRP B 45 -32.45 -39.61 -28.97
CA TRP B 45 -32.79 -40.24 -27.68
C TRP B 45 -31.57 -40.76 -26.88
N ASP B 46 -30.50 -41.19 -27.58
CA ASP B 46 -29.25 -41.70 -26.99
C ASP B 46 -28.60 -40.72 -26.02
N THR B 47 -28.60 -39.42 -26.35
CA THR B 47 -28.00 -38.36 -25.54
C THR B 47 -29.02 -37.58 -24.70
N VAL B 48 -30.31 -37.59 -25.10
CA VAL B 48 -31.39 -36.90 -24.38
C VAL B 48 -31.76 -37.64 -23.08
N SER B 49 -31.86 -38.98 -23.13
CA SER B 49 -32.17 -39.85 -21.98
C SER B 49 -31.11 -39.79 -20.87
N GLU B 50 -29.87 -39.39 -21.24
CA GLU B 50 -28.71 -39.22 -20.36
C GLU B 50 -28.91 -38.05 -19.37
N HIS B 51 -29.60 -36.98 -19.82
CA HIS B 51 -29.85 -35.77 -19.03
C HIS B 51 -31.13 -35.80 -18.18
N VAL B 52 -32.27 -36.20 -18.78
CA VAL B 52 -33.57 -36.20 -18.08
C VAL B 52 -34.27 -37.56 -18.06
N MET B 53 -35.23 -37.70 -17.12
CA MET B 53 -36.09 -38.87 -16.92
C MET B 53 -37.56 -38.42 -16.73
N THR B 54 -38.47 -39.37 -16.46
CA THR B 54 -39.90 -39.11 -16.25
C THR B 54 -40.17 -38.19 -15.05
N GLN B 55 -39.38 -38.35 -13.97
CA GLN B 55 -39.48 -37.58 -12.71
C GLN B 55 -39.19 -36.08 -12.88
N ASP B 56 -38.31 -35.71 -13.84
CA ASP B 56 -37.91 -34.34 -14.11
C ASP B 56 -39.02 -33.44 -14.66
N PHE B 57 -40.04 -34.04 -15.32
CA PHE B 57 -41.18 -33.31 -15.88
C PHE B 57 -42.14 -32.82 -14.80
N TYR B 58 -42.52 -31.53 -14.87
CA TYR B 58 -43.40 -30.85 -13.91
C TYR B 58 -44.85 -31.35 -13.94
N SER B 59 -45.63 -30.98 -14.99
CA SER B 59 -47.04 -31.34 -15.14
C SER B 59 -47.28 -32.82 -15.39
N ARG B 60 -48.44 -33.31 -14.92
CA ARG B 60 -48.90 -34.70 -15.07
C ARG B 60 -49.07 -35.14 -16.55
N PRO B 61 -49.69 -34.34 -17.48
CA PRO B 61 -49.80 -34.81 -18.88
C PRO B 61 -48.45 -34.99 -19.56
N HIS B 62 -47.47 -34.12 -19.23
CA HIS B 62 -46.10 -34.18 -19.77
C HIS B 62 -45.36 -35.44 -19.28
N ARG B 63 -45.62 -35.85 -18.02
CA ARG B 63 -45.03 -37.05 -17.42
C ARG B 63 -45.56 -38.33 -18.07
N LEU B 64 -46.88 -38.36 -18.38
CA LEU B 64 -47.55 -39.50 -19.00
C LEU B 64 -47.08 -39.72 -20.45
N ILE B 65 -46.86 -38.63 -21.20
CA ILE B 65 -46.39 -38.64 -22.59
C ILE B 65 -44.95 -39.16 -22.67
N PHE B 66 -44.05 -38.64 -21.80
CA PHE B 66 -42.65 -39.04 -21.75
C PHE B 66 -42.46 -40.50 -21.32
N ASP B 67 -43.37 -41.00 -20.46
CA ASP B 67 -43.37 -42.39 -19.97
C ASP B 67 -43.56 -43.40 -21.10
N GLY B 68 -44.27 -42.98 -22.15
CA GLY B 68 -44.50 -43.76 -23.36
C GLY B 68 -43.29 -43.72 -24.28
N VAL B 69 -42.67 -42.52 -24.40
CA VAL B 69 -41.47 -42.24 -25.20
C VAL B 69 -40.30 -43.12 -24.71
N LYS B 70 -40.13 -43.20 -23.38
CA LYS B 70 -39.10 -43.96 -22.68
C LYS B 70 -39.22 -45.47 -22.95
N SER B 71 -40.46 -45.97 -23.12
CA SER B 71 -40.75 -47.40 -23.37
C SER B 71 -40.63 -47.80 -24.83
N ILE B 72 -41.15 -46.97 -25.76
CA ILE B 72 -41.13 -47.23 -27.20
C ILE B 72 -39.70 -47.17 -27.78
N LEU B 73 -38.98 -46.07 -27.52
CA LEU B 73 -37.62 -45.87 -28.02
C LEU B 73 -36.56 -46.81 -27.43
N GLU B 74 -36.80 -47.35 -26.22
CA GLU B 74 -35.89 -48.29 -25.54
C GLU B 74 -35.85 -49.64 -26.27
N ALA B 75 -37.01 -50.10 -26.79
CA ALA B 75 -37.15 -51.36 -27.54
C ALA B 75 -36.56 -51.23 -28.95
N GLY B 76 -36.50 -50.00 -29.45
CA GLY B 76 -35.99 -49.68 -30.78
C GLY B 76 -37.08 -49.43 -31.80
N LYS B 77 -38.35 -49.50 -31.35
CA LYS B 77 -39.54 -49.29 -32.18
C LYS B 77 -39.65 -47.83 -32.64
N PRO B 78 -40.08 -47.56 -33.91
CA PRO B 78 -40.16 -46.16 -34.37
C PRO B 78 -41.20 -45.34 -33.62
N LEU B 79 -40.82 -44.12 -33.22
CA LEU B 79 -41.68 -43.20 -32.48
C LEU B 79 -42.22 -42.10 -33.40
N ASP B 80 -43.55 -41.95 -33.42
CA ASP B 80 -44.26 -40.94 -34.21
C ASP B 80 -45.55 -40.48 -33.51
N LEU B 81 -46.44 -39.78 -34.23
CA LEU B 81 -47.69 -39.25 -33.69
C LEU B 81 -48.74 -40.31 -33.35
N ILE B 82 -48.87 -41.36 -34.19
CA ILE B 82 -49.86 -42.43 -33.98
C ILE B 82 -49.32 -43.55 -33.05
N THR B 83 -48.03 -43.95 -33.18
CA THR B 83 -47.42 -44.99 -32.33
C THR B 83 -47.48 -44.62 -30.84
N LEU B 84 -47.32 -43.33 -30.53
CA LEU B 84 -47.38 -42.78 -29.17
C LEU B 84 -48.84 -42.64 -28.72
N SER B 85 -49.75 -42.30 -29.67
CA SER B 85 -51.18 -42.14 -29.42
C SER B 85 -51.82 -43.48 -29.01
N GLU B 86 -51.42 -44.59 -29.66
CA GLU B 86 -51.93 -45.94 -29.38
C GLU B 86 -51.49 -46.47 -28.02
N TYR B 87 -50.31 -46.04 -27.54
CA TYR B 87 -49.77 -46.41 -26.23
C TYR B 87 -50.63 -45.77 -25.13
N LEU B 88 -51.09 -44.52 -25.37
CA LEU B 88 -51.94 -43.75 -24.46
C LEU B 88 -53.41 -44.19 -24.54
N GLU B 89 -53.92 -44.48 -25.76
CA GLU B 89 -55.30 -44.90 -26.02
C GLU B 89 -55.65 -46.22 -25.33
N GLN B 90 -54.69 -47.18 -25.30
CA GLN B 90 -54.86 -48.49 -24.67
C GLN B 90 -54.94 -48.36 -23.14
N ARG B 91 -54.12 -47.45 -22.58
CA ARG B 91 -54.06 -47.17 -21.14
C ARG B 91 -55.09 -46.10 -20.72
N GLU B 92 -55.87 -45.59 -21.69
CA GLU B 92 -56.92 -44.56 -21.55
C GLU B 92 -56.39 -43.26 -20.93
N GLN B 93 -55.17 -42.87 -21.34
CA GLN B 93 -54.45 -41.69 -20.90
C GLN B 93 -54.47 -40.61 -21.98
N LEU B 94 -54.88 -40.98 -23.22
CA LEU B 94 -54.97 -40.10 -24.40
C LEU B 94 -55.96 -38.94 -24.19
N GLU B 95 -57.16 -39.25 -23.66
CA GLU B 95 -58.18 -38.24 -23.38
C GLU B 95 -57.83 -37.43 -22.13
N ASP B 96 -56.90 -37.94 -21.30
CA ASP B 96 -56.42 -37.32 -20.06
C ASP B 96 -55.27 -36.32 -20.30
N VAL B 97 -54.37 -36.62 -21.27
CA VAL B 97 -53.23 -35.74 -21.60
C VAL B 97 -53.68 -34.48 -22.38
N GLY B 98 -54.80 -34.59 -23.10
CA GLY B 98 -55.37 -33.50 -23.89
C GLY B 98 -55.70 -33.87 -25.32
N GLY B 99 -56.15 -35.11 -25.52
CA GLY B 99 -56.52 -35.65 -26.83
C GLY B 99 -55.34 -35.79 -27.78
N PHE B 100 -55.65 -35.95 -29.08
CA PHE B 100 -54.62 -36.05 -30.13
C PHE B 100 -54.12 -34.66 -30.51
N ALA B 101 -54.96 -33.61 -30.27
CA ALA B 101 -54.67 -32.20 -30.54
C ALA B 101 -53.42 -31.70 -29.81
N TYR B 102 -53.16 -32.22 -28.59
CA TYR B 102 -51.99 -31.89 -27.79
C TYR B 102 -50.72 -32.48 -28.42
N LEU B 103 -50.82 -33.72 -28.94
CA LEU B 103 -49.74 -34.44 -29.62
C LEU B 103 -49.47 -33.83 -31.00
N ALA B 104 -50.53 -33.37 -31.69
CA ALA B 104 -50.48 -32.76 -33.00
C ALA B 104 -49.78 -31.39 -32.97
N ASP B 105 -50.11 -30.56 -31.97
CA ASP B 105 -49.53 -29.23 -31.77
C ASP B 105 -48.08 -29.33 -31.28
N LEU B 106 -47.72 -30.46 -30.65
CA LEU B 106 -46.37 -30.74 -30.13
C LEU B 106 -45.39 -30.98 -31.27
N ALA B 107 -45.81 -31.74 -32.31
CA ALA B 107 -45.02 -32.04 -33.50
C ALA B 107 -44.86 -30.80 -34.38
N LYS B 108 -45.90 -29.94 -34.42
CA LYS B 108 -45.95 -28.67 -35.15
C LYS B 108 -44.94 -27.68 -34.56
N ASN B 109 -44.92 -27.57 -33.21
CA ASN B 109 -44.01 -26.70 -32.46
C ASN B 109 -42.59 -27.26 -32.51
N THR B 110 -41.58 -26.36 -32.37
CA THR B 110 -40.12 -26.58 -32.37
C THR B 110 -39.70 -27.62 -33.46
N PRO B 111 -39.55 -27.19 -34.74
CA PRO B 111 -39.09 -28.12 -35.78
C PRO B 111 -37.57 -28.25 -35.85
N SER B 112 -36.86 -27.66 -34.86
CA SER B 112 -35.41 -27.63 -34.72
C SER B 112 -34.86 -28.97 -34.20
N ALA B 113 -33.62 -29.30 -34.61
CA ALA B 113 -32.90 -30.51 -34.24
C ALA B 113 -31.52 -30.16 -33.64
N ALA B 114 -30.78 -31.16 -33.11
CA ALA B 114 -29.45 -31.09 -32.48
C ALA B 114 -29.39 -30.29 -31.16
N ASN B 115 -30.24 -29.26 -31.01
CA ASN B 115 -30.33 -28.42 -29.82
C ASN B 115 -31.27 -29.02 -28.74
N ILE B 116 -31.72 -30.27 -28.96
CA ILE B 116 -32.61 -31.03 -28.06
C ILE B 116 -31.86 -31.40 -26.78
N ASN B 117 -30.54 -31.63 -26.88
CA ASN B 117 -29.64 -31.95 -25.76
C ASN B 117 -29.54 -30.74 -24.82
N ALA B 118 -29.60 -29.52 -25.39
CA ALA B 118 -29.59 -28.26 -24.65
C ALA B 118 -30.94 -28.02 -23.98
N TYR B 119 -32.04 -28.48 -24.61
CA TYR B 119 -33.40 -28.37 -24.08
C TYR B 119 -33.59 -29.32 -22.88
N ALA B 120 -32.90 -30.47 -22.90
CA ALA B 120 -32.95 -31.48 -21.84
C ALA B 120 -32.23 -30.98 -20.58
N GLU B 121 -31.18 -30.17 -20.76
CA GLU B 121 -30.37 -29.60 -19.67
C GLU B 121 -31.16 -28.57 -18.85
N ILE B 122 -32.00 -27.73 -19.52
CA ILE B 122 -32.82 -26.72 -18.86
C ILE B 122 -34.06 -27.32 -18.16
N VAL B 123 -34.47 -28.54 -18.56
CA VAL B 123 -35.60 -29.25 -17.93
C VAL B 123 -35.09 -29.83 -16.58
N ALA B 124 -33.85 -30.36 -16.60
CA ALA B 124 -33.16 -30.91 -15.42
C ALA B 124 -32.78 -29.79 -14.43
N GLU B 125 -32.52 -28.58 -14.97
CA GLU B 125 -32.18 -27.36 -14.22
C GLU B 125 -33.35 -26.93 -13.34
N ARG B 126 -34.57 -26.82 -13.93
CA ARG B 126 -35.80 -26.42 -13.23
C ARG B 126 -36.24 -27.49 -12.22
N ALA B 127 -36.02 -28.78 -12.53
CA ALA B 127 -36.37 -29.92 -11.68
C ALA B 127 -35.48 -30.01 -10.43
N LEU B 128 -34.16 -29.73 -10.58
CA LEU B 128 -33.20 -29.76 -9.48
C LEU B 128 -33.46 -28.66 -8.45
N VAL B 129 -33.85 -27.46 -8.92
CA VAL B 129 -34.19 -26.31 -8.07
C VAL B 129 -35.50 -26.60 -7.33
N ARG B 130 -36.46 -27.26 -8.02
CA ARG B 130 -37.76 -27.66 -7.48
C ARG B 130 -37.58 -28.68 -6.35
N ASN B 131 -36.59 -29.59 -6.48
CA ASN B 131 -36.25 -30.61 -5.48
C ASN B 131 -35.57 -29.95 -4.28
N LEU B 132 -34.75 -28.89 -4.54
CA LEU B 132 -34.01 -28.12 -3.54
C LEU B 132 -34.98 -27.32 -2.65
N ILE B 133 -36.05 -26.75 -3.24
CA ILE B 133 -37.08 -25.99 -2.52
C ILE B 133 -37.91 -26.94 -1.65
N GLY B 134 -38.18 -28.14 -2.18
CA GLY B 134 -38.90 -29.20 -1.48
C GLY B 134 -38.18 -29.68 -0.23
N VAL B 135 -36.83 -29.60 -0.25
CA VAL B 135 -35.94 -29.95 0.86
C VAL B 135 -35.84 -28.73 1.82
N ALA B 136 -35.77 -27.50 1.24
CA ALA B 136 -35.71 -26.24 2.00
C ALA B 136 -36.98 -26.04 2.84
N ASN B 137 -38.15 -26.40 2.28
CA ASN B 137 -39.43 -26.31 2.97
C ASN B 137 -39.55 -27.41 4.03
N GLU B 138 -38.94 -28.59 3.78
CA GLU B 138 -38.92 -29.74 4.69
C GLU B 138 -38.15 -29.39 5.97
N ILE B 139 -37.04 -28.63 5.84
CA ILE B 139 -36.20 -28.17 6.95
C ILE B 139 -36.95 -27.10 7.76
N ALA B 140 -37.57 -26.12 7.06
CA ALA B 140 -38.33 -25.02 7.66
C ALA B 140 -39.53 -25.52 8.48
N ASP B 141 -40.31 -26.47 7.93
CA ASP B 141 -41.47 -27.06 8.60
C ASP B 141 -41.06 -27.91 9.82
N ALA B 142 -39.88 -28.58 9.74
CA ALA B 142 -39.33 -29.39 10.82
C ALA B 142 -38.76 -28.50 11.93
N GLY B 143 -38.37 -27.27 11.57
CA GLY B 143 -37.83 -26.29 12.49
C GLY B 143 -38.88 -25.74 13.44
N TYR B 144 -40.03 -25.31 12.89
CA TYR B 144 -41.15 -24.78 13.66
C TYR B 144 -41.88 -25.89 14.42
N ASP B 145 -41.95 -27.11 13.82
CA ASP B 145 -42.57 -28.29 14.41
C ASP B 145 -41.48 -29.37 14.65
N PRO B 146 -40.75 -29.32 15.78
CA PRO B 146 -39.68 -30.30 16.01
C PRO B 146 -40.19 -31.70 16.39
N GLN B 147 -41.14 -31.77 17.34
CA GLN B 147 -41.77 -33.00 17.86
C GLN B 147 -40.71 -33.99 18.39
N GLY B 148 -39.95 -33.54 19.39
CA GLY B 148 -38.90 -34.32 20.04
C GLY B 148 -37.50 -34.09 19.49
N ARG B 149 -37.40 -33.61 18.23
CA ARG B 149 -36.14 -33.33 17.54
C ARG B 149 -35.39 -32.15 18.16
N ASN B 150 -34.15 -32.38 18.61
CA ASN B 150 -33.27 -31.39 19.21
C ASN B 150 -32.49 -30.63 18.11
N ALA B 151 -31.70 -29.61 18.50
CA ALA B 151 -30.89 -28.81 17.57
C ALA B 151 -29.84 -29.66 16.85
N GLU B 152 -29.25 -30.64 17.57
CA GLU B 152 -28.25 -31.58 17.03
C GLU B 152 -28.92 -32.54 16.04
N ASP B 153 -30.14 -33.01 16.38
CA ASP B 153 -30.94 -33.92 15.56
C ASP B 153 -31.44 -33.23 14.28
N LEU B 154 -31.87 -31.96 14.39
CA LEU B 154 -32.35 -31.15 13.27
C LEU B 154 -31.23 -30.75 12.31
N LEU B 155 -29.99 -30.61 12.82
CA LEU B 155 -28.81 -30.25 12.03
C LEU B 155 -28.42 -31.41 11.11
N ASP B 156 -28.47 -32.66 11.64
CA ASP B 156 -28.15 -33.88 10.89
C ASP B 156 -29.19 -34.16 9.80
N LEU B 157 -30.48 -33.92 10.13
CA LEU B 157 -31.61 -34.12 9.22
C LEU B 157 -31.57 -33.13 8.05
N ALA B 158 -31.12 -31.87 8.31
CA ALA B 158 -31.01 -30.82 7.32
C ALA B 158 -29.86 -31.06 6.33
N GLU B 159 -28.68 -31.46 6.84
CA GLU B 159 -27.49 -31.72 6.02
C GLU B 159 -27.63 -32.99 5.18
N SER B 160 -28.21 -34.08 5.74
CA SER B 160 -28.40 -35.35 5.05
C SER B 160 -29.33 -35.21 3.85
N LYS B 161 -30.39 -34.39 3.98
CA LYS B 161 -31.37 -34.12 2.92
C LYS B 161 -30.77 -33.24 1.81
N VAL B 162 -29.89 -32.29 2.18
CA VAL B 162 -29.20 -31.38 1.24
C VAL B 162 -28.15 -32.16 0.42
N PHE B 163 -27.42 -33.08 1.08
CA PHE B 163 -26.41 -33.93 0.44
C PHE B 163 -27.00 -34.91 -0.59
N ALA B 164 -28.28 -35.29 -0.40
CA ALA B 164 -29.02 -36.20 -1.29
C ALA B 164 -29.21 -35.60 -2.69
N ILE B 165 -29.34 -34.27 -2.80
CA ILE B 165 -29.49 -33.55 -4.06
C ILE B 165 -28.12 -33.47 -4.75
N ALA B 166 -27.05 -33.23 -3.96
CA ALA B 166 -25.66 -33.14 -4.42
C ALA B 166 -25.14 -34.51 -4.87
N GLU B 167 -25.64 -35.60 -4.25
CA GLU B 167 -25.27 -36.99 -4.55
C GLU B 167 -25.94 -37.44 -5.85
N ALA B 168 -27.23 -37.07 -6.05
CA ALA B 168 -28.04 -37.38 -7.24
C ALA B 168 -27.53 -36.63 -8.47
N ARG B 169 -26.93 -35.43 -8.25
CA ARG B 169 -26.36 -34.57 -9.29
C ARG B 169 -25.09 -35.23 -9.86
N THR B 170 -25.17 -35.69 -11.12
CA THR B 170 -24.09 -36.38 -11.85
C THR B 170 -23.79 -35.60 -13.13
N SER B 171 -23.18 -34.41 -12.97
CA SER B 171 -22.81 -33.56 -14.10
C SER B 171 -21.68 -34.21 -14.89
N GLU B 172 -21.92 -34.47 -16.17
CA GLU B 172 -21.00 -35.14 -17.09
C GLU B 172 -19.62 -34.45 -17.31
N ASN B 173 -19.48 -33.54 -18.32
CA ASN B 173 -18.28 -32.76 -18.75
C ASN B 173 -17.21 -32.51 -17.67
N GLU B 174 -17.63 -32.12 -16.44
CA GLU B 174 -16.72 -31.88 -15.33
C GLU B 174 -16.55 -33.07 -14.31
N GLY B 175 -17.58 -33.91 -14.10
CA GLY B 175 -17.62 -35.01 -13.14
C GLY B 175 -16.49 -36.04 -13.09
N PRO B 176 -16.55 -36.99 -12.13
CA PRO B 176 -15.49 -38.01 -12.01
C PRO B 176 -15.43 -39.01 -13.17
N LYS B 177 -14.22 -39.54 -13.42
CA LYS B 177 -13.96 -40.52 -14.47
C LYS B 177 -13.27 -41.76 -13.89
N ASN B 178 -13.82 -42.94 -14.18
CA ASN B 178 -13.25 -44.22 -13.77
C ASN B 178 -12.12 -44.57 -14.75
N VAL B 179 -11.16 -45.40 -14.32
CA VAL B 179 -10.01 -45.83 -15.13
C VAL B 179 -10.40 -46.45 -16.49
N ASP B 180 -11.57 -47.11 -16.57
CA ASP B 180 -12.11 -47.73 -17.79
C ASP B 180 -12.22 -46.73 -18.95
N SER B 181 -12.80 -45.54 -18.68
CA SER B 181 -12.98 -44.47 -19.68
C SER B 181 -11.67 -43.77 -20.03
N ILE B 182 -10.75 -43.64 -19.04
CA ILE B 182 -9.45 -42.98 -19.21
C ILE B 182 -8.48 -43.86 -20.01
N LEU B 183 -8.28 -45.13 -19.61
CA LEU B 183 -7.39 -46.09 -20.28
C LEU B 183 -7.70 -46.26 -21.76
N GLU B 184 -9.00 -46.37 -22.11
CA GLU B 184 -9.48 -46.51 -23.49
C GLU B 184 -9.12 -45.27 -24.32
N ARG B 185 -9.22 -44.07 -23.73
CA ARG B 185 -8.89 -42.79 -24.36
C ARG B 185 -7.37 -42.61 -24.50
N THR B 186 -6.60 -43.07 -23.48
CA THR B 186 -5.13 -42.99 -23.44
C THR B 186 -4.50 -43.98 -24.43
N LEU B 187 -4.98 -45.24 -24.45
CA LEU B 187 -4.46 -46.30 -25.34
C LEU B 187 -4.72 -46.01 -26.82
N GLU B 188 -5.83 -45.32 -27.14
CA GLU B 188 -6.19 -44.92 -28.52
C GLU B 188 -5.21 -43.87 -29.04
N ARG B 189 -4.71 -42.99 -28.13
CA ARG B 189 -3.74 -41.94 -28.43
C ARG B 189 -2.38 -42.55 -28.77
N ILE B 190 -1.91 -43.53 -27.96
CA ILE B 190 -0.64 -44.24 -28.16
C ILE B 190 -0.68 -45.09 -29.44
N GLU B 191 -1.84 -45.75 -29.73
CA GLU B 191 -2.06 -46.58 -30.91
C GLU B 191 -1.95 -45.76 -32.21
N LEU B 192 -2.58 -44.58 -32.26
CA LEU B 192 -2.54 -43.68 -33.42
C LEU B 192 -1.13 -43.09 -33.65
N LEU B 193 -0.39 -42.85 -32.54
CA LEU B 193 0.97 -42.33 -32.57
C LEU B 193 1.99 -43.40 -33.05
N TYR B 194 1.78 -44.67 -32.65
CA TYR B 194 2.62 -45.82 -33.04
C TYR B 194 2.41 -46.17 -34.52
N LYS B 195 1.18 -45.96 -35.03
CA LYS B 195 0.76 -46.23 -36.41
C LYS B 195 1.42 -45.27 -37.41
N THR B 196 1.37 -43.95 -37.14
CA THR B 196 1.94 -42.89 -37.99
C THR B 196 3.46 -42.74 -37.86
N PRO B 197 4.20 -42.43 -38.96
CA PRO B 197 5.66 -42.24 -38.84
C PRO B 197 6.01 -40.93 -38.18
N GLN B 198 6.30 -41.02 -36.88
CA GLN B 198 6.66 -39.92 -35.98
C GLN B 198 7.88 -39.11 -36.43
N ASP B 199 9.07 -39.76 -36.56
CA ASP B 199 10.35 -39.15 -36.94
C ASP B 199 10.81 -38.07 -35.93
N GLY B 200 10.41 -38.25 -34.66
CA GLY B 200 10.76 -37.34 -33.57
C GLY B 200 9.79 -36.19 -33.37
N VAL B 201 9.38 -35.54 -34.47
CA VAL B 201 8.41 -34.43 -34.50
C VAL B 201 7.00 -34.97 -34.16
N THR B 202 6.36 -34.38 -33.15
CA THR B 202 5.00 -34.75 -32.72
C THR B 202 4.19 -33.50 -32.42
N GLY B 203 3.23 -33.22 -33.29
CA GLY B 203 2.36 -32.06 -33.20
C GLY B 203 2.73 -31.02 -34.24
N VAL B 204 3.45 -29.96 -33.81
CA VAL B 204 3.88 -28.85 -34.68
C VAL B 204 5.40 -28.84 -34.81
N ASN B 205 5.90 -28.81 -36.06
CA ASN B 205 7.33 -28.78 -36.37
C ASN B 205 7.93 -27.41 -36.09
N THR B 206 8.98 -27.37 -35.25
CA THR B 206 9.68 -26.14 -34.86
C THR B 206 10.55 -25.61 -36.01
N GLY B 207 11.13 -26.53 -36.78
CA GLY B 207 12.01 -26.22 -37.91
C GLY B 207 13.47 -26.50 -37.61
N PHE B 208 13.80 -26.71 -36.31
CA PHE B 208 15.16 -26.99 -35.84
C PHE B 208 15.25 -28.43 -35.36
N THR B 209 16.12 -29.22 -36.01
CA THR B 209 16.35 -30.64 -35.73
C THR B 209 16.89 -30.90 -34.32
N ASP B 210 17.82 -30.05 -33.85
CA ASP B 210 18.43 -30.14 -32.51
C ASP B 210 17.42 -29.83 -31.41
N LEU B 211 16.48 -28.90 -31.69
CA LEU B 211 15.42 -28.50 -30.76
C LEU B 211 14.31 -29.56 -30.68
N ASN B 212 13.90 -30.12 -31.85
CA ASN B 212 12.86 -31.16 -31.96
C ASN B 212 13.15 -32.43 -31.16
N LYS B 213 14.44 -32.71 -30.90
CA LYS B 213 14.88 -33.89 -30.13
C LYS B 213 14.48 -33.78 -28.65
N LYS B 214 14.58 -32.56 -28.07
CA LYS B 214 14.24 -32.28 -26.68
C LYS B 214 12.78 -31.86 -26.50
N THR B 215 12.29 -30.95 -27.37
CA THR B 215 10.94 -30.39 -27.34
C THR B 215 9.88 -31.43 -27.72
N ALA B 216 10.20 -32.34 -28.67
CA ALA B 216 9.31 -33.37 -29.25
C ALA B 216 8.11 -32.71 -29.93
N GLY B 217 8.39 -31.61 -30.62
CA GLY B 217 7.41 -30.79 -31.33
C GLY B 217 6.57 -29.91 -30.41
N LEU B 218 6.00 -28.83 -30.98
CA LEU B 218 5.14 -27.92 -30.21
C LEU B 218 3.78 -28.59 -30.02
N GLN B 219 3.61 -29.26 -28.87
CA GLN B 219 2.42 -30.01 -28.48
C GLN B 219 1.14 -29.18 -28.50
N GLY B 220 0.02 -29.81 -28.84
CA GLY B 220 -1.28 -29.16 -28.89
C GLY B 220 -1.86 -28.90 -27.51
N SER B 221 -2.71 -27.87 -27.40
CA SER B 221 -3.45 -27.41 -26.20
C SER B 221 -2.57 -26.95 -25.00
N ASP B 222 -1.22 -27.01 -25.10
CA ASP B 222 -0.37 -26.59 -23.99
C ASP B 222 0.23 -25.19 -24.22
N LEU B 223 0.45 -24.43 -23.13
CA LEU B 223 0.97 -23.07 -23.13
C LEU B 223 2.50 -23.01 -23.16
N ILE B 224 3.05 -22.29 -24.15
CA ILE B 224 4.50 -22.11 -24.36
C ILE B 224 4.89 -20.65 -24.20
N ILE B 225 5.89 -20.37 -23.34
CA ILE B 225 6.38 -19.01 -23.11
C ILE B 225 7.85 -18.91 -23.52
N VAL B 226 8.13 -17.98 -24.45
CA VAL B 226 9.48 -17.69 -24.96
C VAL B 226 9.89 -16.35 -24.32
N ALA B 227 10.76 -16.40 -23.31
CA ALA B 227 11.19 -15.23 -22.57
C ALA B 227 12.68 -14.93 -22.72
N ALA B 228 13.03 -13.63 -22.88
CA ALA B 228 14.41 -13.14 -23.02
C ALA B 228 14.53 -11.67 -22.65
N ARG B 229 15.78 -11.21 -22.41
CA ARG B 229 16.14 -9.82 -22.09
C ARG B 229 15.85 -8.93 -23.34
N PRO B 230 15.48 -7.62 -23.20
CA PRO B 230 15.20 -6.81 -24.39
C PRO B 230 16.31 -6.82 -25.46
N SER B 231 15.91 -6.86 -26.74
CA SER B 231 16.76 -6.90 -27.93
C SER B 231 17.61 -8.18 -28.06
N MET B 232 17.17 -9.28 -27.41
CA MET B 232 17.85 -10.57 -27.48
C MET B 232 17.39 -11.36 -28.71
N GLY B 233 16.14 -11.16 -29.10
CA GLY B 233 15.52 -11.81 -30.25
C GLY B 233 14.29 -12.60 -29.91
N LYS B 234 13.39 -12.03 -29.09
CA LYS B 234 12.12 -12.65 -28.70
C LYS B 234 11.22 -12.76 -29.92
N THR B 235 10.95 -11.61 -30.59
CA THR B 235 10.15 -11.50 -31.80
C THR B 235 10.84 -12.24 -32.96
N THR B 236 12.19 -12.18 -33.01
CA THR B 236 13.02 -12.84 -34.02
C THR B 236 12.86 -14.37 -33.97
N PHE B 237 13.04 -14.98 -32.78
CA PHE B 237 12.92 -16.43 -32.59
C PHE B 237 11.48 -16.92 -32.76
N ALA B 238 10.49 -16.14 -32.27
CA ALA B 238 9.07 -16.47 -32.37
C ALA B 238 8.64 -16.49 -33.84
N MET B 239 9.13 -15.53 -34.64
CA MET B 239 8.84 -15.47 -36.07
C MET B 239 9.53 -16.61 -36.81
N ASN B 240 10.77 -16.97 -36.37
CA ASN B 240 11.56 -18.07 -36.93
C ASN B 240 10.86 -19.42 -36.76
N LEU B 241 9.98 -19.54 -35.73
CA LEU B 241 9.16 -20.72 -35.46
C LEU B 241 7.96 -20.68 -36.41
N CYS B 242 7.39 -19.47 -36.62
CA CYS B 242 6.24 -19.21 -37.50
C CYS B 242 6.57 -19.34 -38.99
N GLU B 243 7.87 -19.20 -39.37
CA GLU B 243 8.32 -19.35 -40.77
C GLU B 243 8.04 -20.80 -41.16
N ASN B 244 8.55 -21.75 -40.35
CA ASN B 244 8.42 -23.18 -40.53
C ASN B 244 7.02 -23.70 -40.21
N ALA B 245 6.30 -23.04 -39.28
CA ALA B 245 4.93 -23.41 -38.89
C ALA B 245 3.92 -23.18 -40.02
N ALA B 246 4.14 -22.14 -40.85
CA ALA B 246 3.29 -21.81 -41.99
C ALA B 246 3.62 -22.71 -43.19
N MET B 247 4.89 -23.13 -43.31
CA MET B 247 5.37 -24.00 -44.40
C MET B 247 5.02 -25.47 -44.16
N GLU B 248 5.37 -26.03 -42.98
CA GLU B 248 5.14 -27.43 -42.63
C GLU B 248 3.67 -27.75 -42.39
N GLN B 249 3.02 -27.07 -41.43
CA GLN B 249 1.62 -27.30 -41.09
C GLN B 249 0.65 -26.73 -42.12
N ASP B 250 -0.35 -27.54 -42.48
CA ASP B 250 -1.41 -27.22 -43.46
C ASP B 250 -2.41 -26.17 -42.92
N LYS B 251 -2.74 -26.25 -41.61
CA LYS B 251 -3.67 -25.33 -40.95
C LYS B 251 -3.03 -23.96 -40.69
N PRO B 252 -3.81 -22.84 -40.81
CA PRO B 252 -3.21 -21.50 -40.64
C PRO B 252 -2.65 -21.16 -39.26
N VAL B 253 -1.70 -20.21 -39.24
CA VAL B 253 -1.02 -19.68 -38.03
C VAL B 253 -1.46 -18.24 -37.76
N LEU B 254 -1.87 -17.96 -36.50
CA LEU B 254 -2.34 -16.65 -36.07
C LEU B 254 -1.29 -15.95 -35.20
N ILE B 255 -0.96 -14.69 -35.53
CA ILE B 255 0.04 -13.88 -34.84
C ILE B 255 -0.56 -12.54 -34.38
N PHE B 256 -0.41 -12.22 -33.09
CA PHE B 256 -0.91 -10.98 -32.50
C PHE B 256 0.28 -10.04 -32.27
N SER B 257 0.53 -9.12 -33.22
CA SER B 257 1.64 -8.18 -33.12
C SER B 257 1.21 -6.92 -32.37
N LEU B 258 1.63 -6.83 -31.09
CA LEU B 258 1.29 -5.72 -30.19
C LEU B 258 2.32 -4.59 -30.22
N GLU B 259 3.61 -4.93 -30.15
CA GLU B 259 4.72 -3.98 -30.12
C GLU B 259 4.95 -3.29 -31.48
N MET B 260 5.28 -4.08 -32.52
CA MET B 260 5.56 -3.59 -33.87
C MET B 260 4.40 -3.84 -34.85
N PRO B 261 4.26 -3.06 -35.96
CA PRO B 261 3.12 -3.30 -36.87
C PRO B 261 3.31 -4.51 -37.79
N ALA B 262 2.26 -4.84 -38.57
CA ALA B 262 2.23 -5.95 -39.53
C ALA B 262 3.27 -5.81 -40.64
N GLU B 263 3.61 -4.56 -41.02
CA GLU B 263 4.58 -4.23 -42.07
C GLU B 263 6.02 -4.58 -41.65
N GLN B 264 6.39 -4.23 -40.40
CA GLN B 264 7.71 -4.49 -39.81
C GLN B 264 7.97 -6.00 -39.68
N ILE B 265 6.92 -6.77 -39.35
CA ILE B 265 6.94 -8.23 -39.21
C ILE B 265 7.24 -8.87 -40.57
N MET B 266 6.61 -8.34 -41.64
CA MET B 266 6.76 -8.80 -43.02
C MET B 266 8.17 -8.58 -43.57
N MET B 267 8.82 -7.46 -43.20
CA MET B 267 10.19 -7.14 -43.63
C MET B 267 11.18 -8.11 -43.00
N ARG B 268 10.92 -8.52 -41.74
CA ARG B 268 11.72 -9.50 -40.99
C ARG B 268 11.48 -10.89 -41.56
N MET B 269 10.25 -11.16 -42.05
CA MET B 269 9.84 -12.42 -42.66
C MET B 269 10.51 -12.63 -44.00
N LEU B 270 10.54 -11.59 -44.85
CA LEU B 270 11.17 -11.60 -46.17
C LEU B 270 12.66 -11.82 -46.05
N ALA B 271 13.30 -11.20 -45.03
CA ALA B 271 14.72 -11.31 -44.75
C ALA B 271 15.11 -12.73 -44.30
N SER B 272 14.27 -13.37 -43.47
CA SER B 272 14.48 -14.71 -42.93
C SER B 272 14.41 -15.82 -43.99
N LEU B 273 13.50 -15.70 -44.96
CA LEU B 273 13.31 -16.71 -46.01
C LEU B 273 14.17 -16.50 -47.25
N SER B 274 14.30 -15.24 -47.72
CA SER B 274 15.12 -14.90 -48.89
C SER B 274 16.61 -14.92 -48.54
N ARG B 275 16.93 -14.74 -47.25
CA ARG B 275 18.28 -14.72 -46.66
C ARG B 275 19.12 -13.56 -47.24
N VAL B 276 18.54 -12.34 -47.12
CA VAL B 276 19.10 -11.05 -47.49
C VAL B 276 18.89 -10.09 -46.31
N ASP B 277 19.98 -9.44 -45.86
CA ASP B 277 20.02 -8.54 -44.69
C ASP B 277 18.87 -7.53 -44.62
N GLN B 278 18.32 -7.33 -43.40
CA GLN B 278 17.22 -6.41 -43.10
C GLN B 278 17.51 -4.98 -43.50
N THR B 279 18.78 -4.55 -43.36
CA THR B 279 19.29 -3.22 -43.71
C THR B 279 19.10 -2.89 -45.20
N LYS B 280 19.16 -3.91 -46.08
CA LYS B 280 18.95 -3.76 -47.52
C LYS B 280 17.47 -3.52 -47.82
N ILE B 281 16.57 -4.17 -47.06
CA ILE B 281 15.12 -4.09 -47.21
C ILE B 281 14.56 -2.72 -46.76
N ARG B 282 14.92 -2.26 -45.55
CA ARG B 282 14.44 -0.97 -45.01
C ARG B 282 14.97 0.24 -45.78
N THR B 283 16.10 0.08 -46.50
CA THR B 283 16.67 1.14 -47.33
C THR B 283 16.14 1.01 -48.76
N GLY B 284 15.84 -0.22 -49.17
CA GLY B 284 15.30 -0.54 -50.48
C GLY B 284 16.34 -0.88 -51.53
N GLN B 285 17.63 -0.61 -51.23
CA GLN B 285 18.73 -0.88 -52.15
C GLN B 285 19.19 -2.35 -52.10
N LEU B 286 18.97 -3.07 -53.20
CA LEU B 286 19.33 -4.48 -53.39
C LEU B 286 19.40 -4.82 -54.88
N ASP B 287 20.45 -5.56 -55.28
CA ASP B 287 20.70 -5.95 -56.67
C ASP B 287 19.73 -7.01 -57.19
N ASP B 288 19.82 -7.31 -58.51
CA ASP B 288 19.02 -8.30 -59.23
C ASP B 288 19.15 -9.70 -58.63
N GLU B 289 20.36 -10.03 -58.12
CA GLU B 289 20.68 -11.30 -57.46
C GLU B 289 19.92 -11.42 -56.14
N ASP B 290 19.80 -10.29 -55.40
CA ASP B 290 19.09 -10.20 -54.13
C ASP B 290 17.57 -10.25 -54.34
N TRP B 291 17.09 -9.64 -55.45
CA TRP B 291 15.67 -9.60 -55.83
C TRP B 291 15.11 -10.96 -56.24
N ALA B 292 15.97 -11.83 -56.81
CA ALA B 292 15.61 -13.19 -57.23
C ALA B 292 15.24 -14.08 -56.04
N ARG B 293 15.93 -13.88 -54.90
CA ARG B 293 15.68 -14.61 -53.65
C ARG B 293 14.39 -14.10 -52.99
N ILE B 294 14.10 -12.79 -53.15
CA ILE B 294 12.89 -12.12 -52.65
C ILE B 294 11.67 -12.66 -53.43
N SER B 295 11.83 -12.80 -54.75
CA SER B 295 10.83 -13.29 -55.70
C SER B 295 10.38 -14.74 -55.37
N SER B 296 11.34 -15.60 -55.02
CA SER B 296 11.11 -17.01 -54.67
C SER B 296 10.33 -17.16 -53.36
N THR B 297 10.53 -16.23 -52.41
CA THR B 297 9.87 -16.20 -51.10
C THR B 297 8.36 -15.98 -51.24
N MET B 298 7.96 -14.93 -52.00
CA MET B 298 6.56 -14.55 -52.24
C MET B 298 5.71 -15.68 -52.83
N GLY B 299 6.31 -16.45 -53.74
CA GLY B 299 5.66 -17.58 -54.41
C GLY B 299 5.15 -18.65 -53.47
N ILE B 300 6.02 -19.10 -52.54
CA ILE B 300 5.70 -20.15 -51.56
C ILE B 300 4.72 -19.63 -50.50
N LEU B 301 4.82 -18.32 -50.17
CA LEU B 301 3.99 -17.64 -49.19
C LEU B 301 2.51 -17.57 -49.59
N MET B 302 2.25 -17.29 -50.89
CA MET B 302 0.90 -17.17 -51.42
C MET B 302 0.29 -18.50 -51.90
N GLU B 303 1.07 -19.60 -51.82
CA GLU B 303 0.60 -20.93 -52.19
C GLU B 303 -0.25 -21.53 -51.06
N LYS B 304 0.15 -21.29 -49.79
CA LYS B 304 -0.56 -21.78 -48.61
C LYS B 304 -1.40 -20.70 -47.92
N LYS B 305 -0.87 -19.46 -47.79
CA LYS B 305 -1.50 -18.29 -47.16
C LYS B 305 -1.94 -18.55 -45.70
N ASN B 306 -1.08 -19.26 -44.94
CA ASN B 306 -1.32 -19.63 -43.55
C ASN B 306 -1.09 -18.49 -42.55
N MET B 307 -0.24 -17.51 -42.90
CA MET B 307 0.10 -16.37 -42.03
C MET B 307 -1.03 -15.35 -41.88
N TYR B 308 -1.31 -14.94 -40.62
CA TYR B 308 -2.31 -13.93 -40.23
C TYR B 308 -1.75 -13.08 -39.11
N ILE B 309 -1.63 -11.75 -39.34
CA ILE B 309 -1.08 -10.80 -38.36
C ILE B 309 -2.12 -9.79 -37.87
N ASP B 310 -2.19 -9.60 -36.55
CA ASP B 310 -3.10 -8.68 -35.87
C ASP B 310 -2.30 -7.52 -35.27
N ASP B 311 -2.26 -6.39 -35.99
CA ASP B 311 -1.52 -5.20 -35.55
C ASP B 311 -2.39 -4.30 -34.65
N SER B 312 -2.65 -4.77 -33.41
CA SER B 312 -3.42 -4.07 -32.38
C SER B 312 -2.53 -3.77 -31.18
N SER B 313 -2.56 -2.52 -30.71
CA SER B 313 -1.74 -2.01 -29.60
C SER B 313 -2.05 -2.63 -28.22
N GLY B 314 -3.30 -2.54 -27.79
CA GLY B 314 -3.73 -3.04 -26.49
C GLY B 314 -4.92 -3.98 -26.54
N LEU B 315 -4.64 -5.29 -26.70
CA LEU B 315 -5.65 -6.35 -26.78
C LEU B 315 -6.09 -6.84 -25.40
N THR B 316 -7.37 -7.21 -25.29
CA THR B 316 -7.96 -7.75 -24.05
C THR B 316 -8.08 -9.28 -24.16
N PRO B 317 -8.05 -10.05 -23.04
CA PRO B 317 -8.17 -11.53 -23.15
C PRO B 317 -9.43 -12.01 -23.86
N THR B 318 -10.49 -11.17 -23.87
CA THR B 318 -11.76 -11.43 -24.54
C THR B 318 -11.60 -11.24 -26.06
N GLU B 319 -10.88 -10.18 -26.48
CA GLU B 319 -10.59 -9.84 -27.88
C GLU B 319 -9.72 -10.90 -28.57
N VAL B 320 -8.79 -11.52 -27.82
CA VAL B 320 -7.89 -12.57 -28.32
C VAL B 320 -8.71 -13.84 -28.64
N ARG B 321 -9.64 -14.21 -27.73
CA ARG B 321 -10.53 -15.36 -27.85
C ARG B 321 -11.48 -15.26 -29.05
N SER B 322 -12.12 -14.09 -29.22
CA SER B 322 -13.08 -13.80 -30.31
C SER B 322 -12.41 -13.84 -31.69
N ARG B 323 -11.19 -13.28 -31.80
CA ARG B 323 -10.43 -13.24 -33.05
C ARG B 323 -9.81 -14.60 -33.41
N ALA B 324 -9.50 -15.43 -32.39
CA ALA B 324 -8.94 -16.78 -32.59
C ALA B 324 -10.02 -17.73 -33.08
N ARG B 325 -11.26 -17.59 -32.55
CA ARG B 325 -12.42 -18.40 -32.92
C ARG B 325 -12.86 -18.12 -34.36
N ARG B 326 -12.73 -16.84 -34.81
CA ARG B 326 -13.07 -16.37 -36.15
C ARG B 326 -12.28 -17.07 -37.25
N ILE B 327 -10.93 -17.04 -37.15
CA ILE B 327 -10.02 -17.66 -38.13
C ILE B 327 -10.14 -19.20 -38.11
N ALA B 328 -10.38 -19.78 -36.92
CA ALA B 328 -10.56 -21.23 -36.74
C ALA B 328 -11.84 -21.71 -37.40
N ARG B 329 -12.92 -20.91 -37.34
CA ARG B 329 -14.21 -21.24 -37.94
C ARG B 329 -14.20 -21.01 -39.47
N GLU B 330 -13.47 -19.98 -39.91
CA GLU B 330 -13.36 -19.60 -41.32
C GLU B 330 -12.44 -20.52 -42.13
N HIS B 331 -11.27 -20.89 -41.57
CA HIS B 331 -10.27 -21.69 -42.27
C HIS B 331 -10.08 -23.11 -41.71
N GLY B 332 -11.20 -23.78 -41.41
CA GLY B 332 -11.21 -25.16 -40.90
C GLY B 332 -10.79 -25.32 -39.46
N GLY B 333 -9.67 -24.69 -39.10
CA GLY B 333 -9.08 -24.72 -37.77
C GLY B 333 -7.66 -24.19 -37.77
N LEU B 334 -7.23 -23.64 -36.62
CA LEU B 334 -5.88 -23.09 -36.44
C LEU B 334 -4.85 -24.19 -36.15
N SER B 335 -3.56 -23.82 -36.17
CA SER B 335 -2.43 -24.73 -35.90
C SER B 335 -1.52 -24.21 -34.79
N LEU B 336 -1.27 -22.88 -34.76
CA LEU B 336 -0.42 -22.22 -33.77
C LEU B 336 -0.82 -20.76 -33.61
N ILE B 337 -0.96 -20.32 -32.34
CA ILE B 337 -1.29 -18.94 -31.98
C ILE B 337 -0.05 -18.31 -31.32
N MET B 338 0.36 -17.13 -31.78
CA MET B 338 1.53 -16.42 -31.26
C MET B 338 1.18 -15.01 -30.80
N VAL B 339 1.76 -14.58 -29.67
CA VAL B 339 1.56 -13.25 -29.06
C VAL B 339 2.93 -12.55 -28.98
N ASP B 340 3.04 -11.34 -29.59
CA ASP B 340 4.28 -10.55 -29.63
C ASP B 340 4.71 -10.06 -28.25
N TYR B 341 3.75 -9.79 -27.34
CA TYR B 341 4.03 -9.31 -25.98
C TYR B 341 2.89 -9.63 -25.03
N LEU B 342 3.20 -10.35 -23.94
CA LEU B 342 2.25 -10.73 -22.89
C LEU B 342 1.94 -9.52 -22.02
N GLN B 343 2.97 -8.69 -21.73
CA GLN B 343 2.88 -7.49 -20.90
C GLN B 343 2.08 -6.36 -21.56
N LEU B 344 2.11 -6.27 -22.91
CA LEU B 344 1.37 -5.26 -23.68
C LEU B 344 -0.15 -5.53 -23.71
N MET B 345 -0.56 -6.77 -23.38
CA MET B 345 -1.96 -7.16 -23.28
C MET B 345 -2.53 -6.60 -21.98
N ARG B 346 -3.82 -6.20 -21.99
CA ARG B 346 -4.45 -5.59 -20.82
C ARG B 346 -5.84 -6.16 -20.52
N VAL B 347 -6.21 -6.20 -19.22
CA VAL B 347 -7.53 -6.66 -18.76
C VAL B 347 -8.31 -5.45 -18.14
N PRO B 348 -9.56 -5.15 -18.58
CA PRO B 348 -10.27 -3.98 -18.05
C PRO B 348 -10.66 -4.04 -16.59
N ALA B 349 -10.90 -5.25 -16.05
CA ALA B 349 -11.29 -5.47 -14.66
C ALA B 349 -10.12 -5.28 -13.67
N LEU B 350 -8.97 -5.90 -13.94
CA LEU B 350 -7.78 -5.84 -13.08
C LEU B 350 -6.73 -4.85 -13.63
N THR B 351 -7.16 -3.63 -13.99
CA THR B 351 -6.29 -2.58 -14.52
C THR B 351 -5.41 -1.99 -13.42
N ASP B 352 -5.99 -1.83 -12.20
CA ASP B 352 -5.31 -1.28 -11.03
C ASP B 352 -4.20 -2.20 -10.52
N ASN B 353 -4.52 -3.50 -10.29
CA ASN B 353 -3.55 -4.49 -9.81
C ASN B 353 -2.84 -5.16 -10.98
N ARG B 354 -1.54 -4.84 -11.15
CA ARG B 354 -0.69 -5.36 -12.23
C ARG B 354 -0.35 -6.84 -12.06
N THR B 355 -0.13 -7.30 -10.82
CA THR B 355 0.20 -8.71 -10.52
C THR B 355 -0.97 -9.64 -10.90
N LEU B 356 -2.22 -9.20 -10.65
CA LEU B 356 -3.45 -9.93 -10.99
C LEU B 356 -3.78 -9.83 -12.48
N GLU B 357 -3.33 -8.74 -13.14
CA GLU B 357 -3.51 -8.48 -14.58
C GLU B 357 -2.76 -9.55 -15.38
N ILE B 358 -1.45 -9.75 -15.08
CA ILE B 358 -0.56 -10.72 -15.71
C ILE B 358 -1.01 -12.16 -15.38
N ALA B 359 -1.42 -12.40 -14.12
CA ALA B 359 -1.91 -13.70 -13.64
C ALA B 359 -3.14 -14.17 -14.40
N GLU B 360 -4.11 -13.27 -14.66
CA GLU B 360 -5.34 -13.57 -15.40
C GLU B 360 -5.08 -13.73 -16.90
N ILE B 361 -4.19 -12.90 -17.48
CA ILE B 361 -3.81 -12.96 -18.89
C ILE B 361 -3.14 -14.31 -19.21
N SER B 362 -2.23 -14.77 -18.33
CA SER B 362 -1.53 -16.05 -18.44
C SER B 362 -2.52 -17.22 -18.29
N ARG B 363 -3.53 -17.07 -17.41
CA ARG B 363 -4.58 -18.05 -17.14
C ARG B 363 -5.56 -18.14 -18.31
N SER B 364 -5.81 -17.00 -18.98
CA SER B 364 -6.70 -16.91 -20.14
C SER B 364 -6.07 -17.52 -21.40
N LEU B 365 -4.76 -17.33 -21.58
CA LEU B 365 -4.00 -17.86 -22.71
C LEU B 365 -3.85 -19.38 -22.69
N LYS B 366 -3.75 -19.98 -21.48
CA LYS B 366 -3.67 -21.42 -21.28
C LYS B 366 -5.03 -22.06 -21.57
N ALA B 367 -6.12 -21.39 -21.13
CA ALA B 367 -7.50 -21.83 -21.35
C ALA B 367 -7.92 -21.69 -22.82
N LEU B 368 -7.30 -20.75 -23.55
CA LEU B 368 -7.52 -20.53 -24.99
C LEU B 368 -6.85 -21.67 -25.77
N ALA B 369 -5.65 -22.11 -25.31
CA ALA B 369 -4.89 -23.20 -25.92
C ALA B 369 -5.68 -24.50 -25.86
N LYS B 370 -6.27 -24.82 -24.69
CA LYS B 370 -7.10 -26.02 -24.46
C LYS B 370 -8.42 -25.98 -25.23
N GLU B 371 -9.01 -24.78 -25.38
CA GLU B 371 -10.28 -24.53 -26.08
C GLU B 371 -10.17 -24.87 -27.58
N LEU B 372 -9.02 -24.57 -28.19
CA LEU B 372 -8.76 -24.79 -29.62
C LEU B 372 -7.80 -25.98 -29.90
N ASN B 373 -7.23 -26.58 -28.84
CA ASN B 373 -6.27 -27.70 -28.87
C ASN B 373 -5.05 -27.38 -29.76
N VAL B 374 -4.53 -26.14 -29.64
CA VAL B 374 -3.39 -25.67 -30.42
C VAL B 374 -2.31 -25.00 -29.54
N PRO B 375 -1.00 -25.20 -29.84
CA PRO B 375 0.06 -24.57 -29.02
C PRO B 375 0.03 -23.04 -29.09
N VAL B 376 0.06 -22.38 -27.90
CA VAL B 376 0.06 -20.92 -27.79
C VAL B 376 1.46 -20.46 -27.38
N VAL B 377 2.13 -19.70 -28.27
CA VAL B 377 3.48 -19.18 -28.06
C VAL B 377 3.41 -17.71 -27.62
N ALA B 378 3.54 -17.48 -26.30
CA ALA B 378 3.50 -16.14 -25.73
C ALA B 378 4.89 -15.60 -25.47
N LEU B 379 5.12 -14.32 -25.78
CA LEU B 379 6.42 -13.69 -25.55
C LEU B 379 6.34 -12.81 -24.30
N SER B 380 7.24 -13.06 -23.33
CA SER B 380 7.31 -12.31 -22.07
C SER B 380 8.73 -11.81 -21.82
N GLN B 381 8.88 -10.73 -21.04
CA GLN B 381 10.18 -10.16 -20.73
C GLN B 381 10.59 -10.43 -19.28
N LEU B 382 11.88 -10.69 -19.08
CA LEU B 382 12.47 -10.95 -17.75
C LEU B 382 12.83 -9.64 -17.05
N ASN B 383 12.82 -9.65 -15.71
CA ASN B 383 13.18 -8.49 -14.89
C ASN B 383 14.70 -8.24 -14.94
N ARG B 384 15.12 -6.99 -14.66
CA ARG B 384 16.52 -6.55 -14.67
C ARG B 384 17.42 -7.25 -13.63
N SER B 385 16.85 -8.14 -12.79
CA SER B 385 17.53 -8.91 -11.74
C SER B 385 18.70 -9.74 -12.24
N LEU B 386 18.60 -10.32 -13.47
CA LEU B 386 19.64 -11.15 -14.08
C LEU B 386 20.90 -10.36 -14.46
N GLU B 387 20.74 -9.07 -14.82
CA GLU B 387 21.83 -8.16 -15.21
C GLU B 387 22.70 -7.82 -13.99
N GLN B 388 22.06 -7.68 -12.81
CA GLN B 388 22.70 -7.36 -11.52
C GLN B 388 23.35 -8.62 -10.94
N ARG B 389 22.80 -9.80 -11.25
CA ARG B 389 23.20 -11.14 -10.79
C ARG B 389 24.61 -11.58 -11.25
N ALA B 390 25.19 -10.89 -12.27
CA ALA B 390 26.51 -11.14 -12.88
C ALA B 390 26.58 -12.38 -13.78
N ASP B 391 25.84 -13.46 -13.43
CA ASP B 391 25.76 -14.71 -14.21
C ASP B 391 25.09 -14.46 -15.57
N LYS B 392 24.04 -13.61 -15.57
CA LYS B 392 23.25 -13.16 -16.73
C LYS B 392 22.59 -14.29 -17.56
N ARG B 393 22.67 -15.56 -17.09
CA ARG B 393 22.05 -16.70 -17.72
C ARG B 393 20.58 -16.74 -17.23
N PRO B 394 19.57 -16.50 -18.11
CA PRO B 394 18.17 -16.42 -17.65
C PRO B 394 17.64 -17.62 -16.86
N VAL B 395 17.03 -17.32 -15.70
CA VAL B 395 16.42 -18.27 -14.77
C VAL B 395 14.92 -17.90 -14.68
N ASN B 396 14.07 -18.88 -14.31
CA ASN B 396 12.62 -18.73 -14.17
C ASN B 396 12.21 -17.67 -13.12
N SER B 397 13.04 -17.47 -12.08
CA SER B 397 12.83 -16.49 -10.99
C SER B 397 12.72 -15.04 -11.46
N ASP B 398 13.42 -14.68 -12.56
CA ASP B 398 13.42 -13.34 -13.15
C ASP B 398 12.08 -13.04 -13.85
N LEU B 399 11.34 -14.08 -14.26
CA LEU B 399 10.05 -13.98 -14.94
C LEU B 399 8.87 -13.93 -13.95
N ARG B 400 9.06 -14.49 -12.73
CA ARG B 400 8.04 -14.51 -11.66
C ARG B 400 7.73 -13.12 -11.10
N GLU B 401 8.69 -12.17 -11.24
CA GLU B 401 8.57 -10.77 -10.80
C GLU B 401 7.52 -9.99 -11.61
N SER B 402 7.28 -10.41 -12.89
CA SER B 402 6.30 -9.84 -13.80
C SER B 402 4.87 -10.24 -13.38
N GLY B 403 4.69 -11.49 -12.95
CA GLY B 403 3.42 -12.05 -12.50
C GLY B 403 3.44 -13.56 -12.39
N SER B 404 2.24 -14.18 -12.36
CA SER B 404 2.08 -15.63 -12.27
C SER B 404 2.09 -16.23 -13.69
N ILE B 405 3.28 -16.65 -14.15
CA ILE B 405 3.48 -17.21 -15.49
C ILE B 405 3.88 -18.70 -15.42
N GLU B 406 4.88 -19.04 -14.58
CA GLU B 406 5.43 -20.39 -14.38
C GLU B 406 4.39 -21.44 -14.00
N GLN B 407 3.39 -21.06 -13.17
CA GLN B 407 2.32 -21.94 -12.71
C GLN B 407 1.39 -22.40 -13.84
N ASP B 408 1.07 -21.49 -14.77
CA ASP B 408 0.17 -21.73 -15.91
C ASP B 408 0.88 -22.38 -17.11
N ALA B 409 2.15 -22.01 -17.35
CA ALA B 409 2.97 -22.48 -18.46
C ALA B 409 3.31 -23.97 -18.42
N ASP B 410 3.40 -24.60 -19.61
CA ASP B 410 3.74 -26.01 -19.80
C ASP B 410 5.15 -26.19 -20.35
N LEU B 411 5.67 -25.16 -21.06
CA LEU B 411 7.00 -25.15 -21.66
C LEU B 411 7.58 -23.73 -21.70
N ILE B 412 8.71 -23.51 -21.03
CA ILE B 412 9.39 -22.21 -21.01
C ILE B 412 10.81 -22.35 -21.57
N MET B 413 11.13 -21.56 -22.60
CA MET B 413 12.44 -21.53 -23.26
C MET B 413 13.01 -20.12 -23.33
N PHE B 414 14.25 -19.94 -22.84
CA PHE B 414 14.93 -18.64 -22.80
C PHE B 414 16.01 -18.49 -23.86
N ILE B 415 16.12 -17.28 -24.44
CA ILE B 415 17.13 -16.96 -25.45
C ILE B 415 18.31 -16.26 -24.77
N TYR B 416 19.51 -16.85 -24.86
CA TYR B 416 20.73 -16.30 -24.27
C TYR B 416 21.90 -16.35 -25.23
N ARG B 417 22.34 -15.16 -25.66
CA ARG B 417 23.46 -14.93 -26.56
C ARG B 417 24.58 -14.31 -25.74
N ASP B 418 25.73 -15.01 -25.65
CA ASP B 418 26.89 -14.55 -24.89
C ASP B 418 27.58 -13.35 -25.54
N GLU B 419 27.39 -13.14 -26.86
CA GLU B 419 27.97 -12.04 -27.62
C GLU B 419 27.38 -10.66 -27.25
N VAL B 420 26.21 -10.64 -26.58
CA VAL B 420 25.53 -9.42 -26.14
C VAL B 420 26.27 -8.85 -24.92
N TYR B 421 26.54 -9.70 -23.91
CA TYR B 421 27.22 -9.33 -22.68
C TYR B 421 28.75 -9.20 -22.84
N HIS B 422 29.36 -10.08 -23.65
CA HIS B 422 30.81 -10.08 -23.90
C HIS B 422 31.11 -9.89 -25.39
N PRO B 423 32.04 -8.98 -25.77
CA PRO B 423 32.28 -8.73 -27.21
C PRO B 423 32.84 -9.91 -28.00
N ASP B 424 33.98 -10.48 -27.57
CA ASP B 424 34.63 -11.61 -28.25
C ASP B 424 34.36 -12.94 -27.52
N SER B 425 33.11 -13.12 -27.05
CA SER B 425 32.63 -14.30 -26.34
C SER B 425 32.79 -15.58 -27.18
N PRO B 426 33.03 -16.76 -26.55
CA PRO B 426 33.16 -18.00 -27.36
C PRO B 426 31.85 -18.34 -28.06
N LEU B 427 31.94 -18.86 -29.29
CA LEU B 427 30.82 -19.21 -30.18
C LEU B 427 29.98 -17.96 -30.49
N LYS B 428 30.66 -16.92 -31.01
CA LYS B 428 30.08 -15.64 -31.40
C LYS B 428 29.20 -15.86 -32.64
N GLY B 429 27.96 -15.40 -32.57
CA GLY B 429 26.99 -15.57 -33.64
C GLY B 429 26.16 -16.83 -33.43
N THR B 430 26.28 -17.45 -32.24
CA THR B 430 25.57 -18.67 -31.86
C THR B 430 24.89 -18.45 -30.51
N ALA B 431 23.54 -18.52 -30.51
CA ALA B 431 22.70 -18.36 -29.33
C ALA B 431 22.29 -19.73 -28.78
N GLU B 432 22.07 -19.82 -27.46
CA GLU B 432 21.64 -21.07 -26.83
C GLU B 432 20.26 -20.94 -26.20
N ILE B 433 19.30 -21.71 -26.74
CA ILE B 433 17.91 -21.74 -26.28
C ILE B 433 17.83 -22.66 -25.05
N ILE B 434 17.98 -22.07 -23.86
CA ILE B 434 17.96 -22.79 -22.59
C ILE B 434 16.51 -23.03 -22.14
N ILE B 435 16.10 -24.31 -22.12
CA ILE B 435 14.76 -24.73 -21.70
C ILE B 435 14.71 -24.73 -20.17
N GLY B 436 14.04 -23.73 -19.62
CA GLY B 436 13.88 -23.54 -18.17
C GLY B 436 12.80 -24.40 -17.55
N LYS B 437 11.73 -24.72 -18.33
CA LYS B 437 10.61 -25.53 -17.88
C LYS B 437 10.02 -26.38 -19.01
N GLN B 438 9.63 -27.63 -18.69
CA GLN B 438 8.98 -28.58 -19.59
C GLN B 438 8.22 -29.62 -18.77
N ARG B 439 6.89 -29.52 -18.77
CA ARG B 439 5.98 -30.40 -18.04
C ARG B 439 5.88 -31.77 -18.74
N ASN B 440 5.83 -31.76 -20.07
CA ASN B 440 5.71 -32.95 -20.91
C ASN B 440 7.01 -33.77 -20.97
N GLY B 441 8.13 -33.13 -21.34
CA GLY B 441 9.43 -33.77 -21.47
C GLY B 441 10.53 -33.25 -20.57
N PRO B 442 11.81 -33.42 -20.96
CA PRO B 442 12.92 -32.95 -20.11
C PRO B 442 13.37 -31.51 -20.36
N ILE B 443 14.29 -31.01 -19.52
CA ILE B 443 14.87 -29.66 -19.61
C ILE B 443 16.35 -29.71 -19.98
N GLY B 444 16.79 -28.74 -20.78
CA GLY B 444 18.17 -28.64 -21.22
C GLY B 444 18.53 -27.33 -21.91
N SER B 445 19.42 -27.41 -22.91
CA SER B 445 19.90 -26.27 -23.70
C SER B 445 20.25 -26.72 -25.12
N VAL B 446 19.78 -25.96 -26.13
CA VAL B 446 20.00 -26.24 -27.56
C VAL B 446 20.69 -25.04 -28.22
N ARG B 447 21.89 -25.26 -28.80
CA ARG B 447 22.65 -24.21 -29.50
C ARG B 447 22.23 -24.10 -30.96
N LEU B 448 21.84 -22.88 -31.37
CA LEU B 448 21.40 -22.58 -32.74
C LEU B 448 22.15 -21.34 -33.24
N THR B 449 22.70 -21.42 -34.47
CA THR B 449 23.44 -20.31 -35.08
C THR B 449 22.49 -19.16 -35.44
N PHE B 450 22.75 -17.97 -34.88
CA PHE B 450 21.95 -16.77 -35.10
C PHE B 450 22.59 -15.85 -36.13
N GLN B 451 21.85 -15.54 -37.20
CA GLN B 451 22.28 -14.64 -38.26
C GLN B 451 21.50 -13.33 -38.13
N GLY B 452 22.10 -12.37 -37.44
CA GLY B 452 21.53 -11.05 -37.15
C GLY B 452 21.08 -10.25 -38.34
N HIS B 453 21.85 -10.32 -39.45
CA HIS B 453 21.60 -9.61 -40.70
C HIS B 453 20.22 -9.94 -41.28
N TYR B 454 19.96 -11.23 -41.53
CA TYR B 454 18.72 -11.72 -42.12
C TYR B 454 17.66 -12.08 -41.06
N SER B 455 17.98 -11.91 -39.75
CA SER B 455 17.13 -12.24 -38.60
C SER B 455 16.67 -13.70 -38.65
N ARG B 456 17.65 -14.61 -38.81
CA ARG B 456 17.45 -16.05 -38.93
C ARG B 456 18.10 -16.85 -37.81
N PHE B 457 17.42 -17.92 -37.40
CA PHE B 457 17.89 -18.89 -36.40
C PHE B 457 18.00 -20.22 -37.13
N ASP B 458 19.25 -20.69 -37.33
CA ASP B 458 19.53 -21.94 -38.04
C ASP B 458 20.21 -22.96 -37.13
N ASN B 459 20.22 -24.24 -37.54
CA ASN B 459 20.84 -25.33 -36.77
C ASN B 459 22.36 -25.26 -36.79
N TYR B 460 22.97 -25.17 -35.59
CA TYR B 460 24.42 -25.10 -35.42
C TYR B 460 25.06 -26.47 -35.66
N ALA B 461 26.20 -26.50 -36.39
CA ALA B 461 26.94 -27.71 -36.69
C ALA B 461 28.38 -27.63 -36.15
N GLY B 462 28.74 -28.59 -35.32
CA GLY B 462 30.06 -28.68 -34.70
C GLY B 462 30.01 -29.17 -33.26
N LYS C 22 -36.99 17.20 -29.91
CA LYS C 22 -36.11 16.55 -30.88
C LYS C 22 -35.90 15.07 -30.53
N VAL C 23 -36.03 14.19 -31.56
CA VAL C 23 -35.89 12.73 -31.44
C VAL C 23 -34.41 12.29 -31.49
N PRO C 24 -33.91 11.50 -30.49
CA PRO C 24 -32.51 11.06 -30.53
C PRO C 24 -32.19 10.14 -31.73
N PRO C 25 -30.96 10.20 -32.30
CA PRO C 25 -30.66 9.35 -33.47
C PRO C 25 -30.61 7.86 -33.16
N HIS C 26 -31.66 7.14 -33.58
CA HIS C 26 -31.81 5.69 -33.39
C HIS C 26 -32.70 5.07 -34.47
N SER C 27 -32.56 3.75 -34.67
CA SER C 27 -33.36 3.00 -35.62
C SER C 27 -33.80 1.68 -34.99
N LEU C 28 -35.10 1.60 -34.62
CA LEU C 28 -35.72 0.43 -33.98
C LEU C 28 -35.73 -0.80 -34.88
N GLU C 29 -35.92 -0.60 -36.20
CA GLU C 29 -35.93 -1.66 -37.21
C GLU C 29 -34.53 -2.26 -37.37
N ALA C 30 -33.48 -1.40 -37.29
CA ALA C 30 -32.08 -1.80 -37.40
C ALA C 30 -31.63 -2.61 -36.18
N GLU C 31 -32.14 -2.24 -34.99
CA GLU C 31 -31.84 -2.94 -33.73
C GLU C 31 -32.52 -4.32 -33.73
N GLN C 32 -33.74 -4.40 -34.30
CA GLN C 32 -34.53 -5.62 -34.44
C GLN C 32 -33.92 -6.57 -35.47
N SER C 33 -33.33 -6.01 -36.55
CA SER C 33 -32.72 -6.78 -37.63
C SER C 33 -31.43 -7.52 -37.22
N VAL C 34 -30.65 -6.93 -36.29
CA VAL C 34 -29.39 -7.51 -35.79
C VAL C 34 -29.69 -8.77 -34.96
N ILE C 35 -30.60 -8.65 -33.99
CA ILE C 35 -30.99 -9.77 -33.11
C ILE C 35 -31.84 -10.81 -33.85
N GLY C 36 -32.83 -10.34 -34.61
CA GLY C 36 -33.76 -11.17 -35.39
C GLY C 36 -33.12 -12.12 -36.38
N GLY C 37 -32.04 -11.68 -37.02
CA GLY C 37 -31.28 -12.48 -37.98
C GLY C 37 -30.18 -13.31 -37.37
N LEU C 38 -29.82 -13.03 -36.10
CA LEU C 38 -28.77 -13.74 -35.36
C LEU C 38 -29.33 -14.95 -34.62
N LEU C 39 -30.65 -14.97 -34.35
CA LEU C 39 -31.35 -16.06 -33.68
C LEU C 39 -31.38 -17.29 -34.58
N LEU C 40 -31.58 -17.08 -35.89
CA LEU C 40 -31.62 -18.14 -36.90
C LEU C 40 -30.21 -18.63 -37.29
N ASP C 41 -29.25 -17.69 -37.47
CA ASP C 41 -27.86 -18.02 -37.80
C ASP C 41 -26.91 -17.54 -36.71
N ASN C 42 -26.40 -18.50 -35.92
CA ASN C 42 -25.49 -18.28 -34.80
C ASN C 42 -24.06 -18.00 -35.28
N GLU C 43 -23.68 -18.56 -36.44
CA GLU C 43 -22.35 -18.46 -37.05
C GLU C 43 -21.93 -17.02 -37.41
N ARG C 44 -22.89 -16.11 -37.60
CA ARG C 44 -22.62 -14.71 -37.96
C ARG C 44 -22.11 -13.86 -36.78
N TRP C 45 -22.28 -14.32 -35.51
CA TRP C 45 -21.83 -13.62 -34.30
C TRP C 45 -20.36 -13.20 -34.30
N ASP C 46 -19.48 -13.97 -34.99
CA ASP C 46 -18.04 -13.73 -35.13
C ASP C 46 -17.71 -12.34 -35.71
N THR C 47 -18.49 -11.90 -36.71
CA THR C 47 -18.31 -10.61 -37.39
C THR C 47 -19.27 -9.51 -36.89
N VAL C 48 -20.42 -9.90 -36.30
CA VAL C 48 -21.43 -8.97 -35.79
C VAL C 48 -20.95 -8.32 -34.48
N SER C 49 -20.35 -9.11 -33.56
CA SER C 49 -19.81 -8.65 -32.27
C SER C 49 -18.64 -7.64 -32.42
N GLU C 50 -17.97 -7.68 -33.58
CA GLU C 50 -16.86 -6.81 -33.98
C GLU C 50 -17.33 -5.35 -34.16
N HIS C 51 -18.56 -5.16 -34.66
CA HIS C 51 -19.14 -3.84 -34.94
C HIS C 51 -19.90 -3.21 -33.76
N VAL C 52 -20.80 -3.96 -33.10
CA VAL C 52 -21.63 -3.45 -31.99
C VAL C 52 -21.49 -4.22 -30.67
N MET C 53 -21.92 -3.57 -29.58
CA MET C 53 -21.95 -4.08 -28.21
C MET C 53 -23.31 -3.73 -27.55
N THR C 54 -23.49 -4.06 -26.26
CA THR C 54 -24.71 -3.81 -25.48
C THR C 54 -25.02 -2.30 -25.36
N GLN C 55 -23.98 -1.46 -25.22
CA GLN C 55 -24.07 0.00 -25.07
C GLN C 55 -24.65 0.70 -26.31
N ASP C 56 -24.41 0.14 -27.51
CA ASP C 56 -24.87 0.69 -28.80
C ASP C 56 -26.39 0.69 -28.99
N PHE C 57 -27.11 -0.21 -28.28
CA PHE C 57 -28.58 -0.32 -28.37
C PHE C 57 -29.27 0.82 -27.62
N TYR C 58 -30.25 1.46 -28.27
CA TYR C 58 -31.01 2.60 -27.75
C TYR C 58 -31.95 2.24 -26.58
N SER C 59 -33.07 1.55 -26.87
CA SER C 59 -34.08 1.18 -25.88
C SER C 59 -33.60 0.14 -24.87
N ARG C 60 -34.15 0.21 -23.64
CA ARG C 60 -33.87 -0.70 -22.53
C ARG C 60 -34.23 -2.18 -22.83
N PRO C 61 -35.41 -2.54 -23.43
CA PRO C 61 -35.67 -3.97 -23.71
C PRO C 61 -34.70 -4.58 -24.71
N HIS C 62 -34.25 -3.78 -25.70
CA HIS C 62 -33.28 -4.21 -26.72
C HIS C 62 -31.90 -4.47 -26.10
N ARG C 63 -31.52 -3.67 -25.08
CA ARG C 63 -30.25 -3.81 -24.36
C ARG C 63 -30.22 -5.08 -23.51
N LEU C 64 -31.36 -5.41 -22.86
CA LEU C 64 -31.52 -6.58 -22.00
C LEU C 64 -31.45 -7.89 -22.81
N ILE C 65 -32.06 -7.90 -24.02
CA ILE C 65 -32.08 -9.05 -24.93
C ILE C 65 -30.68 -9.35 -25.47
N PHE C 66 -29.97 -8.30 -25.95
CA PHE C 66 -28.61 -8.42 -26.49
C PHE C 66 -27.60 -8.86 -25.43
N ASP C 67 -27.82 -8.47 -24.15
CA ASP C 67 -26.96 -8.82 -23.01
C ASP C 67 -26.93 -10.33 -22.78
N GLY C 68 -28.03 -11.00 -23.13
CA GLY C 68 -28.17 -12.44 -23.05
C GLY C 68 -27.50 -13.13 -24.21
N VAL C 69 -27.65 -12.54 -25.42
CA VAL C 69 -27.07 -13.01 -26.68
C VAL C 69 -25.54 -13.04 -26.57
N LYS C 70 -24.95 -11.96 -26.02
CA LYS C 70 -23.51 -11.77 -25.79
C LYS C 70 -22.93 -12.84 -24.84
N SER C 71 -23.72 -13.31 -23.86
CA SER C 71 -23.30 -14.31 -22.87
C SER C 71 -23.44 -15.76 -23.36
N ILE C 72 -24.56 -16.09 -24.04
CA ILE C 72 -24.85 -17.44 -24.54
C ILE C 72 -23.91 -17.82 -25.70
N LEU C 73 -23.81 -16.97 -26.73
CA LEU C 73 -22.98 -17.21 -27.90
C LEU C 73 -21.46 -17.20 -27.63
N GLU C 74 -21.01 -16.50 -26.56
CA GLU C 74 -19.59 -16.45 -26.18
C GLU C 74 -19.10 -17.79 -25.65
N ALA C 75 -19.95 -18.53 -24.90
CA ALA C 75 -19.64 -19.84 -24.35
C ALA C 75 -19.66 -20.93 -25.44
N GLY C 76 -20.39 -20.66 -26.52
CA GLY C 76 -20.54 -21.56 -27.66
C GLY C 76 -21.85 -22.32 -27.65
N LYS C 77 -22.72 -22.03 -26.64
CA LYS C 77 -24.02 -22.65 -26.46
C LYS C 77 -25.00 -22.23 -27.57
N PRO C 78 -25.87 -23.15 -28.08
CA PRO C 78 -26.79 -22.77 -29.16
C PRO C 78 -27.82 -21.72 -28.73
N LEU C 79 -28.02 -20.69 -29.58
CA LEU C 79 -28.95 -19.60 -29.33
C LEU C 79 -30.22 -19.77 -30.16
N ASP C 80 -31.38 -19.76 -29.48
CA ASP C 80 -32.70 -19.89 -30.09
C ASP C 80 -33.76 -19.10 -29.30
N LEU C 81 -35.06 -19.35 -29.57
CA LEU C 81 -36.16 -18.65 -28.93
C LEU C 81 -36.36 -19.00 -27.44
N ILE C 82 -36.19 -20.28 -27.06
CA ILE C 82 -36.38 -20.73 -25.67
C ILE C 82 -35.10 -20.56 -24.83
N THR C 83 -33.90 -20.84 -25.40
CA THR C 83 -32.62 -20.70 -24.67
C THR C 83 -32.39 -19.26 -24.18
N LEU C 84 -32.84 -18.27 -24.98
CA LEU C 84 -32.75 -16.84 -24.68
C LEU C 84 -33.87 -16.44 -23.70
N SER C 85 -35.06 -17.07 -23.82
CA SER C 85 -36.22 -16.85 -22.96
C SER C 85 -35.94 -17.27 -21.51
N GLU C 86 -35.24 -18.41 -21.32
CA GLU C 86 -34.88 -18.94 -20.00
C GLU C 86 -33.84 -18.08 -19.27
N TYR C 87 -32.97 -17.40 -20.04
CA TYR C 87 -31.95 -16.50 -19.50
C TYR C 87 -32.64 -15.27 -18.90
N LEU C 88 -33.71 -14.80 -19.56
CA LEU C 88 -34.51 -13.64 -19.15
C LEU C 88 -35.49 -14.00 -18.02
N GLU C 89 -36.13 -15.19 -18.10
CA GLU C 89 -37.11 -15.69 -17.13
C GLU C 89 -36.50 -15.86 -15.73
N GLN C 90 -35.24 -16.34 -15.64
CA GLN C 90 -34.50 -16.53 -14.40
C GLN C 90 -34.18 -15.19 -13.73
N ARG C 91 -33.82 -14.19 -14.54
CA ARG C 91 -33.48 -12.84 -14.10
C ARG C 91 -34.72 -11.93 -13.99
N GLU C 92 -35.91 -12.48 -14.32
CA GLU C 92 -37.24 -11.85 -14.32
C GLU C 92 -37.29 -10.58 -15.20
N GLN C 93 -36.62 -10.67 -16.37
CA GLN C 93 -36.51 -9.62 -17.37
C GLN C 93 -37.42 -9.93 -18.58
N LEU C 94 -37.92 -11.18 -18.66
CA LEU C 94 -38.79 -11.67 -19.74
C LEU C 94 -40.12 -10.91 -19.81
N GLU C 95 -40.77 -10.69 -18.67
CA GLU C 95 -42.03 -9.94 -18.59
C GLU C 95 -41.79 -8.44 -18.74
N ASP C 96 -40.53 -8.00 -18.58
CA ASP C 96 -40.08 -6.61 -18.70
C ASP C 96 -39.75 -6.21 -20.15
N VAL C 97 -39.16 -7.14 -20.94
CA VAL C 97 -38.78 -6.89 -22.34
C VAL C 97 -40.02 -6.85 -23.27
N GLY C 98 -41.08 -7.55 -22.88
CA GLY C 98 -42.33 -7.62 -23.62
C GLY C 98 -42.84 -9.03 -23.85
N GLY C 99 -42.64 -9.91 -22.86
CA GLY C 99 -43.04 -11.31 -22.89
C GLY C 99 -42.32 -12.12 -23.94
N PHE C 100 -42.86 -13.31 -24.27
CA PHE C 100 -42.30 -14.20 -25.29
C PHE C 100 -42.73 -13.72 -26.69
N ALA C 101 -43.86 -12.98 -26.77
CA ALA C 101 -44.42 -12.41 -28.00
C ALA C 101 -43.46 -11.47 -28.73
N TYR C 102 -42.61 -10.74 -27.96
CA TYR C 102 -41.60 -9.84 -28.51
C TYR C 102 -40.47 -10.65 -29.16
N LEU C 103 -40.08 -11.77 -28.52
CA LEU C 103 -39.04 -12.69 -29.00
C LEU C 103 -39.53 -13.49 -30.21
N ALA C 104 -40.83 -13.86 -30.19
CA ALA C 104 -41.50 -14.62 -31.26
C ALA C 104 -41.63 -13.81 -32.54
N ASP C 105 -42.02 -12.52 -32.44
CA ASP C 105 -42.17 -11.61 -33.57
C ASP C 105 -40.81 -11.19 -34.13
N LEU C 106 -39.75 -11.28 -33.30
CA LEU C 106 -38.37 -10.94 -33.66
C LEU C 106 -37.78 -11.99 -34.61
N ALA C 107 -38.06 -13.29 -34.34
CA ALA C 107 -37.60 -14.42 -35.17
C ALA C 107 -38.37 -14.46 -36.49
N LYS C 108 -39.67 -14.06 -36.46
CA LYS C 108 -40.58 -13.98 -37.61
C LYS C 108 -40.08 -12.89 -38.59
N ASN C 109 -39.74 -11.70 -38.05
CA ASN C 109 -39.22 -10.56 -38.81
C ASN C 109 -37.80 -10.84 -39.31
N THR C 110 -37.42 -10.18 -40.42
CA THR C 110 -36.13 -10.25 -41.13
C THR C 110 -35.57 -11.70 -41.21
N PRO C 111 -36.06 -12.52 -42.18
CA PRO C 111 -35.53 -13.90 -42.31
C PRO C 111 -34.25 -13.95 -43.16
N SER C 112 -33.70 -12.78 -43.52
CA SER C 112 -32.50 -12.59 -44.32
C SER C 112 -31.22 -12.88 -43.53
N ALA C 113 -30.18 -13.35 -44.24
CA ALA C 113 -28.86 -13.68 -43.70
C ALA C 113 -27.76 -12.93 -44.47
N ALA C 114 -26.50 -13.01 -43.99
CA ALA C 114 -25.27 -12.39 -44.55
C ALA C 114 -25.24 -10.85 -44.48
N ASN C 115 -26.41 -10.19 -44.59
CA ASN C 115 -26.54 -8.73 -44.52
C ASN C 115 -26.67 -8.21 -43.09
N ILE C 116 -26.47 -9.10 -42.09
CA ILE C 116 -26.52 -8.81 -40.64
C ILE C 116 -25.34 -7.91 -40.24
N ASN C 117 -24.18 -8.08 -40.93
CA ASN C 117 -22.97 -7.29 -40.73
C ASN C 117 -23.22 -5.84 -41.14
N ALA C 118 -24.06 -5.63 -42.17
CA ALA C 118 -24.47 -4.32 -42.67
C ALA C 118 -25.47 -3.67 -41.71
N TYR C 119 -26.31 -4.50 -41.05
CA TYR C 119 -27.30 -4.04 -40.07
C TYR C 119 -26.61 -3.59 -38.78
N ALA C 120 -25.48 -4.22 -38.43
CA ALA C 120 -24.68 -3.90 -37.25
C ALA C 120 -23.97 -2.56 -37.40
N GLU C 121 -23.58 -2.20 -38.65
CA GLU C 121 -22.91 -0.96 -38.99
C GLU C 121 -23.80 0.27 -38.81
N ILE C 122 -25.11 0.15 -39.17
CA ILE C 122 -26.08 1.24 -39.04
C ILE C 122 -26.55 1.43 -37.59
N VAL C 123 -26.40 0.40 -36.73
CA VAL C 123 -26.74 0.48 -35.30
C VAL C 123 -25.63 1.28 -34.60
N ALA C 124 -24.36 1.01 -34.98
CA ALA C 124 -23.17 1.70 -34.48
C ALA C 124 -23.15 3.15 -34.97
N GLU C 125 -23.70 3.41 -36.17
CA GLU C 125 -23.80 4.72 -36.80
C GLU C 125 -24.69 5.66 -35.98
N ARG C 126 -25.91 5.20 -35.61
CA ARG C 126 -26.87 5.95 -34.81
C ARG C 126 -26.39 6.16 -33.37
N ALA C 127 -25.68 5.17 -32.82
CA ALA C 127 -25.14 5.20 -31.46
C ALA C 127 -23.97 6.17 -31.32
N LEU C 128 -23.10 6.27 -32.35
CA LEU C 128 -21.94 7.18 -32.36
C LEU C 128 -22.37 8.64 -32.38
N VAL C 129 -23.43 8.95 -33.15
CA VAL C 129 -24.01 10.31 -33.26
C VAL C 129 -24.68 10.67 -31.92
N ARG C 130 -25.36 9.68 -31.29
CA ARG C 130 -26.03 9.83 -30.00
C ARG C 130 -25.00 10.12 -28.88
N ASN C 131 -23.81 9.49 -28.96
CA ASN C 131 -22.71 9.70 -28.02
C ASN C 131 -22.07 11.08 -28.23
N LEU C 132 -22.02 11.53 -29.50
CA LEU C 132 -21.48 12.83 -29.90
C LEU C 132 -22.35 13.99 -29.38
N ILE C 133 -23.69 13.81 -29.40
CA ILE C 133 -24.66 14.80 -28.90
C ILE C 133 -24.55 14.88 -27.37
N GLY C 134 -24.36 13.72 -26.73
CA GLY C 134 -24.19 13.59 -25.28
C GLY C 134 -22.94 14.31 -24.77
N VAL C 135 -21.91 14.40 -25.63
CA VAL C 135 -20.66 15.11 -25.38
C VAL C 135 -20.84 16.60 -25.70
N ALA C 136 -21.58 16.91 -26.80
CA ALA C 136 -21.90 18.28 -27.22
C ALA C 136 -22.73 19.02 -26.16
N ASN C 137 -23.68 18.31 -25.52
CA ASN C 137 -24.53 18.83 -24.45
C ASN C 137 -23.72 18.99 -23.17
N GLU C 138 -22.73 18.09 -22.93
CA GLU C 138 -21.84 18.11 -21.78
C GLU C 138 -20.97 19.37 -21.78
N ILE C 139 -20.49 19.77 -22.99
CA ILE C 139 -19.66 20.97 -23.20
C ILE C 139 -20.50 22.23 -22.99
N ALA C 140 -21.72 22.27 -23.58
CA ALA C 140 -22.67 23.38 -23.49
C ALA C 140 -23.10 23.66 -22.04
N ASP C 141 -23.45 22.61 -21.27
CA ASP C 141 -23.85 22.71 -19.86
C ASP C 141 -22.69 23.17 -18.96
N ALA C 142 -21.45 22.75 -19.30
CA ALA C 142 -20.23 23.14 -18.59
C ALA C 142 -19.84 24.58 -18.91
N GLY C 143 -20.25 25.06 -20.08
CA GLY C 143 -20.01 26.43 -20.54
C GLY C 143 -20.79 27.46 -19.76
N TYR C 144 -22.12 27.24 -19.62
CA TYR C 144 -23.03 28.11 -18.86
C TYR C 144 -22.78 27.99 -17.35
N ASP C 145 -22.43 26.78 -16.89
CA ASP C 145 -22.14 26.48 -15.48
C ASP C 145 -20.65 26.06 -15.35
N PRO C 146 -19.71 27.03 -15.24
CA PRO C 146 -18.28 26.65 -15.15
C PRO C 146 -17.88 26.08 -13.80
N GLN C 147 -18.29 26.74 -12.69
CA GLN C 147 -17.99 26.36 -11.29
C GLN C 147 -16.48 26.23 -11.04
N GLY C 148 -15.77 27.34 -11.26
CA GLY C 148 -14.32 27.42 -11.08
C GLY C 148 -13.50 27.20 -12.33
N ARG C 149 -14.08 26.50 -13.33
CA ARG C 149 -13.43 26.18 -14.60
C ARG C 149 -13.21 27.41 -15.47
N ASN C 150 -11.93 27.67 -15.83
CA ASN C 150 -11.51 28.80 -16.67
C ASN C 150 -11.63 28.43 -18.16
N ALA C 151 -11.39 29.40 -19.07
CA ALA C 151 -11.44 29.20 -20.52
C ALA C 151 -10.43 28.15 -20.99
N GLU C 152 -9.24 28.13 -20.38
CA GLU C 152 -8.16 27.19 -20.68
C GLU C 152 -8.55 25.78 -20.19
N ASP C 153 -9.18 25.70 -19.00
CA ASP C 153 -9.66 24.47 -18.38
C ASP C 153 -10.83 23.86 -19.15
N LEU C 154 -11.77 24.72 -19.62
CA LEU C 154 -12.94 24.30 -20.40
C LEU C 154 -12.56 23.83 -21.81
N LEU C 155 -11.48 24.38 -22.38
CA LEU C 155 -10.98 24.02 -23.71
C LEU C 155 -10.40 22.60 -23.69
N ASP C 156 -9.65 22.25 -22.63
CA ASP C 156 -9.04 20.93 -22.44
C ASP C 156 -10.10 19.85 -22.19
N LEU C 157 -11.15 20.20 -21.41
CA LEU C 157 -12.27 19.32 -21.06
C LEU C 157 -13.11 19.00 -22.31
N ALA C 158 -13.29 19.99 -23.20
CA ALA C 158 -14.06 19.85 -24.44
C ALA C 158 -13.35 18.97 -25.46
N GLU C 159 -12.03 19.18 -25.67
CA GLU C 159 -11.22 18.42 -26.63
C GLU C 159 -11.00 16.96 -26.19
N SER C 160 -10.74 16.73 -24.88
CA SER C 160 -10.50 15.39 -24.32
C SER C 160 -11.73 14.49 -24.46
N LYS C 161 -12.94 15.06 -24.28
CA LYS C 161 -14.21 14.33 -24.41
C LYS C 161 -14.54 14.02 -25.88
N VAL C 162 -14.17 14.93 -26.80
CA VAL C 162 -14.37 14.79 -28.25
C VAL C 162 -13.43 13.71 -28.80
N PHE C 163 -12.16 13.69 -28.33
CA PHE C 163 -11.15 12.71 -28.72
C PHE C 163 -11.49 11.28 -28.30
N ALA C 164 -12.28 11.12 -27.23
CA ALA C 164 -12.73 9.82 -26.69
C ALA C 164 -13.63 9.08 -27.70
N ILE C 165 -14.44 9.83 -28.48
CA ILE C 165 -15.34 9.30 -29.50
C ILE C 165 -14.51 8.91 -30.73
N ALA C 166 -13.50 9.73 -31.09
CA ALA C 166 -12.58 9.50 -32.20
C ALA C 166 -11.64 8.33 -31.93
N GLU C 167 -11.30 8.08 -30.64
CA GLU C 167 -10.45 6.98 -30.19
C GLU C 167 -11.22 5.65 -30.25
N ALA C 168 -12.51 5.67 -29.82
CA ALA C 168 -13.39 4.51 -29.85
C ALA C 168 -13.76 4.09 -31.27
N ARG C 169 -13.80 5.07 -32.21
CA ARG C 169 -14.08 4.89 -33.63
C ARG C 169 -12.93 4.15 -34.33
N THR C 170 -11.72 4.15 -33.75
CA THR C 170 -10.54 3.50 -34.33
C THR C 170 -10.23 2.13 -33.70
N SER C 171 -10.64 1.88 -32.43
CA SER C 171 -10.44 0.60 -31.73
C SER C 171 -11.20 -0.55 -32.41
N GLU C 172 -12.32 -0.24 -33.09
CA GLU C 172 -13.15 -1.18 -33.83
C GLU C 172 -12.43 -1.61 -35.12
N ASN C 173 -13.01 -2.59 -35.81
CA ASN C 173 -12.54 -3.18 -37.08
C ASN C 173 -11.00 -3.35 -37.23
N GLU C 174 -10.33 -3.68 -36.11
CA GLU C 174 -8.92 -4.03 -36.02
C GLU C 174 -8.97 -5.52 -35.82
N GLY C 175 -8.07 -6.18 -36.46
CA GLY C 175 -8.06 -7.63 -36.38
C GLY C 175 -7.01 -8.24 -37.26
N PRO C 176 -7.13 -9.56 -37.55
CA PRO C 176 -6.10 -10.22 -38.36
C PRO C 176 -6.08 -9.79 -39.83
N LYS C 177 -4.89 -9.87 -40.43
CA LYS C 177 -4.65 -9.50 -41.82
C LYS C 177 -4.04 -10.68 -42.57
N ASN C 178 -4.59 -10.97 -43.76
CA ASN C 178 -4.08 -12.03 -44.63
C ASN C 178 -2.83 -11.51 -45.33
N VAL C 179 -1.92 -12.43 -45.74
CA VAL C 179 -0.67 -12.12 -46.42
C VAL C 179 -0.85 -11.25 -47.68
N ASP C 180 -2.00 -11.40 -48.38
CA ASP C 180 -2.34 -10.66 -49.60
C ASP C 180 -2.28 -9.14 -49.38
N SER C 181 -2.92 -8.66 -48.27
CA SER C 181 -2.99 -7.24 -47.90
C SER C 181 -1.63 -6.71 -47.40
N ILE C 182 -0.87 -7.57 -46.69
CA ILE C 182 0.43 -7.22 -46.11
C ILE C 182 1.52 -7.14 -47.17
N LEU C 183 1.68 -8.20 -48.01
CA LEU C 183 2.68 -8.26 -49.07
C LEU C 183 2.60 -7.10 -50.04
N GLU C 184 1.38 -6.71 -50.46
CA GLU C 184 1.12 -5.59 -51.37
C GLU C 184 1.58 -4.27 -50.75
N ARG C 185 1.36 -4.09 -49.44
CA ARG C 185 1.75 -2.90 -48.69
C ARG C 185 3.27 -2.87 -48.45
N THR C 186 3.87 -4.05 -48.20
CA THR C 186 5.31 -4.22 -47.95
C THR C 186 6.13 -4.02 -49.23
N LEU C 187 5.70 -4.64 -50.35
CA LEU C 187 6.38 -4.54 -51.64
C LEU C 187 6.35 -3.14 -52.23
N GLU C 188 5.29 -2.37 -51.96
CA GLU C 188 5.14 -0.98 -52.43
C GLU C 188 6.15 -0.08 -51.72
N ARG C 189 6.46 -0.39 -50.45
CA ARG C 189 7.44 0.33 -49.62
C ARG C 189 8.87 0.12 -50.15
N ILE C 190 9.23 -1.14 -50.46
CA ILE C 190 10.54 -1.52 -51.00
C ILE C 190 10.73 -0.94 -52.41
N GLU C 191 9.67 -0.95 -53.25
CA GLU C 191 9.67 -0.42 -54.62
C GLU C 191 9.96 1.09 -54.65
N LEU C 192 9.28 1.87 -53.77
CA LEU C 192 9.47 3.32 -53.68
C LEU C 192 10.86 3.69 -53.15
N LEU C 193 11.41 2.85 -52.24
CA LEU C 193 12.74 3.02 -51.66
C LEU C 193 13.85 2.72 -52.67
N TYR C 194 13.66 1.68 -53.51
CA TYR C 194 14.62 1.27 -54.56
C TYR C 194 14.65 2.28 -55.71
N LYS C 195 13.50 2.92 -55.99
CA LYS C 195 13.30 3.93 -57.04
C LYS C 195 14.05 5.23 -56.74
N THR C 196 13.88 5.77 -55.52
CA THR C 196 14.49 7.04 -55.07
C THR C 196 15.96 6.89 -54.65
N PRO C 197 16.83 7.91 -54.93
CA PRO C 197 18.23 7.79 -54.50
C PRO C 197 18.38 8.01 -52.99
N GLN C 198 18.48 6.88 -52.28
CA GLN C 198 18.61 6.77 -50.81
C GLN C 198 19.82 7.54 -50.24
N ASP C 199 21.06 7.21 -50.70
CA ASP C 199 22.33 7.81 -50.26
C ASP C 199 22.60 7.55 -48.76
N GLY C 200 22.07 6.43 -48.26
CA GLY C 200 22.22 6.02 -46.87
C GLY C 200 21.15 6.54 -45.94
N VAL C 201 20.84 7.86 -46.03
CA VAL C 201 19.83 8.56 -45.23
C VAL C 201 18.41 8.09 -45.67
N THR C 202 17.61 7.62 -44.71
CA THR C 202 16.23 7.16 -44.94
C THR C 202 15.33 7.65 -43.80
N GLY C 203 14.47 8.61 -44.12
CA GLY C 203 13.56 9.22 -43.18
C GLY C 203 13.99 10.62 -42.78
N VAL C 204 14.60 10.75 -41.59
CA VAL C 204 15.07 12.03 -41.04
C VAL C 204 16.61 12.02 -40.95
N ASN C 205 17.25 13.06 -41.52
CA ASN C 205 18.71 13.22 -41.51
C ASN C 205 19.20 13.66 -40.13
N THR C 206 20.14 12.88 -39.55
CA THR C 206 20.74 13.15 -38.24
C THR C 206 21.71 14.32 -38.29
N GLY C 207 22.42 14.45 -39.40
CA GLY C 207 23.42 15.49 -39.64
C GLY C 207 24.84 14.97 -39.57
N PHE C 208 25.01 13.73 -39.05
CA PHE C 208 26.31 13.08 -38.90
C PHE C 208 26.41 11.90 -39.87
N THR C 209 27.40 11.97 -40.79
CA THR C 209 27.64 10.96 -41.83
C THR C 209 28.02 9.59 -41.27
N ASP C 210 28.86 9.57 -40.20
CA ASP C 210 29.30 8.34 -39.53
C ASP C 210 28.14 7.65 -38.81
N LEU C 211 27.20 8.44 -38.25
CA LEU C 211 26.02 7.96 -37.53
C LEU C 211 24.97 7.42 -38.51
N ASN C 212 24.72 8.14 -39.62
CA ASN C 212 23.75 7.78 -40.67
C ASN C 212 24.00 6.41 -41.31
N LYS C 213 25.26 5.93 -41.30
CA LYS C 213 25.65 4.64 -41.85
C LYS C 213 25.07 3.47 -41.03
N LYS C 214 25.03 3.61 -39.69
CA LYS C 214 24.51 2.59 -38.76
C LYS C 214 23.02 2.78 -38.46
N THR C 215 22.62 4.03 -38.18
CA THR C 215 21.25 4.43 -37.83
C THR C 215 20.28 4.29 -39.01
N ALA C 216 20.76 4.58 -40.25
CA ALA C 216 20.00 4.60 -41.51
C ALA C 216 18.86 5.63 -41.42
N GLY C 217 19.18 6.78 -40.81
CA GLY C 217 18.26 7.89 -40.60
C GLY C 217 17.28 7.64 -39.46
N LEU C 218 16.73 8.73 -38.89
CA LEU C 218 15.74 8.64 -37.82
C LEU C 218 14.40 8.24 -38.42
N GLN C 219 14.11 6.93 -38.42
CA GLN C 219 12.92 6.30 -38.97
C GLN C 219 11.61 6.85 -38.40
N GLY C 220 10.58 6.91 -39.22
CA GLY C 220 9.27 7.39 -38.82
C GLY C 220 8.52 6.40 -37.94
N SER C 221 7.61 6.93 -37.10
CA SER C 221 6.73 6.21 -36.16
C SER C 221 7.43 5.36 -35.06
N ASP C 222 8.77 5.29 -35.03
CA ASP C 222 9.46 4.50 -34.01
C ASP C 222 10.02 5.39 -32.88
N LEU C 223 10.08 4.83 -31.64
CA LEU C 223 10.52 5.52 -30.44
C LEU C 223 12.04 5.44 -30.25
N ILE C 224 12.69 6.62 -30.09
CA ILE C 224 14.14 6.76 -29.90
C ILE C 224 14.46 7.36 -28.53
N ILE C 225 15.31 6.69 -27.75
CA ILE C 225 15.72 7.17 -26.43
C ILE C 225 17.22 7.46 -26.41
N VAL C 226 17.57 8.70 -26.07
CA VAL C 226 18.96 9.16 -25.95
C VAL C 226 19.22 9.30 -24.44
N ALA C 227 19.97 8.33 -23.88
CA ALA C 227 20.27 8.28 -22.45
C ALA C 227 21.74 8.45 -22.13
N ALA C 228 22.05 9.23 -21.08
CA ALA C 228 23.41 9.48 -20.60
C ALA C 228 23.42 9.93 -19.13
N ARG C 229 24.61 9.87 -18.49
CA ARG C 229 24.88 10.29 -17.11
C ARG C 229 24.69 11.84 -17.02
N PRO C 230 24.25 12.44 -15.87
CA PRO C 230 24.09 13.90 -15.82
C PRO C 230 25.31 14.70 -16.27
N SER C 231 25.07 15.81 -17.00
CA SER C 231 26.05 16.74 -17.56
C SER C 231 26.97 16.10 -18.63
N MET C 232 26.50 15.01 -19.28
CA MET C 232 27.24 14.34 -20.36
C MET C 232 26.97 15.00 -21.70
N GLY C 233 25.76 15.55 -21.85
CA GLY C 233 25.33 16.22 -23.07
C GLY C 233 24.10 15.63 -23.70
N LYS C 234 23.08 15.30 -22.87
CA LYS C 234 21.80 14.74 -23.31
C LYS C 234 21.06 15.81 -24.13
N THR C 235 20.83 16.99 -23.53
CA THR C 235 20.18 18.16 -24.14
C THR C 235 21.04 18.69 -25.29
N THR C 236 22.38 18.65 -25.13
CA THR C 236 23.35 19.11 -26.13
C THR C 236 23.26 18.27 -27.41
N PHE C 237 23.32 16.93 -27.32
CA PHE C 237 23.23 16.02 -28.46
C PHE C 237 21.85 16.03 -29.11
N ALA C 238 20.78 16.10 -28.30
CA ALA C 238 19.40 16.13 -28.77
C ALA C 238 19.14 17.40 -29.59
N MET C 239 19.69 18.54 -29.13
CA MET C 239 19.57 19.82 -29.85
C MET C 239 20.40 19.79 -31.12
N ASN C 240 21.59 19.12 -31.07
CA ASN C 240 22.49 18.96 -32.23
C ASN C 240 21.83 18.17 -33.37
N LEU C 241 20.85 17.30 -33.03
CA LEU C 241 20.06 16.53 -33.98
C LEU C 241 18.98 17.45 -34.55
N CYS C 242 18.38 18.31 -33.68
CA CYS C 242 17.34 19.27 -34.02
C CYS C 242 17.86 20.45 -34.87
N GLU C 243 19.19 20.75 -34.82
CA GLU C 243 19.81 21.82 -35.62
C GLU C 243 19.65 21.42 -37.09
N ASN C 244 20.09 20.20 -37.42
CA ASN C 244 20.06 19.61 -38.76
C ASN C 244 18.64 19.18 -39.17
N ALA C 245 17.78 18.79 -38.20
CA ALA C 245 16.39 18.38 -38.46
C ALA C 245 15.53 19.54 -38.94
N ALA C 246 15.81 20.77 -38.46
CA ALA C 246 15.09 21.99 -38.85
C ALA C 246 15.60 22.50 -40.20
N MET C 247 16.90 22.28 -40.51
CA MET C 247 17.55 22.71 -41.75
C MET C 247 17.23 21.77 -42.92
N GLU C 248 17.46 20.45 -42.74
CA GLU C 248 17.26 19.45 -43.78
C GLU C 248 15.78 19.20 -44.09
N GLN C 249 14.99 18.79 -43.07
CA GLN C 249 13.56 18.49 -43.25
C GLN C 249 12.71 19.75 -43.37
N ASP C 250 11.79 19.72 -44.36
CA ASP C 250 10.85 20.79 -44.68
C ASP C 250 9.76 20.97 -43.62
N LYS C 251 9.27 19.84 -43.05
CA LYS C 251 8.23 19.82 -42.02
C LYS C 251 8.77 20.28 -40.65
N PRO C 252 7.98 21.03 -39.83
CA PRO C 252 8.49 21.53 -38.55
C PRO C 252 8.85 20.48 -37.49
N VAL C 253 9.75 20.89 -36.56
CA VAL C 253 10.24 20.09 -35.42
C VAL C 253 9.70 20.63 -34.10
N LEU C 254 9.13 19.75 -33.26
CA LEU C 254 8.55 20.11 -31.96
C LEU C 254 9.46 19.65 -30.81
N ILE C 255 9.77 20.56 -29.88
CA ILE C 255 10.64 20.32 -28.72
C ILE C 255 9.92 20.68 -27.42
N PHE C 256 9.90 19.73 -26.46
CA PHE C 256 9.29 19.93 -25.15
C PHE C 256 10.39 20.12 -24.11
N SER C 257 10.72 21.39 -23.79
CA SER C 257 11.77 21.71 -22.82
C SER C 257 11.20 21.77 -21.40
N LEU C 258 11.45 20.70 -20.64
CA LEU C 258 10.95 20.55 -19.27
C LEU C 258 11.93 21.08 -18.21
N GLU C 259 13.22 20.73 -18.34
CA GLU C 259 14.27 21.11 -17.39
C GLU C 259 14.65 22.59 -17.49
N MET C 260 15.14 23.04 -18.65
CA MET C 260 15.56 24.42 -18.90
C MET C 260 14.53 25.22 -19.73
N PRO C 261 14.48 26.58 -19.64
CA PRO C 261 13.48 27.32 -20.43
C PRO C 261 13.82 27.46 -21.92
N ALA C 262 12.90 28.03 -22.70
CA ALA C 262 13.03 28.26 -24.15
C ALA C 262 14.20 29.20 -24.50
N GLU C 263 14.52 30.14 -23.60
CA GLU C 263 15.60 31.13 -23.76
C GLU C 263 16.98 30.47 -23.70
N GLN C 264 17.20 29.56 -22.72
CA GLN C 264 18.45 28.82 -22.51
C GLN C 264 18.75 27.89 -23.69
N ILE C 265 17.70 27.30 -24.28
CA ILE C 265 17.77 26.41 -25.45
C ILE C 265 18.26 27.22 -26.67
N MET C 266 17.73 28.44 -26.84
CA MET C 266 18.08 29.37 -27.92
C MET C 266 19.53 29.84 -27.88
N MET C 267 20.08 30.05 -26.67
CA MET C 267 21.48 30.47 -26.48
C MET C 267 22.43 29.35 -26.89
N ARG C 268 22.04 28.08 -26.62
CA ARG C 268 22.77 26.87 -26.98
C ARG C 268 22.66 26.64 -28.50
N MET C 269 21.51 27.02 -29.09
CA MET C 269 21.23 26.91 -30.52
C MET C 269 22.07 27.89 -31.32
N LEU C 270 22.16 29.16 -30.87
CA LEU C 270 22.94 30.22 -31.50
C LEU C 270 24.42 29.88 -31.47
N ALA C 271 24.90 29.29 -30.35
CA ALA C 271 26.28 28.86 -30.17
C ALA C 271 26.68 27.72 -31.10
N SER C 272 25.76 26.75 -31.31
CA SER C 272 25.98 25.57 -32.16
C SER C 272 26.08 25.91 -33.65
N LEU C 273 25.27 26.86 -34.14
CA LEU C 273 25.26 27.24 -35.55
C LEU C 273 26.26 28.34 -35.92
N SER C 274 26.39 29.38 -35.07
CA SER C 274 27.33 30.48 -35.32
C SER C 274 28.77 30.05 -35.01
N ARG C 275 28.92 29.02 -34.15
CA ARG C 275 30.18 28.43 -33.70
C ARG C 275 31.03 29.45 -32.92
N VAL C 276 30.40 30.03 -31.88
CA VAL C 276 30.95 30.97 -30.91
C VAL C 276 30.56 30.49 -29.51
N ASP C 277 31.55 30.35 -28.61
CA ASP C 277 31.41 29.83 -27.24
C ASP C 277 30.23 30.40 -26.46
N GLN C 278 29.52 29.51 -25.72
CA GLN C 278 28.34 29.82 -24.89
C GLN C 278 28.63 30.89 -23.85
N THR C 279 29.85 30.89 -23.29
CA THR C 279 30.34 31.84 -22.27
C THR C 279 30.32 33.29 -22.79
N LYS C 280 30.54 33.50 -24.11
CA LYS C 280 30.50 34.82 -24.73
C LYS C 280 29.05 35.32 -24.82
N ILE C 281 28.09 34.40 -25.10
CA ILE C 281 26.66 34.69 -25.24
C ILE C 281 26.01 35.07 -23.91
N ARG C 282 26.19 34.25 -22.85
CA ARG C 282 25.59 34.50 -21.52
C ARG C 282 26.17 35.75 -20.82
N THR C 283 27.38 36.19 -21.22
CA THR C 283 27.99 37.39 -20.68
C THR C 283 27.64 38.59 -21.58
N GLY C 284 27.46 38.31 -22.87
CA GLY C 284 27.09 39.31 -23.87
C GLY C 284 28.26 39.95 -24.59
N GLN C 285 29.50 39.73 -24.09
CA GLN C 285 30.72 40.27 -24.68
C GLN C 285 31.22 39.42 -25.85
N LEU C 286 31.17 40.02 -27.06
CA LEU C 286 31.62 39.41 -28.33
C LEU C 286 31.88 40.49 -29.37
N ASP C 287 33.01 40.36 -30.10
CA ASP C 287 33.42 41.30 -31.13
C ASP C 287 32.58 41.27 -32.40
N ASP C 288 32.85 42.22 -33.33
CA ASP C 288 32.18 42.38 -34.62
C ASP C 288 32.30 41.12 -35.49
N GLU C 289 33.45 40.42 -35.38
CA GLU C 289 33.74 39.17 -36.09
C GLU C 289 32.82 38.05 -35.58
N ASP C 290 32.56 38.02 -34.25
CA ASP C 290 31.69 37.05 -33.60
C ASP C 290 30.22 37.33 -33.89
N TRP C 291 29.86 38.63 -34.00
CA TRP C 291 28.50 39.10 -34.30
C TRP C 291 28.05 38.77 -35.72
N ALA C 292 29.00 38.73 -36.68
CA ALA C 292 28.75 38.43 -38.08
C ALA C 292 28.28 36.98 -38.26
N ARG C 293 28.82 36.05 -37.45
CA ARG C 293 28.45 34.63 -37.45
C ARG C 293 27.07 34.44 -36.80
N ILE C 294 26.74 35.29 -35.79
CA ILE C 294 25.45 35.31 -35.08
C ILE C 294 24.36 35.79 -36.05
N SER C 295 24.67 36.84 -36.84
CA SER C 295 23.82 37.46 -37.84
C SER C 295 23.39 36.48 -38.94
N SER C 296 24.34 35.64 -39.41
CA SER C 296 24.13 34.64 -40.46
C SER C 296 23.20 33.51 -40.00
N THR C 297 23.25 33.17 -38.69
CA THR C 297 22.44 32.13 -38.07
C THR C 297 20.95 32.48 -38.09
N MET C 298 20.60 33.69 -37.63
CA MET C 298 19.22 34.21 -37.56
C MET C 298 18.50 34.20 -38.91
N GLY C 299 19.23 34.52 -39.97
CA GLY C 299 18.72 34.58 -41.34
C GLY C 299 18.15 33.26 -41.84
N ILE C 300 18.92 32.17 -41.66
CA ILE C 300 18.53 30.81 -42.09
C ILE C 300 17.40 30.26 -41.19
N LEU C 301 17.41 30.65 -39.90
CA LEU C 301 16.42 30.24 -38.90
C LEU C 301 15.01 30.75 -39.19
N MET C 302 14.90 32.01 -39.65
CA MET C 302 13.62 32.64 -39.96
C MET C 302 13.14 32.39 -41.40
N GLU C 303 13.95 31.71 -42.22
CA GLU C 303 13.59 31.35 -43.59
C GLU C 303 12.64 30.15 -43.62
N LYS C 304 12.87 29.17 -42.71
CA LYS C 304 12.07 27.95 -42.59
C LYS C 304 11.09 27.99 -41.40
N LYS C 305 11.55 28.49 -40.23
CA LYS C 305 10.79 28.61 -38.97
C LYS C 305 10.20 27.27 -38.49
N ASN C 306 11.00 26.19 -38.62
CA ASN C 306 10.62 24.83 -38.24
C ASN C 306 10.67 24.55 -36.74
N MET C 307 11.51 25.29 -35.99
CA MET C 307 11.69 25.10 -34.54
C MET C 307 10.51 25.62 -33.70
N TYR C 308 10.06 24.78 -32.74
CA TYR C 308 8.99 25.06 -31.79
C TYR C 308 9.36 24.50 -30.41
N ILE C 309 9.45 25.38 -29.39
CA ILE C 309 9.85 25.00 -28.03
C ILE C 309 8.70 25.20 -27.03
N ASP C 310 8.46 24.18 -26.19
CA ASP C 310 7.43 24.17 -25.14
C ASP C 310 8.10 24.20 -23.77
N ASP C 311 8.18 25.40 -23.17
CA ASP C 311 8.80 25.59 -21.86
C ASP C 311 7.79 25.37 -20.71
N SER C 312 7.40 24.09 -20.51
CA SER C 312 6.48 23.67 -19.46
C SER C 312 7.20 22.72 -18.49
N SER C 313 7.07 22.99 -17.18
CA SER C 313 7.72 22.24 -16.10
C SER C 313 7.26 20.78 -15.94
N GLY C 314 5.96 20.57 -15.78
CA GLY C 314 5.38 19.24 -15.58
C GLY C 314 4.26 18.90 -16.53
N LEU C 315 4.61 18.33 -17.70
CA LEU C 315 3.67 17.92 -18.73
C LEU C 315 3.08 16.54 -18.48
N THR C 316 1.81 16.34 -18.89
CA THR C 316 1.11 15.07 -18.76
C THR C 316 1.06 14.37 -20.13
N PRO C 317 0.99 13.01 -20.21
CA PRO C 317 0.94 12.33 -21.52
C PRO C 317 -0.21 12.78 -22.43
N THR C 318 -1.29 13.33 -21.83
CA THR C 318 -2.46 13.85 -22.53
C THR C 318 -2.12 15.23 -23.14
N GLU C 319 -1.39 16.08 -22.37
CA GLU C 319 -0.96 17.43 -22.80
C GLU C 319 0.04 17.38 -23.96
N VAL C 320 0.90 16.35 -24.00
CA VAL C 320 1.90 16.15 -25.06
C VAL C 320 1.18 15.81 -26.38
N ARG C 321 0.16 14.93 -26.32
CA ARG C 321 -0.65 14.50 -27.47
C ARG C 321 -1.45 15.64 -28.10
N SER C 322 -2.13 16.46 -27.26
CA SER C 322 -2.95 17.59 -27.67
C SER C 322 -2.12 18.68 -28.35
N ARG C 323 -0.93 18.98 -27.81
CA ARG C 323 -0.01 19.99 -28.35
C ARG C 323 0.70 19.54 -29.61
N ALA C 324 0.93 18.21 -29.76
CA ALA C 324 1.57 17.63 -30.94
C ALA C 324 0.60 17.63 -32.13
N ARG C 325 -0.69 17.35 -31.87
CA ARG C 325 -1.75 17.33 -32.87
C ARG C 325 -2.03 18.73 -33.42
N ARG C 326 -1.90 19.77 -32.56
CA ARG C 326 -2.11 21.18 -32.88
C ARG C 326 -1.14 21.69 -33.96
N ILE C 327 0.19 21.52 -33.74
CA ILE C 327 1.24 21.94 -34.67
C ILE C 327 1.19 21.14 -35.98
N ALA C 328 0.84 19.84 -35.89
CA ALA C 328 0.71 18.94 -37.04
C ALA C 328 -0.46 19.35 -37.94
N ARG C 329 -1.58 19.80 -37.34
CA ARG C 329 -2.75 20.24 -38.08
C ARG C 329 -2.57 21.65 -38.66
N GLU C 330 -1.84 22.52 -37.93
CA GLU C 330 -1.58 23.90 -38.33
C GLU C 330 -0.53 24.04 -39.42
N HIS C 331 0.58 23.27 -39.32
CA HIS C 331 1.70 23.37 -40.26
C HIS C 331 1.88 22.14 -41.16
N GLY C 332 0.78 21.62 -41.70
CA GLY C 332 0.76 20.48 -42.62
C GLY C 332 1.01 19.13 -41.97
N GLY C 333 2.05 19.07 -41.13
CA GLY C 333 2.46 17.87 -40.41
C GLY C 333 3.84 18.03 -39.81
N LEU C 334 4.10 17.31 -38.70
CA LEU C 334 5.39 17.36 -38.02
C LEU C 334 6.43 16.45 -38.69
N SER C 335 7.70 16.55 -38.25
CA SER C 335 8.81 15.76 -38.78
C SER C 335 9.55 15.00 -37.67
N LEU C 336 9.74 15.66 -36.51
CA LEU C 336 10.43 15.09 -35.34
C LEU C 336 9.96 15.75 -34.04
N ILE C 337 9.62 14.92 -33.03
CA ILE C 337 9.20 15.36 -31.71
C ILE C 337 10.32 15.02 -30.71
N MET C 338 10.73 16.00 -29.89
CA MET C 338 11.79 15.83 -28.90
C MET C 338 11.31 16.21 -27.49
N VAL C 339 11.74 15.42 -26.49
CA VAL C 339 11.41 15.62 -25.07
C VAL C 339 12.73 15.82 -24.29
N ASP C 340 12.86 16.94 -23.57
CA ASP C 340 14.05 17.29 -22.78
C ASP C 340 14.30 16.35 -21.61
N TYR C 341 13.22 15.79 -21.01
CA TYR C 341 13.31 14.87 -19.88
C TYR C 341 12.08 14.00 -19.76
N LEU C 342 12.29 12.66 -19.79
CA LEU C 342 11.23 11.67 -19.67
C LEU C 342 10.75 11.58 -18.21
N GLN C 343 11.70 11.67 -17.26
CA GLN C 343 11.47 11.61 -15.82
C GLN C 343 10.70 12.84 -15.28
N LEU C 344 10.89 14.02 -15.90
CA LEU C 344 10.21 15.26 -15.51
C LEU C 344 8.72 15.27 -15.90
N MET C 345 8.32 14.39 -16.83
CA MET C 345 6.93 14.23 -17.26
C MET C 345 6.19 13.46 -16.16
N ARG C 346 4.90 13.79 -15.95
CA ARG C 346 4.09 13.17 -14.90
C ARG C 346 2.71 12.72 -15.36
N VAL C 347 2.19 11.65 -14.76
CA VAL C 347 0.84 11.12 -15.05
C VAL C 347 -0.05 11.30 -13.78
N PRO C 348 -1.25 11.93 -13.89
CA PRO C 348 -2.07 12.15 -12.68
C PRO C 348 -2.63 10.89 -12.02
N ALA C 349 -2.88 9.83 -12.80
CA ALA C 349 -3.43 8.57 -12.30
C ALA C 349 -2.41 7.74 -11.51
N LEU C 350 -1.20 7.55 -12.08
CA LEU C 350 -0.13 6.75 -11.46
C LEU C 350 0.93 7.64 -10.81
N THR C 351 0.49 8.62 -9.99
CA THR C 351 1.38 9.55 -9.28
C THR C 351 2.09 8.84 -8.12
N ASP C 352 1.37 7.94 -7.41
CA ASP C 352 1.86 7.17 -6.27
C ASP C 352 2.95 6.16 -6.68
N ASN C 353 2.66 5.32 -7.71
CA ASN C 353 3.61 4.32 -8.21
C ASN C 353 4.49 4.91 -9.31
N ARG C 354 5.77 5.11 -8.99
CA ARG C 354 6.78 5.68 -9.90
C ARG C 354 7.15 4.74 -11.05
N THR C 355 7.24 3.42 -10.78
CA THR C 355 7.58 2.41 -11.78
C THR C 355 6.51 2.35 -12.89
N LEU C 356 5.22 2.47 -12.51
CA LEU C 356 4.08 2.48 -13.44
C LEU C 356 3.93 3.83 -14.16
N GLU C 357 4.42 4.92 -13.52
CA GLU C 357 4.40 6.28 -14.05
C GLU C 357 5.30 6.35 -15.30
N ILE C 358 6.56 5.87 -15.17
CA ILE C 358 7.57 5.83 -16.24
C ILE C 358 7.14 4.84 -17.33
N ALA C 359 6.58 3.68 -16.94
CA ALA C 359 6.11 2.63 -17.86
C ALA C 359 4.99 3.13 -18.77
N GLU C 360 4.02 3.91 -18.23
CA GLU C 360 2.91 4.47 -19.00
C GLU C 360 3.36 5.65 -19.88
N ILE C 361 4.29 6.49 -19.39
CA ILE C 361 4.84 7.64 -20.12
C ILE C 361 5.60 7.14 -21.37
N SER C 362 6.41 6.07 -21.20
CA SER C 362 7.16 5.43 -22.30
C SER C 362 6.22 4.77 -23.31
N ARG C 363 5.10 4.19 -22.82
CA ARG C 363 4.08 3.53 -23.63
C ARG C 363 3.24 4.56 -24.40
N SER C 364 3.03 5.76 -23.81
CA SER C 364 2.28 6.86 -24.41
C SER C 364 3.09 7.54 -25.52
N LEU C 365 4.41 7.69 -25.33
CA LEU C 365 5.33 8.32 -26.28
C LEU C 365 5.54 7.47 -27.55
N LYS C 366 5.50 6.13 -27.42
CA LYS C 366 5.63 5.19 -28.54
C LYS C 366 4.34 5.22 -29.36
N ALA C 367 3.18 5.29 -28.68
CA ALA C 367 1.85 5.35 -29.30
C ALA C 367 1.62 6.70 -30.00
N LEU C 368 2.29 7.77 -29.51
CA LEU C 368 2.23 9.12 -30.09
C LEU C 368 3.05 9.13 -31.39
N ALA C 369 4.20 8.41 -31.40
CA ALA C 369 5.07 8.29 -32.57
C ALA C 369 4.34 7.63 -33.73
N LYS C 370 3.61 6.51 -33.46
CA LYS C 370 2.83 5.75 -34.45
C LYS C 370 1.63 6.55 -34.95
N GLU C 371 0.99 7.34 -34.06
CA GLU C 371 -0.19 8.17 -34.34
C GLU C 371 0.12 9.25 -35.38
N LEU C 372 1.33 9.84 -35.33
CA LEU C 372 1.77 10.92 -36.22
C LEU C 372 2.79 10.46 -37.28
N ASN C 373 3.27 9.19 -37.19
CA ASN C 373 4.27 8.56 -38.07
C ASN C 373 5.58 9.37 -38.13
N VAL C 374 6.02 9.88 -36.96
CA VAL C 374 7.23 10.70 -36.84
C VAL C 374 8.15 10.21 -35.71
N PRO C 375 9.50 10.24 -35.91
CA PRO C 375 10.42 9.80 -34.84
C PRO C 375 10.34 10.65 -33.57
N VAL C 376 10.18 9.99 -32.41
CA VAL C 376 10.12 10.65 -31.11
C VAL C 376 11.43 10.43 -30.37
N VAL C 377 12.16 11.53 -30.10
CA VAL C 377 13.46 11.52 -29.41
C VAL C 377 13.26 11.91 -27.94
N ALA C 378 13.23 10.91 -27.05
CA ALA C 378 13.05 11.12 -25.61
C ALA C 378 14.38 11.07 -24.89
N LEU C 379 14.59 11.98 -23.93
CA LEU C 379 15.81 12.01 -23.14
C LEU C 379 15.55 11.42 -21.77
N SER C 380 16.34 10.40 -21.38
CA SER C 380 16.23 9.72 -20.10
C SER C 380 17.58 9.64 -19.40
N GLN C 381 17.57 9.52 -18.07
CA GLN C 381 18.81 9.44 -17.29
C GLN C 381 19.05 8.05 -16.73
N LEU C 382 20.32 7.64 -16.71
CA LEU C 382 20.75 6.33 -16.20
C LEU C 382 20.98 6.39 -14.69
N ASN C 383 20.80 5.25 -14.00
CA ASN C 383 21.01 5.13 -12.56
C ASN C 383 22.51 5.18 -12.22
N ARG C 384 22.84 5.55 -10.97
CA ARG C 384 24.21 5.68 -10.44
C ARG C 384 25.02 4.36 -10.43
N SER C 385 24.39 3.22 -10.81
CA SER C 385 24.97 1.88 -10.85
C SER C 385 26.23 1.77 -11.71
N LEU C 386 26.29 2.53 -12.83
CA LEU C 386 27.43 2.52 -13.75
C LEU C 386 28.70 3.17 -13.16
N GLU C 387 28.52 4.15 -12.26
CA GLU C 387 29.62 4.87 -11.58
C GLU C 387 30.32 3.96 -10.57
N GLN C 388 29.54 3.08 -9.91
CA GLN C 388 30.00 2.11 -8.92
C GLN C 388 30.65 0.89 -9.61
N ARG C 389 30.17 0.59 -10.84
CA ARG C 389 30.58 -0.53 -11.70
C ARG C 389 32.04 -0.49 -12.17
N ALA C 390 32.71 0.68 -12.06
CA ALA C 390 34.11 0.97 -12.45
C ALA C 390 34.32 1.09 -13.96
N ASP C 391 33.60 0.29 -14.78
CA ASP C 391 33.65 0.29 -16.24
C ASP C 391 33.15 1.64 -16.79
N LYS C 392 32.07 2.16 -16.19
CA LYS C 392 31.42 3.45 -16.48
C LYS C 392 30.92 3.61 -17.94
N ARG C 393 30.99 2.54 -18.76
CA ARG C 393 30.49 2.53 -20.14
C ARG C 393 28.99 2.21 -20.05
N PRO C 394 28.08 3.16 -20.41
CA PRO C 394 26.63 2.91 -20.24
C PRO C 394 26.05 1.67 -20.90
N VAL C 395 25.30 0.89 -20.09
CA VAL C 395 24.62 -0.35 -20.50
C VAL C 395 23.10 -0.11 -20.28
N ASN C 396 22.25 -0.86 -21.01
CA ASN C 396 20.79 -0.79 -20.95
C ASN C 396 20.21 -1.09 -19.56
N SER C 397 20.90 -1.94 -18.76
CA SER C 397 20.52 -2.33 -17.40
C SER C 397 20.41 -1.17 -16.41
N ASP C 398 21.22 -0.10 -16.60
CA ASP C 398 21.23 1.10 -15.76
C ASP C 398 19.98 1.96 -16.00
N LEU C 399 19.34 1.82 -17.17
CA LEU C 399 18.14 2.56 -17.56
C LEU C 399 16.84 1.85 -17.13
N ARG C 400 16.89 0.51 -16.95
CA ARG C 400 15.77 -0.33 -16.52
C ARG C 400 15.33 -0.04 -15.08
N GLU C 401 16.25 0.49 -14.25
CA GLU C 401 16.03 0.87 -12.83
C GLU C 401 15.05 2.06 -12.70
N SER C 402 14.99 2.92 -13.74
CA SER C 402 14.10 4.09 -13.83
C SER C 402 12.64 3.64 -14.08
N GLY C 403 12.48 2.64 -14.96
CA GLY C 403 11.18 2.07 -15.32
C GLY C 403 11.24 1.19 -16.55
N SER C 404 10.08 0.94 -17.18
CA SER C 404 9.96 0.13 -18.39
C SER C 404 10.17 1.00 -19.63
N ILE C 405 11.42 1.08 -20.10
CA ILE C 405 11.82 1.90 -21.25
C ILE C 405 12.28 1.03 -22.43
N GLU C 406 13.19 0.06 -22.20
CA GLU C 406 13.76 -0.85 -23.19
C GLU C 406 12.72 -1.65 -23.99
N GLN C 407 11.61 -2.06 -23.33
CA GLN C 407 10.53 -2.83 -23.95
C GLN C 407 9.77 -2.02 -25.01
N ASP C 408 9.52 -0.73 -24.75
CA ASP C 408 8.79 0.17 -25.63
C ASP C 408 9.66 0.79 -26.74
N ALA C 409 10.94 1.08 -26.43
CA ALA C 409 11.92 1.70 -27.33
C ALA C 409 12.30 0.85 -28.54
N ASP C 410 12.57 1.52 -29.67
CA ASP C 410 12.98 0.92 -30.94
C ASP C 410 14.47 1.18 -31.23
N LEU C 411 15.02 2.27 -30.67
CA LEU C 411 16.41 2.67 -30.84
C LEU C 411 16.93 3.41 -29.60
N ILE C 412 17.96 2.86 -28.95
CA ILE C 412 18.58 3.46 -27.76
C ILE C 412 20.05 3.75 -28.03
N MET C 413 20.46 5.02 -27.86
CA MET C 413 21.84 5.47 -28.05
C MET C 413 22.36 6.22 -26.82
N PHE C 414 23.53 5.80 -26.30
CA PHE C 414 24.14 6.38 -25.10
C PHE C 414 25.33 7.28 -25.42
N ILE C 415 25.47 8.40 -24.67
CA ILE C 415 26.58 9.35 -24.82
C ILE C 415 27.63 9.03 -23.75
N TYR C 416 28.86 8.71 -24.18
CA TYR C 416 29.96 8.39 -23.28
C TYR C 416 31.26 9.09 -23.70
N ARG C 417 31.69 10.04 -22.87
CA ARG C 417 32.90 10.84 -23.02
C ARG C 417 33.88 10.39 -21.96
N ASP C 418 35.03 9.86 -22.38
CA ASP C 418 36.07 9.36 -21.46
C ASP C 418 36.78 10.48 -20.69
N GLU C 419 36.74 11.73 -21.23
CA GLU C 419 37.36 12.92 -20.63
C GLU C 419 36.66 13.38 -19.33
N VAL C 420 35.41 12.91 -19.09
CA VAL C 420 34.62 13.22 -17.90
C VAL C 420 35.17 12.44 -16.71
N TYR C 421 35.34 11.12 -16.87
CA TYR C 421 35.85 10.22 -15.85
C TYR C 421 37.37 10.30 -15.66
N HIS C 422 38.13 10.46 -16.76
CA HIS C 422 39.59 10.56 -16.73
C HIS C 422 40.07 11.90 -17.30
N PRO C 423 40.99 12.61 -16.60
CA PRO C 423 41.41 13.93 -17.11
C PRO C 423 42.15 13.92 -18.45
N ASP C 424 43.25 13.16 -18.57
CA ASP C 424 44.06 13.06 -19.79
C ASP C 424 43.74 11.78 -20.58
N SER C 425 42.45 11.45 -20.67
CA SER C 425 41.93 10.27 -21.38
C SER C 425 42.26 10.34 -22.89
N PRO C 426 42.49 9.18 -23.56
CA PRO C 426 42.78 9.24 -25.00
C PRO C 426 41.57 9.70 -25.80
N LEU C 427 41.83 10.47 -26.88
CA LEU C 427 40.81 11.10 -27.74
C LEU C 427 39.97 12.09 -26.92
N LYS C 428 40.66 13.04 -26.24
CA LYS C 428 40.06 14.09 -25.41
C LYS C 428 39.36 15.08 -26.33
N GLY C 429 38.09 15.35 -26.04
CA GLY C 429 37.27 16.23 -26.84
C GLY C 429 36.49 15.47 -27.89
N THR C 430 36.50 14.13 -27.79
CA THR C 430 35.79 13.22 -28.70
C THR C 430 34.93 12.24 -27.89
N ALA C 431 33.62 12.31 -28.10
CA ALA C 431 32.63 11.46 -27.44
C ALA C 431 32.21 10.31 -28.37
N GLU C 432 31.84 9.16 -27.79
CA GLU C 432 31.39 8.01 -28.58
C GLU C 432 29.93 7.64 -28.28
N ILE C 433 29.07 7.78 -29.30
CA ILE C 433 27.65 7.48 -29.23
C ILE C 433 27.46 5.97 -29.40
N ILE C 434 27.43 5.25 -28.26
CA ILE C 434 27.29 3.80 -28.22
C ILE C 434 25.81 3.42 -28.35
N ILE C 435 25.45 2.76 -29.46
CA ILE C 435 24.08 2.30 -29.73
C ILE C 435 23.85 1.00 -28.96
N GLY C 436 23.07 1.11 -27.87
CA GLY C 436 22.73 -0.01 -27.00
C GLY C 436 21.62 -0.89 -27.51
N LYS C 437 20.68 -0.32 -28.28
CA LYS C 437 19.53 -1.02 -28.85
C LYS C 437 19.13 -0.47 -30.22
N GLN C 438 18.75 -1.37 -31.14
CA GLN C 438 18.26 -1.05 -32.49
C GLN C 438 17.44 -2.23 -33.02
N ARG C 439 16.11 -2.06 -33.08
CA ARG C 439 15.17 -3.07 -33.55
C ARG C 439 15.20 -3.19 -35.07
N ASN C 440 15.33 -2.05 -35.76
CA ASN C 440 15.37 -1.97 -37.23
C ASN C 440 16.70 -2.48 -37.81
N GLY C 441 17.82 -1.91 -37.35
CA GLY C 441 19.16 -2.26 -37.83
C GLY C 441 20.11 -2.83 -36.79
N PRO C 442 21.44 -2.69 -37.01
CA PRO C 442 22.40 -3.27 -36.06
C PRO C 442 22.83 -2.32 -34.93
N ILE C 443 23.62 -2.83 -33.98
CA ILE C 443 24.15 -2.07 -32.84
C ILE C 443 25.66 -1.90 -32.92
N GLY C 444 26.16 -0.75 -32.47
CA GLY C 444 27.58 -0.44 -32.48
C GLY C 444 27.96 0.80 -31.68
N SER C 445 28.98 1.54 -32.17
CA SER C 445 29.49 2.76 -31.57
C SER C 445 30.04 3.72 -32.64
N VAL C 446 29.67 5.00 -32.57
CA VAL C 446 30.08 6.05 -33.51
C VAL C 446 30.78 7.19 -32.76
N ARG C 447 32.05 7.49 -33.13
CA ARG C 447 32.84 8.56 -32.51
C ARG C 447 32.61 9.87 -33.21
N LEU C 448 32.22 10.89 -32.43
CA LEU C 448 31.94 12.24 -32.91
C LEU C 448 32.69 13.27 -32.05
N THR C 449 33.39 14.23 -32.69
CA THR C 449 34.15 15.26 -31.99
C THR C 449 33.19 16.25 -31.29
N PHE C 450 33.34 16.37 -29.96
CA PHE C 450 32.51 17.25 -29.14
C PHE C 450 33.23 18.55 -28.81
N GLN C 451 32.61 19.67 -29.18
CA GLN C 451 33.14 21.00 -28.92
C GLN C 451 32.29 21.64 -27.81
N GLY C 452 32.76 21.51 -26.57
CA GLY C 452 32.11 21.99 -25.36
C GLY C 452 31.77 23.47 -25.33
N HIS C 453 32.67 24.31 -25.88
CA HIS C 453 32.54 25.76 -25.95
C HIS C 453 31.26 26.19 -26.65
N TYR C 454 31.09 25.76 -27.92
CA TYR C 454 29.94 26.09 -28.76
C TYR C 454 28.78 25.09 -28.64
N SER C 455 28.94 24.04 -27.78
CA SER C 455 27.97 22.97 -27.56
C SER C 455 27.57 22.29 -28.88
N ARG C 456 28.61 21.87 -29.63
CA ARG C 456 28.50 21.23 -30.94
C ARG C 456 29.03 19.81 -30.99
N PHE C 457 28.35 18.96 -31.76
CA PHE C 457 28.75 17.57 -32.02
C PHE C 457 29.00 17.49 -33.52
N ASP C 458 30.28 17.31 -33.90
CA ASP C 458 30.70 17.24 -35.30
C ASP C 458 31.32 15.87 -35.63
N ASN C 459 31.44 15.55 -36.93
CA ASN C 459 31.99 14.28 -37.39
C ASN C 459 33.51 14.20 -37.18
N TYR C 460 33.97 13.18 -36.43
CA TYR C 460 35.38 12.96 -36.14
C TYR C 460 36.12 12.39 -37.36
N ALA C 461 37.33 12.92 -37.63
CA ALA C 461 38.17 12.48 -38.74
C ALA C 461 39.52 11.96 -38.25
N LYS D 22 -31.31 30.30 -20.72
CA LYS D 22 -29.89 30.34 -20.38
C LYS D 22 -29.24 31.65 -20.84
N VAL D 23 -28.51 32.32 -19.94
CA VAL D 23 -27.80 33.58 -20.21
C VAL D 23 -26.40 33.31 -20.83
N PRO D 24 -26.05 33.92 -22.00
CA PRO D 24 -24.73 33.65 -22.60
C PRO D 24 -23.56 34.15 -21.72
N PRO D 25 -22.40 33.47 -21.73
CA PRO D 25 -21.27 33.93 -20.88
C PRO D 25 -20.66 35.26 -21.33
N HIS D 26 -20.96 36.32 -20.57
CA HIS D 26 -20.48 37.69 -20.82
C HIS D 26 -20.43 38.50 -19.52
N SER D 27 -19.62 39.55 -19.52
CA SER D 27 -19.47 40.46 -18.39
C SER D 27 -19.45 41.90 -18.89
N LEU D 28 -20.58 42.61 -18.66
CA LEU D 28 -20.78 44.01 -19.07
C LEU D 28 -19.83 44.97 -18.38
N GLU D 29 -19.51 44.71 -17.09
CA GLU D 29 -18.60 45.52 -16.28
C GLU D 29 -17.16 45.38 -16.81
N ALA D 30 -16.78 44.15 -17.25
CA ALA D 30 -15.47 43.83 -17.80
C ALA D 30 -15.26 44.50 -19.16
N GLU D 31 -16.32 44.57 -19.97
CA GLU D 31 -16.31 45.22 -21.30
C GLU D 31 -16.18 46.74 -21.13
N GLN D 32 -16.85 47.29 -20.08
CA GLN D 32 -16.83 48.71 -19.74
C GLN D 32 -15.46 49.12 -19.16
N SER D 33 -14.81 48.21 -18.40
CA SER D 33 -13.51 48.46 -17.77
C SER D 33 -12.35 48.57 -18.77
N VAL D 34 -12.41 47.82 -19.88
CA VAL D 34 -11.39 47.83 -20.94
C VAL D 34 -11.37 49.18 -21.65
N ILE D 35 -12.55 49.65 -22.13
CA ILE D 35 -12.70 50.92 -22.84
C ILE D 35 -12.56 52.12 -21.89
N GLY D 36 -13.22 52.05 -20.73
CA GLY D 36 -13.23 53.10 -19.71
C GLY D 36 -11.86 53.51 -19.18
N GLY D 37 -10.96 52.54 -19.06
CA GLY D 37 -9.59 52.76 -18.59
C GLY D 37 -8.60 53.08 -19.70
N LEU D 38 -9.00 52.83 -20.96
CA LEU D 38 -8.16 53.09 -22.14
C LEU D 38 -8.34 54.51 -22.67
N LEU D 39 -9.48 55.16 -22.33
CA LEU D 39 -9.79 56.53 -22.72
C LEU D 39 -8.84 57.51 -22.01
N LEU D 40 -8.55 57.23 -20.73
CA LEU D 40 -7.64 58.03 -19.90
C LEU D 40 -6.17 57.77 -20.22
N ASP D 41 -5.79 56.49 -20.40
CA ASP D 41 -4.42 56.09 -20.74
C ASP D 41 -4.37 55.38 -22.10
N ASN D 42 -3.86 56.11 -23.11
CA ASN D 42 -3.74 55.65 -24.50
C ASN D 42 -2.56 54.68 -24.68
N GLU D 43 -1.50 54.84 -23.85
CA GLU D 43 -0.27 54.06 -23.87
C GLU D 43 -0.46 52.55 -23.62
N ARG D 44 -1.55 52.16 -22.94
CA ARG D 44 -1.84 50.76 -22.62
C ARG D 44 -2.34 49.95 -23.82
N TRP D 45 -2.80 50.60 -24.92
CA TRP D 45 -3.32 49.96 -26.14
C TRP D 45 -2.37 48.91 -26.74
N ASP D 46 -1.03 49.09 -26.59
CA ASP D 46 0.02 48.20 -27.09
C ASP D 46 -0.13 46.75 -26.58
N THR D 47 -0.50 46.58 -25.31
CA THR D 47 -0.67 45.27 -24.66
C THR D 47 -2.13 44.82 -24.58
N VAL D 48 -3.09 45.76 -24.63
CA VAL D 48 -4.54 45.47 -24.57
C VAL D 48 -5.04 44.86 -25.89
N SER D 49 -4.59 45.41 -27.05
CA SER D 49 -4.95 44.94 -28.40
C SER D 49 -4.45 43.51 -28.68
N GLU D 50 -3.42 43.07 -27.94
CA GLU D 50 -2.80 41.75 -28.01
C GLU D 50 -3.76 40.65 -27.51
N HIS D 51 -4.59 40.97 -26.49
CA HIS D 51 -5.53 40.04 -25.87
C HIS D 51 -6.92 39.99 -26.52
N VAL D 52 -7.55 41.17 -26.78
CA VAL D 52 -8.90 41.24 -27.36
C VAL D 52 -9.00 42.04 -28.67
N MET D 53 -10.10 41.80 -29.40
CA MET D 53 -10.46 42.45 -30.66
C MET D 53 -11.96 42.85 -30.62
N THR D 54 -12.50 43.39 -31.74
CA THR D 54 -13.90 43.84 -31.87
C THR D 54 -14.90 42.67 -31.71
N GLN D 55 -14.53 41.48 -32.21
CA GLN D 55 -15.34 40.25 -32.17
C GLN D 55 -15.59 39.72 -30.74
N ASP D 56 -14.64 39.95 -29.82
CA ASP D 56 -14.71 39.50 -28.43
C ASP D 56 -15.81 40.17 -27.59
N PHE D 57 -16.25 41.39 -27.98
CA PHE D 57 -17.29 42.14 -27.28
C PHE D 57 -18.68 41.56 -27.56
N TYR D 58 -19.46 41.37 -26.47
CA TYR D 58 -20.80 40.78 -26.51
C TYR D 58 -21.86 41.67 -27.19
N SER D 59 -22.28 42.75 -26.51
CA SER D 59 -23.31 43.68 -26.98
C SER D 59 -22.88 44.51 -28.18
N ARG D 60 -23.86 44.87 -29.04
CA ARG D 60 -23.68 45.68 -30.24
C ARG D 60 -23.14 47.11 -29.94
N PRO D 61 -23.64 47.88 -28.93
CA PRO D 61 -23.07 49.23 -28.69
C PRO D 61 -21.60 49.18 -28.28
N HIS D 62 -21.19 48.14 -27.51
CA HIS D 62 -19.81 47.94 -27.05
C HIS D 62 -18.89 47.62 -28.23
N ARG D 63 -19.40 46.88 -29.24
CA ARG D 63 -18.66 46.52 -30.46
C ARG D 63 -18.41 47.74 -31.34
N LEU D 64 -19.41 48.64 -31.46
CA LEU D 64 -19.35 49.87 -32.26
C LEU D 64 -18.34 50.88 -31.68
N ILE D 65 -18.30 50.99 -30.33
CA ILE D 65 -17.39 51.90 -29.61
C ILE D 65 -15.94 51.44 -29.75
N PHE D 66 -15.67 50.13 -29.55
CA PHE D 66 -14.33 49.54 -29.68
C PHE D 66 -13.79 49.60 -31.11
N ASP D 67 -14.69 49.54 -32.12
CA ASP D 67 -14.35 49.61 -33.55
C ASP D 67 -13.72 50.97 -33.90
N GLY D 68 -14.11 52.01 -33.17
CA GLY D 68 -13.58 53.36 -33.31
C GLY D 68 -12.24 53.49 -32.62
N VAL D 69 -12.11 52.87 -31.42
CA VAL D 69 -10.91 52.85 -30.58
C VAL D 69 -9.75 52.19 -31.37
N LYS D 70 -10.05 51.05 -32.03
CA LYS D 70 -9.12 50.26 -32.85
C LYS D 70 -8.56 51.06 -34.03
N SER D 71 -9.38 51.96 -34.62
CA SER D 71 -9.01 52.80 -35.77
C SER D 71 -8.23 54.06 -35.40
N ILE D 72 -8.66 54.78 -34.33
CA ILE D 72 -8.04 56.02 -33.87
C ILE D 72 -6.64 55.77 -33.29
N LEU D 73 -6.52 54.83 -32.34
CA LEU D 73 -5.25 54.51 -31.68
C LEU D 73 -4.21 53.83 -32.57
N GLU D 74 -4.63 53.16 -33.67
CA GLU D 74 -3.73 52.51 -34.63
C GLU D 74 -2.94 53.56 -35.44
N ALA D 75 -3.59 54.68 -35.81
CA ALA D 75 -2.97 55.78 -36.56
C ALA D 75 -2.00 56.58 -35.68
N GLY D 76 -2.23 56.53 -34.36
CA GLY D 76 -1.42 57.23 -33.36
C GLY D 76 -2.08 58.50 -32.85
N LYS D 77 -3.30 58.78 -33.35
CA LYS D 77 -4.11 59.95 -32.98
C LYS D 77 -4.59 59.87 -31.53
N PRO D 78 -4.60 61.00 -30.77
CA PRO D 78 -5.04 60.94 -29.37
C PRO D 78 -6.52 60.56 -29.20
N LEU D 79 -6.80 59.63 -28.27
CA LEU D 79 -8.14 59.15 -27.98
C LEU D 79 -8.68 59.76 -26.69
N ASP D 80 -9.87 60.36 -26.79
CA ASP D 80 -10.58 61.00 -25.67
C ASP D 80 -12.10 60.90 -25.84
N LEU D 81 -12.87 61.67 -25.06
CA LEU D 81 -14.34 61.66 -25.09
C LEU D 81 -14.96 62.26 -26.34
N ILE D 82 -14.39 63.36 -26.87
CA ILE D 82 -14.93 64.04 -28.07
C ILE D 82 -14.37 63.42 -29.37
N THR D 83 -13.07 63.03 -29.42
CA THR D 83 -12.45 62.42 -30.62
C THR D 83 -13.16 61.13 -31.03
N LEU D 84 -13.63 60.34 -30.03
CA LEU D 84 -14.35 59.10 -30.22
C LEU D 84 -15.82 59.39 -30.58
N SER D 85 -16.39 60.47 -29.99
CA SER D 85 -17.77 60.91 -30.23
C SER D 85 -17.98 61.35 -31.68
N GLU D 86 -16.98 62.07 -32.26
CA GLU D 86 -17.01 62.56 -33.64
C GLU D 86 -16.92 61.44 -34.67
N TYR D 87 -16.24 60.33 -34.32
CA TYR D 87 -16.10 59.14 -35.17
C TYR D 87 -17.47 58.46 -35.30
N LEU D 88 -18.24 58.44 -34.19
CA LEU D 88 -19.58 57.84 -34.11
C LEU D 88 -20.64 58.76 -34.71
N GLU D 89 -20.55 60.09 -34.47
CA GLU D 89 -21.49 61.12 -34.96
C GLU D 89 -21.53 61.18 -36.49
N GLN D 90 -20.37 61.04 -37.16
CA GLN D 90 -20.23 61.06 -38.61
C GLN D 90 -20.89 59.83 -39.24
N ARG D 91 -20.73 58.66 -38.58
CA ARG D 91 -21.29 57.38 -39.02
C ARG D 91 -22.72 57.16 -38.48
N GLU D 92 -23.25 58.15 -37.71
CA GLU D 92 -24.58 58.18 -37.09
C GLU D 92 -24.83 56.97 -36.17
N GLN D 93 -23.78 56.58 -35.42
CA GLN D 93 -23.76 55.46 -34.48
C GLN D 93 -23.80 55.98 -33.03
N LEU D 94 -23.58 57.30 -32.83
CA LEU D 94 -23.57 57.98 -31.54
C LEU D 94 -24.91 57.90 -30.82
N GLU D 95 -26.01 58.16 -31.54
CA GLU D 95 -27.38 58.08 -31.00
C GLU D 95 -27.82 56.62 -30.83
N ASP D 96 -27.12 55.68 -31.50
CA ASP D 96 -27.38 54.24 -31.47
C ASP D 96 -26.68 53.54 -30.29
N VAL D 97 -25.46 53.98 -29.92
CA VAL D 97 -24.69 53.40 -28.80
C VAL D 97 -25.27 53.80 -27.43
N GLY D 98 -25.93 54.96 -27.38
CA GLY D 98 -26.56 55.49 -26.17
C GLY D 98 -26.19 56.92 -25.86
N GLY D 99 -26.04 57.74 -26.91
CA GLY D 99 -25.68 59.15 -26.81
C GLY D 99 -24.30 59.39 -26.27
N PHE D 100 -24.02 60.64 -25.84
CA PHE D 100 -22.74 61.03 -25.25
C PHE D 100 -22.71 60.60 -23.78
N ALA D 101 -23.89 60.45 -23.14
CA ALA D 101 -24.08 60.04 -21.74
C ALA D 101 -23.45 58.67 -21.44
N TYR D 102 -23.46 57.75 -22.42
CA TYR D 102 -22.87 56.42 -22.31
C TYR D 102 -21.34 56.54 -22.29
N LEU D 103 -20.78 57.42 -23.13
CA LEU D 103 -19.34 57.70 -23.24
C LEU D 103 -18.84 58.47 -22.01
N ALA D 104 -19.68 59.38 -21.48
CA ALA D 104 -19.39 60.21 -20.30
C ALA D 104 -19.32 59.37 -19.03
N ASP D 105 -20.27 58.42 -18.84
CA ASP D 105 -20.32 57.53 -17.68
C ASP D 105 -19.22 56.47 -17.74
N LEU D 106 -18.72 56.17 -18.96
CA LEU D 106 -17.65 55.21 -19.22
C LEU D 106 -16.30 55.74 -18.71
N ALA D 107 -16.02 57.04 -18.94
CA ALA D 107 -14.80 57.72 -18.50
C ALA D 107 -14.81 57.92 -16.98
N LYS D 108 -16.01 58.16 -16.40
CA LYS D 108 -16.27 58.34 -14.97
C LYS D 108 -15.98 57.03 -14.22
N ASN D 109 -16.49 55.90 -14.75
CA ASN D 109 -16.29 54.56 -14.20
C ASN D 109 -14.85 54.10 -14.41
N THR D 110 -14.38 53.19 -13.51
CA THR D 110 -13.04 52.57 -13.45
C THR D 110 -11.90 53.59 -13.75
N PRO D 111 -11.48 54.41 -12.74
CA PRO D 111 -10.37 55.35 -12.98
C PRO D 111 -8.99 54.71 -12.78
N SER D 112 -8.97 53.37 -12.61
CA SER D 112 -7.77 52.56 -12.39
C SER D 112 -6.97 52.32 -13.68
N ALA D 113 -5.65 52.18 -13.54
CA ALA D 113 -4.70 51.94 -14.64
C ALA D 113 -3.87 50.67 -14.37
N ALA D 114 -3.05 50.23 -15.36
CA ALA D 114 -2.16 49.06 -15.36
C ALA D 114 -2.88 47.70 -15.29
N ASN D 115 -4.05 47.63 -14.61
CA ASN D 115 -4.87 46.42 -14.48
C ASN D 115 -5.82 46.21 -15.68
N ILE D 116 -5.67 47.04 -16.73
CA ILE D 116 -6.47 47.00 -17.96
C ILE D 116 -6.14 45.74 -18.77
N ASN D 117 -4.87 45.26 -18.67
CA ASN D 117 -4.40 44.04 -19.32
C ASN D 117 -5.09 42.81 -18.71
N ALA D 118 -5.40 42.88 -17.40
CA ALA D 118 -6.11 41.84 -16.66
C ALA D 118 -7.60 41.87 -17.02
N TYR D 119 -8.15 43.08 -17.32
CA TYR D 119 -9.55 43.26 -17.71
C TYR D 119 -9.78 42.72 -19.13
N ALA D 120 -8.75 42.80 -19.99
CA ALA D 120 -8.79 42.32 -21.38
C ALA D 120 -8.81 40.79 -21.42
N GLU D 121 -8.15 40.14 -20.45
CA GLU D 121 -8.06 38.69 -20.33
C GLU D 121 -9.42 38.05 -19.98
N ILE D 122 -10.20 38.71 -19.10
CA ILE D 122 -11.53 38.21 -18.67
C ILE D 122 -12.60 38.46 -19.75
N VAL D 123 -12.37 39.41 -20.68
CA VAL D 123 -13.28 39.69 -21.80
C VAL D 123 -13.10 38.57 -22.84
N ALA D 124 -11.83 38.16 -23.08
CA ALA D 124 -11.46 37.08 -23.98
C ALA D 124 -11.91 35.73 -23.43
N GLU D 125 -11.94 35.61 -22.07
CA GLU D 125 -12.36 34.41 -21.34
C GLU D 125 -13.85 34.11 -21.60
N ARG D 126 -14.73 35.13 -21.45
CA ARG D 126 -16.17 35.01 -21.67
C ARG D 126 -16.50 34.79 -23.14
N ALA D 127 -15.72 35.42 -24.04
CA ALA D 127 -15.90 35.31 -25.50
C ALA D 127 -15.52 33.93 -26.03
N LEU D 128 -14.45 33.32 -25.49
CA LEU D 128 -13.98 31.99 -25.89
C LEU D 128 -14.98 30.90 -25.53
N VAL D 129 -15.61 31.01 -24.33
CA VAL D 129 -16.62 30.07 -23.84
C VAL D 129 -17.90 30.22 -24.69
N ARG D 130 -18.23 31.48 -25.07
CA ARG D 130 -19.38 31.81 -25.91
C ARG D 130 -19.23 31.21 -27.31
N ASN D 131 -17.99 31.21 -27.84
CA ASN D 131 -17.65 30.63 -29.14
C ASN D 131 -17.71 29.11 -29.08
N LEU D 132 -17.30 28.53 -27.93
CA LEU D 132 -17.29 27.10 -27.66
C LEU D 132 -18.72 26.53 -27.60
N ILE D 133 -19.67 27.29 -26.99
CA ILE D 133 -21.08 26.92 -26.89
C ILE D 133 -21.72 26.98 -28.28
N GLY D 134 -21.35 27.99 -29.07
CA GLY D 134 -21.80 28.18 -30.45
C GLY D 134 -21.41 27.03 -31.36
N VAL D 135 -20.27 26.39 -31.06
CA VAL D 135 -19.72 25.23 -31.77
C VAL D 135 -20.39 23.96 -31.21
N ALA D 136 -20.61 23.90 -29.87
CA ALA D 136 -21.27 22.78 -29.19
C ALA D 136 -22.72 22.61 -29.66
N ASN D 137 -23.43 23.74 -29.89
CA ASN D 137 -24.80 23.77 -30.39
C ASN D 137 -24.83 23.41 -31.86
N GLU D 138 -23.78 23.79 -32.62
CA GLU D 138 -23.62 23.48 -34.05
C GLU D 138 -23.50 21.98 -34.28
N ILE D 139 -22.77 21.28 -33.38
CA ILE D 139 -22.57 19.82 -33.42
C ILE D 139 -23.88 19.10 -33.07
N ALA D 140 -24.56 19.56 -31.99
CA ALA D 140 -25.83 19.01 -31.50
C ALA D 140 -26.94 19.11 -32.55
N ASP D 141 -27.09 20.29 -33.21
CA ASP D 141 -28.09 20.51 -34.26
C ASP D 141 -27.81 19.69 -35.52
N ALA D 142 -26.52 19.47 -35.83
CA ALA D 142 -26.07 18.66 -36.97
C ALA D 142 -26.26 17.16 -36.69
N GLY D 143 -26.27 16.80 -35.41
CA GLY D 143 -26.47 15.43 -34.95
C GLY D 143 -27.89 14.94 -35.16
N TYR D 144 -28.88 15.75 -34.71
CA TYR D 144 -30.31 15.46 -34.86
C TYR D 144 -30.76 15.62 -36.31
N ASP D 145 -30.17 16.59 -37.03
CA ASP D 145 -30.45 16.88 -38.45
C ASP D 145 -29.18 16.61 -39.28
N PRO D 146 -28.92 15.35 -39.70
CA PRO D 146 -27.70 15.06 -40.47
C PRO D 146 -27.75 15.53 -41.91
N GLN D 147 -28.87 15.26 -42.63
CA GLN D 147 -29.11 15.61 -44.03
C GLN D 147 -28.00 15.09 -44.97
N GLY D 148 -27.83 13.77 -44.97
CA GLY D 148 -26.83 13.08 -45.78
C GLY D 148 -25.53 12.78 -45.07
N ARG D 149 -25.22 13.54 -44.00
CA ARG D 149 -24.00 13.39 -43.21
C ARG D 149 -23.98 12.09 -42.39
N ASN D 150 -22.94 11.26 -42.64
CA ASN D 150 -22.74 9.99 -41.95
C ASN D 150 -21.99 10.20 -40.63
N ALA D 151 -21.80 9.12 -39.84
CA ALA D 151 -21.09 9.15 -38.55
C ALA D 151 -19.64 9.59 -38.71
N GLU D 152 -18.98 9.15 -39.81
CA GLU D 152 -17.60 9.48 -40.15
C GLU D 152 -17.51 10.95 -40.56
N ASP D 153 -18.51 11.43 -41.33
CA ASP D 153 -18.61 12.81 -41.80
C ASP D 153 -18.89 13.79 -40.65
N LEU D 154 -19.77 13.39 -39.71
CA LEU D 154 -20.13 14.19 -38.54
C LEU D 154 -19.00 14.28 -37.52
N LEU D 155 -18.13 13.24 -37.45
CA LEU D 155 -16.98 13.20 -36.55
C LEU D 155 -15.91 14.20 -36.98
N ASP D 156 -15.66 14.30 -38.31
CA ASP D 156 -14.70 15.22 -38.90
C ASP D 156 -15.15 16.67 -38.76
N LEU D 157 -16.47 16.92 -38.95
CA LEU D 157 -17.10 18.24 -38.84
C LEU D 157 -17.04 18.75 -37.40
N ALA D 158 -17.20 17.86 -36.41
CA ALA D 158 -17.17 18.19 -34.99
C ALA D 158 -15.77 18.55 -34.51
N GLU D 159 -14.75 17.76 -34.90
CA GLU D 159 -13.35 17.96 -34.51
C GLU D 159 -12.72 19.19 -35.17
N SER D 160 -13.01 19.43 -36.47
CA SER D 160 -12.49 20.57 -37.23
C SER D 160 -12.96 21.91 -36.65
N LYS D 161 -14.23 21.96 -36.20
CA LYS D 161 -14.84 23.16 -35.61
C LYS D 161 -14.28 23.43 -34.20
N VAL D 162 -13.97 22.35 -33.44
CA VAL D 162 -13.40 22.42 -32.09
C VAL D 162 -11.94 22.90 -32.16
N PHE D 163 -11.18 22.41 -33.15
CA PHE D 163 -9.77 22.79 -33.39
C PHE D 163 -9.60 24.26 -33.78
N ALA D 164 -10.64 24.86 -34.39
CA ALA D 164 -10.67 26.27 -34.82
C ALA D 164 -10.59 27.23 -33.62
N ILE D 165 -11.16 26.83 -32.47
CA ILE D 165 -11.15 27.62 -31.22
C ILE D 165 -9.76 27.48 -30.58
N ALA D 166 -9.17 26.27 -30.63
CA ALA D 166 -7.84 25.96 -30.10
C ALA D 166 -6.72 26.63 -30.93
N GLU D 167 -6.97 26.83 -32.24
CA GLU D 167 -6.05 27.48 -33.18
C GLU D 167 -6.05 29.00 -32.95
N ALA D 168 -7.25 29.59 -32.72
CA ALA D 168 -7.43 31.02 -32.47
C ALA D 168 -6.87 31.43 -31.10
N ARG D 169 -6.87 30.48 -30.14
CA ARG D 169 -6.37 30.64 -28.77
C ARG D 169 -4.86 30.79 -28.80
N THR D 170 -4.38 31.95 -28.36
CA THR D 170 -2.98 32.30 -28.26
C THR D 170 -2.51 31.79 -26.91
N SER D 171 -1.78 30.66 -26.97
CA SER D 171 -1.28 29.85 -25.85
C SER D 171 -0.63 30.61 -24.69
N GLU D 172 0.10 31.73 -24.97
CA GLU D 172 0.86 32.61 -24.05
C GLU D 172 1.94 31.81 -23.29
N ASN D 173 2.50 32.38 -22.20
CA ASN D 173 3.59 31.89 -21.33
C ASN D 173 3.80 30.36 -21.30
N GLU D 174 2.71 29.56 -21.15
CA GLU D 174 2.77 28.09 -21.11
C GLU D 174 2.08 27.55 -22.36
N GLY D 175 2.82 26.71 -23.07
CA GLY D 175 2.39 26.12 -24.34
C GLY D 175 3.43 26.24 -25.43
N PRO D 176 3.08 26.01 -26.72
CA PRO D 176 4.10 26.14 -27.79
C PRO D 176 4.49 27.57 -28.12
N LYS D 177 5.76 27.78 -28.49
CA LYS D 177 6.32 29.07 -28.88
C LYS D 177 7.05 28.96 -30.20
N ASN D 178 6.74 29.86 -31.13
CA ASN D 178 7.40 29.93 -32.43
C ASN D 178 8.73 30.66 -32.25
N VAL D 179 9.71 30.42 -33.15
CA VAL D 179 11.04 31.05 -33.12
C VAL D 179 11.00 32.59 -33.07
N ASP D 180 9.97 33.21 -33.68
CA ASP D 180 9.78 34.67 -33.71
C ASP D 180 9.73 35.28 -32.30
N SER D 181 8.95 34.67 -31.39
CA SER D 181 8.81 35.12 -30.00
C SER D 181 10.06 34.84 -29.16
N ILE D 182 10.74 33.70 -29.45
CA ILE D 182 11.94 33.27 -28.72
C ILE D 182 13.17 34.12 -29.09
N LEU D 183 13.46 34.25 -30.41
CA LEU D 183 14.60 35.04 -30.92
C LEU D 183 14.60 36.48 -30.42
N GLU D 184 13.42 37.14 -30.43
CA GLU D 184 13.24 38.51 -29.96
C GLU D 184 13.56 38.64 -28.47
N ARG D 185 13.16 37.63 -27.67
CA ARG D 185 13.42 37.57 -26.23
C ARG D 185 14.89 37.26 -25.93
N THR D 186 15.51 36.38 -26.75
CA THR D 186 16.91 35.96 -26.61
C THR D 186 17.87 37.10 -27.02
N LEU D 187 17.61 37.77 -28.16
CA LEU D 187 18.43 38.87 -28.67
C LEU D 187 18.41 40.11 -27.77
N GLU D 188 17.28 40.35 -27.08
CA GLU D 188 17.12 41.47 -26.14
C GLU D 188 17.99 41.26 -24.89
N ARG D 189 18.17 39.98 -24.49
CA ARG D 189 19.00 39.57 -23.36
C ARG D 189 20.49 39.81 -23.66
N ILE D 190 20.95 39.42 -24.86
CA ILE D 190 22.34 39.60 -25.33
C ILE D 190 22.66 41.10 -25.51
N GLU D 191 21.70 41.89 -26.04
CA GLU D 191 21.81 43.33 -26.27
C GLU D 191 22.01 44.10 -24.95
N LEU D 192 21.22 43.78 -23.92
CA LEU D 192 21.31 44.42 -22.58
C LEU D 192 22.60 44.04 -21.87
N LEU D 193 23.10 42.81 -22.09
CA LEU D 193 24.35 42.30 -21.51
C LEU D 193 25.58 42.95 -22.15
N TYR D 194 25.53 43.18 -23.49
CA TYR D 194 26.61 43.83 -24.26
C TYR D 194 26.71 45.32 -23.94
N LYS D 195 25.56 45.96 -23.63
CA LYS D 195 25.41 47.37 -23.29
C LYS D 195 26.06 47.71 -21.92
N THR D 196 25.74 46.92 -20.87
CA THR D 196 26.23 47.11 -19.51
C THR D 196 27.66 46.60 -19.29
N PRO D 197 28.50 47.28 -18.46
CA PRO D 197 29.86 46.79 -18.23
C PRO D 197 29.86 45.58 -17.30
N GLN D 198 29.95 44.40 -17.92
CA GLN D 198 29.95 43.07 -17.29
C GLN D 198 31.04 42.89 -16.24
N ASP D 199 32.33 43.02 -16.63
CA ASP D 199 33.52 42.86 -15.77
C ASP D 199 33.61 41.41 -15.20
N GLY D 200 33.09 40.46 -15.97
CA GLY D 200 33.10 39.04 -15.59
C GLY D 200 31.90 38.60 -14.78
N VAL D 201 31.55 39.37 -13.74
CA VAL D 201 30.40 39.14 -12.85
C VAL D 201 29.08 39.36 -13.61
N THR D 202 28.19 38.37 -13.60
CA THR D 202 26.87 38.43 -14.24
C THR D 202 25.84 37.78 -13.35
N GLY D 203 24.97 38.62 -12.77
CA GLY D 203 23.92 38.20 -11.86
C GLY D 203 24.24 38.54 -10.43
N VAL D 204 24.69 37.55 -9.65
CA VAL D 204 25.03 37.71 -8.23
C VAL D 204 26.54 37.51 -8.02
N ASN D 205 27.19 38.49 -7.36
CA ASN D 205 28.63 38.47 -7.07
C ASN D 205 28.94 37.48 -5.95
N THR D 206 29.84 36.52 -6.22
CA THR D 206 30.27 35.49 -5.26
C THR D 206 31.19 36.07 -4.18
N GLY D 207 32.01 37.04 -4.58
CA GLY D 207 32.97 37.70 -3.70
C GLY D 207 34.40 37.27 -3.96
N PHE D 208 34.58 36.18 -4.73
CA PHE D 208 35.88 35.63 -5.09
C PHE D 208 36.15 35.84 -6.57
N THR D 209 37.23 36.59 -6.88
CA THR D 209 37.65 36.95 -8.25
C THR D 209 38.03 35.72 -9.09
N ASP D 210 38.74 34.74 -8.49
CA ASP D 210 39.16 33.50 -9.15
C ASP D 210 37.96 32.61 -9.49
N LEU D 211 36.93 32.61 -8.63
CA LEU D 211 35.71 31.83 -8.80
C LEU D 211 34.80 32.46 -9.86
N ASN D 212 34.64 33.80 -9.84
CA ASN D 212 33.81 34.58 -10.77
C ASN D 212 34.20 34.39 -12.24
N LYS D 213 35.47 34.04 -12.52
CA LYS D 213 35.98 33.81 -13.86
C LYS D 213 35.38 32.56 -14.50
N LYS D 214 35.19 31.48 -13.71
CA LYS D 214 34.62 30.21 -14.17
C LYS D 214 33.10 30.15 -14.00
N THR D 215 32.60 30.60 -12.82
CA THR D 215 31.18 30.60 -12.46
C THR D 215 30.35 31.60 -13.27
N ALA D 216 30.95 32.76 -13.61
CA ALA D 216 30.34 33.90 -14.31
C ALA D 216 29.15 34.46 -13.50
N GLY D 217 29.34 34.50 -12.18
CA GLY D 217 28.34 34.95 -11.21
C GLY D 217 27.25 33.93 -10.94
N LEU D 218 26.59 34.05 -9.77
CA LEU D 218 25.50 33.15 -9.41
C LEU D 218 24.24 33.57 -10.19
N GLN D 219 24.03 32.90 -11.34
CA GLN D 219 22.93 33.15 -12.28
C GLN D 219 21.55 33.03 -11.65
N GLY D 220 20.61 33.85 -12.12
CA GLY D 220 19.24 33.85 -11.64
C GLY D 220 18.44 32.65 -12.12
N SER D 221 17.42 32.25 -11.32
CA SER D 221 16.46 31.16 -11.56
C SER D 221 17.07 29.73 -11.65
N ASP D 222 18.41 29.58 -11.56
CA ASP D 222 19.02 28.24 -11.65
C ASP D 222 19.40 27.69 -10.26
N LEU D 223 19.34 26.35 -10.10
CA LEU D 223 19.62 25.65 -8.85
C LEU D 223 21.10 25.34 -8.66
N ILE D 224 21.66 25.76 -7.51
CA ILE D 224 23.08 25.57 -7.14
C ILE D 224 23.20 24.69 -5.91
N ILE D 225 24.00 23.62 -5.98
CA ILE D 225 24.23 22.71 -4.86
C ILE D 225 25.71 22.73 -4.45
N VAL D 226 25.95 23.05 -3.18
CA VAL D 226 27.29 23.09 -2.58
C VAL D 226 27.38 21.86 -1.67
N ALA D 227 28.10 20.83 -2.13
CA ALA D 227 28.23 19.56 -1.42
C ALA D 227 29.66 19.26 -0.97
N ALA D 228 29.80 18.74 0.26
CA ALA D 228 31.09 18.37 0.86
C ALA D 228 30.92 17.35 2.00
N ARG D 229 32.03 16.68 2.39
CA ARG D 229 32.12 15.70 3.47
C ARG D 229 31.85 16.43 4.83
N PRO D 230 31.26 15.79 5.87
CA PRO D 230 31.03 16.52 7.14
C PRO D 230 32.25 17.22 7.72
N SER D 231 32.04 18.44 8.27
CA SER D 231 33.04 19.33 8.88
C SER D 231 34.10 19.84 7.88
N MET D 232 33.76 19.88 6.57
CA MET D 232 34.65 20.39 5.51
C MET D 232 34.50 21.89 5.38
N GLY D 233 33.28 22.40 5.64
CA GLY D 233 32.96 23.81 5.56
C GLY D 233 31.83 24.13 4.61
N LYS D 234 30.75 23.32 4.65
CA LYS D 234 29.55 23.50 3.82
C LYS D 234 28.85 24.80 4.23
N THR D 235 28.50 24.91 5.54
CA THR D 235 27.86 26.08 6.15
C THR D 235 28.82 27.28 6.10
N THR D 236 30.13 27.03 6.29
CA THR D 236 31.19 28.04 6.26
C THR D 236 31.28 28.73 4.89
N PHE D 237 31.41 27.94 3.80
CA PHE D 237 31.49 28.46 2.44
C PHE D 237 30.19 29.11 1.96
N ALA D 238 29.03 28.52 2.34
CA ALA D 238 27.71 29.05 1.97
C ALA D 238 27.49 30.42 2.61
N MET D 239 27.91 30.58 3.88
CA MET D 239 27.82 31.85 4.59
C MET D 239 28.79 32.86 4.01
N ASN D 240 29.99 32.41 3.58
CA ASN D 240 31.02 33.24 2.96
C ASN D 240 30.54 33.85 1.63
N LEU D 241 29.57 33.18 0.96
CA LEU D 241 28.92 33.64 -0.26
C LEU D 241 27.88 34.69 0.12
N CYS D 242 27.15 34.44 1.23
CA CYS D 242 26.10 35.30 1.78
C CYS D 242 26.64 36.59 2.41
N GLU D 243 27.94 36.61 2.82
CA GLU D 243 28.59 37.80 3.38
C GLU D 243 28.63 38.86 2.28
N ASN D 244 29.17 38.48 1.11
CA ASN D 244 29.31 39.31 -0.08
C ASN D 244 27.98 39.55 -0.80
N ALA D 245 27.04 38.58 -0.72
CA ALA D 245 25.71 38.69 -1.35
C ALA D 245 24.84 39.77 -0.69
N ALA D 246 25.01 39.97 0.63
CA ALA D 246 24.28 40.98 1.40
C ALA D 246 24.91 42.36 1.22
N MET D 247 26.23 42.41 0.99
CA MET D 247 27.00 43.64 0.80
C MET D 247 26.87 44.19 -0.63
N GLU D 248 27.15 43.34 -1.64
CA GLU D 248 27.11 43.71 -3.06
C GLU D 248 25.70 43.95 -3.58
N GLN D 249 24.81 42.93 -3.49
CA GLN D 249 23.44 43.02 -3.98
C GLN D 249 22.54 43.85 -3.06
N ASP D 250 21.74 44.73 -3.68
CA ASP D 250 20.78 45.63 -3.02
C ASP D 250 19.57 44.89 -2.45
N LYS D 251 19.09 43.86 -3.17
CA LYS D 251 17.93 43.05 -2.77
C LYS D 251 18.29 42.09 -1.62
N PRO D 252 17.36 41.83 -0.66
CA PRO D 252 17.69 40.96 0.49
C PRO D 252 17.99 39.49 0.17
N VAL D 253 18.76 38.85 1.08
CA VAL D 253 19.16 37.43 1.03
C VAL D 253 18.44 36.62 2.12
N LEU D 254 17.83 35.48 1.73
CA LEU D 254 17.09 34.61 2.64
C LEU D 254 17.88 33.32 2.93
N ILE D 255 18.03 32.97 4.21
CA ILE D 255 18.78 31.80 4.67
C ILE D 255 17.90 30.92 5.57
N PHE D 256 17.81 29.62 5.25
CA PHE D 256 17.05 28.64 6.03
C PHE D 256 18.01 27.78 6.84
N SER D 257 18.23 28.14 8.11
CA SER D 257 19.14 27.40 8.98
C SER D 257 18.42 26.25 9.69
N LEU D 258 18.64 25.02 9.20
CA LEU D 258 18.01 23.82 9.72
C LEU D 258 18.83 23.12 10.80
N GLU D 259 20.14 22.95 10.56
CA GLU D 259 21.06 22.26 11.48
C GLU D 259 21.36 23.08 12.75
N MET D 260 21.95 24.27 12.58
CA MET D 260 22.32 25.17 13.67
C MET D 260 21.36 26.36 13.82
N PRO D 261 21.23 26.99 15.03
CA PRO D 261 20.28 28.12 15.15
C PRO D 261 20.79 29.43 14.55
N ALA D 262 19.92 30.46 14.54
CA ALA D 262 20.22 31.80 14.02
C ALA D 262 21.36 32.50 14.76
N GLU D 263 21.53 32.20 16.06
CA GLU D 263 22.57 32.76 16.93
C GLU D 263 23.96 32.26 16.54
N GLN D 264 24.11 30.94 16.28
CA GLN D 264 25.36 30.30 15.87
C GLN D 264 25.84 30.81 14.50
N ILE D 265 24.89 31.09 13.59
CA ILE D 265 25.14 31.62 12.24
C ILE D 265 25.73 33.04 12.36
N MET D 266 25.16 33.85 13.29
CA MET D 266 25.57 35.23 13.55
C MET D 266 26.99 35.33 14.13
N MET D 267 27.38 34.38 14.98
CA MET D 267 28.73 34.33 15.58
C MET D 267 29.78 34.03 14.52
N ARG D 268 29.42 33.17 13.53
CA ARG D 268 30.27 32.82 12.39
C ARG D 268 30.34 34.00 11.41
N MET D 269 29.24 34.78 11.31
CA MET D 269 29.13 35.97 10.47
C MET D 269 30.00 37.11 10.98
N LEU D 270 29.96 37.36 12.31
CA LEU D 270 30.75 38.39 12.97
C LEU D 270 32.24 38.10 12.87
N ALA D 271 32.62 36.80 12.97
CA ALA D 271 33.99 36.34 12.86
C ALA D 271 34.55 36.52 11.45
N SER D 272 33.73 36.25 10.41
CA SER D 272 34.10 36.36 9.00
C SER D 272 34.36 37.80 8.53
N LEU D 273 33.56 38.77 9.02
CA LEU D 273 33.68 40.17 8.63
C LEU D 273 34.65 40.98 9.49
N SER D 274 34.62 40.80 10.83
CA SER D 274 35.51 41.50 11.77
C SER D 274 36.93 40.92 11.71
N ARG D 275 37.06 39.65 11.28
CA ARG D 275 38.28 38.88 11.14
C ARG D 275 38.98 38.67 12.50
N VAL D 276 38.20 38.13 13.45
CA VAL D 276 38.58 37.76 14.82
C VAL D 276 38.06 36.33 15.05
N ASP D 277 38.95 35.42 15.51
CA ASP D 277 38.68 33.98 15.74
C ASP D 277 37.39 33.69 16.49
N GLN D 278 36.66 32.65 16.03
CA GLN D 278 35.38 32.17 16.58
C GLN D 278 35.48 31.82 18.05
N THR D 279 36.62 31.25 18.48
CA THR D 279 36.92 30.85 19.86
C THR D 279 36.86 32.03 20.85
N LYS D 280 37.21 33.25 20.39
CA LYS D 280 37.15 34.47 21.20
C LYS D 280 35.69 34.90 21.40
N ILE D 281 34.84 34.71 20.37
CA ILE D 281 33.42 35.09 20.36
C ILE D 281 32.59 34.18 21.28
N ARG D 282 32.70 32.84 21.13
CA ARG D 282 31.94 31.87 21.95
C ARG D 282 32.32 31.89 23.44
N THR D 283 33.53 32.37 23.76
CA THR D 283 33.99 32.51 25.14
C THR D 283 33.65 33.92 25.65
N GLY D 284 33.64 34.89 24.74
CA GLY D 284 33.33 36.28 25.04
C GLY D 284 34.52 37.14 25.37
N GLN D 285 35.70 36.52 25.58
CA GLN D 285 36.94 37.23 25.91
C GLN D 285 37.64 37.75 24.66
N LEU D 286 37.69 39.09 24.53
CA LEU D 286 38.33 39.83 23.44
C LEU D 286 38.62 41.27 23.87
N ASP D 287 39.82 41.76 23.52
CA ASP D 287 40.29 43.10 23.88
C ASP D 287 39.60 44.22 23.10
N ASP D 288 39.90 45.48 23.48
CA ASP D 288 39.38 46.72 22.88
C ASP D 288 39.70 46.81 21.39
N GLU D 289 40.88 46.29 20.98
CA GLU D 289 41.35 46.22 19.59
C GLU D 289 40.46 45.27 18.77
N ASP D 290 40.05 44.14 19.39
CA ASP D 290 39.19 43.13 18.77
C ASP D 290 37.74 43.62 18.69
N TRP D 291 37.30 44.40 19.70
CA TRP D 291 35.94 44.97 19.80
C TRP D 291 35.69 46.06 18.75
N ALA D 292 36.75 46.80 18.34
CA ALA D 292 36.69 47.86 17.34
C ALA D 292 36.33 47.30 15.96
N ARG D 293 36.85 46.09 15.64
CA ARG D 293 36.58 45.38 14.38
C ARG D 293 35.16 44.83 14.38
N ILE D 294 34.65 44.42 15.57
CA ILE D 294 33.31 43.90 15.80
C ILE D 294 32.29 45.05 15.60
N SER D 295 32.62 46.24 16.15
CA SER D 295 31.84 47.46 16.08
C SER D 295 31.61 47.93 14.64
N SER D 296 32.66 47.86 13.79
CA SER D 296 32.63 48.25 12.39
C SER D 296 31.74 47.34 11.55
N THR D 297 31.66 46.05 11.91
CA THR D 297 30.86 45.03 11.24
C THR D 297 29.37 45.33 11.36
N MET D 298 28.88 45.57 12.59
CA MET D 298 27.48 45.87 12.92
C MET D 298 26.92 47.08 12.16
N GLY D 299 27.75 48.11 11.99
CA GLY D 299 27.40 49.34 11.29
C GLY D 299 26.98 49.14 9.85
N ILE D 300 27.78 48.37 9.08
CA ILE D 300 27.52 48.07 7.67
C ILE D 300 26.34 47.09 7.52
N LEU D 301 26.17 46.20 8.51
CA LEU D 301 25.10 45.19 8.56
C LEU D 301 23.71 45.81 8.70
N MET D 302 23.58 46.86 9.53
CA MET D 302 22.30 47.54 9.77
C MET D 302 22.01 48.68 8.78
N GLU D 303 22.95 48.97 7.86
CA GLU D 303 22.78 49.97 6.81
C GLU D 303 21.91 49.44 5.68
N LYS D 304 22.09 48.15 5.32
CA LYS D 304 21.35 47.47 4.26
C LYS D 304 20.24 46.55 4.79
N LYS D 305 20.52 45.78 5.87
CA LYS D 305 19.61 44.83 6.53
C LYS D 305 19.07 43.76 5.58
N ASN D 306 19.95 43.25 4.69
CA ASN D 306 19.60 42.25 3.68
C ASN D 306 19.50 40.82 4.21
N MET D 307 20.21 40.51 5.31
CA MET D 307 20.23 39.17 5.92
C MET D 307 18.94 38.80 6.65
N TYR D 308 18.43 37.58 6.39
CA TYR D 308 17.23 36.99 7.00
C TYR D 308 17.48 35.50 7.26
N ILE D 309 17.40 35.07 8.54
CA ILE D 309 17.66 33.69 8.95
C ILE D 309 16.39 33.01 9.52
N ASP D 310 16.12 31.79 9.04
CA ASP D 310 14.97 30.96 9.46
C ASP D 310 15.49 29.76 10.26
N ASP D 311 15.42 29.85 11.59
CA ASP D 311 15.88 28.79 12.49
C ASP D 311 14.77 27.77 12.77
N SER D 312 14.43 26.96 11.75
CA SER D 312 13.42 25.91 11.83
C SER D 312 14.07 24.54 11.58
N SER D 313 13.78 23.57 12.46
CA SER D 313 14.36 22.22 12.44
C SER D 313 13.96 21.37 11.22
N GLY D 314 12.65 21.21 10.99
CA GLY D 314 12.13 20.40 9.91
C GLY D 314 11.14 21.12 9.01
N LEU D 315 11.65 21.78 7.97
CA LEU D 315 10.86 22.54 7.00
C LEU D 315 10.32 21.65 5.88
N THR D 316 9.11 21.98 5.38
CA THR D 316 8.46 21.27 4.28
C THR D 316 8.61 22.08 2.98
N PRO D 317 8.61 21.45 1.77
CA PRO D 317 8.75 22.24 0.52
C PRO D 317 7.69 23.32 0.32
N THR D 318 6.52 23.17 0.98
CA THR D 318 5.41 24.12 0.97
C THR D 318 5.75 25.33 1.87
N GLU D 319 6.34 25.05 3.06
CA GLU D 319 6.76 26.08 4.04
C GLU D 319 7.88 26.98 3.52
N VAL D 320 8.78 26.42 2.69
CA VAL D 320 9.91 27.14 2.08
C VAL D 320 9.36 28.15 1.06
N ARG D 321 8.39 27.72 0.22
CA ARG D 321 7.73 28.53 -0.81
C ARG D 321 6.96 29.71 -0.23
N SER D 322 6.15 29.47 0.82
CA SER D 322 5.32 30.47 1.50
C SER D 322 6.16 31.55 2.17
N ARG D 323 7.27 31.16 2.82
CA ARG D 323 8.18 32.07 3.52
C ARG D 323 9.06 32.87 2.55
N ALA D 324 9.37 32.30 1.36
CA ALA D 324 10.17 32.96 0.32
C ALA D 324 9.35 34.04 -0.38
N ARG D 325 8.05 33.76 -0.61
CA ARG D 325 7.10 34.68 -1.25
C ARG D 325 6.82 35.89 -0.36
N ARG D 326 6.81 35.68 0.98
CA ARG D 326 6.56 36.71 1.99
C ARG D 326 7.62 37.82 1.98
N ILE D 327 8.91 37.45 2.07
CA ILE D 327 10.05 38.38 2.06
C ILE D 327 10.18 39.09 0.70
N ALA D 328 9.90 38.37 -0.41
CA ALA D 328 9.94 38.90 -1.76
C ALA D 328 8.86 39.96 -1.99
N ARG D 329 7.66 39.76 -1.41
CA ARG D 329 6.54 40.70 -1.54
C ARG D 329 6.73 41.90 -0.61
N GLU D 330 7.32 41.68 0.58
CA GLU D 330 7.56 42.71 1.58
C GLU D 330 8.72 43.64 1.26
N HIS D 331 9.84 43.09 0.76
CA HIS D 331 11.06 43.86 0.48
C HIS D 331 11.41 43.98 -1.01
N GLY D 332 10.40 44.25 -1.84
CA GLY D 332 10.54 44.43 -3.28
C GLY D 332 10.80 43.17 -4.08
N GLY D 333 11.73 42.35 -3.60
CA GLY D 333 12.12 41.09 -4.21
C GLY D 333 13.41 40.56 -3.63
N LEU D 334 13.58 39.23 -3.65
CA LEU D 334 14.79 38.57 -3.13
C LEU D 334 15.94 38.61 -4.14
N SER D 335 17.14 38.19 -3.69
CA SER D 335 18.35 38.15 -4.52
C SER D 335 19.00 36.77 -4.53
N LEU D 336 19.03 36.10 -3.35
CA LEU D 336 19.60 34.76 -3.17
C LEU D 336 18.95 34.03 -2.00
N ILE D 337 18.55 32.77 -2.22
CA ILE D 337 17.95 31.90 -1.21
C ILE D 337 18.97 30.79 -0.88
N MET D 338 19.22 30.56 0.41
CA MET D 338 20.18 29.55 0.87
C MET D 338 19.53 28.58 1.86
N VAL D 339 19.87 27.29 1.75
CA VAL D 339 19.37 26.21 2.61
C VAL D 339 20.58 25.54 3.31
N ASP D 340 20.57 25.50 4.66
CA ASP D 340 21.65 24.92 5.48
C ASP D 340 21.82 23.41 5.29
N TYR D 341 20.70 22.69 5.02
CA TYR D 341 20.71 21.24 4.81
C TYR D 341 19.52 20.78 3.98
N LEU D 342 19.79 20.11 2.86
CA LEU D 342 18.77 19.57 1.96
C LEU D 342 18.15 18.32 2.57
N GLN D 343 18.98 17.49 3.24
CA GLN D 343 18.58 16.23 3.90
C GLN D 343 17.70 16.46 5.13
N LEU D 344 17.90 17.59 5.85
CA LEU D 344 17.11 17.94 7.04
C LEU D 344 15.68 18.38 6.70
N MET D 345 15.44 18.76 5.43
CA MET D 345 14.11 19.13 4.92
C MET D 345 13.28 17.86 4.75
N ARG D 346 11.97 17.94 4.99
CA ARG D 346 11.08 16.78 4.91
C ARG D 346 9.78 17.05 4.16
N VAL D 347 9.24 16.01 3.49
CA VAL D 347 7.97 16.09 2.77
C VAL D 347 6.94 15.16 3.46
N PRO D 348 5.72 15.66 3.83
CA PRO D 348 4.76 14.81 4.55
C PRO D 348 4.19 13.63 3.75
N ALA D 349 4.07 13.77 2.43
CA ALA D 349 3.53 12.73 1.55
C ALA D 349 4.49 11.56 1.33
N LEU D 350 5.78 11.85 1.00
CA LEU D 350 6.80 10.84 0.74
C LEU D 350 7.74 10.66 1.94
N THR D 351 7.16 10.50 3.15
CA THR D 351 7.92 10.31 4.39
C THR D 351 8.53 8.90 4.44
N ASP D 352 7.77 7.89 3.96
CA ASP D 352 8.17 6.49 3.92
C ASP D 352 9.34 6.24 2.96
N ASN D 353 9.21 6.70 1.70
CA ASN D 353 10.26 6.54 0.69
C ASN D 353 11.23 7.71 0.72
N ARG D 354 12.46 7.46 1.20
CA ARG D 354 13.53 8.46 1.33
C ARG D 354 14.08 8.93 -0.02
N THR D 355 14.21 8.02 -1.01
CA THR D 355 14.72 8.33 -2.35
C THR D 355 13.79 9.32 -3.07
N LEU D 356 12.45 9.17 -2.91
CA LEU D 356 11.43 10.04 -3.49
C LEU D 356 11.29 11.35 -2.71
N GLU D 357 11.65 11.33 -1.40
CA GLU D 357 11.62 12.49 -0.52
C GLU D 357 12.66 13.53 -0.99
N ILE D 358 13.91 13.08 -1.20
CA ILE D 358 15.04 13.91 -1.68
C ILE D 358 14.80 14.36 -3.13
N ALA D 359 14.25 13.46 -3.98
CA ALA D 359 13.94 13.75 -5.39
C ALA D 359 12.91 14.86 -5.53
N GLU D 360 11.85 14.86 -4.70
CA GLU D 360 10.81 15.90 -4.72
C GLU D 360 11.29 17.22 -4.12
N ILE D 361 12.11 17.16 -3.05
CA ILE D 361 12.68 18.34 -2.39
C ILE D 361 13.61 19.10 -3.37
N SER D 362 14.45 18.35 -4.12
CA SER D 362 15.35 18.90 -5.13
C SER D 362 14.57 19.50 -6.31
N ARG D 363 13.43 18.85 -6.67
CA ARG D 363 12.53 19.29 -7.75
C ARG D 363 11.75 20.53 -7.35
N SER D 364 11.41 20.65 -6.06
CA SER D 364 10.68 21.79 -5.49
C SER D 364 11.56 23.04 -5.39
N LEU D 365 12.85 22.85 -5.03
CA LEU D 365 13.84 23.92 -4.89
C LEU D 365 14.23 24.55 -6.23
N LYS D 366 14.25 23.75 -7.31
CA LYS D 366 14.55 24.22 -8.67
C LYS D 366 13.37 25.04 -9.21
N ALA D 367 12.13 24.56 -8.91
CA ALA D 367 10.88 25.23 -9.32
C ALA D 367 10.66 26.53 -8.53
N LEU D 368 11.21 26.61 -7.30
CA LEU D 368 11.16 27.80 -6.45
C LEU D 368 12.11 28.87 -7.02
N ALA D 369 13.29 28.43 -7.52
CA ALA D 369 14.30 29.30 -8.13
C ALA D 369 13.74 29.99 -9.36
N LYS D 370 13.05 29.25 -10.24
CA LYS D 370 12.41 29.75 -11.47
C LYS D 370 11.24 30.67 -11.18
N GLU D 371 10.46 30.36 -10.11
CA GLU D 371 9.28 31.12 -9.66
C GLU D 371 9.65 32.55 -9.23
N LEU D 372 10.82 32.72 -8.58
CA LEU D 372 11.31 34.01 -8.08
C LEU D 372 12.48 34.60 -8.91
N ASN D 373 13.00 33.83 -9.90
CA ASN D 373 14.12 34.17 -10.78
C ASN D 373 15.39 34.56 -9.98
N VAL D 374 15.67 33.79 -8.90
CA VAL D 374 16.82 34.01 -8.02
C VAL D 374 17.63 32.73 -7.77
N PRO D 375 18.99 32.82 -7.70
CA PRO D 375 19.80 31.61 -7.44
C PRO D 375 19.53 30.97 -6.08
N VAL D 376 19.27 29.65 -6.07
CA VAL D 376 19.02 28.90 -4.84
C VAL D 376 20.26 28.04 -4.52
N VAL D 377 20.90 28.33 -3.37
CA VAL D 377 22.11 27.65 -2.89
C VAL D 377 21.73 26.60 -1.83
N ALA D 378 21.64 25.34 -2.24
CA ALA D 378 21.29 24.24 -1.34
C ALA D 378 22.54 23.49 -0.88
N LEU D 379 22.58 23.13 0.40
CA LEU D 379 23.71 22.39 0.96
C LEU D 379 23.32 20.93 1.13
N SER D 380 24.11 20.02 0.53
CA SER D 380 23.88 18.57 0.59
C SER D 380 25.15 17.85 1.02
N GLN D 381 25.01 16.64 1.62
CA GLN D 381 26.15 15.86 2.06
C GLN D 381 26.39 14.64 1.17
N LEU D 382 27.67 14.32 0.95
CA LEU D 382 28.10 13.18 0.14
C LEU D 382 28.15 11.91 0.98
N ASN D 383 27.96 10.75 0.33
CA ASN D 383 28.00 9.44 0.98
C ASN D 383 29.45 9.07 1.35
N ARG D 384 29.62 8.17 2.34
CA ARG D 384 30.92 7.69 2.84
C ARG D 384 31.77 6.93 1.80
N SER D 385 31.23 6.72 0.58
CA SER D 385 31.87 6.02 -0.54
C SER D 385 33.22 6.60 -0.96
N LEU D 386 33.38 7.95 -0.88
CA LEU D 386 34.62 8.64 -1.25
C LEU D 386 35.77 8.37 -0.27
N GLU D 387 35.47 8.11 1.02
CA GLU D 387 36.45 7.82 2.06
C GLU D 387 37.07 6.44 1.85
N GLN D 388 36.25 5.48 1.37
CA GLN D 388 36.63 4.09 1.08
C GLN D 388 37.39 4.01 -0.26
N ARG D 389 37.09 4.94 -1.18
CA ARG D 389 37.63 5.07 -2.53
C ARG D 389 39.14 5.39 -2.61
N ALA D 390 39.74 5.84 -1.48
CA ALA D 390 41.16 6.22 -1.29
C ALA D 390 41.55 7.55 -1.95
N ASP D 391 40.95 7.89 -3.11
CA ASP D 391 41.18 9.16 -3.84
C ASP D 391 40.69 10.35 -3.01
N LYS D 392 39.52 10.19 -2.36
CA LYS D 392 38.84 11.14 -1.46
C LYS D 392 38.50 12.51 -2.11
N ARG D 393 38.72 12.65 -3.43
CA ARG D 393 38.38 13.87 -4.18
C ARG D 393 36.89 13.74 -4.55
N PRO D 394 35.99 14.61 -4.01
CA PRO D 394 34.55 14.45 -4.27
C PRO D 394 34.11 14.41 -5.74
N VAL D 395 33.32 13.37 -6.07
CA VAL D 395 32.73 13.12 -7.39
C VAL D 395 31.20 13.18 -7.23
N ASN D 396 30.48 13.47 -8.32
CA ASN D 396 29.01 13.57 -8.38
C ASN D 396 28.30 12.27 -7.98
N SER D 397 28.94 11.09 -8.22
CA SER D 397 28.41 9.76 -7.92
C SER D 397 28.13 9.52 -6.42
N ASP D 398 28.91 10.18 -5.53
CA ASP D 398 28.77 10.09 -4.07
C ASP D 398 27.51 10.82 -3.57
N LEU D 399 27.02 11.80 -4.36
CA LEU D 399 25.84 12.60 -4.04
C LEU D 399 24.54 11.96 -4.56
N ARG D 400 24.63 11.10 -5.61
CA ARG D 400 23.51 10.40 -6.23
C ARG D 400 22.89 9.34 -5.30
N GLU D 401 23.70 8.84 -4.32
CA GLU D 401 23.30 7.85 -3.30
C GLU D 401 22.25 8.41 -2.33
N SER D 402 22.26 9.75 -2.11
CA SER D 402 21.33 10.48 -1.26
C SER D 402 19.93 10.58 -1.92
N GLY D 403 19.92 10.81 -3.24
CA GLY D 403 18.72 10.93 -4.05
C GLY D 403 18.96 11.51 -5.42
N SER D 404 17.89 12.01 -6.07
CA SER D 404 17.95 12.62 -7.40
C SER D 404 18.25 14.12 -7.25
N ILE D 405 19.55 14.48 -7.30
CA ILE D 405 20.03 15.85 -7.13
C ILE D 405 20.66 16.39 -8.44
N GLU D 406 21.59 15.61 -9.05
CA GLU D 406 22.31 15.95 -10.29
C GLU D 406 21.41 16.29 -11.48
N GLN D 407 20.27 15.60 -11.61
CA GLN D 407 19.30 15.82 -12.69
C GLN D 407 18.63 17.19 -12.63
N ASP D 408 18.29 17.65 -11.41
CA ASP D 408 17.61 18.93 -11.16
C ASP D 408 18.57 20.11 -11.11
N ALA D 409 19.79 19.91 -10.57
CA ALA D 409 20.83 20.93 -10.40
C ALA D 409 21.40 21.49 -11.69
N ASP D 410 21.75 22.79 -11.67
CA ASP D 410 22.34 23.52 -12.79
C ASP D 410 23.84 23.80 -12.57
N LEU D 411 24.27 23.85 -11.29
CA LEU D 411 25.65 24.10 -10.89
C LEU D 411 25.99 23.39 -9.57
N ILE D 412 26.97 22.47 -9.60
CA ILE D 412 27.41 21.73 -8.42
C ILE D 412 28.89 22.00 -8.17
N MET D 413 29.21 22.48 -6.96
CA MET D 413 30.58 22.77 -6.52
C MET D 413 30.92 22.08 -5.20
N PHE D 414 32.04 21.33 -5.18
CA PHE D 414 32.48 20.57 -4.02
C PHE D 414 33.65 21.21 -3.29
N ILE D 415 33.65 21.14 -1.94
CA ILE D 415 34.73 21.68 -1.09
C ILE D 415 35.65 20.53 -0.71
N TYR D 416 36.94 20.64 -1.08
CA TYR D 416 37.95 19.62 -0.79
C TYR D 416 39.24 20.25 -0.28
N ARG D 417 39.53 19.98 1.00
CA ARG D 417 40.72 20.45 1.72
C ARG D 417 41.59 19.23 1.96
N ASP D 418 42.80 19.23 1.40
CA ASP D 418 43.75 18.11 1.53
C ASP D 418 44.32 17.98 2.94
N GLU D 419 44.30 19.08 3.73
CA GLU D 419 44.80 19.12 5.11
C GLU D 419 43.94 18.29 6.10
N VAL D 420 42.70 17.95 5.71
CA VAL D 420 41.76 17.15 6.51
C VAL D 420 42.21 15.68 6.48
N TYR D 421 42.47 15.14 5.28
CA TYR D 421 42.90 13.75 5.07
C TYR D 421 44.38 13.53 5.37
N HIS D 422 45.24 14.50 5.03
CA HIS D 422 46.69 14.41 5.25
C HIS D 422 47.17 15.55 6.16
N PRO D 423 47.98 15.26 7.21
CA PRO D 423 48.41 16.35 8.11
C PRO D 423 49.27 17.44 7.50
N ASP D 424 50.42 17.07 6.87
CA ASP D 424 51.35 18.01 6.24
C ASP D 424 51.17 18.04 4.71
N SER D 425 49.91 18.03 4.26
CA SER D 425 49.52 18.06 2.85
C SER D 425 50.00 19.35 2.15
N PRO D 426 50.33 19.31 0.83
CA PRO D 426 50.76 20.54 0.15
C PRO D 426 49.63 21.57 0.08
N LEU D 427 49.99 22.86 0.24
CA LEU D 427 49.08 24.01 0.28
C LEU D 427 48.09 23.88 1.45
N LYS D 428 48.67 23.73 2.67
CA LYS D 428 47.95 23.61 3.93
C LYS D 428 47.32 24.96 4.27
N GLY D 429 46.02 24.95 4.54
CA GLY D 429 45.24 26.15 4.83
C GLY D 429 44.62 26.73 3.58
N THR D 430 44.67 25.96 2.47
CA THR D 430 44.12 26.33 1.16
C THR D 430 43.22 25.20 0.65
N ALA D 431 41.93 25.50 0.48
CA ALA D 431 40.92 24.56 -0.01
C ALA D 431 40.67 24.80 -1.50
N GLU D 432 40.29 23.74 -2.23
CA GLU D 432 39.99 23.84 -3.66
C GLU D 432 38.53 23.50 -3.96
N ILE D 433 37.79 24.51 -4.46
CA ILE D 433 36.37 24.40 -4.82
C ILE D 433 36.29 23.77 -6.22
N ILE D 434 36.17 22.44 -6.26
CA ILE D 434 36.10 21.66 -7.49
C ILE D 434 34.66 21.67 -8.03
N ILE D 435 34.47 22.31 -9.21
CA ILE D 435 33.17 22.39 -9.87
C ILE D 435 32.90 21.08 -10.61
N GLY D 436 31.99 20.29 -10.05
CA GLY D 436 31.61 18.98 -10.58
C GLY D 436 30.61 19.05 -11.72
N LYS D 437 29.73 20.07 -11.71
CA LYS D 437 28.70 20.26 -12.72
C LYS D 437 28.43 21.75 -12.98
N GLN D 438 28.21 22.10 -14.26
CA GLN D 438 27.86 23.45 -14.73
C GLN D 438 27.16 23.35 -16.09
N ARG D 439 25.85 23.58 -16.10
CA ARG D 439 25.01 23.53 -17.30
C ARG D 439 25.23 24.76 -18.17
N ASN D 440 25.39 25.93 -17.53
CA ASN D 440 25.59 27.22 -18.20
C ASN D 440 27.00 27.36 -18.80
N GLY D 441 28.03 27.18 -17.97
CA GLY D 441 29.42 27.31 -18.38
C GLY D 441 30.28 26.06 -18.25
N PRO D 442 31.62 26.22 -18.11
CA PRO D 442 32.50 25.03 -18.01
C PRO D 442 32.74 24.54 -16.59
N ILE D 443 33.45 23.40 -16.47
CA ILE D 443 33.79 22.77 -15.18
C ILE D 443 35.31 22.83 -14.92
N GLY D 444 35.68 23.00 -13.66
CA GLY D 444 37.09 23.08 -13.25
C GLY D 444 37.30 23.01 -11.75
N SER D 445 38.33 23.74 -11.27
CA SER D 445 38.71 23.82 -9.85
C SER D 445 39.34 25.19 -9.54
N VAL D 446 38.89 25.81 -8.43
CA VAL D 446 39.35 27.13 -7.97
C VAL D 446 39.92 27.03 -6.54
N ARG D 447 41.20 27.41 -6.36
CA ARG D 447 41.86 27.38 -5.04
C ARG D 447 41.64 28.68 -4.29
N LEU D 448 41.11 28.56 -3.06
CA LEU D 448 40.83 29.70 -2.17
C LEU D 448 41.42 29.43 -0.78
N THR D 449 42.14 30.43 -0.22
CA THR D 449 42.76 30.29 1.11
C THR D 449 41.68 30.29 2.20
N PHE D 450 41.68 29.21 3.01
CA PHE D 450 40.72 29.01 4.09
C PHE D 450 41.33 29.36 5.45
N GLN D 451 40.69 30.30 6.16
CA GLN D 451 41.09 30.74 7.49
C GLN D 451 40.10 30.19 8.51
N GLY D 452 40.44 29.03 9.08
CA GLY D 452 39.63 28.29 10.04
C GLY D 452 39.21 29.05 11.28
N HIS D 453 40.12 29.90 11.82
CA HIS D 453 39.90 30.71 13.02
C HIS D 453 38.69 31.62 12.89
N TYR D 454 38.68 32.48 11.86
CA TYR D 454 37.63 33.46 11.59
C TYR D 454 36.51 32.91 10.68
N SER D 455 36.64 31.64 10.23
CA SER D 455 35.71 30.94 9.32
C SER D 455 35.52 31.75 8.02
N ARG D 456 36.65 32.11 7.39
CA ARG D 456 36.71 32.90 6.17
C ARG D 456 37.34 32.17 4.99
N PHE D 457 36.79 32.43 3.80
CA PHE D 457 37.27 31.91 2.52
C PHE D 457 37.72 33.13 1.71
N ASP D 458 39.03 33.27 1.49
CA ASP D 458 39.61 34.39 0.76
C ASP D 458 40.32 33.94 -0.51
N ASN D 459 40.61 34.87 -1.43
CA ASN D 459 41.28 34.57 -2.70
C ASN D 459 42.77 34.24 -2.50
N TYR D 460 43.18 33.04 -2.95
CA TYR D 460 44.57 32.57 -2.85
C TYR D 460 45.45 33.27 -3.89
N ALA D 461 46.66 33.69 -3.46
CA ALA D 461 47.64 34.36 -4.32
C ALA D 461 48.96 33.56 -4.39
N GLY D 462 49.36 33.20 -5.61
CA GLY D 462 50.57 32.44 -5.86
C GLY D 462 50.42 31.43 -6.98
N LYS E 22 -29.91 34.69 22.72
CA LYS E 22 -28.56 35.24 22.88
C LYS E 22 -27.85 35.39 21.54
N VAL E 23 -27.25 36.56 21.31
CA VAL E 23 -26.54 36.91 20.06
C VAL E 23 -25.06 36.42 20.10
N PRO E 24 -24.58 35.65 19.08
CA PRO E 24 -23.18 35.21 19.10
C PRO E 24 -22.17 36.37 18.97
N PRO E 25 -20.97 36.27 19.59
CA PRO E 25 -20.01 37.40 19.50
C PRO E 25 -19.42 37.60 18.10
N HIS E 26 -19.88 38.66 17.42
CA HIS E 26 -19.46 39.03 16.07
C HIS E 26 -19.64 40.52 15.81
N SER E 27 -18.89 41.05 14.82
CA SER E 27 -18.97 42.45 14.42
C SER E 27 -18.97 42.54 12.90
N LEU E 28 -20.16 42.85 12.33
CA LEU E 28 -20.38 42.96 10.88
C LEU E 28 -19.60 44.11 10.26
N GLU E 29 -19.45 45.23 11.00
CA GLU E 29 -18.71 46.42 10.56
C GLU E 29 -17.20 46.11 10.48
N ALA E 30 -16.69 45.30 11.44
CA ALA E 30 -15.29 44.87 11.53
C ALA E 30 -14.94 43.92 10.38
N GLU E 31 -15.89 43.03 10.00
CA GLU E 31 -15.73 42.08 8.90
C GLU E 31 -15.72 42.83 7.57
N GLN E 32 -16.56 43.88 7.45
CA GLN E 32 -16.68 44.75 6.28
C GLN E 32 -15.44 45.63 6.11
N SER E 33 -14.83 46.08 7.24
CA SER E 33 -13.65 46.95 7.25
C SER E 33 -12.37 46.26 6.76
N VAL E 34 -12.24 44.95 7.02
CA VAL E 34 -11.08 44.14 6.61
C VAL E 34 -11.05 44.00 5.08
N ILE E 35 -12.17 43.57 4.48
CA ILE E 35 -12.31 43.38 3.03
C ILE E 35 -12.36 44.73 2.29
N GLY E 36 -13.19 45.65 2.79
CA GLY E 36 -13.39 46.98 2.22
C GLY E 36 -12.15 47.83 2.03
N GLY E 37 -11.21 47.71 2.97
CA GLY E 37 -9.94 48.42 2.94
C GLY E 37 -8.83 47.69 2.22
N LEU E 38 -9.03 46.38 1.96
CA LEU E 38 -8.06 45.52 1.27
C LEU E 38 -8.25 45.55 -0.25
N LEU E 39 -9.46 45.93 -0.71
CA LEU E 39 -9.80 46.05 -2.13
C LEU E 39 -9.02 47.21 -2.76
N LEU E 40 -8.88 48.32 -2.01
CA LEU E 40 -8.16 49.52 -2.44
C LEU E 40 -6.64 49.35 -2.33
N ASP E 41 -6.16 48.75 -1.22
CA ASP E 41 -4.74 48.50 -0.99
C ASP E 41 -4.46 47.00 -0.87
N ASN E 42 -3.86 46.43 -1.93
CA ASN E 42 -3.52 45.01 -2.03
C ASN E 42 -2.28 44.65 -1.22
N GLU E 43 -1.35 45.62 -1.05
CA GLU E 43 -0.08 45.49 -0.34
C GLU E 43 -0.21 45.12 1.14
N ARG E 44 -1.36 45.43 1.77
CA ARG E 44 -1.61 45.15 3.19
C ARG E 44 -1.88 43.67 3.49
N TRP E 45 -2.23 42.85 2.46
CA TRP E 45 -2.53 41.42 2.60
C TRP E 45 -1.44 40.61 3.32
N ASP E 46 -0.16 41.02 3.20
CA ASP E 46 1.00 40.38 3.83
C ASP E 46 0.89 40.28 5.36
N THR E 47 0.36 41.33 6.01
CA THR E 47 0.19 41.39 7.47
C THR E 47 -1.25 41.08 7.94
N VAL E 48 -2.25 41.24 7.05
CA VAL E 48 -3.66 40.98 7.35
C VAL E 48 -3.93 39.46 7.42
N SER E 49 -3.38 38.68 6.46
CA SER E 49 -3.51 37.22 6.39
C SER E 49 -2.89 36.49 7.59
N GLU E 50 -1.94 37.16 8.27
CA GLU E 50 -1.22 36.69 9.46
C GLU E 50 -2.17 36.58 10.68
N HIS E 51 -3.15 37.49 10.77
CA HIS E 51 -4.11 37.57 11.88
C HIS E 51 -5.40 36.75 11.67
N VAL E 52 -6.05 36.86 10.50
CA VAL E 52 -7.31 36.15 10.22
C VAL E 52 -7.28 35.24 8.98
N MET E 53 -8.26 34.32 8.91
CA MET E 53 -8.50 33.36 7.82
C MET E 53 -10.00 33.31 7.48
N THR E 54 -10.41 32.43 6.55
CA THR E 54 -11.80 32.26 6.10
C THR E 54 -12.74 31.82 7.24
N GLN E 55 -12.24 30.97 8.15
CA GLN E 55 -12.97 30.43 9.31
C GLN E 55 -13.39 31.49 10.33
N ASP E 56 -12.58 32.56 10.47
CA ASP E 56 -12.82 33.65 11.43
C ASP E 56 -14.05 34.51 11.11
N PHE E 57 -14.50 34.54 9.85
CA PHE E 57 -15.68 35.31 9.43
C PHE E 57 -16.98 34.63 9.86
N TYR E 58 -17.90 35.42 10.46
CA TYR E 58 -19.18 34.97 11.00
C TYR E 58 -20.19 34.53 9.92
N SER E 59 -20.77 35.49 9.18
CA SER E 59 -21.77 35.25 8.15
C SER E 59 -21.24 34.54 6.92
N ARG E 60 -22.11 33.74 6.27
CA ARG E 60 -21.82 32.98 5.06
C ARG E 60 -21.42 33.88 3.85
N PRO E 61 -22.09 35.02 3.52
CA PRO E 61 -21.64 35.83 2.38
C PRO E 61 -20.25 36.42 2.57
N HIS E 62 -19.89 36.79 3.82
CA HIS E 62 -18.57 37.32 4.18
C HIS E 62 -17.47 36.27 4.01
N ARG E 63 -17.79 34.99 4.31
CA ARG E 63 -16.87 33.86 4.18
C ARG E 63 -16.58 33.55 2.71
N LEU E 64 -17.61 33.63 1.83
CA LEU E 64 -17.51 33.38 0.40
C LEU E 64 -16.67 34.44 -0.32
N ILE E 65 -16.81 35.72 0.10
CA ILE E 65 -16.08 36.86 -0.46
C ILE E 65 -14.60 36.77 -0.10
N PHE E 66 -14.28 36.50 1.18
CA PHE E 66 -12.90 36.36 1.66
C PHE E 66 -12.17 35.16 1.06
N ASP E 67 -12.92 34.08 0.73
CA ASP E 67 -12.40 32.85 0.11
C ASP E 67 -11.82 33.13 -1.28
N GLY E 68 -12.37 34.14 -1.96
CA GLY E 68 -11.91 34.62 -3.26
C GLY E 68 -10.69 35.49 -3.13
N VAL E 69 -10.69 36.37 -2.09
CA VAL E 69 -9.61 37.31 -1.74
C VAL E 69 -8.31 36.51 -1.45
N LYS E 70 -8.45 35.43 -0.65
CA LYS E 70 -7.38 34.52 -0.23
C LYS E 70 -6.70 33.83 -1.43
N SER E 71 -7.49 33.52 -2.49
CA SER E 71 -7.03 32.84 -3.70
C SER E 71 -6.38 33.77 -4.72
N ILE E 72 -6.99 34.94 -4.97
CA ILE E 72 -6.52 35.94 -5.95
C ILE E 72 -5.19 36.58 -5.49
N LEU E 73 -5.15 37.11 -4.26
CA LEU E 73 -3.97 37.77 -3.70
C LEU E 73 -2.78 36.84 -3.42
N GLU E 74 -3.02 35.52 -3.23
CA GLU E 74 -1.95 34.54 -3.00
C GLU E 74 -1.12 34.31 -4.26
N ALA E 75 -1.77 34.31 -5.44
CA ALA E 75 -1.12 34.14 -6.74
C ALA E 75 -0.33 35.38 -7.14
N GLY E 76 -0.73 36.53 -6.59
CA GLY E 76 -0.10 37.83 -6.85
C GLY E 76 -0.89 38.67 -7.82
N LYS E 77 -2.06 38.15 -8.28
CA LYS E 77 -2.96 38.81 -9.22
C LYS E 77 -3.64 40.04 -8.59
N PRO E 78 -3.83 41.15 -9.35
CA PRO E 78 -4.46 42.34 -8.75
C PRO E 78 -5.92 42.13 -8.35
N LEU E 79 -6.26 42.60 -7.14
CA LEU E 79 -7.60 42.47 -6.57
C LEU E 79 -8.36 43.81 -6.64
N ASP E 80 -9.56 43.78 -7.23
CA ASP E 80 -10.45 44.94 -7.39
C ASP E 80 -11.92 44.51 -7.34
N LEU E 81 -12.84 45.40 -7.75
CA LEU E 81 -14.29 45.15 -7.72
C LEU E 81 -14.77 44.15 -8.76
N ILE E 82 -14.20 44.17 -9.99
CA ILE E 82 -14.61 43.27 -11.07
C ILE E 82 -13.84 41.92 -11.02
N THR E 83 -12.52 41.93 -10.69
CA THR E 83 -11.71 40.69 -10.59
C THR E 83 -12.27 39.72 -9.54
N LEU E 84 -12.82 40.26 -8.45
CA LEU E 84 -13.45 39.50 -7.36
C LEU E 84 -14.86 39.06 -7.76
N SER E 85 -15.58 39.92 -8.53
CA SER E 85 -16.94 39.66 -9.02
C SER E 85 -16.97 38.47 -9.99
N GLU E 86 -15.94 38.38 -10.87
CA GLU E 86 -15.82 37.29 -11.87
C GLU E 86 -15.52 35.94 -11.24
N TYR E 87 -14.82 35.95 -10.08
CA TYR E 87 -14.49 34.73 -9.32
C TYR E 87 -15.78 34.15 -8.72
N LEU E 88 -16.70 35.04 -8.27
CA LEU E 88 -17.99 34.67 -7.69
C LEU E 88 -19.02 34.32 -8.76
N GLU E 89 -19.04 35.06 -9.89
CA GLU E 89 -19.97 34.86 -11.01
C GLU E 89 -19.81 33.49 -11.68
N GLN E 90 -18.56 33.00 -11.80
CA GLN E 90 -18.24 31.70 -12.39
C GLN E 90 -18.72 30.55 -11.50
N ARG E 91 -18.58 30.73 -10.16
CA ARG E 91 -18.99 29.77 -9.14
C ARG E 91 -20.46 29.96 -8.72
N GLU E 92 -21.14 30.95 -9.34
CA GLU E 92 -22.55 31.35 -9.12
C GLU E 92 -22.84 31.68 -7.64
N GLN E 93 -21.88 32.37 -7.00
CA GLN E 93 -21.91 32.81 -5.60
C GLN E 93 -22.19 34.32 -5.53
N LEU E 94 -22.08 35.03 -6.67
CA LEU E 94 -22.29 36.48 -6.80
C LEU E 94 -23.72 36.89 -6.44
N GLU E 95 -24.72 36.16 -6.95
CA GLU E 95 -26.14 36.43 -6.65
C GLU E 95 -26.51 35.95 -5.24
N ASP E 96 -25.66 35.10 -4.64
CA ASP E 96 -25.83 34.54 -3.30
C ASP E 96 -25.26 35.46 -2.20
N VAL E 97 -24.13 36.15 -2.47
CA VAL E 97 -23.49 37.06 -1.51
C VAL E 97 -24.27 38.38 -1.35
N GLY E 98 -25.01 38.76 -2.39
CA GLY E 98 -25.83 39.98 -2.41
C GLY E 98 -25.60 40.85 -3.62
N GLY E 99 -25.36 40.23 -4.78
CA GLY E 99 -25.11 40.91 -6.04
C GLY E 99 -23.83 41.71 -6.08
N PHE E 100 -23.71 42.62 -7.06
CA PHE E 100 -22.54 43.49 -7.19
C PHE E 100 -22.68 44.68 -6.23
N ALA E 101 -23.93 45.02 -5.84
CA ALA E 101 -24.28 46.12 -4.93
C ALA E 101 -23.62 45.97 -3.55
N TYR E 102 -23.43 44.72 -3.08
CA TYR E 102 -22.78 44.41 -1.80
C TYR E 102 -21.28 44.70 -1.91
N LEU E 103 -20.66 44.35 -3.06
CA LEU E 103 -19.24 44.58 -3.36
C LEU E 103 -18.98 46.07 -3.59
N ALA E 104 -19.93 46.77 -4.22
CA ALA E 104 -19.86 48.20 -4.53
C ALA E 104 -19.91 49.06 -3.27
N ASP E 105 -20.82 48.73 -2.33
CA ASP E 105 -20.97 49.43 -1.06
C ASP E 105 -19.81 49.14 -0.11
N LEU E 106 -19.12 47.99 -0.31
CA LEU E 106 -17.97 47.56 0.48
C LEU E 106 -16.74 48.43 0.18
N ALA E 107 -16.51 48.75 -1.12
CA ALA E 107 -15.41 49.60 -1.57
C ALA E 107 -15.65 51.06 -1.17
N LYS E 108 -16.93 51.49 -1.17
CA LYS E 108 -17.39 52.83 -0.78
C LYS E 108 -17.12 53.05 0.72
N ASN E 109 -17.49 52.07 1.56
CA ASN E 109 -17.27 52.09 3.01
C ASN E 109 -15.79 51.95 3.35
N THR E 110 -15.39 52.49 4.52
CA THR E 110 -14.05 52.52 5.12
C THR E 110 -12.93 52.81 4.05
N PRO E 111 -12.71 54.09 3.68
CA PRO E 111 -11.65 54.40 2.71
C PRO E 111 -10.27 54.55 3.38
N SER E 112 -10.18 54.20 4.67
CA SER E 112 -8.98 54.26 5.51
C SER E 112 -8.01 53.12 5.21
N ALA E 113 -6.70 53.39 5.40
CA ALA E 113 -5.61 52.44 5.20
C ALA E 113 -4.74 52.34 6.47
N ALA E 114 -3.76 51.38 6.49
CA ALA E 114 -2.81 51.09 7.57
C ALA E 114 -3.45 50.52 8.85
N ASN E 115 -4.68 50.93 9.18
CA ASN E 115 -5.44 50.48 10.36
C ASN E 115 -6.21 49.16 10.09
N ILE E 116 -5.97 48.55 8.92
CA ILE E 116 -6.58 47.28 8.48
C ILE E 116 -6.07 46.11 9.35
N ASN E 117 -4.80 46.20 9.81
CA ASN E 117 -4.15 45.23 10.69
C ASN E 117 -4.85 45.21 12.06
N ALA E 118 -5.34 46.39 12.50
CA ALA E 118 -6.07 46.56 13.75
C ALA E 118 -7.50 46.02 13.60
N TYR E 119 -8.08 46.13 12.38
CA TYR E 119 -9.42 45.62 12.05
C TYR E 119 -9.42 44.09 12.01
N ALA E 120 -8.29 43.49 11.61
CA ALA E 120 -8.11 42.03 11.51
C ALA E 120 -8.02 41.41 12.91
N GLU E 121 -7.46 42.15 13.89
CA GLU E 121 -7.30 41.72 15.28
C GLU E 121 -8.64 41.60 16.01
N ILE E 122 -9.59 42.54 15.74
CA ILE E 122 -10.92 42.54 16.37
C ILE E 122 -11.85 41.49 15.73
N VAL E 123 -11.56 41.03 14.49
CA VAL E 123 -12.33 39.98 13.80
C VAL E 123 -11.93 38.64 14.44
N ALA E 124 -10.63 38.46 14.71
CA ALA E 124 -10.05 37.27 15.37
C ALA E 124 -10.49 37.21 16.82
N GLU E 125 -10.71 38.38 17.46
CA GLU E 125 -11.16 38.53 18.85
C GLU E 125 -12.57 37.95 19.03
N ARG E 126 -13.52 38.35 18.16
CA ARG E 126 -14.91 37.89 18.19
C ARG E 126 -15.02 36.41 17.81
N ALA E 127 -14.16 35.95 16.88
CA ALA E 127 -14.13 34.58 16.40
C ALA E 127 -13.59 33.61 17.46
N LEU E 128 -12.57 34.02 18.24
CA LEU E 128 -11.95 33.20 19.28
C LEU E 128 -12.94 32.93 20.42
N VAL E 129 -13.74 33.96 20.81
CA VAL E 129 -14.76 33.87 21.86
C VAL E 129 -15.91 32.95 21.37
N ARG E 130 -16.26 33.08 20.06
CA ARG E 130 -17.29 32.29 19.40
C ARG E 130 -16.89 30.81 19.35
N ASN E 131 -15.59 30.52 19.15
CA ASN E 131 -15.04 29.17 19.13
C ASN E 131 -15.03 28.59 20.53
N LEU E 132 -14.78 29.45 21.54
CA LEU E 132 -14.74 29.08 22.96
C LEU E 132 -16.13 28.67 23.47
N ILE E 133 -17.20 29.38 23.03
CA ILE E 133 -18.59 29.08 23.37
C ILE E 133 -19.02 27.76 22.69
N GLY E 134 -18.57 27.55 21.45
CA GLY E 134 -18.82 26.35 20.66
C GLY E 134 -18.23 25.11 21.30
N VAL E 135 -17.12 25.28 22.06
CA VAL E 135 -16.41 24.24 22.81
C VAL E 135 -17.12 24.07 24.17
N ALA E 136 -17.55 25.20 24.80
CA ALA E 136 -18.27 25.21 26.08
C ALA E 136 -19.62 24.48 25.97
N ASN E 137 -20.32 24.64 24.83
CA ASN E 137 -21.59 23.98 24.54
C ASN E 137 -21.35 22.50 24.21
N GLU E 138 -20.20 22.18 23.58
CA GLU E 138 -19.79 20.82 23.23
C GLU E 138 -19.57 19.97 24.50
N ILE E 139 -18.98 20.59 25.55
CA ILE E 139 -18.72 19.96 26.84
C ILE E 139 -20.05 19.72 27.58
N ALA E 140 -20.93 20.75 27.61
CA ALA E 140 -22.25 20.71 28.25
C ALA E 140 -23.16 19.62 27.66
N ASP E 141 -23.23 19.54 26.32
CA ASP E 141 -24.03 18.53 25.60
C ASP E 141 -23.49 17.11 25.81
N ALA E 142 -22.15 16.97 25.94
CA ALA E 142 -21.48 15.69 26.19
C ALA E 142 -21.66 15.26 27.65
N GLY E 143 -21.89 16.23 28.53
CA GLY E 143 -22.12 16.00 29.95
C GLY E 143 -23.46 15.33 30.23
N TYR E 144 -24.54 15.91 29.65
CA TYR E 144 -25.90 15.39 29.78
C TYR E 144 -26.09 14.10 28.98
N ASP E 145 -25.40 13.99 27.82
CA ASP E 145 -25.43 12.81 26.94
C ASP E 145 -24.01 12.19 26.88
N PRO E 146 -23.65 11.31 27.86
CA PRO E 146 -22.29 10.75 27.86
C PRO E 146 -22.09 9.66 26.80
N GLN E 147 -23.03 8.70 26.69
CA GLN E 147 -23.02 7.56 25.75
C GLN E 147 -21.73 6.73 25.88
N GLY E 148 -21.52 6.18 27.08
CA GLY E 148 -20.37 5.35 27.42
C GLY E 148 -19.22 6.09 28.07
N ARG E 149 -19.14 7.42 27.85
CA ARG E 149 -18.08 8.29 28.38
C ARG E 149 -18.17 8.45 29.90
N ASN E 150 -17.08 8.08 30.60
CA ASN E 150 -16.96 8.18 32.07
C ASN E 150 -16.47 9.57 32.48
N ALA E 151 -16.40 9.85 33.80
CA ALA E 151 -15.95 11.14 34.34
C ALA E 151 -14.50 11.44 33.94
N GLU E 152 -13.63 10.40 33.91
CA GLU E 152 -12.23 10.50 33.52
C GLU E 152 -12.12 10.78 32.03
N ASP E 153 -12.97 10.11 31.22
CA ASP E 153 -13.04 10.27 29.76
C ASP E 153 -13.56 11.64 29.36
N LEU E 154 -14.59 12.15 30.09
CA LEU E 154 -15.20 13.47 29.85
C LEU E 154 -14.28 14.62 30.25
N LEU E 155 -13.40 14.39 31.25
CA LEU E 155 -12.43 15.38 31.73
C LEU E 155 -11.34 15.62 30.68
N ASP E 156 -10.85 14.53 30.04
CA ASP E 156 -9.83 14.57 28.99
C ASP E 156 -10.37 15.22 27.73
N LEU E 157 -11.63 14.93 27.37
CA LEU E 157 -12.33 15.48 26.19
C LEU E 157 -12.56 16.98 26.34
N ALA E 158 -12.86 17.44 27.56
CA ALA E 158 -13.10 18.85 27.87
C ALA E 158 -11.82 19.69 27.80
N GLU E 159 -10.72 19.18 28.40
CA GLU E 159 -9.44 19.88 28.43
C GLU E 159 -8.73 19.90 27.07
N SER E 160 -8.80 18.79 26.30
CA SER E 160 -8.18 18.68 24.97
C SER E 160 -8.81 19.65 23.97
N LYS E 161 -10.14 19.86 24.06
CA LYS E 161 -10.88 20.79 23.21
C LYS E 161 -10.59 22.25 23.57
N VAL E 162 -10.37 22.54 24.88
CA VAL E 162 -10.04 23.88 25.40
C VAL E 162 -8.60 24.26 24.99
N PHE E 163 -7.67 23.29 25.06
CA PHE E 163 -6.27 23.47 24.68
C PHE E 163 -6.08 23.73 23.19
N ALA E 164 -7.02 23.26 22.34
CA ALA E 164 -7.02 23.44 20.88
C ALA E 164 -7.14 24.91 20.49
N ILE E 165 -7.90 25.71 21.29
CA ILE E 165 -8.10 27.14 21.07
C ILE E 165 -6.82 27.88 21.50
N ALA E 166 -6.21 27.45 22.63
CA ALA E 166 -4.97 28.01 23.18
C ALA E 166 -3.75 27.68 22.31
N GLU E 167 -3.79 26.52 21.61
CA GLU E 167 -2.74 26.05 20.71
C GLU E 167 -2.78 26.82 19.39
N ALA E 168 -3.99 27.10 18.86
CA ALA E 168 -4.22 27.87 17.64
C ALA E 168 -3.85 29.34 17.82
N ARG E 169 -4.03 29.87 19.06
CA ARG E 169 -3.68 31.23 19.45
C ARG E 169 -2.15 31.45 19.45
N THR E 170 -1.34 30.39 19.53
CA THR E 170 0.13 30.47 19.55
C THR E 170 0.79 30.17 18.19
N SER E 171 0.12 29.38 17.30
CA SER E 171 0.63 29.03 15.96
C SER E 171 0.77 30.26 15.06
N GLU E 172 -0.02 31.31 15.32
CA GLU E 172 -0.01 32.58 14.60
C GLU E 172 1.26 33.36 14.94
N ASN E 173 1.46 34.50 14.25
CA ASN E 173 2.56 35.45 14.37
C ASN E 173 4.01 34.89 14.38
N GLU E 174 4.26 33.59 14.18
CA GLU E 174 5.57 32.94 14.31
C GLU E 174 6.62 33.32 13.20
N GLY E 175 6.70 32.56 12.10
CA GLY E 175 7.56 32.75 10.92
C GLY E 175 9.03 33.18 10.99
N PRO E 176 9.59 33.62 9.83
CA PRO E 176 11.01 34.04 9.78
C PRO E 176 11.36 35.29 10.59
N LYS E 177 12.65 35.49 10.85
CA LYS E 177 13.17 36.57 11.68
C LYS E 177 14.17 37.50 10.98
N ASN E 178 14.04 38.82 11.21
CA ASN E 178 14.94 39.84 10.67
C ASN E 178 16.20 39.90 11.56
N VAL E 179 17.34 40.34 11.00
CA VAL E 179 18.62 40.45 11.71
C VAL E 179 18.56 41.27 13.00
N ASP E 180 17.67 42.28 13.06
CA ASP E 180 17.50 43.16 14.22
C ASP E 180 17.16 42.37 15.49
N SER E 181 16.19 41.43 15.38
CA SER E 181 15.72 40.58 16.47
C SER E 181 16.77 39.52 16.84
N ILE E 182 17.51 38.99 15.84
CA ILE E 182 18.52 37.95 16.03
C ILE E 182 19.79 38.50 16.69
N LEU E 183 20.38 39.59 16.16
CA LEU E 183 21.61 40.21 16.70
C LEU E 183 21.49 40.57 18.17
N GLU E 184 20.35 41.19 18.55
CA GLU E 184 20.05 41.62 19.91
C GLU E 184 19.98 40.42 20.85
N ARG E 185 19.39 39.29 20.38
CA ARG E 185 19.24 38.05 21.13
C ARG E 185 20.58 37.31 21.23
N THR E 186 21.40 37.34 20.16
CA THR E 186 22.72 36.69 20.11
C THR E 186 23.73 37.38 21.01
N LEU E 187 23.81 38.74 20.92
CA LEU E 187 24.74 39.55 21.71
C LEU E 187 24.47 39.50 23.21
N GLU E 188 23.18 39.39 23.58
CA GLU E 188 22.74 39.30 24.96
C GLU E 188 23.17 37.97 25.57
N ARG E 189 23.20 36.89 24.77
CA ARG E 189 23.60 35.54 25.18
C ARG E 189 25.09 35.53 25.52
N ILE E 190 25.94 36.11 24.65
CA ILE E 190 27.40 36.18 24.84
C ILE E 190 27.74 37.03 26.08
N GLU E 191 27.05 38.19 26.23
CA GLU E 191 27.22 39.15 27.31
C GLU E 191 26.93 38.53 28.69
N LEU E 192 25.78 37.81 28.82
CA LEU E 192 25.35 37.17 30.06
C LEU E 192 26.27 36.02 30.43
N LEU E 193 26.79 35.29 29.43
CA LEU E 193 27.68 34.15 29.62
C LEU E 193 29.04 34.61 30.13
N TYR E 194 29.58 35.70 29.55
CA TYR E 194 30.88 36.26 29.91
C TYR E 194 30.86 36.88 31.30
N LYS E 195 29.71 37.48 31.69
CA LYS E 195 29.45 38.16 32.95
C LYS E 195 29.46 37.20 34.14
N THR E 196 28.70 36.10 34.05
CA THR E 196 28.53 35.11 35.11
C THR E 196 29.71 34.12 35.20
N PRO E 197 30.14 33.68 36.41
CA PRO E 197 31.20 32.63 36.47
C PRO E 197 30.56 31.27 36.15
N GLN E 198 30.62 30.88 34.86
CA GLN E 198 29.94 29.77 34.21
C GLN E 198 30.03 28.46 34.96
N ASP E 199 31.23 27.85 34.92
CA ASP E 199 31.56 26.54 35.47
C ASP E 199 30.63 25.41 34.92
N GLY E 200 30.09 25.65 33.71
CA GLY E 200 29.18 24.77 32.99
C GLY E 200 27.73 24.98 33.34
N VAL E 201 27.42 24.97 34.65
CA VAL E 201 26.07 24.97 35.18
C VAL E 201 25.37 26.29 35.01
N THR E 202 24.17 26.23 34.35
CA THR E 202 23.17 27.27 34.11
C THR E 202 21.76 26.64 33.97
N GLY E 203 20.95 26.81 35.01
CA GLY E 203 19.59 26.27 35.06
C GLY E 203 19.46 25.09 36.01
N VAL E 204 19.44 23.87 35.45
CA VAL E 204 19.33 22.62 36.22
C VAL E 204 20.63 21.82 36.08
N ASN E 205 21.23 21.43 37.23
CA ASN E 205 22.48 20.67 37.30
C ASN E 205 22.24 19.21 36.90
N THR E 206 23.00 18.73 35.89
CA THR E 206 22.92 17.36 35.39
C THR E 206 23.56 16.36 36.36
N GLY E 207 24.63 16.80 37.03
CA GLY E 207 25.39 15.99 37.98
C GLY E 207 26.73 15.54 37.44
N PHE E 208 26.93 15.69 36.12
CA PHE E 208 28.16 15.29 35.42
C PHE E 208 28.90 16.55 34.94
N THR E 209 30.14 16.74 35.43
CA THR E 209 31.00 17.89 35.12
C THR E 209 31.39 17.97 33.64
N ASP E 210 31.70 16.81 33.01
CA ASP E 210 32.07 16.71 31.60
C ASP E 210 30.88 17.04 30.68
N LEU E 211 29.66 16.67 31.11
CA LEU E 211 28.42 16.91 30.36
C LEU E 211 27.99 18.38 30.47
N ASN E 212 28.08 18.97 31.69
CA ASN E 212 27.72 20.36 31.98
C ASN E 212 28.49 21.39 31.14
N LYS E 213 29.70 21.04 30.67
CA LYS E 213 30.55 21.90 29.84
C LYS E 213 29.93 22.13 28.46
N LYS E 214 29.33 21.08 27.86
CA LYS E 214 28.69 21.13 26.54
C LYS E 214 27.21 21.49 26.61
N THR E 215 26.47 20.85 27.54
CA THR E 215 25.02 21.04 27.75
C THR E 215 24.67 22.41 28.30
N ALA E 216 25.55 22.98 29.16
CA ALA E 216 25.39 24.25 29.85
C ALA E 216 24.14 24.21 30.76
N GLY E 217 23.94 23.05 31.41
CA GLY E 217 22.82 22.79 32.30
C GLY E 217 21.51 22.55 31.55
N LEU E 218 20.57 21.85 32.21
CA LEU E 218 19.26 21.57 31.62
C LEU E 218 18.41 22.85 31.68
N GLN E 219 18.42 23.62 30.58
CA GLN E 219 17.72 24.89 30.41
C GLN E 219 16.21 24.78 30.62
N GLY E 220 15.62 25.84 31.16
CA GLY E 220 14.18 25.90 31.41
C GLY E 220 13.36 26.09 30.15
N SER E 221 12.09 25.61 30.18
CA SER E 221 11.07 25.68 29.12
C SER E 221 11.41 24.96 27.79
N ASP E 222 12.60 24.36 27.65
CA ASP E 222 12.97 23.67 26.40
C ASP E 222 12.81 22.15 26.52
N LEU E 223 12.46 21.48 25.40
CA LEU E 223 12.22 20.04 25.31
C LEU E 223 13.52 19.24 25.07
N ILE E 224 13.77 18.24 25.94
CA ILE E 224 14.95 17.37 25.89
C ILE E 224 14.54 15.91 25.65
N ILE E 225 15.12 15.26 24.63
CA ILE E 225 14.83 13.88 24.31
C ILE E 225 16.10 13.02 24.46
N VAL E 226 16.01 11.98 25.32
CA VAL E 226 17.09 11.04 25.57
C VAL E 226 16.68 9.74 24.88
N ALA E 227 17.31 9.45 23.72
CA ALA E 227 17.00 8.28 22.91
C ALA E 227 18.14 7.28 22.82
N ALA E 228 17.82 5.97 22.89
CA ALA E 228 18.78 4.87 22.80
C ALA E 228 18.10 3.56 22.40
N ARG E 229 18.90 2.58 21.96
CA ARG E 229 18.48 1.22 21.57
C ARG E 229 17.96 0.47 22.83
N PRO E 230 16.98 -0.46 22.74
CA PRO E 230 16.51 -1.15 23.97
C PRO E 230 17.61 -1.78 24.82
N SER E 231 17.47 -1.67 26.17
CA SER E 231 18.38 -2.16 27.21
C SER E 231 19.76 -1.48 27.20
N MET E 232 19.85 -0.25 26.65
CA MET E 232 21.08 0.54 26.61
C MET E 232 21.26 1.33 27.90
N GLY E 233 20.13 1.74 28.50
CA GLY E 233 20.11 2.50 29.73
C GLY E 233 19.39 3.82 29.61
N LYS E 234 18.21 3.84 28.95
CA LYS E 234 17.37 5.03 28.78
C LYS E 234 16.84 5.45 30.14
N THR E 235 16.13 4.52 30.82
CA THR E 235 15.56 4.71 32.17
C THR E 235 16.69 4.92 33.19
N THR E 236 17.82 4.21 33.02
CA THR E 236 19.00 4.27 33.88
C THR E 236 19.62 5.68 33.87
N PHE E 237 19.91 6.23 32.67
CA PHE E 237 20.51 7.56 32.52
C PHE E 237 19.54 8.68 32.92
N ALA E 238 18.23 8.53 32.60
CA ALA E 238 17.20 9.50 32.95
C ALA E 238 17.04 9.61 34.46
N MET E 239 17.10 8.45 35.17
CA MET E 239 17.02 8.42 36.63
C MET E 239 18.29 8.99 37.24
N ASN E 240 19.46 8.75 36.60
CA ASN E 240 20.78 9.26 37.03
C ASN E 240 20.82 10.80 37.00
N LEU E 241 19.99 11.42 36.13
CA LEU E 241 19.84 12.87 36.02
C LEU E 241 18.92 13.34 37.16
N CYS E 242 17.86 12.55 37.44
CA CYS E 242 16.87 12.82 38.50
C CYS E 242 17.42 12.62 39.91
N GLU E 243 18.52 11.84 40.07
CA GLU E 243 19.18 11.62 41.37
C GLU E 243 19.72 12.98 41.82
N ASN E 244 20.52 13.62 40.94
CA ASN E 244 21.15 14.91 41.15
C ASN E 244 20.15 16.08 41.08
N ALA E 245 19.08 15.95 40.28
CA ALA E 245 18.04 16.98 40.13
C ALA E 245 17.22 17.17 41.42
N ALA E 246 17.01 16.08 42.18
CA ALA E 246 16.27 16.11 43.45
C ALA E 246 17.17 16.61 44.59
N MET E 247 18.50 16.36 44.50
CA MET E 247 19.49 16.76 45.48
C MET E 247 19.89 18.24 45.34
N GLU E 248 20.30 18.65 44.12
CA GLU E 248 20.76 20.02 43.82
C GLU E 248 19.62 21.04 43.85
N GLN E 249 18.59 20.85 43.00
CA GLN E 249 17.46 21.78 42.91
C GLN E 249 16.49 21.65 44.07
N ASP E 250 16.09 22.81 44.62
CA ASP E 250 15.16 22.95 45.74
C ASP E 250 13.72 22.59 45.38
N LYS E 251 13.29 22.94 44.15
CA LYS E 251 11.95 22.66 43.64
C LYS E 251 11.76 21.17 43.27
N PRO E 252 10.56 20.57 43.51
CA PRO E 252 10.37 19.13 43.23
C PRO E 252 10.49 18.69 41.77
N VAL E 253 10.81 17.39 41.57
CA VAL E 253 10.97 16.71 40.29
C VAL E 253 9.83 15.70 40.06
N LEU E 254 9.17 15.78 38.90
CA LEU E 254 8.05 14.89 38.53
C LEU E 254 8.48 13.86 37.49
N ILE E 255 8.17 12.58 37.76
CA ILE E 255 8.53 11.44 36.89
C ILE E 255 7.28 10.62 36.54
N PHE E 256 7.06 10.38 35.23
CA PHE E 256 5.95 9.59 34.73
C PHE E 256 6.46 8.23 34.29
N SER E 257 6.36 7.22 35.17
CA SER E 257 6.82 5.86 34.88
C SER E 257 5.72 5.04 34.21
N LEU E 258 5.85 4.87 32.88
CA LEU E 258 4.88 4.15 32.05
C LEU E 258 5.21 2.67 31.88
N GLU E 259 6.49 2.34 31.60
CA GLU E 259 6.95 0.98 31.37
C GLU E 259 7.01 0.14 32.66
N MET E 260 7.82 0.57 33.64
CA MET E 260 8.02 -0.11 34.92
C MET E 260 7.27 0.58 36.08
N PRO E 261 6.91 -0.13 37.19
CA PRO E 261 6.18 0.56 38.28
C PRO E 261 7.08 1.43 39.17
N ALA E 262 6.45 2.17 40.11
CA ALA E 262 7.11 3.07 41.07
C ALA E 262 8.09 2.34 42.00
N GLU E 263 7.81 1.05 42.30
CA GLU E 263 8.63 0.19 43.18
C GLU E 263 9.97 -0.15 42.53
N GLN E 264 9.94 -0.54 41.23
CA GLN E 264 11.13 -0.90 40.43
C GLN E 264 12.08 0.29 40.26
N ILE E 265 11.50 1.51 40.12
CA ILE E 265 12.23 2.78 39.98
C ILE E 265 13.00 3.06 41.28
N MET E 266 12.34 2.83 42.43
CA MET E 266 12.90 3.04 43.77
C MET E 266 14.07 2.11 44.09
N MET E 267 14.02 0.86 43.61
CA MET E 267 15.10 -0.13 43.80
C MET E 267 16.34 0.28 43.02
N ARG E 268 16.14 0.88 41.82
CA ARG E 268 17.20 1.40 40.95
C ARG E 268 17.77 2.68 41.55
N MET E 269 16.92 3.47 42.25
CA MET E 269 17.27 4.72 42.91
C MET E 269 18.15 4.46 44.14
N LEU E 270 17.77 3.47 44.96
CA LEU E 270 18.50 3.06 46.16
C LEU E 270 19.88 2.52 45.80
N ALA E 271 19.97 1.76 44.68
CA ALA E 271 21.21 1.19 44.17
C ALA E 271 22.18 2.26 43.67
N SER E 272 21.66 3.31 42.99
CA SER E 272 22.44 4.41 42.43
C SER E 272 23.07 5.31 43.50
N LEU E 273 22.36 5.58 44.61
CA LEU E 273 22.85 6.46 45.67
C LEU E 273 23.66 5.74 46.75
N SER E 274 23.21 4.55 47.19
CA SER E 274 23.91 3.76 48.21
C SER E 274 25.14 3.08 47.63
N ARG E 275 25.16 2.87 46.29
CA ARG E 275 26.22 2.25 45.49
C ARG E 275 26.44 0.78 45.91
N VAL E 276 25.32 0.02 45.89
CA VAL E 276 25.22 -1.41 46.17
C VAL E 276 24.40 -2.04 45.03
N ASP E 277 24.94 -3.10 44.40
CA ASP E 277 24.35 -3.80 43.24
C ASP E 277 22.87 -4.11 43.37
N GLN E 278 22.12 -3.91 42.26
CA GLN E 278 20.66 -4.14 42.14
C GLN E 278 20.26 -5.56 42.50
N THR E 279 21.12 -6.54 42.14
CA THR E 279 20.94 -7.98 42.42
C THR E 279 20.83 -8.28 43.92
N LYS E 280 21.52 -7.50 44.77
CA LYS E 280 21.47 -7.65 46.23
C LYS E 280 20.11 -7.15 46.77
N ILE E 281 19.57 -6.08 46.16
CA ILE E 281 18.31 -5.44 46.55
C ILE E 281 17.09 -6.32 46.21
N ARG E 282 16.98 -6.79 44.94
CA ARG E 282 15.85 -7.64 44.49
C ARG E 282 15.82 -9.01 45.17
N THR E 283 16.95 -9.49 45.69
CA THR E 283 17.02 -10.76 46.42
C THR E 283 16.84 -10.48 47.93
N GLY E 284 17.27 -9.30 48.37
CA GLY E 284 17.16 -8.86 49.76
C GLY E 284 18.35 -9.18 50.62
N GLN E 285 19.28 -10.02 50.11
CA GLN E 285 20.49 -10.40 50.83
C GLN E 285 21.61 -9.36 50.71
N LEU E 286 21.94 -8.72 51.84
CA LEU E 286 22.99 -7.70 51.97
C LEU E 286 23.43 -7.56 53.43
N ASP E 287 24.75 -7.47 53.64
CA ASP E 287 25.36 -7.36 54.97
C ASP E 287 25.14 -6.00 55.65
N ASP E 288 25.56 -5.90 56.92
CA ASP E 288 25.46 -4.71 57.77
C ASP E 288 26.19 -3.51 57.14
N GLU E 289 27.31 -3.76 56.44
CA GLU E 289 28.13 -2.77 55.74
C GLU E 289 27.33 -2.19 54.56
N ASP E 290 26.57 -3.05 53.86
CA ASP E 290 25.73 -2.67 52.71
C ASP E 290 24.47 -1.92 53.17
N TRP E 291 23.93 -2.29 54.36
CA TRP E 291 22.74 -1.67 54.96
C TRP E 291 23.00 -0.26 55.45
N ALA E 292 24.25 0.04 55.87
CA ALA E 292 24.67 1.36 56.35
C ALA E 292 24.62 2.41 55.23
N ARG E 293 24.95 2.00 54.00
CA ARG E 293 24.91 2.84 52.81
C ARG E 293 23.47 3.09 52.36
N ILE E 294 22.59 2.07 52.56
CA ILE E 294 21.15 2.11 52.26
C ILE E 294 20.48 3.10 53.23
N SER E 295 20.86 3.05 54.53
CA SER E 295 20.37 3.88 55.61
C SER E 295 20.64 5.37 55.36
N SER E 296 21.86 5.70 54.86
CA SER E 296 22.30 7.07 54.56
C SER E 296 21.52 7.67 53.40
N THR E 297 21.10 6.84 52.42
CA THR E 297 20.35 7.25 51.23
C THR E 297 18.95 7.78 51.61
N MET E 298 18.19 6.99 52.40
CA MET E 298 16.84 7.31 52.86
C MET E 298 16.73 8.64 53.60
N GLY E 299 17.75 8.92 54.40
CA GLY E 299 17.84 10.14 55.19
C GLY E 299 17.81 11.42 54.38
N ILE E 300 18.65 11.49 53.33
CA ILE E 300 18.75 12.66 52.44
C ILE E 300 17.50 12.77 51.55
N LEU E 301 16.90 11.62 51.19
CA LEU E 301 15.69 11.53 50.36
C LEU E 301 14.46 12.14 51.03
N MET E 302 14.28 11.90 52.34
CA MET E 302 13.14 12.40 53.10
C MET E 302 13.35 13.81 53.69
N GLU E 303 14.55 14.39 53.51
CA GLU E 303 14.87 15.74 53.96
C GLU E 303 14.29 16.78 53.00
N LYS E 304 14.34 16.50 51.69
CA LYS E 304 13.83 17.38 50.64
C LYS E 304 12.47 16.93 50.08
N LYS E 305 12.29 15.60 49.87
CA LYS E 305 11.07 14.96 49.33
C LYS E 305 10.67 15.52 47.96
N ASN E 306 11.66 15.76 47.09
CA ASN E 306 11.46 16.31 45.75
C ASN E 306 10.95 15.30 44.71
N MET E 307 11.24 14.01 44.91
CA MET E 307 10.84 12.94 43.99
C MET E 307 9.34 12.60 44.02
N TYR E 308 8.72 12.50 42.83
CA TYR E 308 7.31 12.14 42.61
C TYR E 308 7.21 11.23 41.40
N ILE E 309 6.68 10.00 41.60
CA ILE E 309 6.56 9.00 40.53
C ILE E 309 5.09 8.66 40.22
N ASP E 310 4.74 8.66 38.91
CA ASP E 310 3.41 8.35 38.40
C ASP E 310 3.43 7.01 37.67
N ASP E 311 3.00 5.94 38.35
CA ASP E 311 2.98 4.59 37.79
C ASP E 311 1.66 4.31 37.04
N SER E 312 1.50 4.96 35.86
CA SER E 312 0.34 4.81 34.99
C SER E 312 0.78 4.23 33.65
N SER E 313 0.08 3.19 33.18
CA SER E 313 0.38 2.46 31.94
C SER E 313 0.21 3.27 30.65
N GLY E 314 -0.98 3.84 30.44
CA GLY E 314 -1.29 4.62 29.24
C GLY E 314 -1.82 6.01 29.51
N LEU E 315 -0.91 6.99 29.62
CA LEU E 315 -1.23 8.39 29.89
C LEU E 315 -1.57 9.16 28.62
N THR E 316 -2.49 10.13 28.73
CA THR E 316 -2.92 10.98 27.62
C THR E 316 -2.25 12.37 27.76
N PRO E 317 -2.01 13.13 26.65
CA PRO E 317 -1.38 14.46 26.80
C PRO E 317 -2.13 15.43 27.72
N THR E 318 -3.44 15.20 27.92
CA THR E 318 -4.30 15.98 28.81
C THR E 318 -4.02 15.60 30.27
N GLU E 319 -3.86 14.28 30.55
CA GLU E 319 -3.57 13.73 31.88
C GLU E 319 -2.20 14.17 32.41
N VAL E 320 -1.21 14.33 31.51
CA VAL E 320 0.15 14.76 31.85
C VAL E 320 0.11 16.23 32.31
N ARG E 321 -0.64 17.08 31.58
CA ARG E 321 -0.81 18.51 31.86
C ARG E 321 -1.49 18.78 33.21
N SER E 322 -2.60 18.05 33.49
CA SER E 322 -3.39 18.17 34.72
C SER E 322 -2.60 17.78 35.95
N ARG E 323 -1.81 16.69 35.86
CA ARG E 323 -1.00 16.17 36.95
C ARG E 323 0.26 17.02 37.20
N ALA E 324 0.78 17.68 36.15
CA ALA E 324 1.95 18.56 36.25
C ALA E 324 1.58 19.88 36.92
N ARG E 325 0.38 20.40 36.61
CA ARG E 325 -0.17 21.64 37.17
C ARG E 325 -0.48 21.48 38.67
N ARG E 326 -0.92 20.28 39.08
CA ARG E 326 -1.27 19.92 40.46
C ARG E 326 -0.07 20.04 41.42
N ILE E 327 1.05 19.37 41.08
CA ILE E 327 2.28 19.36 41.88
C ILE E 327 2.93 20.76 41.90
N ALA E 328 2.87 21.49 40.77
CA ALA E 328 3.40 22.84 40.62
C ALA E 328 2.64 23.84 41.50
N ARG E 329 1.30 23.68 41.62
CA ARG E 329 0.46 24.56 42.43
C ARG E 329 0.58 24.21 43.92
N GLU E 330 0.74 22.92 44.25
CA GLU E 330 0.85 22.41 45.61
C GLU E 330 2.22 22.68 46.26
N HIS E 331 3.32 22.47 45.50
CA HIS E 331 4.68 22.61 46.03
C HIS E 331 5.47 23.80 45.45
N GLY E 332 4.80 24.96 45.35
CA GLY E 332 5.40 26.21 44.85
C GLY E 332 5.65 26.27 43.36
N GLY E 333 6.23 25.20 42.82
CA GLY E 333 6.56 25.07 41.41
C GLY E 333 7.51 23.91 41.16
N LEU E 334 7.44 23.33 39.95
CA LEU E 334 8.29 22.20 39.56
C LEU E 334 9.68 22.68 39.11
N SER E 335 10.61 21.72 38.90
CA SER E 335 11.99 21.98 38.47
C SER E 335 12.35 21.18 37.21
N LEU E 336 11.91 19.91 37.13
CA LEU E 336 12.16 19.01 36.00
C LEU E 336 11.06 17.95 35.90
N ILE E 337 10.54 17.75 34.67
CA ILE E 337 9.51 16.74 34.36
C ILE E 337 10.17 15.66 33.49
N MET E 338 9.99 14.38 33.86
CA MET E 338 10.56 13.24 33.14
C MET E 338 9.49 12.23 32.73
N VAL E 339 9.61 11.68 31.51
CA VAL E 339 8.69 10.68 30.94
C VAL E 339 9.51 9.40 30.63
N ASP E 340 9.09 8.25 31.19
CA ASP E 340 9.75 6.95 31.01
C ASP E 340 9.69 6.43 29.57
N TYR E 341 8.60 6.75 28.84
CA TYR E 341 8.41 6.33 27.46
C TYR E 341 7.44 7.24 26.71
N LEU E 342 7.92 7.81 25.59
CA LEU E 342 7.13 8.71 24.73
C LEU E 342 6.14 7.89 23.91
N GLN E 343 6.56 6.70 23.44
CA GLN E 343 5.78 5.77 22.63
C GLN E 343 4.63 5.12 23.41
N LEU E 344 4.81 4.90 24.73
CA LEU E 344 3.78 4.32 25.60
C LEU E 344 2.61 5.28 25.89
N MET E 345 2.83 6.59 25.65
CA MET E 345 1.80 7.63 25.81
C MET E 345 0.86 7.55 24.62
N ARG E 346 -0.43 7.82 24.85
CA ARG E 346 -1.46 7.72 23.80
C ARG E 346 -2.41 8.92 23.75
N VAL E 347 -2.89 9.26 22.54
CA VAL E 347 -3.86 10.34 22.32
C VAL E 347 -5.21 9.73 21.83
N PRO E 348 -6.37 10.05 22.48
CA PRO E 348 -7.63 9.43 22.07
C PRO E 348 -8.15 9.82 20.68
N ALA E 349 -7.83 11.03 20.22
CA ALA E 349 -8.26 11.55 18.92
C ALA E 349 -7.51 10.91 17.74
N LEU E 350 -6.16 10.86 17.82
CA LEU E 350 -5.30 10.31 16.76
C LEU E 350 -4.81 8.89 17.11
N THR E 351 -5.74 8.01 17.52
CA THR E 351 -5.45 6.62 17.88
C THR E 351 -5.14 5.79 16.62
N ASP E 352 -5.89 6.05 15.53
CA ASP E 352 -5.76 5.35 14.25
C ASP E 352 -4.41 5.66 13.56
N ASN E 353 -4.08 6.96 13.42
CA ASN E 353 -2.83 7.38 12.78
C ASN E 353 -1.71 7.50 13.83
N ARG E 354 -0.74 6.57 13.76
CA ARG E 354 0.40 6.50 14.68
C ARG E 354 1.41 7.63 14.48
N THR E 355 1.65 8.05 13.21
CA THR E 355 2.58 9.14 12.88
C THR E 355 2.10 10.47 13.47
N LEU E 356 0.77 10.73 13.44
CA LEU E 356 0.15 11.94 14.00
C LEU E 356 0.02 11.86 15.53
N GLU E 357 -0.04 10.63 16.08
CA GLU E 357 -0.11 10.37 17.51
C GLU E 357 1.18 10.83 18.19
N ILE E 358 2.35 10.39 17.66
CA ILE E 358 3.69 10.75 18.14
C ILE E 358 3.97 12.24 17.92
N ALA E 359 3.56 12.78 16.75
CA ALA E 359 3.72 14.18 16.38
C ALA E 359 3.00 15.14 17.35
N GLU E 360 1.76 14.79 17.76
CA GLU E 360 0.98 15.59 18.70
C GLU E 360 1.48 15.47 20.14
N ILE E 361 1.93 14.25 20.55
CA ILE E 361 2.49 13.98 21.88
C ILE E 361 3.78 14.80 22.08
N SER E 362 4.65 14.83 21.06
CA SER E 362 5.90 15.60 21.06
C SER E 362 5.62 17.11 21.10
N ARG E 363 4.56 17.55 20.40
CA ARG E 363 4.10 18.94 20.33
C ARG E 363 3.47 19.39 21.65
N SER E 364 2.79 18.46 22.35
CA SER E 364 2.14 18.70 23.63
C SER E 364 3.17 18.82 24.77
N LEU E 365 4.24 17.99 24.72
CA LEU E 365 5.32 17.98 25.72
C LEU E 365 6.20 19.23 25.67
N LYS E 366 6.40 19.81 24.47
CA LYS E 366 7.17 21.04 24.26
C LYS E 366 6.35 22.23 24.79
N ALA E 367 5.02 22.22 24.55
CA ALA E 367 4.09 23.26 25.00
C ALA E 367 3.89 23.22 26.51
N LEU E 368 4.06 22.02 27.13
CA LEU E 368 3.97 21.81 28.58
C LEU E 368 5.21 22.40 29.24
N ALA E 369 6.39 22.24 28.59
CA ALA E 369 7.69 22.76 29.05
C ALA E 369 7.64 24.28 29.15
N LYS E 370 7.12 24.96 28.09
CA LYS E 370 6.99 26.42 28.02
C LYS E 370 5.95 26.95 29.01
N GLU E 371 4.85 26.19 29.25
CA GLU E 371 3.75 26.53 30.15
C GLU E 371 4.22 26.64 31.61
N LEU E 372 5.17 25.76 32.02
CA LEU E 372 5.70 25.70 33.37
C LEU E 372 7.14 26.24 33.51
N ASN E 373 7.80 26.57 32.36
CA ASN E 373 9.17 27.07 32.23
C ASN E 373 10.20 26.12 32.90
N VAL E 374 10.00 24.80 32.68
CA VAL E 374 10.86 23.76 33.24
C VAL E 374 11.32 22.73 32.19
N PRO E 375 12.60 22.24 32.26
CA PRO E 375 13.05 21.25 31.27
C PRO E 375 12.29 19.92 31.32
N VAL E 376 11.81 19.47 30.15
CA VAL E 376 11.07 18.20 30.03
C VAL E 376 11.98 17.15 29.38
N VAL E 377 12.29 16.08 30.13
CA VAL E 377 13.15 14.98 29.68
C VAL E 377 12.28 13.79 29.25
N ALA E 378 12.11 13.63 27.92
CA ALA E 378 11.31 12.54 27.36
C ALA E 378 12.21 11.42 26.86
N LEU E 379 11.80 10.16 27.11
CA LEU E 379 12.56 9.00 26.65
C LEU E 379 11.88 8.39 25.44
N SER E 380 12.64 8.26 24.33
CA SER E 380 12.14 7.69 23.07
C SER E 380 13.07 6.58 22.58
N GLN E 381 12.54 5.65 21.77
CA GLN E 381 13.34 4.54 21.23
C GLN E 381 13.62 4.72 19.74
N LEU E 382 14.82 4.33 19.31
CA LEU E 382 15.26 4.40 17.93
C LEU E 382 14.83 3.15 17.16
N ASN E 383 14.63 3.28 15.84
CA ASN E 383 14.24 2.18 14.96
C ASN E 383 15.43 1.22 14.74
N ARG E 384 15.12 -0.05 14.39
CA ARG E 384 16.10 -1.12 14.14
C ARG E 384 17.08 -0.86 12.97
N SER E 385 16.90 0.27 12.25
CA SER E 385 17.71 0.70 11.10
C SER E 385 19.21 0.81 11.41
N LEU E 386 19.57 1.24 12.63
CA LEU E 386 20.97 1.40 13.06
C LEU E 386 21.71 0.06 13.23
N GLU E 387 20.98 -1.01 13.59
CA GLU E 387 21.53 -2.36 13.78
C GLU E 387 21.92 -2.98 12.43
N GLN E 388 21.14 -2.68 11.38
CA GLN E 388 21.34 -3.14 10.00
C GLN E 388 22.44 -2.33 9.32
N ARG E 389 22.59 -1.05 9.73
CA ARG E 389 23.54 -0.05 9.22
C ARG E 389 25.03 -0.40 9.43
N ALA E 390 25.34 -1.37 10.34
CA ALA E 390 26.67 -1.87 10.72
C ALA E 390 27.48 -0.90 11.60
N ASP E 391 27.33 0.43 11.40
CA ASP E 391 27.99 1.48 12.19
C ASP E 391 27.50 1.45 13.64
N LYS E 392 26.17 1.25 13.83
CA LYS E 392 25.44 1.13 15.09
C LYS E 392 25.56 2.37 16.03
N ARG E 393 26.19 3.46 15.55
CA ARG E 393 26.32 4.71 16.31
C ARG E 393 25.01 5.50 16.06
N PRO E 394 24.16 5.71 17.11
CA PRO E 394 22.86 6.38 16.88
C PRO E 394 22.88 7.74 16.20
N VAL E 395 22.05 7.87 15.15
CA VAL E 395 21.85 9.09 14.35
C VAL E 395 20.37 9.51 14.51
N ASN E 396 20.07 10.81 14.31
CA ASN E 396 18.73 11.40 14.41
C ASN E 396 17.70 10.79 13.45
N SER E 397 18.17 10.29 12.28
CA SER E 397 17.34 9.66 11.23
C SER E 397 16.59 8.40 11.70
N ASP E 398 17.17 7.65 12.66
CA ASP E 398 16.59 6.43 13.23
C ASP E 398 15.40 6.76 14.15
N LEU E 399 15.35 7.99 14.68
CA LEU E 399 14.28 8.46 15.57
C LEU E 399 13.11 9.10 14.81
N ARG E 400 13.36 9.60 13.58
CA ARG E 400 12.36 10.22 12.70
C ARG E 400 11.31 9.20 12.19
N GLU E 401 11.69 7.90 12.16
CA GLU E 401 10.83 6.78 11.74
C GLU E 401 9.66 6.55 12.71
N SER E 402 9.85 6.92 14.00
CA SER E 402 8.85 6.82 15.07
C SER E 402 7.76 7.90 14.90
N GLY E 403 8.17 9.12 14.53
CA GLY E 403 7.30 10.26 14.30
C GLY E 403 8.04 11.58 14.21
N SER E 404 7.32 12.69 14.39
CA SER E 404 7.88 14.05 14.36
C SER E 404 8.39 14.43 15.75
N ILE E 405 9.69 14.17 16.01
CA ILE E 405 10.34 14.43 17.29
C ILE E 405 11.42 15.53 17.17
N GLU E 406 12.31 15.41 16.17
CA GLU E 406 13.43 16.33 15.90
C GLU E 406 13.00 17.80 15.70
N GLN E 407 11.84 18.01 15.07
CA GLN E 407 11.29 19.35 14.80
C GLN E 407 10.89 20.10 16.08
N ASP E 408 10.30 19.38 17.05
CA ASP E 408 9.81 19.92 18.32
C ASP E 408 10.91 20.04 19.38
N ALA E 409 11.86 19.07 19.40
CA ALA E 409 12.97 18.98 20.36
C ALA E 409 13.99 20.12 20.26
N ASP E 410 14.55 20.51 21.42
CA ASP E 410 15.57 21.55 21.56
C ASP E 410 16.96 20.94 21.87
N LEU E 411 16.98 19.73 22.46
CA LEU E 411 18.21 19.02 22.82
C LEU E 411 18.00 17.50 22.75
N ILE E 412 18.77 16.82 21.89
CA ILE E 412 18.70 15.36 21.74
C ILE E 412 20.06 14.74 22.05
N MET E 413 20.09 13.80 23.01
CA MET E 413 21.30 13.08 23.42
C MET E 413 21.09 11.57 23.38
N PHE E 414 22.00 10.85 22.69
CA PHE E 414 21.93 9.40 22.53
C PHE E 414 22.93 8.64 23.40
N ILE E 415 22.51 7.48 23.93
CA ILE E 415 23.36 6.62 24.76
C ILE E 415 23.91 5.49 23.88
N TYR E 416 25.24 5.40 23.77
CA TYR E 416 25.92 4.39 22.98
C TYR E 416 27.09 3.75 23.73
N ARG E 417 26.94 2.47 24.07
CA ARG E 417 27.91 1.65 24.78
C ARG E 417 28.44 0.63 23.78
N ASP E 418 29.75 0.69 23.49
CA ASP E 418 30.39 -0.22 22.53
C ASP E 418 30.49 -1.67 23.04
N GLU E 419 30.41 -1.87 24.38
CA GLU E 419 30.47 -3.19 25.02
C GLU E 419 29.22 -4.06 24.75
N VAL E 420 28.12 -3.43 24.29
CA VAL E 420 26.86 -4.10 23.96
C VAL E 420 27.03 -4.85 22.62
N TYR E 421 27.53 -4.15 21.59
CA TYR E 421 27.75 -4.70 20.25
C TYR E 421 29.01 -5.57 20.15
N HIS E 422 30.09 -5.19 20.85
CA HIS E 422 31.36 -5.92 20.84
C HIS E 422 31.74 -6.38 22.25
N PRO E 423 32.13 -7.66 22.44
CA PRO E 423 32.43 -8.14 23.81
C PRO E 423 33.63 -7.47 24.48
N ASP E 424 34.82 -7.51 23.86
CA ASP E 424 36.05 -6.92 24.41
C ASP E 424 36.37 -5.55 23.75
N SER E 425 35.32 -4.74 23.56
CA SER E 425 35.39 -3.40 22.96
C SER E 425 36.28 -2.45 23.79
N PRO E 426 36.99 -1.48 23.14
CA PRO E 426 37.83 -0.55 23.93
C PRO E 426 36.98 0.33 24.84
N LEU E 427 37.50 0.61 26.05
CA LEU E 427 36.84 1.38 27.12
C LEU E 427 35.54 0.68 27.56
N LYS E 428 35.69 -0.60 27.96
CA LYS E 428 34.60 -1.46 28.42
C LYS E 428 34.15 -0.95 29.80
N GLY E 429 32.85 -0.73 29.93
CA GLY E 429 32.25 -0.19 31.16
C GLY E 429 32.15 1.31 31.11
N THR E 430 32.38 1.91 29.92
CA THR E 430 32.33 3.34 29.67
C THR E 430 31.44 3.62 28.45
N ALA E 431 30.34 4.35 28.69
CA ALA E 431 29.37 4.73 27.66
C ALA E 431 29.63 6.17 27.21
N GLU E 432 29.30 6.48 25.94
CA GLU E 432 29.46 7.83 25.40
C GLU E 432 28.12 8.45 25.01
N ILE E 433 27.76 9.54 25.71
CA ILE E 433 26.52 10.29 25.48
C ILE E 433 26.73 11.24 24.29
N ILE E 434 26.40 10.77 23.08
CA ILE E 434 26.56 11.52 21.84
C ILE E 434 25.37 12.48 21.65
N ILE E 435 25.66 13.80 21.70
CA ILE E 435 24.64 14.85 21.52
C ILE E 435 24.38 15.02 20.02
N GLY E 436 23.23 14.54 19.57
CA GLY E 436 22.79 14.59 18.19
C GLY E 436 22.20 15.92 17.76
N LYS E 437 21.56 16.64 18.71
CA LYS E 437 20.92 17.94 18.47
C LYS E 437 21.02 18.85 19.70
N GLN E 438 21.25 20.16 19.45
CA GLN E 438 21.31 21.22 20.46
C GLN E 438 21.05 22.57 19.79
N ARG E 439 19.85 23.15 20.04
CA ARG E 439 19.41 24.42 19.50
C ARG E 439 20.10 25.58 20.23
N ASN E 440 20.27 25.45 21.56
CA ASN E 440 20.89 26.47 22.41
C ASN E 440 22.43 26.55 22.23
N GLY E 441 23.11 25.41 22.39
CA GLY E 441 24.57 25.33 22.27
C GLY E 441 25.10 24.42 21.17
N PRO E 442 26.35 23.90 21.33
CA PRO E 442 26.92 23.04 20.28
C PRO E 442 26.63 21.55 20.46
N ILE E 443 27.05 20.73 19.47
CA ILE E 443 26.89 19.27 19.47
C ILE E 443 28.23 18.55 19.59
N GLY E 444 28.25 17.42 20.30
CA GLY E 444 29.45 16.61 20.51
C GLY E 444 29.20 15.24 21.11
N SER E 445 30.14 14.78 21.95
CA SER E 445 30.10 13.48 22.63
C SER E 445 30.84 13.56 23.97
N VAL E 446 30.21 13.04 25.04
CA VAL E 446 30.75 13.04 26.42
C VAL E 446 30.83 11.60 26.95
N ARG E 447 32.05 11.13 27.33
CA ARG E 447 32.27 9.80 27.89
C ARG E 447 32.07 9.77 29.39
N LEU E 448 31.19 8.87 29.86
CA LEU E 448 30.86 8.70 31.27
C LEU E 448 30.94 7.22 31.64
N THR E 449 31.64 6.90 32.76
CA THR E 449 31.80 5.52 33.23
C THR E 449 30.46 4.97 33.74
N PHE E 450 30.02 3.85 33.13
CA PHE E 450 28.76 3.19 33.47
C PHE E 450 28.98 1.98 34.37
N GLN E 451 28.35 2.00 35.55
CA GLN E 451 28.43 0.92 36.53
C GLN E 451 27.08 0.18 36.54
N GLY E 452 27.03 -0.89 35.74
CA GLY E 452 25.84 -1.73 35.55
C GLY E 452 25.23 -2.31 36.81
N HIS E 453 26.07 -2.72 37.77
CA HIS E 453 25.68 -3.32 39.05
C HIS E 453 24.74 -2.41 39.85
N TYR E 454 25.20 -1.18 40.14
CA TYR E 454 24.47 -0.19 40.92
C TYR E 454 23.59 0.73 40.06
N SER E 455 23.60 0.53 38.71
CA SER E 455 22.87 1.33 37.71
C SER E 455 23.21 2.82 37.85
N ARG E 456 24.53 3.11 37.84
CA ARG E 456 25.08 4.45 38.00
C ARG E 456 25.89 4.92 36.80
N PHE E 457 25.78 6.21 36.51
CA PHE E 457 26.53 6.90 35.45
C PHE E 457 27.40 7.94 36.16
N ASP E 458 28.72 7.71 36.16
CA ASP E 458 29.68 8.60 36.82
C ASP E 458 30.65 9.22 35.81
N ASN E 459 31.37 10.29 36.22
CA ASN E 459 32.32 10.99 35.37
C ASN E 459 33.60 10.17 35.12
N TYR E 460 33.90 9.91 33.84
CA TYR E 460 35.08 9.14 33.43
C TYR E 460 36.35 9.98 33.57
N ALA E 461 37.42 9.36 34.11
CA ALA E 461 38.72 10.00 34.31
C ALA E 461 39.83 9.26 33.56
N ILE F 21 -35.64 21.37 28.60
CA ILE F 21 -35.13 21.14 29.96
C ILE F 21 -34.35 19.82 30.00
N LYS F 22 -33.12 19.87 30.54
CA LYS F 22 -32.19 18.73 30.65
C LYS F 22 -32.00 18.31 32.11
N VAL F 23 -31.97 16.98 32.37
CA VAL F 23 -31.82 16.36 33.68
C VAL F 23 -30.33 16.33 34.15
N PRO F 24 -30.00 16.85 35.36
CA PRO F 24 -28.60 16.83 35.81
C PRO F 24 -28.03 15.42 36.00
N PRO F 25 -26.73 15.18 35.76
CA PRO F 25 -26.18 13.81 35.91
C PRO F 25 -26.11 13.35 37.37
N HIS F 26 -27.02 12.43 37.70
CA HIS F 26 -27.15 11.83 39.02
C HIS F 26 -27.79 10.44 38.93
N SER F 27 -27.56 9.62 39.95
CA SER F 27 -28.12 8.28 40.03
C SER F 27 -28.63 8.04 41.45
N LEU F 28 -29.96 8.05 41.61
CA LEU F 28 -30.65 7.86 42.88
C LEU F 28 -30.43 6.47 43.47
N GLU F 29 -30.34 5.44 42.60
CA GLU F 29 -30.12 4.04 42.99
C GLU F 29 -28.68 3.88 43.52
N ALA F 30 -27.71 4.59 42.90
CA ALA F 30 -26.30 4.58 43.29
C ALA F 30 -26.09 5.25 44.65
N GLU F 31 -26.84 6.33 44.92
CA GLU F 31 -26.80 7.08 46.18
C GLU F 31 -27.40 6.22 47.29
N GLN F 32 -28.47 5.46 46.98
CA GLN F 32 -29.17 4.56 47.88
C GLN F 32 -28.32 3.33 48.20
N SER F 33 -27.52 2.84 47.21
CA SER F 33 -26.67 1.66 47.36
C SER F 33 -25.48 1.87 48.29
N VAL F 34 -24.93 3.11 48.35
CA VAL F 34 -23.79 3.47 49.21
C VAL F 34 -24.22 3.42 50.68
N ILE F 35 -25.33 4.11 51.03
CA ILE F 35 -25.87 4.17 52.39
C ILE F 35 -26.50 2.83 52.81
N GLY F 36 -27.33 2.26 51.93
CA GLY F 36 -28.04 1.00 52.14
C GLY F 36 -27.18 -0.20 52.49
N GLY F 37 -26.00 -0.27 51.89
CA GLY F 37 -25.03 -1.35 52.13
C GLY F 37 -24.05 -1.06 53.26
N LEU F 38 -23.98 0.21 53.70
CA LEU F 38 -23.11 0.64 54.78
C LEU F 38 -23.77 0.51 56.16
N LEU F 39 -25.12 0.46 56.18
CA LEU F 39 -25.91 0.31 57.41
C LEU F 39 -25.70 -1.09 57.98
N LEU F 40 -25.62 -2.11 57.09
CA LEU F 40 -25.41 -3.51 57.45
C LEU F 40 -23.94 -3.79 57.80
N ASP F 41 -23.00 -3.27 57.00
CA ASP F 41 -21.56 -3.43 57.24
C ASP F 41 -20.88 -2.09 57.49
N ASN F 42 -20.53 -1.85 58.77
CA ASN F 42 -19.89 -0.62 59.25
C ASN F 42 -18.40 -0.57 58.89
N GLU F 43 -17.76 -1.75 58.80
CA GLU F 43 -16.33 -1.94 58.50
C GLU F 43 -15.88 -1.38 57.14
N ARG F 44 -16.80 -1.25 56.18
CA ARG F 44 -16.50 -0.76 54.83
C ARG F 44 -16.28 0.76 54.76
N TRP F 45 -16.71 1.53 55.79
CA TRP F 45 -16.57 2.99 55.87
C TRP F 45 -15.14 3.51 55.63
N ASP F 46 -14.12 2.72 56.03
CA ASP F 46 -12.69 3.04 55.88
C ASP F 46 -12.29 3.34 54.43
N THR F 47 -12.82 2.58 53.46
CA THR F 47 -12.53 2.73 52.02
C THR F 47 -13.62 3.51 51.25
N VAL F 48 -14.85 3.56 51.79
CA VAL F 48 -15.98 4.28 51.17
C VAL F 48 -15.82 5.80 51.32
N SER F 49 -15.42 6.27 52.54
CA SER F 49 -15.20 7.69 52.86
C SER F 49 -14.06 8.32 52.03
N GLU F 50 -13.15 7.48 51.52
CA GLU F 50 -12.00 7.84 50.69
C GLU F 50 -12.45 8.35 49.30
N HIS F 51 -13.56 7.78 48.76
CA HIS F 51 -14.09 8.13 47.43
C HIS F 51 -15.11 9.27 47.43
N VAL F 52 -16.11 9.23 48.33
CA VAL F 52 -17.18 10.26 48.39
C VAL F 52 -17.30 10.97 49.74
N MET F 53 -17.98 12.14 49.70
CA MET F 53 -18.28 12.99 50.84
C MET F 53 -19.75 13.46 50.77
N THR F 54 -20.18 14.33 51.71
CA THR F 54 -21.55 14.86 51.79
C THR F 54 -21.93 15.69 50.54
N GLN F 55 -20.96 16.44 49.99
CA GLN F 55 -21.11 17.30 48.81
C GLN F 55 -21.44 16.54 47.51
N ASP F 56 -20.94 15.29 47.39
CA ASP F 56 -21.13 14.44 46.20
C ASP F 56 -22.58 13.98 45.98
N PHE F 57 -23.40 13.94 47.05
CA PHE F 57 -24.81 13.54 46.98
C PHE F 57 -25.68 14.62 46.35
N TYR F 58 -26.52 14.22 45.37
CA TYR F 58 -27.40 15.10 44.60
C TYR F 58 -28.55 15.70 45.44
N SER F 59 -29.56 14.88 45.78
CA SER F 59 -30.75 15.31 46.53
C SER F 59 -30.47 15.68 47.99
N ARG F 60 -31.26 16.64 48.53
CA ARG F 60 -31.20 17.13 49.90
C ARG F 60 -31.45 16.03 50.96
N PRO F 61 -32.46 15.13 50.86
CA PRO F 61 -32.64 14.10 51.91
C PRO F 61 -31.45 13.13 51.99
N HIS F 62 -30.81 12.82 50.84
CA HIS F 62 -29.64 11.94 50.76
C HIS F 62 -28.42 12.57 51.42
N ARG F 63 -28.29 13.92 51.31
CA ARG F 63 -27.19 14.69 51.90
C ARG F 63 -27.33 14.74 53.43
N LEU F 64 -28.56 14.87 53.95
CA LEU F 64 -28.87 14.92 55.39
C LEU F 64 -28.61 13.58 56.07
N ILE F 65 -28.94 12.47 55.40
CA ILE F 65 -28.74 11.10 55.90
C ILE F 65 -27.24 10.77 55.99
N PHE F 66 -26.48 11.07 54.92
CA PHE F 66 -25.03 10.83 54.87
C PHE F 66 -24.25 11.67 55.89
N ASP F 67 -24.76 12.89 56.19
CA ASP F 67 -24.16 13.81 57.17
C ASP F 67 -24.16 13.22 58.59
N GLY F 68 -25.14 12.36 58.87
CA GLY F 68 -25.27 11.64 60.12
C GLY F 68 -24.34 10.44 60.16
N VAL F 69 -24.24 9.73 59.02
CA VAL F 69 -23.37 8.55 58.80
C VAL F 69 -21.90 8.94 59.05
N LYS F 70 -21.49 10.09 58.47
CA LYS F 70 -20.14 10.66 58.56
C LYS F 70 -19.73 10.99 60.01
N SER F 71 -20.71 11.40 60.85
CA SER F 71 -20.51 11.76 62.25
C SER F 71 -20.49 10.57 63.21
N ILE F 72 -21.43 9.61 63.03
CA ILE F 72 -21.57 8.43 63.89
C ILE F 72 -20.38 7.47 63.71
N LEU F 73 -20.08 7.09 62.45
CA LEU F 73 -19.00 6.16 62.11
C LEU F 73 -17.58 6.71 62.38
N GLU F 74 -17.39 8.05 62.40
CA GLU F 74 -16.09 8.68 62.68
C GLU F 74 -15.69 8.50 64.14
N ALA F 75 -16.68 8.58 65.06
CA ALA F 75 -16.47 8.39 66.50
C ALA F 75 -16.19 6.93 66.84
N GLY F 76 -16.66 6.03 65.99
CA GLY F 76 -16.51 4.58 66.15
C GLY F 76 -17.76 3.92 66.67
N LYS F 77 -18.83 4.71 66.89
CA LYS F 77 -20.13 4.26 67.38
C LYS F 77 -20.86 3.38 66.37
N PRO F 78 -21.55 2.30 66.81
CA PRO F 78 -22.25 1.43 65.84
C PRO F 78 -23.39 2.12 65.10
N LEU F 79 -23.44 1.93 63.77
CA LEU F 79 -24.44 2.51 62.88
C LEU F 79 -25.49 1.47 62.49
N ASP F 80 -26.77 1.81 62.71
CA ASP F 80 -27.93 0.97 62.37
C ASP F 80 -29.15 1.83 62.02
N LEU F 81 -30.35 1.21 61.97
CA LEU F 81 -31.60 1.89 61.60
C LEU F 81 -32.10 2.89 62.65
N ILE F 82 -31.99 2.56 63.95
CA ILE F 82 -32.48 3.43 65.03
C ILE F 82 -31.41 4.47 65.45
N THR F 83 -30.11 4.09 65.51
CA THR F 83 -29.02 5.03 65.89
C THR F 83 -28.95 6.23 64.94
N LEU F 84 -29.22 6.00 63.64
CA LEU F 84 -29.25 7.03 62.60
C LEU F 84 -30.56 7.83 62.67
N SER F 85 -31.68 7.16 63.03
CA SER F 85 -33.01 7.76 63.17
C SER F 85 -33.03 8.79 64.31
N GLU F 86 -32.37 8.48 65.44
CA GLU F 86 -32.29 9.35 66.62
C GLU F 86 -31.46 10.61 66.37
N TYR F 87 -30.46 10.52 65.48
CA TYR F 87 -29.60 11.64 65.09
C TYR F 87 -30.43 12.65 64.29
N LEU F 88 -31.35 12.14 63.44
CA LEU F 88 -32.25 12.95 62.61
C LEU F 88 -33.44 13.49 63.40
N GLU F 89 -34.02 12.66 64.31
CA GLU F 89 -35.16 13.01 65.16
C GLU F 89 -34.87 14.19 66.09
N GLN F 90 -33.65 14.25 66.65
CA GLN F 90 -33.20 15.33 67.55
C GLN F 90 -33.06 16.65 66.79
N ARG F 91 -32.55 16.58 65.55
CA ARG F 91 -32.35 17.74 64.66
C ARG F 91 -33.60 18.06 63.83
N GLU F 92 -34.69 17.25 64.02
CA GLU F 92 -35.99 17.34 63.36
C GLU F 92 -35.89 17.27 61.82
N GLN F 93 -34.97 16.40 61.35
CA GLN F 93 -34.68 16.15 59.94
C GLN F 93 -35.29 14.82 59.48
N LEU F 94 -35.74 13.97 60.46
CA LEU F 94 -36.34 12.66 60.22
C LEU F 94 -37.63 12.75 59.41
N GLU F 95 -38.53 13.68 59.76
CA GLU F 95 -39.79 13.90 59.05
C GLU F 95 -39.56 14.61 57.71
N ASP F 96 -38.37 15.22 57.55
CA ASP F 96 -37.95 15.96 56.35
C ASP F 96 -37.32 15.04 55.29
N VAL F 97 -36.55 14.00 55.72
CA VAL F 97 -35.89 13.06 54.80
C VAL F 97 -36.89 12.07 54.17
N GLY F 98 -38.00 11.81 54.88
CA GLY F 98 -39.06 10.91 54.44
C GLY F 98 -39.47 9.87 55.46
N GLY F 99 -39.46 10.27 56.74
CA GLY F 99 -39.81 9.41 57.87
C GLY F 99 -38.86 8.26 58.09
N PHE F 100 -39.30 7.26 58.87
CA PHE F 100 -38.51 6.06 59.14
C PHE F 100 -38.62 5.07 57.97
N ALA F 101 -39.73 5.18 57.19
CA ALA F 101 -40.03 4.35 56.01
C ALA F 101 -38.95 4.43 54.93
N TYR F 102 -38.31 5.61 54.80
CA TYR F 102 -37.23 5.85 53.83
C TYR F 102 -35.97 5.10 54.29
N LEU F 103 -35.68 5.12 55.61
CA LEU F 103 -34.56 4.44 56.24
C LEU F 103 -34.76 2.92 56.24
N ALA F 104 -36.01 2.48 56.44
CA ALA F 104 -36.42 1.06 56.46
C ALA F 104 -36.28 0.41 55.10
N ASP F 105 -36.71 1.10 54.02
CA ASP F 105 -36.63 0.62 52.64
C ASP F 105 -35.19 0.65 52.13
N LEU F 106 -34.33 1.50 52.73
CA LEU F 106 -32.91 1.65 52.39
C LEU F 106 -32.11 0.42 52.84
N ALA F 107 -32.41 -0.09 54.06
CA ALA F 107 -31.76 -1.28 54.63
C ALA F 107 -32.21 -2.55 53.89
N LYS F 108 -33.50 -2.57 53.45
CA LYS F 108 -34.14 -3.65 52.70
C LYS F 108 -33.47 -3.79 51.32
N ASN F 109 -33.27 -2.64 50.62
CA ASN F 109 -32.63 -2.58 49.31
C ASN F 109 -31.13 -2.85 49.43
N THR F 110 -30.53 -3.36 48.32
CA THR F 110 -29.12 -3.73 48.13
C THR F 110 -28.52 -4.45 49.38
N PRO F 111 -28.78 -5.78 49.53
CA PRO F 111 -28.19 -6.51 50.68
C PRO F 111 -26.76 -7.00 50.41
N SER F 112 -26.16 -6.55 49.28
CA SER F 112 -24.82 -6.89 48.82
C SER F 112 -23.74 -6.13 49.59
N ALA F 113 -22.56 -6.76 49.73
CA ALA F 113 -21.39 -6.22 50.41
C ALA F 113 -20.15 -6.24 49.48
N ALA F 114 -19.02 -5.64 49.92
CA ALA F 114 -17.72 -5.52 49.21
C ALA F 114 -17.74 -4.66 47.94
N ASN F 115 -18.88 -4.63 47.21
CA ASN F 115 -19.07 -3.85 45.99
C ASN F 115 -19.52 -2.40 46.29
N ILE F 116 -19.51 -2.01 47.58
CA ILE F 116 -19.89 -0.67 48.07
C ILE F 116 -18.86 0.36 47.63
N ASN F 117 -17.57 -0.06 47.52
CA ASN F 117 -16.45 0.77 47.05
C ASN F 117 -16.65 1.13 45.58
N ALA F 118 -17.25 0.22 44.80
CA ALA F 118 -17.59 0.41 43.38
C ALA F 118 -18.79 1.34 43.25
N TYR F 119 -19.74 1.28 44.23
CA TYR F 119 -20.93 2.14 44.26
C TYR F 119 -20.55 3.57 44.60
N ALA F 120 -19.50 3.77 45.40
CA ALA F 120 -18.99 5.08 45.81
C ALA F 120 -18.30 5.79 44.64
N GLU F 121 -17.67 5.02 43.74
CA GLU F 121 -16.97 5.53 42.55
C GLU F 121 -17.95 6.11 41.52
N ILE F 122 -19.13 5.49 41.34
CA ILE F 122 -20.16 5.95 40.39
C ILE F 122 -20.93 7.16 40.94
N VAL F 123 -20.94 7.38 42.27
CA VAL F 123 -21.57 8.54 42.90
C VAL F 123 -20.68 9.77 42.66
N ALA F 124 -19.35 9.58 42.79
CA ALA F 124 -18.32 10.59 42.55
C ALA F 124 -18.23 10.93 41.06
N GLU F 125 -18.54 9.95 40.19
CA GLU F 125 -18.56 10.06 38.73
C GLU F 125 -19.65 11.03 38.28
N ARG F 126 -20.89 10.86 38.79
CA ARG F 126 -22.04 11.73 38.47
C ARG F 126 -21.86 13.13 39.04
N ALA F 127 -21.23 13.25 40.23
CA ALA F 127 -20.97 14.53 40.91
C ALA F 127 -19.90 15.38 40.18
N LEU F 128 -18.85 14.73 39.65
CA LEU F 128 -17.76 15.39 38.92
C LEU F 128 -18.25 15.97 37.59
N VAL F 129 -19.13 15.24 36.89
CA VAL F 129 -19.74 15.67 35.61
C VAL F 129 -20.69 16.85 35.89
N ARG F 130 -21.42 16.80 37.02
CA ARG F 130 -22.36 17.84 37.47
C ARG F 130 -21.60 19.16 37.75
N ASN F 131 -20.38 19.04 38.33
CA ASN F 131 -19.49 20.17 38.62
C ASN F 131 -18.91 20.74 37.33
N LEU F 132 -18.62 19.85 36.35
CA LEU F 132 -18.07 20.20 35.03
C LEU F 132 -19.09 20.98 34.19
N ILE F 133 -20.39 20.62 34.29
CA ILE F 133 -21.49 21.31 33.59
C ILE F 133 -21.70 22.70 34.19
N GLY F 134 -21.56 22.79 35.51
CA GLY F 134 -21.65 24.04 36.26
C GLY F 134 -20.58 25.05 35.86
N VAL F 135 -19.40 24.54 35.45
CA VAL F 135 -18.25 25.31 34.95
C VAL F 135 -18.47 25.61 33.46
N ALA F 136 -19.00 24.64 32.69
CA ALA F 136 -19.30 24.78 31.25
C ALA F 136 -20.35 25.87 31.01
N ASN F 137 -21.37 25.95 31.91
CA ASN F 137 -22.44 26.96 31.85
C ASN F 137 -21.89 28.32 32.28
N GLU F 138 -20.92 28.33 33.22
CA GLU F 138 -20.26 29.54 33.72
C GLU F 138 -19.47 30.23 32.60
N ILE F 139 -18.80 29.43 31.74
CA ILE F 139 -18.01 29.90 30.59
C ILE F 139 -18.94 30.45 29.51
N ALA F 140 -20.02 29.71 29.19
CA ALA F 140 -21.04 30.06 28.19
C ALA F 140 -21.74 31.39 28.53
N ASP F 141 -22.17 31.56 29.79
CA ASP F 141 -22.84 32.78 30.27
C ASP F 141 -21.90 33.98 30.28
N ALA F 142 -20.59 33.74 30.56
CA ALA F 142 -19.55 34.77 30.57
C ALA F 142 -19.17 35.18 29.13
N GLY F 143 -19.38 34.26 28.18
CA GLY F 143 -19.10 34.48 26.78
C GLY F 143 -20.06 35.47 26.14
N TYR F 144 -21.37 35.24 26.34
CA TYR F 144 -22.44 36.10 25.82
C TYR F 144 -22.50 37.43 26.58
N ASP F 145 -22.21 37.40 27.90
CA ASP F 145 -22.17 38.57 28.77
C ASP F 145 -20.73 38.80 29.29
N PRO F 146 -19.87 39.49 28.51
CA PRO F 146 -18.48 39.68 28.95
C PRO F 146 -18.31 40.71 30.07
N GLN F 147 -18.96 41.90 29.93
CA GLN F 147 -18.93 43.02 30.87
C GLN F 147 -17.48 43.48 31.20
N GLY F 148 -16.78 43.90 30.14
CA GLY F 148 -15.40 44.37 30.22
C GLY F 148 -14.34 43.33 29.92
N ARG F 149 -14.70 42.03 30.07
CA ARG F 149 -13.81 40.90 29.83
C ARG F 149 -13.48 40.72 28.35
N ASN F 150 -12.18 40.75 28.01
CA ASN F 150 -11.66 40.59 26.65
C ASN F 150 -11.48 39.10 26.32
N ALA F 151 -11.10 38.77 25.06
CA ALA F 151 -10.86 37.40 24.60
C ALA F 151 -9.74 36.72 25.39
N GLU F 152 -8.68 37.49 25.72
CA GLU F 152 -7.52 37.02 26.49
C GLU F 152 -7.93 36.76 27.94
N ASP F 153 -8.77 37.66 28.51
CA ASP F 153 -9.30 37.57 29.87
C ASP F 153 -10.27 36.40 30.03
N LEU F 154 -11.13 36.17 29.02
CA LEU F 154 -12.11 35.09 29.01
C LEU F 154 -11.46 33.72 28.83
N LEU F 155 -10.31 33.66 28.13
CA LEU F 155 -9.55 32.43 27.90
C LEU F 155 -8.92 31.93 29.21
N ASP F 156 -8.36 32.86 30.01
CA ASP F 156 -7.73 32.56 31.30
C ASP F 156 -8.77 32.12 32.33
N LEU F 157 -9.96 32.76 32.33
CA LEU F 157 -11.07 32.47 33.23
C LEU F 157 -11.65 31.08 32.94
N ALA F 158 -11.71 30.68 31.66
CA ALA F 158 -12.23 29.38 31.23
C ALA F 158 -11.30 28.23 31.61
N GLU F 159 -9.99 28.39 31.37
CA GLU F 159 -8.98 27.37 31.67
C GLU F 159 -8.74 27.17 33.17
N SER F 160 -8.71 28.27 33.95
CA SER F 160 -8.50 28.25 35.40
C SER F 160 -9.63 27.51 36.13
N LYS F 161 -10.89 27.68 35.66
CA LYS F 161 -12.07 27.03 36.23
C LYS F 161 -12.10 25.53 35.88
N VAL F 162 -11.62 25.17 34.68
CA VAL F 162 -11.56 23.77 34.19
C VAL F 162 -10.47 23.00 34.97
N PHE F 163 -9.31 23.66 35.20
CA PHE F 163 -8.19 23.07 35.95
C PHE F 163 -8.51 22.81 37.42
N ALA F 164 -9.48 23.56 38.00
CA ALA F 164 -9.94 23.42 39.38
C ALA F 164 -10.61 22.07 39.63
N ILE F 165 -11.29 21.52 38.61
CA ILE F 165 -11.96 20.21 38.67
C ILE F 165 -10.90 19.10 38.59
N ALA F 166 -9.88 19.30 37.71
CA ALA F 166 -8.76 18.38 37.51
C ALA F 166 -7.82 18.34 38.73
N GLU F 167 -7.72 19.49 39.45
CA GLU F 167 -6.91 19.64 40.66
C GLU F 167 -7.58 18.95 41.85
N ALA F 168 -8.91 19.08 41.98
CA ALA F 168 -9.73 18.49 43.03
C ALA F 168 -9.82 16.97 42.88
N ARG F 169 -9.72 16.46 41.62
CA ARG F 169 -9.74 15.04 41.27
C ARG F 169 -8.43 14.38 41.77
N THR F 170 -8.54 13.51 42.79
CA THR F 170 -7.44 12.80 43.43
C THR F 170 -7.65 11.29 43.32
N SER F 171 -7.61 10.76 42.09
CA SER F 171 -7.77 9.32 41.87
C SER F 171 -6.53 8.59 42.35
N GLU F 172 -6.72 7.64 43.28
CA GLU F 172 -5.65 6.86 43.91
C GLU F 172 -4.78 5.99 42.94
N ASN F 173 -5.11 4.69 42.73
CA ASN F 173 -4.43 3.68 41.88
C ASN F 173 -3.59 4.24 40.69
N GLU F 174 -4.16 5.18 39.91
CA GLU F 174 -3.50 5.83 38.77
C GLU F 174 -3.39 7.31 39.11
N GLY F 175 -2.17 7.80 39.10
CA GLY F 175 -1.90 9.17 39.46
C GLY F 175 -0.61 9.36 40.24
N PRO F 176 -0.35 10.59 40.73
CA PRO F 176 0.92 10.84 41.43
C PRO F 176 1.06 10.18 42.79
N LYS F 177 2.29 9.80 43.15
CA LYS F 177 2.65 9.21 44.42
C LYS F 177 3.85 9.94 45.00
N ASN F 178 3.74 10.36 46.27
CA ASN F 178 4.82 11.03 47.00
C ASN F 178 5.78 9.94 47.50
N VAL F 179 7.06 10.31 47.74
CA VAL F 179 8.10 9.39 48.22
C VAL F 179 7.72 8.64 49.50
N ASP F 180 6.91 9.25 50.39
CA ASP F 180 6.43 8.66 51.64
C ASP F 180 5.70 7.33 51.42
N SER F 181 4.78 7.27 50.44
CA SER F 181 4.02 6.07 50.10
C SER F 181 4.87 5.02 49.38
N ILE F 182 5.84 5.48 48.55
CA ILE F 182 6.73 4.60 47.77
C ILE F 182 7.79 3.94 48.67
N LEU F 183 8.53 4.73 49.46
CA LEU F 183 9.58 4.25 50.38
C LEU F 183 9.08 3.18 51.34
N GLU F 184 7.89 3.40 51.94
CA GLU F 184 7.24 2.47 52.87
C GLU F 184 6.92 1.14 52.19
N ARG F 185 6.47 1.18 50.92
CA ARG F 185 6.15 0.01 50.11
C ARG F 185 7.42 -0.73 49.66
N THR F 186 8.48 0.03 49.32
CA THR F 186 9.77 -0.49 48.87
C THR F 186 10.55 -1.14 50.02
N LEU F 187 10.62 -0.47 51.19
CA LEU F 187 11.32 -0.97 52.38
C LEU F 187 10.69 -2.22 52.96
N GLU F 188 9.35 -2.38 52.85
CA GLU F 188 8.61 -3.55 53.32
C GLU F 188 8.97 -4.79 52.48
N ARG F 189 9.23 -4.56 51.16
CA ARG F 189 9.62 -5.60 50.21
C ARG F 189 11.02 -6.14 50.55
N ILE F 190 11.99 -5.23 50.81
CA ILE F 190 13.38 -5.57 51.17
C ILE F 190 13.43 -6.27 52.53
N GLU F 191 12.61 -5.80 53.51
CA GLU F 191 12.51 -6.36 54.87
C GLU F 191 12.04 -7.81 54.85
N LEU F 192 10.96 -8.11 54.08
CA LEU F 192 10.41 -9.47 53.95
C LEU F 192 11.37 -10.41 53.23
N LEU F 193 12.15 -9.88 52.27
CA LEU F 193 13.15 -10.64 51.50
C LEU F 193 14.36 -10.98 52.36
N TYR F 194 14.81 -10.05 53.23
CA TYR F 194 15.95 -10.23 54.13
C TYR F 194 15.62 -11.21 55.26
N LYS F 195 14.34 -11.23 55.69
CA LYS F 195 13.80 -12.08 56.75
C LYS F 195 13.76 -13.57 56.35
N THR F 196 13.23 -13.86 55.16
CA THR F 196 13.08 -15.23 54.62
C THR F 196 14.38 -15.78 54.00
N PRO F 197 14.67 -17.11 54.14
CA PRO F 197 15.89 -17.64 53.52
C PRO F 197 15.74 -17.79 52.01
N GLN F 198 16.26 -16.80 51.29
CA GLN F 198 16.24 -16.65 49.84
C GLN F 198 16.84 -17.83 49.09
N ASP F 199 18.14 -18.16 49.35
CA ASP F 199 18.92 -19.24 48.72
C ASP F 199 19.06 -19.02 47.20
N GLY F 200 19.06 -17.74 46.80
CA GLY F 200 19.19 -17.32 45.41
C GLY F 200 17.88 -17.22 44.67
N VAL F 201 17.02 -18.25 44.79
CA VAL F 201 15.70 -18.35 44.16
C VAL F 201 14.73 -17.32 44.75
N THR F 202 14.11 -16.50 43.88
CA THR F 202 13.12 -15.47 44.25
C THR F 202 12.01 -15.44 43.20
N GLY F 203 10.83 -15.92 43.60
CA GLY F 203 9.66 -16.00 42.75
C GLY F 203 9.36 -17.42 42.30
N VAL F 204 9.74 -17.75 41.05
CA VAL F 204 9.53 -19.07 40.45
C VAL F 204 10.87 -19.76 40.20
N ASN F 205 11.03 -21.00 40.70
CA ASN F 205 12.24 -21.80 40.55
C ASN F 205 12.37 -22.35 39.13
N THR F 206 13.50 -22.05 38.47
CA THR F 206 13.80 -22.49 37.10
C THR F 206 14.14 -23.98 37.06
N GLY F 207 14.81 -24.47 38.11
CA GLY F 207 15.23 -25.86 38.22
C GLY F 207 16.73 -26.04 38.05
N PHE F 208 17.40 -25.00 37.52
CA PHE F 208 18.84 -24.98 37.25
C PHE F 208 19.54 -24.04 38.22
N THR F 209 20.46 -24.58 39.05
CA THR F 209 21.22 -23.84 40.06
C THR F 209 22.13 -22.76 39.47
N ASP F 210 22.80 -23.06 38.34
CA ASP F 210 23.69 -22.14 37.64
C ASP F 210 22.93 -20.97 37.01
N LEU F 211 21.69 -21.23 36.55
CA LEU F 211 20.81 -20.23 35.94
C LEU F 211 20.20 -19.31 37.00
N ASN F 212 19.73 -19.89 38.13
CA ASN F 212 19.12 -19.19 39.26
C ASN F 212 20.01 -18.11 39.88
N LYS F 213 21.34 -18.25 39.75
CA LYS F 213 22.33 -17.29 40.27
C LYS F 213 22.27 -15.95 39.52
N LYS F 214 22.08 -16.01 38.18
CA LYS F 214 22.00 -14.83 37.32
C LYS F 214 20.57 -14.32 37.14
N THR F 215 19.61 -15.23 36.90
CA THR F 215 18.18 -14.94 36.68
C THR F 215 17.48 -14.44 37.94
N ALA F 216 17.89 -14.96 39.13
CA ALA F 216 17.31 -14.70 40.46
C ALA F 216 15.82 -15.11 40.48
N GLY F 217 15.54 -16.24 39.84
CA GLY F 217 14.19 -16.80 39.71
C GLY F 217 13.34 -16.08 38.68
N LEU F 218 12.31 -16.78 38.17
CA LEU F 218 11.38 -16.21 37.19
C LEU F 218 10.42 -15.27 37.93
N GLN F 219 10.77 -13.97 37.95
CA GLN F 219 10.03 -12.90 38.63
C GLN F 219 8.59 -12.77 38.16
N GLY F 220 7.70 -12.39 39.08
CA GLY F 220 6.29 -12.22 38.80
C GLY F 220 6.00 -10.96 38.00
N SER F 221 4.89 -10.98 37.23
CA SER F 221 4.35 -9.89 36.39
C SER F 221 5.27 -9.40 35.23
N ASP F 222 6.50 -9.94 35.08
CA ASP F 222 7.39 -9.50 34.00
C ASP F 222 7.39 -10.48 32.82
N LEU F 223 7.59 -9.96 31.59
CA LEU F 223 7.58 -10.72 30.35
C LEU F 223 8.95 -11.33 30.01
N ILE F 224 8.97 -12.65 29.78
CA ILE F 224 10.18 -13.43 29.46
C ILE F 224 10.07 -14.04 28.06
N ILE F 225 11.08 -13.80 27.21
CA ILE F 225 11.12 -14.34 25.84
C ILE F 225 12.32 -15.27 25.68
N VAL F 226 12.04 -16.53 25.30
CA VAL F 226 13.05 -17.56 25.05
C VAL F 226 13.11 -17.73 23.53
N ALA F 227 14.15 -17.18 22.91
CA ALA F 227 14.33 -17.20 21.46
C ALA F 227 15.53 -18.01 21.00
N ALA F 228 15.37 -18.79 19.92
CA ALA F 228 16.43 -19.61 19.31
C ALA F 228 16.12 -19.96 17.85
N ARG F 229 17.15 -20.41 17.11
CA ARG F 229 17.09 -20.84 15.72
C ARG F 229 16.23 -22.13 15.63
N PRO F 230 15.47 -22.41 14.53
CA PRO F 230 14.66 -23.65 14.48
C PRO F 230 15.43 -24.94 14.81
N SER F 231 14.77 -25.85 15.56
CA SER F 231 15.26 -27.15 16.02
C SER F 231 16.45 -27.05 17.01
N MET F 232 16.58 -25.89 17.71
CA MET F 232 17.62 -25.67 18.71
C MET F 232 17.19 -26.20 20.07
N GLY F 233 15.88 -26.15 20.33
CA GLY F 233 15.28 -26.62 21.57
C GLY F 233 14.51 -25.56 22.32
N LYS F 234 13.68 -24.77 21.58
CA LYS F 234 12.84 -23.71 22.15
C LYS F 234 11.76 -24.37 23.02
N THR F 235 10.97 -25.30 22.43
CA THR F 235 9.91 -26.06 23.09
C THR F 235 10.53 -26.98 24.17
N THR F 236 11.72 -27.54 23.89
CA THR F 236 12.46 -28.42 24.80
C THR F 236 12.85 -27.70 26.09
N PHE F 237 13.51 -26.53 25.98
CA PHE F 237 13.94 -25.73 27.14
C PHE F 237 12.76 -25.14 27.91
N ALA F 238 11.71 -24.68 27.20
CA ALA F 238 10.50 -24.11 27.80
C ALA F 238 9.77 -25.16 28.62
N MET F 239 9.69 -26.41 28.12
CA MET F 239 9.07 -27.52 28.84
C MET F 239 9.92 -27.93 30.02
N ASN F 240 11.27 -27.88 29.88
CA ASN F 240 12.23 -28.19 30.94
C ASN F 240 12.09 -27.24 32.14
N LEU F 241 11.59 -26.01 31.89
CA LEU F 241 11.31 -25.00 32.92
C LEU F 241 9.98 -25.37 33.58
N CYS F 242 9.00 -25.82 32.77
CA CYS F 242 7.66 -26.22 33.20
C CYS F 242 7.64 -27.54 33.98
N GLU F 243 8.69 -28.39 33.82
CA GLU F 243 8.82 -29.66 34.55
C GLU F 243 8.97 -29.31 36.03
N ASN F 244 9.96 -28.44 36.33
CA ASN F 244 10.29 -27.95 37.66
C ASN F 244 9.26 -26.95 38.20
N ALA F 245 8.60 -26.18 37.32
CA ALA F 245 7.58 -25.20 37.71
C ALA F 245 6.32 -25.87 38.27
N ALA F 246 5.97 -27.05 37.75
CA ALA F 246 4.81 -27.83 38.20
C ALA F 246 5.13 -28.59 39.50
N MET F 247 6.41 -28.99 39.68
CA MET F 247 6.89 -29.72 40.85
C MET F 247 7.13 -28.80 42.06
N GLU F 248 7.92 -27.73 41.87
CA GLU F 248 8.28 -26.77 42.93
C GLU F 248 7.10 -25.90 43.36
N GLN F 249 6.51 -25.14 42.44
CA GLN F 249 5.40 -24.24 42.73
C GLN F 249 4.07 -24.97 42.94
N ASP F 250 3.35 -24.58 44.00
CA ASP F 250 2.05 -25.13 44.40
C ASP F 250 0.92 -24.74 43.44
N LYS F 251 0.96 -23.49 42.92
CA LYS F 251 -0.04 -22.95 41.99
C LYS F 251 0.12 -23.55 40.57
N PRO F 252 -0.99 -23.81 39.83
CA PRO F 252 -0.87 -24.43 38.50
C PRO F 252 -0.16 -23.61 37.42
N VAL F 253 0.38 -24.33 36.41
CA VAL F 253 1.09 -23.80 35.25
C VAL F 253 0.27 -23.99 33.97
N LEU F 254 0.10 -22.90 33.20
CA LEU F 254 -0.68 -22.90 31.95
C LEU F 254 0.24 -22.85 30.73
N ILE F 255 0.02 -23.76 29.76
CA ILE F 255 0.83 -23.88 28.54
C ILE F 255 -0.08 -23.81 27.29
N PHE F 256 0.24 -22.92 26.35
CA PHE F 256 -0.49 -22.76 25.10
C PHE F 256 0.32 -23.39 23.96
N SER F 257 0.01 -24.65 23.61
CA SER F 257 0.72 -25.37 22.55
C SER F 257 0.08 -25.09 21.19
N LEU F 258 0.73 -24.22 20.40
CA LEU F 258 0.25 -23.80 19.07
C LEU F 258 0.80 -24.67 17.94
N GLU F 259 2.11 -24.94 17.95
CA GLU F 259 2.80 -25.72 16.92
C GLU F 259 2.46 -27.22 16.97
N MET F 260 2.79 -27.88 18.09
CA MET F 260 2.55 -29.32 18.29
C MET F 260 1.35 -29.60 19.21
N PRO F 261 0.69 -30.79 19.13
CA PRO F 261 -0.48 -31.03 20.00
C PRO F 261 -0.11 -31.38 21.45
N ALA F 262 -1.13 -31.50 22.32
CA ALA F 262 -1.01 -31.83 23.73
C ALA F 262 -0.38 -33.21 23.97
N GLU F 263 -0.59 -34.16 23.04
CA GLU F 263 -0.07 -35.53 23.10
C GLU F 263 1.45 -35.57 22.92
N GLN F 264 1.98 -34.82 21.93
CA GLN F 264 3.41 -34.71 21.61
C GLN F 264 4.19 -34.08 22.77
N ILE F 265 3.57 -33.09 23.46
CA ILE F 265 4.12 -32.38 24.62
C ILE F 265 4.29 -33.37 25.78
N MET F 266 3.28 -34.24 25.99
CA MET F 266 3.24 -35.27 27.03
C MET F 266 4.32 -36.34 26.87
N MET F 267 4.62 -36.73 25.61
CA MET F 267 5.65 -37.73 25.30
C MET F 267 7.05 -37.17 25.61
N ARG F 268 7.24 -35.85 25.39
CA ARG F 268 8.48 -35.14 25.68
C ARG F 268 8.60 -34.94 27.20
N MET F 269 7.46 -34.79 27.89
CA MET F 269 7.36 -34.62 29.34
C MET F 269 7.74 -35.91 30.08
N LEU F 270 7.20 -37.06 29.61
CA LEU F 270 7.47 -38.38 30.16
C LEU F 270 8.94 -38.75 30.00
N ALA F 271 9.53 -38.38 28.85
CA ALA F 271 10.94 -38.63 28.53
C ALA F 271 11.88 -37.82 29.44
N SER F 272 11.53 -36.55 29.72
CA SER F 272 12.32 -35.63 30.55
C SER F 272 12.37 -36.04 32.03
N LEU F 273 11.27 -36.56 32.59
CA LEU F 273 11.19 -36.95 34.00
C LEU F 273 11.61 -38.39 34.28
N SER F 274 11.19 -39.34 33.42
CA SER F 274 11.54 -40.77 33.56
C SER F 274 12.99 -41.01 33.13
N ARG F 275 13.53 -40.13 32.27
CA ARG F 275 14.88 -40.14 31.71
C ARG F 275 15.12 -41.41 30.85
N VAL F 276 14.21 -41.60 29.88
CA VAL F 276 14.19 -42.66 28.86
C VAL F 276 13.95 -41.98 27.51
N ASP F 277 14.82 -42.27 26.51
CA ASP F 277 14.83 -41.69 25.17
C ASP F 277 13.45 -41.63 24.50
N GLN F 278 13.16 -40.48 23.82
CA GLN F 278 11.92 -40.19 23.09
C GLN F 278 11.59 -41.24 22.04
N THR F 279 12.64 -41.77 21.37
CA THR F 279 12.56 -42.80 20.32
C THR F 279 11.93 -44.10 20.83
N LYS F 280 12.12 -44.44 22.13
CA LYS F 280 11.54 -45.62 22.76
C LYS F 280 10.03 -45.42 22.99
N ILE F 281 9.63 -44.18 23.32
CA ILE F 281 8.25 -43.80 23.61
C ILE F 281 7.37 -43.78 22.34
N ARG F 282 7.83 -43.09 21.26
CA ARG F 282 7.08 -42.99 19.99
C ARG F 282 6.96 -44.34 19.26
N THR F 283 7.86 -45.30 19.54
CA THR F 283 7.82 -46.64 18.96
C THR F 283 7.05 -47.57 19.90
N GLY F 284 7.11 -47.29 21.20
CA GLY F 284 6.41 -48.06 22.22
C GLY F 284 7.23 -49.18 22.84
N GLN F 285 8.38 -49.52 22.22
CA GLN F 285 9.27 -50.58 22.70
C GLN F 285 10.20 -50.10 23.82
N LEU F 286 9.99 -50.65 25.02
CA LEU F 286 10.76 -50.36 26.23
C LEU F 286 10.61 -51.48 27.26
N ASP F 287 11.73 -51.90 27.88
CA ASP F 287 11.78 -52.99 28.87
C ASP F 287 11.13 -52.63 30.21
N ASP F 288 11.04 -53.64 31.10
CA ASP F 288 10.47 -53.55 32.46
C ASP F 288 11.20 -52.50 33.31
N GLU F 289 12.53 -52.37 33.10
CA GLU F 289 13.41 -51.42 33.79
C GLU F 289 13.04 -49.99 33.36
N ASP F 290 12.72 -49.79 32.07
CA ASP F 290 12.34 -48.51 31.48
C ASP F 290 10.92 -48.12 31.90
N TRP F 291 10.02 -49.12 32.05
CA TRP F 291 8.63 -48.94 32.46
C TRP F 291 8.49 -48.51 33.92
N ALA F 292 9.42 -48.94 34.78
CA ALA F 292 9.45 -48.61 36.21
C ALA F 292 9.69 -47.11 36.43
N ARG F 293 10.52 -46.49 35.57
CA ARG F 293 10.83 -45.06 35.59
C ARG F 293 9.65 -44.24 35.08
N ILE F 294 8.89 -44.81 34.10
CA ILE F 294 7.68 -44.23 33.50
C ILE F 294 6.57 -44.20 34.56
N SER F 295 6.43 -45.32 35.31
CA SER F 295 5.46 -45.53 36.38
C SER F 295 5.61 -44.50 37.51
N SER F 296 6.87 -44.21 37.91
CA SER F 296 7.21 -43.25 38.97
C SER F 296 6.86 -41.81 38.60
N THR F 297 6.95 -41.48 37.28
CA THR F 297 6.66 -40.15 36.74
C THR F 297 5.17 -39.80 36.89
N MET F 298 4.28 -40.70 36.45
CA MET F 298 2.82 -40.55 36.50
C MET F 298 2.27 -40.28 37.90
N GLY F 299 2.86 -40.95 38.89
CA GLY F 299 2.48 -40.82 40.30
C GLY F 299 2.60 -39.42 40.85
N ILE F 300 3.77 -38.77 40.63
CA ILE F 300 4.07 -37.41 41.08
C ILE F 300 3.26 -36.38 40.29
N LEU F 301 2.98 -36.66 39.00
CA LEU F 301 2.22 -35.81 38.08
C LEU F 301 0.76 -35.64 38.51
N MET F 302 0.12 -36.73 38.97
CA MET F 302 -1.28 -36.72 39.39
C MET F 302 -1.49 -36.34 40.86
N GLU F 303 -0.38 -36.13 41.61
CA GLU F 303 -0.44 -35.71 43.01
C GLU F 303 -0.73 -34.21 43.12
N LYS F 304 -0.14 -33.41 42.21
CA LYS F 304 -0.31 -31.96 42.16
C LYS F 304 -1.28 -31.50 41.07
N LYS F 305 -1.20 -32.09 39.86
CA LYS F 305 -2.02 -31.80 38.68
C LYS F 305 -1.97 -30.31 38.27
N ASN F 306 -0.76 -29.73 38.32
CA ASN F 306 -0.50 -28.32 37.99
C ASN F 306 -0.44 -28.03 36.49
N MET F 307 -0.10 -29.03 35.67
CA MET F 307 0.03 -28.89 34.21
C MET F 307 -1.31 -28.76 33.47
N TYR F 308 -1.41 -27.78 32.56
CA TYR F 308 -2.57 -27.49 31.71
C TYR F 308 -2.09 -27.11 30.31
N ILE F 309 -2.49 -27.88 29.29
CA ILE F 309 -2.08 -27.66 27.90
C ILE F 309 -3.26 -27.28 27.00
N ASP F 310 -3.07 -26.22 26.19
CA ASP F 310 -4.06 -25.69 25.24
C ASP F 310 -3.60 -25.97 23.81
N ASP F 311 -4.11 -27.04 23.20
CA ASP F 311 -3.75 -27.43 21.84
C ASP F 311 -4.63 -26.73 20.79
N SER F 312 -4.41 -25.40 20.63
CA SER F 312 -5.12 -24.56 19.67
C SER F 312 -4.13 -23.99 18.64
N SER F 313 -4.47 -24.11 17.35
CA SER F 313 -3.63 -23.69 16.21
C SER F 313 -3.39 -22.18 16.11
N GLY F 314 -4.46 -21.39 16.06
CA GLY F 314 -4.38 -19.94 15.93
C GLY F 314 -5.15 -19.17 16.97
N LEU F 315 -4.48 -18.87 18.10
CA LEU F 315 -5.05 -18.13 19.24
C LEU F 315 -4.96 -16.62 19.05
N THR F 316 -5.97 -15.90 19.56
CA THR F 316 -6.03 -14.43 19.51
C THR F 316 -5.64 -13.85 20.89
N PRO F 317 -5.08 -12.61 20.98
CA PRO F 317 -4.72 -12.05 22.30
C PRO F 317 -5.87 -11.98 23.30
N THR F 318 -7.12 -11.95 22.80
CA THR F 318 -8.34 -11.92 23.60
C THR F 318 -8.62 -13.33 24.16
N GLU F 319 -8.42 -14.39 23.33
CA GLU F 319 -8.60 -15.80 23.70
C GLU F 319 -7.61 -16.27 24.77
N VAL F 320 -6.38 -15.73 24.75
CA VAL F 320 -5.32 -16.04 25.70
C VAL F 320 -5.71 -15.49 27.08
N ARG F 321 -6.21 -14.23 27.13
CA ARG F 321 -6.65 -13.53 28.35
C ARG F 321 -7.83 -14.22 29.04
N SER F 322 -8.86 -14.61 28.25
CA SER F 322 -10.08 -15.27 28.74
C SER F 322 -9.79 -16.66 29.33
N ARG F 323 -8.90 -17.42 28.68
CA ARG F 323 -8.51 -18.77 29.12
C ARG F 323 -7.57 -18.74 30.33
N ALA F 324 -6.75 -17.66 30.46
CA ALA F 324 -5.83 -17.49 31.59
C ALA F 324 -6.60 -17.11 32.86
N ARG F 325 -7.64 -16.26 32.71
CA ARG F 325 -8.50 -15.81 33.80
C ARG F 325 -9.35 -16.96 34.37
N ARG F 326 -9.76 -17.90 33.49
CA ARG F 326 -10.56 -19.09 33.83
C ARG F 326 -9.85 -20.02 34.81
N ILE F 327 -8.61 -20.45 34.48
CA ILE F 327 -7.80 -21.35 35.31
C ILE F 327 -7.37 -20.67 36.62
N ALA F 328 -7.10 -19.34 36.57
CA ALA F 328 -6.72 -18.54 37.74
C ALA F 328 -7.87 -18.41 38.74
N ARG F 329 -9.12 -18.29 38.23
CA ARG F 329 -10.31 -18.18 39.07
C ARG F 329 -10.74 -19.54 39.62
N GLU F 330 -10.54 -20.61 38.83
CA GLU F 330 -10.91 -21.98 39.20
C GLU F 330 -9.94 -22.63 40.20
N HIS F 331 -8.62 -22.44 39.99
CA HIS F 331 -7.59 -23.08 40.83
C HIS F 331 -6.80 -22.10 41.72
N GLY F 332 -7.51 -21.17 42.35
CA GLY F 332 -6.93 -20.18 43.26
C GLY F 332 -6.14 -19.06 42.61
N GLY F 333 -5.27 -19.44 41.67
CA GLY F 333 -4.41 -18.54 40.93
C GLY F 333 -3.30 -19.27 40.20
N LEU F 334 -2.82 -18.70 39.08
CA LEU F 334 -1.75 -19.29 38.28
C LEU F 334 -0.37 -18.98 38.86
N SER F 335 0.68 -19.63 38.31
CA SER F 335 2.07 -19.46 38.74
C SER F 335 2.98 -19.08 37.57
N LEU F 336 2.76 -19.69 36.39
CA LEU F 336 3.54 -19.44 35.17
C LEU F 336 2.71 -19.75 33.91
N ILE F 337 2.73 -18.82 32.95
CA ILE F 337 2.04 -18.95 31.66
C ILE F 337 3.11 -19.12 30.57
N MET F 338 2.96 -20.13 29.71
CA MET F 338 3.90 -20.41 28.63
C MET F 338 3.20 -20.47 27.26
N VAL F 339 3.85 -19.91 26.22
CA VAL F 339 3.35 -19.89 24.84
C VAL F 339 4.38 -20.61 23.95
N ASP F 340 3.92 -21.64 23.20
CA ASP F 340 4.76 -22.46 22.32
C ASP F 340 5.32 -21.68 21.12
N TYR F 341 4.56 -20.67 20.62
CA TYR F 341 4.97 -19.84 19.50
C TYR F 341 4.26 -18.49 19.50
N LEU F 342 5.06 -17.40 19.51
CA LEU F 342 4.56 -16.02 19.50
C LEU F 342 4.07 -15.67 18.09
N GLN F 343 4.79 -16.15 17.06
CA GLN F 343 4.49 -15.91 15.65
C GLN F 343 3.23 -16.63 15.17
N LEU F 344 2.90 -17.80 15.77
CA LEU F 344 1.70 -18.58 15.43
C LEU F 344 0.41 -17.93 15.95
N MET F 345 0.53 -17.01 16.92
CA MET F 345 -0.60 -16.25 17.47
C MET F 345 -1.00 -15.18 16.47
N ARG F 346 -2.30 -14.87 16.38
CA ARG F 346 -2.81 -13.90 15.41
C ARG F 346 -3.81 -12.90 16.00
N VAL F 347 -3.83 -11.67 15.46
CA VAL F 347 -4.77 -10.62 15.87
C VAL F 347 -5.73 -10.31 14.69
N PRO F 348 -7.08 -10.33 14.90
CA PRO F 348 -8.00 -10.11 13.77
C PRO F 348 -7.99 -8.70 13.17
N ALA F 349 -7.67 -7.68 13.98
CA ALA F 349 -7.63 -6.29 13.54
C ALA F 349 -6.40 -5.96 12.66
N LEU F 350 -5.19 -6.36 13.12
CA LEU F 350 -3.94 -6.11 12.41
C LEU F 350 -3.43 -7.36 11.65
N THR F 351 -4.33 -7.99 10.88
CA THR F 351 -4.03 -9.19 10.09
C THR F 351 -3.17 -8.82 8.87
N ASP F 352 -3.45 -7.67 8.24
CA ASP F 352 -2.75 -7.14 7.06
C ASP F 352 -1.30 -6.76 7.39
N ASN F 353 -1.09 -5.93 8.43
CA ASN F 353 0.24 -5.48 8.84
C ASN F 353 0.84 -6.46 9.86
N ARG F 354 1.87 -7.21 9.42
CA ARG F 354 2.56 -8.21 10.23
C ARG F 354 3.42 -7.59 11.35
N THR F 355 4.07 -6.44 11.07
CA THR F 355 4.91 -5.73 12.06
C THR F 355 4.08 -5.25 13.26
N LEU F 356 2.84 -4.76 13.00
CA LEU F 356 1.91 -4.30 14.02
C LEU F 356 1.21 -5.47 14.74
N GLU F 357 1.10 -6.63 14.05
CA GLU F 357 0.50 -7.86 14.58
C GLU F 357 1.37 -8.39 15.74
N ILE F 358 2.70 -8.53 15.50
CA ILE F 358 3.69 -9.00 16.47
C ILE F 358 3.85 -7.96 17.61
N ALA F 359 3.85 -6.66 17.28
CA ALA F 359 3.97 -5.55 18.23
C ALA F 359 2.83 -5.54 19.25
N GLU F 360 1.57 -5.76 18.79
CA GLU F 360 0.39 -5.81 19.66
C GLU F 360 0.33 -7.09 20.49
N ILE F 361 0.73 -8.24 19.90
CA ILE F 361 0.76 -9.55 20.58
C ILE F 361 1.76 -9.51 21.75
N SER F 362 2.95 -8.92 21.52
CA SER F 362 3.99 -8.74 22.55
C SER F 362 3.53 -7.77 23.64
N ARG F 363 2.77 -6.73 23.27
CA ARG F 363 2.21 -5.71 24.17
C ARG F 363 1.08 -6.30 25.01
N SER F 364 0.30 -7.24 24.43
CA SER F 364 -0.82 -7.91 25.09
C SER F 364 -0.33 -8.93 26.12
N LEU F 365 0.77 -9.65 25.80
CA LEU F 365 1.38 -10.67 26.67
C LEU F 365 2.04 -10.07 27.92
N LYS F 366 2.61 -8.86 27.79
CA LYS F 366 3.24 -8.13 28.90
C LYS F 366 2.14 -7.61 29.85
N ALA F 367 1.03 -7.11 29.27
CA ALA F 367 -0.13 -6.60 30.01
C ALA F 367 -0.90 -7.74 30.72
N LEU F 368 -0.83 -8.97 30.17
CA LEU F 368 -1.44 -10.17 30.73
C LEU F 368 -0.63 -10.61 31.97
N ALA F 369 0.72 -10.49 31.88
CA ALA F 369 1.65 -10.83 32.95
C ALA F 369 1.39 -9.96 34.18
N LYS F 370 1.24 -8.63 33.99
CA LYS F 370 0.95 -7.65 35.04
C LYS F 370 -0.44 -7.83 35.64
N GLU F 371 -1.43 -8.21 34.81
CA GLU F 371 -2.83 -8.43 35.19
C GLU F 371 -2.97 -9.58 36.20
N LEU F 372 -2.16 -10.64 36.03
CA LEU F 372 -2.18 -11.85 36.88
C LEU F 372 -0.98 -11.95 37.84
N ASN F 373 0.01 -11.03 37.71
CA ASN F 373 1.26 -10.96 38.49
C ASN F 373 2.05 -12.28 38.44
N VAL F 374 2.13 -12.88 37.23
CA VAL F 374 2.82 -14.14 36.99
C VAL F 374 3.77 -14.07 35.78
N PRO F 375 4.96 -14.72 35.86
CA PRO F 375 5.89 -14.69 34.71
C PRO F 375 5.34 -15.36 33.45
N VAL F 376 5.40 -14.65 32.31
CA VAL F 376 4.93 -15.15 31.02
C VAL F 376 6.14 -15.51 30.15
N VAL F 377 6.28 -16.80 29.81
CA VAL F 377 7.38 -17.34 29.01
C VAL F 377 6.91 -17.54 27.55
N ALA F 378 7.26 -16.59 26.67
CA ALA F 378 6.89 -16.63 25.26
C ALA F 378 8.04 -17.16 24.42
N LEU F 379 7.73 -18.02 23.43
CA LEU F 379 8.74 -18.56 22.53
C LEU F 379 8.67 -17.86 21.19
N SER F 380 9.80 -17.29 20.75
CA SER F 380 9.90 -16.56 19.48
C SER F 380 11.08 -17.08 18.65
N GLN F 381 11.03 -16.92 17.33
CA GLN F 381 12.10 -17.37 16.44
C GLN F 381 12.90 -16.19 15.87
N LEU F 382 14.22 -16.39 15.74
CA LEU F 382 15.14 -15.39 15.21
C LEU F 382 15.20 -15.48 13.67
N ASN F 383 15.51 -14.36 13.02
CA ASN F 383 15.63 -14.26 11.56
C ASN F 383 16.91 -14.97 11.09
N ARG F 384 16.93 -15.40 9.81
CA ARG F 384 18.06 -16.10 9.16
C ARG F 384 19.37 -15.28 9.08
N SER F 385 19.35 -14.00 9.51
CA SER F 385 20.47 -13.06 9.52
C SER F 385 21.71 -13.57 10.26
N LEU F 386 21.51 -14.32 11.37
CA LEU F 386 22.61 -14.87 12.18
C LEU F 386 23.40 -15.99 11.47
N GLU F 387 22.73 -16.75 10.59
CA GLU F 387 23.32 -17.85 9.81
C GLU F 387 24.29 -17.29 8.75
N GLN F 388 23.93 -16.13 8.17
CA GLN F 388 24.70 -15.42 7.14
C GLN F 388 25.86 -14.65 7.78
N ARG F 389 25.68 -14.22 9.05
CA ARG F 389 26.62 -13.45 9.87
C ARG F 389 27.94 -14.16 10.21
N ALA F 390 27.99 -15.50 10.03
CA ALA F 390 29.14 -16.40 10.29
C ALA F 390 29.41 -16.68 11.77
N ASP F 391 29.18 -15.67 12.65
CA ASP F 391 29.35 -15.78 14.11
C ASP F 391 28.34 -16.78 14.70
N LYS F 392 27.09 -16.75 14.19
CA LYS F 392 25.96 -17.60 14.53
C LYS F 392 25.54 -17.59 16.03
N ARG F 393 26.16 -16.71 16.84
CA ARG F 393 25.83 -16.55 18.26
C ARG F 393 24.63 -15.58 18.31
N PRO F 394 23.43 -16.04 18.74
CA PRO F 394 22.24 -15.17 18.70
C PRO F 394 22.34 -13.82 19.42
N VAL F 395 21.97 -12.75 18.70
CA VAL F 395 21.94 -11.36 19.16
C VAL F 395 20.48 -10.88 19.08
N ASN F 396 20.12 -9.87 19.90
CA ASN F 396 18.79 -9.27 19.97
C ASN F 396 18.30 -8.68 18.64
N SER F 397 19.23 -8.20 17.79
CA SER F 397 18.96 -7.61 16.47
C SER F 397 18.25 -8.56 15.48
N ASP F 398 18.51 -9.87 15.60
CA ASP F 398 17.91 -10.92 14.75
C ASP F 398 16.42 -11.14 15.10
N LEU F 399 16.01 -10.79 16.33
CA LEU F 399 14.64 -10.92 16.83
C LEU F 399 13.79 -9.67 16.52
N ARG F 400 14.43 -8.50 16.34
CA ARG F 400 13.77 -7.21 16.04
C ARG F 400 13.13 -7.21 14.63
N GLU F 401 13.65 -8.06 13.72
CA GLU F 401 13.17 -8.23 12.34
C GLU F 401 11.76 -8.83 12.28
N SER F 402 11.38 -9.63 13.32
CA SER F 402 10.07 -10.27 13.48
C SER F 402 9.01 -9.23 13.87
N GLY F 403 9.38 -8.30 14.76
CA GLY F 403 8.53 -7.23 15.25
C GLY F 403 9.08 -6.52 16.47
N SER F 404 8.20 -5.81 17.21
CA SER F 404 8.57 -5.09 18.43
C SER F 404 8.46 -6.02 19.63
N ILE F 405 9.57 -6.68 20.00
CA ILE F 405 9.64 -7.64 21.09
C ILE F 405 10.53 -7.13 22.24
N GLU F 406 11.75 -6.65 21.92
CA GLU F 406 12.76 -6.14 22.87
C GLU F 406 12.26 -5.01 23.76
N GLN F 407 11.41 -4.10 23.21
CA GLN F 407 10.85 -2.97 23.94
C GLN F 407 9.90 -3.38 25.07
N ASP F 408 9.08 -4.41 24.81
CA ASP F 408 8.07 -4.93 25.76
C ASP F 408 8.67 -5.93 26.77
N ALA F 409 9.64 -6.74 26.33
CA ALA F 409 10.30 -7.79 27.14
C ALA F 409 11.12 -7.26 28.31
N ASP F 410 11.15 -8.03 29.42
CA ASP F 410 11.90 -7.75 30.64
C ASP F 410 13.11 -8.66 30.79
N LEU F 411 13.06 -9.86 30.17
CA LEU F 411 14.13 -10.86 30.19
C LEU F 411 14.15 -11.69 28.92
N ILE F 412 15.27 -11.63 28.17
CA ILE F 412 15.45 -12.39 26.93
C ILE F 412 16.65 -13.32 27.06
N MET F 413 16.43 -14.63 26.85
CA MET F 413 17.46 -15.66 26.91
C MET F 413 17.48 -16.51 25.63
N PHE F 414 18.66 -16.64 25.00
CA PHE F 414 18.85 -17.38 23.76
C PHE F 414 19.52 -18.73 23.95
N ILE F 415 19.07 -19.75 23.20
CA ILE F 415 19.64 -21.11 23.24
C ILE F 415 20.63 -21.25 22.08
N TYR F 416 21.90 -21.53 22.40
CA TYR F 416 22.96 -21.71 21.40
C TYR F 416 23.81 -22.93 21.70
N ARG F 417 23.70 -23.94 20.82
CA ARG F 417 24.43 -25.19 20.88
C ARG F 417 25.44 -25.18 19.74
N ASP F 418 26.74 -25.23 20.05
CA ASP F 418 27.82 -25.20 19.07
C ASP F 418 27.89 -26.49 18.24
N GLU F 419 27.35 -27.61 18.76
CA GLU F 419 27.33 -28.92 18.09
C GLU F 419 26.41 -28.96 16.85
N VAL F 420 25.48 -27.97 16.73
CA VAL F 420 24.55 -27.85 15.61
C VAL F 420 25.31 -27.33 14.38
N TYR F 421 26.07 -26.24 14.55
CA TYR F 421 26.86 -25.60 13.49
C TYR F 421 28.16 -26.34 13.18
N HIS F 422 28.84 -26.88 14.21
CA HIS F 422 30.11 -27.61 14.05
C HIS F 422 29.98 -29.04 14.57
N PRO F 423 30.44 -30.07 13.80
CA PRO F 423 30.27 -31.46 14.25
C PRO F 423 31.02 -31.83 15.54
N ASP F 424 32.36 -31.63 15.57
CA ASP F 424 33.20 -31.97 16.73
C ASP F 424 33.53 -30.72 17.55
N SER F 425 32.54 -29.83 17.74
CA SER F 425 32.64 -28.58 18.50
C SER F 425 33.03 -28.82 19.97
N PRO F 426 33.78 -27.92 20.62
CA PRO F 426 34.12 -28.13 22.04
C PRO F 426 32.88 -28.09 22.92
N LEU F 427 32.86 -28.97 23.96
CA LEU F 427 31.76 -29.17 24.90
C LEU F 427 30.49 -29.64 24.15
N LYS F 428 30.65 -30.75 23.40
CA LYS F 428 29.58 -31.39 22.62
C LYS F 428 28.57 -32.03 23.58
N GLY F 429 27.30 -31.69 23.39
CA GLY F 429 26.21 -32.15 24.25
C GLY F 429 25.94 -31.18 25.37
N THR F 430 26.53 -29.97 25.28
CA THR F 430 26.39 -28.89 26.26
C THR F 430 26.00 -27.60 25.54
N ALA F 431 24.81 -27.07 25.86
CA ALA F 431 24.27 -25.84 25.30
C ALA F 431 24.49 -24.68 26.26
N GLU F 432 24.63 -23.46 25.72
CA GLU F 432 24.82 -22.27 26.55
C GLU F 432 23.67 -21.28 26.38
N ILE F 433 22.93 -21.05 27.48
CA ILE F 433 21.79 -20.14 27.54
C ILE F 433 22.32 -18.72 27.73
N ILE F 434 22.54 -18.00 26.60
CA ILE F 434 23.07 -16.65 26.58
C ILE F 434 21.95 -15.64 26.83
N ILE F 435 22.02 -14.94 27.99
CA ILE F 435 21.03 -13.93 28.38
C ILE F 435 21.34 -12.63 27.63
N GLY F 436 20.51 -12.32 26.63
CA GLY F 436 20.65 -11.14 25.80
C GLY F 436 20.11 -9.86 26.42
N LYS F 437 19.06 -10.00 27.27
CA LYS F 437 18.42 -8.87 27.95
C LYS F 437 17.92 -9.26 29.34
N GLN F 438 18.07 -8.33 30.31
CA GLN F 438 17.60 -8.45 31.69
C GLN F 438 17.45 -7.06 32.30
N ARG F 439 16.20 -6.62 32.49
CA ARG F 439 15.86 -5.31 33.04
C ARG F 439 16.08 -5.30 34.55
N ASN F 440 15.73 -6.41 35.22
CA ASN F 440 15.85 -6.58 36.68
C ASN F 440 17.31 -6.75 37.13
N GLY F 441 18.00 -7.75 36.57
CA GLY F 441 19.38 -8.06 36.92
C GLY F 441 20.41 -7.93 35.80
N PRO F 442 21.54 -8.67 35.90
CA PRO F 442 22.59 -8.55 34.87
C PRO F 442 22.42 -9.52 33.69
N ILE F 443 23.30 -9.37 32.67
CA ILE F 443 23.32 -10.21 31.47
C ILE F 443 24.61 -11.05 31.41
N GLY F 444 24.48 -12.28 30.92
CA GLY F 444 25.60 -13.20 30.81
C GLY F 444 25.31 -14.44 29.98
N SER F 445 25.91 -15.58 30.37
CA SER F 445 25.77 -16.88 29.71
C SER F 445 25.90 -18.02 30.73
N VAL F 446 24.98 -18.99 30.68
CA VAL F 446 24.94 -20.15 31.58
C VAL F 446 25.00 -21.46 30.78
N ARG F 447 26.02 -22.31 31.02
CA ARG F 447 26.19 -23.58 30.33
C ARG F 447 25.43 -24.69 31.05
N LEU F 448 24.56 -25.40 30.30
CA LEU F 448 23.74 -26.49 30.80
C LEU F 448 23.87 -27.70 29.86
N THR F 449 24.11 -28.90 30.43
CA THR F 449 24.26 -30.14 29.66
C THR F 449 22.91 -30.55 29.04
N PHE F 450 22.87 -30.67 27.71
CA PHE F 450 21.68 -31.04 26.95
C PHE F 450 21.71 -32.51 26.56
N GLN F 451 20.67 -33.24 26.99
CA GLN F 451 20.50 -34.66 26.67
C GLN F 451 19.36 -34.80 25.65
N GLY F 452 19.75 -34.84 24.38
CA GLY F 452 18.85 -34.93 23.23
C GLY F 452 17.88 -36.09 23.24
N HIS F 453 18.35 -37.27 23.70
CA HIS F 453 17.57 -38.52 23.77
C HIS F 453 16.29 -38.34 24.60
N TYR F 454 16.44 -37.94 25.87
CA TYR F 454 15.34 -37.75 26.81
C TYR F 454 14.75 -36.33 26.79
N SER F 455 15.30 -35.43 25.92
CA SER F 455 14.91 -34.02 25.79
C SER F 455 14.98 -33.29 27.14
N ARG F 456 16.14 -33.42 27.80
CA ARG F 456 16.43 -32.86 29.11
C ARG F 456 17.56 -31.84 29.11
N PHE F 457 17.41 -30.80 29.94
CA PHE F 457 18.41 -29.76 30.17
C PHE F 457 18.80 -29.86 31.64
N ASP F 458 20.04 -30.30 31.90
CA ASP F 458 20.56 -30.49 33.26
C ASP F 458 21.74 -29.56 33.54
N ASN F 459 22.11 -29.40 34.82
CA ASN F 459 23.22 -28.54 35.24
C ASN F 459 24.57 -29.15 34.90
N TYR F 460 25.38 -28.41 34.12
CA TYR F 460 26.72 -28.83 33.70
C TYR F 460 27.71 -28.73 34.84
N ALA F 461 28.57 -29.76 35.01
CA ALA F 461 29.60 -29.82 36.05
C ALA F 461 31.00 -29.93 35.43
N GLY F 462 31.87 -28.98 35.79
CA GLY F 462 33.24 -28.91 35.30
C GLY F 462 33.71 -27.49 35.03
#